data_7UCY
#
_entry.id   7UCY
#
_cell.length_a   258.550
_cell.length_b   144.460
_cell.length_c   105.100
_cell.angle_alpha   90.000
_cell.angle_beta   90.000
_cell.angle_gamma   90.000
#
_symmetry.space_group_name_H-M   'P 21 21 2'
#
loop_
_entity.id
_entity.type
_entity.pdbx_description
1 polymer 'Integrin alpha-IIb heavy chain'
2 polymer 'Isoform Beta-3C of Integrin beta-3'
3 polymer '10E5 Fab heavy chain'
4 polymer '10E5 Fab light chain'
5 branched alpha-D-mannopyranose-(1-3)-[alpha-D-mannopyranose-(1-6)]beta-D-mannopyranose-(1-4)-2-acetamido-2-deoxy-beta-D-glucopyranose-(1-4)-2-acetamido-2-deoxy-beta-D-glucopyranose
6 branched 2-acetamido-2-deoxy-beta-D-glucopyranose-(1-4)-2-acetamido-2-deoxy-beta-D-glucopyranose
7 branched alpha-D-mannopyranose-(1-3)-beta-D-mannopyranose-(1-4)-2-acetamido-2-deoxy-beta-D-glucopyranose-(1-4)-2-acetamido-2-deoxy-beta-D-glucopyranose
8 non-polymer 'SULFATE ION'
9 non-polymer 'CALCIUM ION'
10 non-polymer 'MANGANESE (II) ION'
11 non-polymer 2-acetamido-2-deoxy-beta-D-glucopyranose
12 non-polymer '(4-{[(5R)-3-(4-carbamimidoylphenyl)-2-oxo-1,3-oxazolidin-5-yl]methyl}piperazin-1-yl)acetic acid'
13 non-polymer 'CHLORIDE ION'
14 water water
#
loop_
_entity_poly.entity_id
_entity_poly.type
_entity_poly.pdbx_seq_one_letter_code
_entity_poly.pdbx_strand_id
1 'polypeptide(L)'
;LNLDPVQLTFYAGPNGSQFGFSLDFHKDSHGRVAIVVGAPRTLGPSQEETGGVFLCPWRAEGGQCPSLLFDLRDETRNVG
SQTLQTFKARQGLGASVVSWSDVIVACAPWQHWNVLEKTEEAEKTPVGSCFLAQPESGRRAEYSPCRGNTLSRIYVENDF
SWDKRYCEAGFSSVVTQAGELVLGAPGGYYFLGLLAQAPVADIFSSYRPGILLWHVSSQSLSFDSSNPEYFDGYWGYSVA
VGEFDGDLNTTEYVVGAPTWSWTLGAVEILDSYYQRLHRLRGEQMASYFGHSVAVTDVNGDGRHDLLVGAPLYMESRADR
KLAEVGRVYLFLQPRGPHALGAPSLLLTGTQLYGRFGSAIAPLGDLDRDGYNDIAVAAPYGGPSGRGQVLVFLGQSEGLR
SRPSQVLDSPFPTGSAFGFSLRGAVDIDDNGYPDLIVGAYGANQVAVYRAQPVVKAS
;
A,C
2 'polypeptide(L)'
;GPNICTTRGVSSCQQCLAVSPMCAWCSDEALPLGSPRCDLKENLLKDNCAPESIEFPVSEARVLEDRPLSDKGSGDSSQV
TQVSPQRIALRLRPDDSKNFSIQVRQVEDYPVDIYYLMDLSYSMKDDLWSIQNLGTKLATQMRKLTSNLRIGFGAFVDKP
VSPYMYISPPEALENPCYDMKTTCLPMFGYKHVLTLTDQVTRFNEEVKKQSVSRNRDAPEGGFDAIMQATVCDEKIGWRN
DASHLLVFTTDAKTHIALDGRLAGIVQPNDGQCHVGSDNHYSASTTMDYPSLGLMTEKLSQKNINLIFAVTENVVNLYQN
YSELIPGTTVGVLSMDSSNVLQLIVDAYGKIRSKVELEVRDLPEELSLSFNATCLNNEVIPGLKSCMGLKIGDTVSFSIE
AKVRGCPQEKEKSFTIKPVGFKDSLIVQVTFDCDCACQAQAEPNSHRCNNGNGTFECGVCRCGPGWLGSQCE
;
B,D
3 'polypeptide(L)'
;EVQLQQSGAELVKPGASVKLSCTASGFNIKDTYVHWVKQRPEQGLEWIGRIDPANGYTKYDPKFQGKATITADTSSNTAY
LQLSSLTSEDTAVYYCVRPLYDYYAMDYWGQGTSVTVSSAKTTAPSVYPLAPVCGDTTGSSVTLGCLVKGYFPEPVTLTW
NSGSLSSGVHTFPAVLQSDLYTLSSSVTVTSSTWPSQSITCNVAHPASSTKVDKKIEPRGP
;
E,H
4 'polypeptide(L)'
;DILMTQSPSSMSVSLGDTVSITCHASQGISSNIGWLQQKPGKSFMGLIYYGTNLVDGVPSRFSGSGSGADYSLTISSLDS
EDFADYYCVQYAQLPYTFGGGTKLEIKRADAAPTVSIFPPSSEQLTSGGASVVCFLNNFYPKDINVKWKIDGSERQNGVL
NSWTDQDSKDSTYSMSSTLTLTKDEYERHNSYTCEATHKTSTSPIVKSFNRNEC
;
F,L
#
loop_
_chem_comp.id
_chem_comp.type
_chem_comp.name
_chem_comp.formula
BMA D-saccharide, beta linking beta-D-mannopyranose 'C6 H12 O6'
CA non-polymer 'CALCIUM ION' 'Ca 2'
CL non-polymer 'CHLORIDE ION' 'Cl -1'
MAN D-saccharide, alpha linking alpha-D-mannopyranose 'C6 H12 O6'
MN non-polymer 'MANGANESE (II) ION' 'Mn 2'
MV8 non-polymer '(4-{[(5R)-3-(4-carbamimidoylphenyl)-2-oxo-1,3-oxazolidin-5-yl]methyl}piperazin-1-yl)acetic acid' 'C17 H23 N5 O4'
NAG D-saccharide, beta linking 2-acetamido-2-deoxy-beta-D-glucopyranose 'C8 H15 N O6'
SO4 non-polymer 'SULFATE ION' 'O4 S -2'
#
# COMPACT_ATOMS: atom_id res chain seq x y z
N LEU A 1 3.44 42.23 -23.49
CA LEU A 1 2.75 43.50 -23.67
C LEU A 1 3.46 44.37 -24.70
N ASN A 2 4.76 44.57 -24.51
CA ASN A 2 5.51 45.55 -25.29
C ASN A 2 6.62 44.91 -26.14
N LEU A 3 6.49 43.64 -26.49
CA LEU A 3 7.33 43.10 -27.54
C LEU A 3 6.88 43.64 -28.89
N ASP A 4 7.85 43.90 -29.78
CA ASP A 4 7.53 44.49 -31.07
C ASP A 4 7.21 43.39 -32.08
N PRO A 5 5.96 43.27 -32.52
CA PRO A 5 5.61 42.23 -33.51
C PRO A 5 5.67 42.67 -34.96
N VAL A 6 6.18 43.87 -35.24
CA VAL A 6 6.24 44.40 -36.60
C VAL A 6 7.63 44.23 -37.20
N GLN A 7 8.66 44.72 -36.53
CA GLN A 7 10.04 44.63 -37.02
C GLN A 7 10.73 43.49 -36.29
N LEU A 8 10.64 42.30 -36.85
CA LEU A 8 11.33 41.14 -36.30
C LEU A 8 12.70 40.99 -36.93
N THR A 9 13.55 40.22 -36.27
CA THR A 9 14.83 39.78 -36.81
C THR A 9 14.78 38.28 -37.04
N PHE A 10 15.23 37.83 -38.20
CA PHE A 10 15.20 36.42 -38.56
C PHE A 10 16.62 35.93 -38.81
N TYR A 11 17.04 34.91 -38.08
CA TYR A 11 18.23 34.13 -38.41
C TYR A 11 17.79 32.80 -39.00
N ALA A 12 18.66 32.22 -39.82
CA ALA A 12 18.29 31.00 -40.54
C ALA A 12 19.51 30.11 -40.72
N GLY A 13 19.25 28.81 -40.89
CA GLY A 13 20.28 27.84 -41.14
C GLY A 13 19.96 26.97 -42.33
N PRO A 14 20.70 25.87 -42.49
CA PRO A 14 20.49 25.01 -43.67
C PRO A 14 19.15 24.30 -43.62
N ASN A 15 18.65 23.98 -44.80
N ASN A 15 18.64 23.99 -44.80
CA ASN A 15 17.38 23.26 -44.91
CA ASN A 15 17.38 23.27 -44.91
C ASN A 15 17.49 21.88 -44.28
C ASN A 15 17.50 21.89 -44.27
N GLY A 16 16.48 21.52 -43.50
CA GLY A 16 16.46 20.24 -42.83
C GLY A 16 17.42 20.08 -41.67
N SER A 17 18.16 21.13 -41.31
CA SER A 17 19.06 21.07 -40.18
C SER A 17 18.35 21.13 -38.83
N GLN A 18 17.07 21.53 -38.82
CA GLN A 18 16.34 21.79 -37.58
C GLN A 18 17.03 22.86 -36.74
N PHE A 19 17.62 23.83 -37.44
CA PHE A 19 18.13 25.06 -36.85
C PHE A 19 17.05 25.75 -36.03
N GLY A 20 17.32 25.94 -34.74
CA GLY A 20 16.34 26.48 -33.83
C GLY A 20 15.70 25.48 -32.89
N PHE A 21 16.12 24.21 -32.93
CA PHE A 21 15.63 23.23 -31.97
C PHE A 21 15.92 23.64 -30.54
N SER A 22 17.06 24.30 -30.31
CA SER A 22 17.42 24.84 -29.01
C SER A 22 18.21 26.12 -29.23
N LEU A 23 18.17 27.01 -28.24
CA LEU A 23 18.85 28.30 -28.36
C LEU A 23 19.09 28.87 -26.97
N ASP A 24 19.99 29.85 -26.92
CA ASP A 24 20.26 30.59 -25.69
C ASP A 24 21.03 31.85 -26.04
N PHE A 25 21.00 32.82 -25.13
CA PHE A 25 21.83 34.00 -25.26
C PHE A 25 23.23 33.70 -24.76
N HIS A 26 24.23 34.28 -25.42
CA HIS A 26 25.63 34.11 -25.06
C HIS A 26 26.29 35.47 -24.96
N LYS A 27 26.87 35.77 -23.81
CA LYS A 27 27.67 36.97 -23.61
C LYS A 27 29.15 36.60 -23.64
N ASP A 28 29.92 37.29 -24.47
CA ASP A 28 31.36 37.04 -24.49
C ASP A 28 32.02 37.74 -23.31
N SER A 29 33.34 37.59 -23.20
CA SER A 29 34.08 38.13 -22.07
C SER A 29 33.94 39.65 -21.93
N HIS A 30 33.38 40.32 -22.93
CA HIS A 30 33.18 41.76 -22.89
C HIS A 30 31.72 42.16 -22.71
N GLY A 31 30.81 41.19 -22.58
CA GLY A 31 29.42 41.47 -22.35
C GLY A 31 28.56 41.61 -23.60
N ARG A 32 29.12 41.38 -24.77
CA ARG A 32 28.39 41.49 -26.03
C ARG A 32 27.52 40.25 -26.21
N VAL A 33 26.20 40.47 -26.35
CA VAL A 33 25.26 39.36 -26.40
C VAL A 33 25.20 38.82 -27.83
N ALA A 34 25.19 37.49 -27.94
CA ALA A 34 24.97 36.77 -29.19
C ALA A 34 23.94 35.67 -28.93
N ILE A 35 23.58 34.93 -29.98
CA ILE A 35 22.60 33.85 -29.90
C ILE A 35 23.28 32.55 -30.33
N VAL A 36 23.37 31.59 -29.42
CA VAL A 36 23.82 30.25 -29.75
C VAL A 36 22.60 29.44 -30.17
N VAL A 37 22.70 28.76 -31.32
CA VAL A 37 21.58 28.03 -31.89
C VAL A 37 22.02 26.58 -32.13
N GLY A 38 21.19 25.64 -31.71
CA GLY A 38 21.43 24.22 -31.97
C GLY A 38 20.64 23.75 -33.17
N ALA A 39 21.29 22.96 -34.01
CA ALA A 39 20.68 22.41 -35.22
C ALA A 39 21.00 20.92 -35.28
N PRO A 40 20.18 20.09 -34.62
CA PRO A 40 20.57 18.70 -34.36
C PRO A 40 20.58 17.80 -35.60
N ARG A 41 20.12 18.25 -36.76
CA ARG A 41 20.19 17.45 -37.97
C ARG A 41 21.10 18.06 -39.02
N THR A 42 22.01 18.93 -38.61
CA THR A 42 23.01 19.47 -39.53
C THR A 42 23.90 18.35 -40.05
N LEU A 43 24.24 18.43 -41.34
CA LEU A 43 25.06 17.41 -41.95
C LEU A 43 26.52 17.52 -41.49
N GLY A 44 27.19 16.37 -41.46
CA GLY A 44 28.59 16.33 -41.06
C GLY A 44 29.52 16.14 -42.23
N PRO A 45 30.66 15.47 -41.99
CA PRO A 45 31.64 15.28 -43.06
C PRO A 45 31.25 14.17 -44.04
N SER A 46 30.73 13.07 -43.50
CA SER A 46 30.32 11.92 -44.29
C SER A 46 28.96 12.09 -44.95
N GLN A 47 28.49 13.33 -45.10
CA GLN A 47 27.16 13.62 -45.63
C GLN A 47 26.06 12.93 -44.83
N GLU A 48 26.30 12.75 -43.54
CA GLU A 48 25.37 12.11 -42.63
C GLU A 48 24.99 13.08 -41.53
N GLU A 49 23.73 13.03 -41.10
CA GLU A 49 23.27 13.92 -40.04
C GLU A 49 24.04 13.64 -38.76
N THR A 50 24.67 14.69 -38.22
CA THR A 50 25.30 14.62 -36.91
C THR A 50 24.90 15.77 -36.00
N GLY A 51 24.22 16.79 -36.51
CA GLY A 51 23.93 17.99 -35.75
C GLY A 51 25.07 19.00 -35.81
N GLY A 52 24.74 20.21 -35.40
CA GLY A 52 25.72 21.29 -35.42
C GLY A 52 25.23 22.44 -34.57
N VAL A 53 26.15 23.37 -34.30
CA VAL A 53 25.90 24.52 -33.44
C VAL A 53 26.34 25.78 -34.16
N PHE A 54 25.56 26.84 -34.01
CA PHE A 54 25.85 28.12 -34.63
C PHE A 54 25.86 29.22 -33.57
N LEU A 55 26.76 30.17 -33.72
CA LEU A 55 26.89 31.31 -32.82
C LEU A 55 26.57 32.56 -33.63
N CYS A 56 25.39 33.14 -33.39
CA CYS A 56 24.88 34.21 -34.22
C CYS A 56 25.22 35.56 -33.62
N PRO A 57 26.03 36.39 -34.28
CA PRO A 57 26.22 37.76 -33.82
C PRO A 57 24.91 38.54 -33.93
N TRP A 58 24.71 39.47 -33.00
CA TRP A 58 23.49 40.26 -33.02
C TRP A 58 23.55 41.28 -34.15
N ARG A 59 22.61 41.17 -35.08
CA ARG A 59 22.39 42.15 -36.13
C ARG A 59 20.89 42.32 -36.31
N ALA A 60 20.44 43.57 -36.45
CA ALA A 60 19.01 43.81 -36.61
C ALA A 60 18.46 43.13 -37.87
N GLU A 61 19.31 42.95 -38.88
CA GLU A 61 18.87 42.30 -40.11
C GLU A 61 18.85 40.78 -39.99
N GLY A 62 19.74 40.21 -39.20
CA GLY A 62 19.76 38.76 -39.01
C GLY A 62 20.61 38.09 -40.07
N GLY A 63 20.09 37.00 -40.64
CA GLY A 63 20.76 36.32 -41.72
C GLY A 63 21.45 35.02 -41.33
N GLN A 64 22.59 34.75 -41.96
CA GLN A 64 23.34 33.54 -41.70
C GLN A 64 24.23 33.70 -40.48
N CYS A 65 24.64 32.57 -39.90
CA CYS A 65 25.48 32.56 -38.71
C CYS A 65 26.68 31.67 -38.93
N PRO A 66 27.83 32.02 -38.35
CA PRO A 66 29.00 31.16 -38.46
C PRO A 66 28.87 29.95 -37.54
N SER A 67 29.52 28.86 -37.93
CA SER A 67 29.46 27.63 -37.17
C SER A 67 30.37 27.70 -35.95
N LEU A 68 29.94 27.04 -34.87
CA LEU A 68 30.79 26.74 -33.73
C LEU A 68 31.27 25.30 -33.92
N LEU A 69 32.52 25.14 -34.33
CA LEU A 69 33.00 23.85 -34.80
C LEU A 69 33.30 22.90 -33.64
N PHE A 70 32.91 21.65 -33.82
CA PHE A 70 33.21 20.57 -32.89
C PHE A 70 33.71 19.37 -33.68
N ASP A 71 34.36 18.45 -32.97
CA ASP A 71 34.83 17.23 -33.62
C ASP A 71 33.64 16.32 -33.91
N LEU A 72 33.55 15.87 -35.16
CA LEU A 72 32.46 15.01 -35.61
C LEU A 72 32.95 13.63 -36.03
N ARG A 73 34.23 13.33 -35.83
CA ARG A 73 34.78 12.04 -36.22
C ARG A 73 34.52 11.00 -35.14
N ASP A 74 34.13 9.81 -35.57
CA ASP A 74 34.00 8.69 -34.63
C ASP A 74 35.37 8.33 -34.07
N GLU A 75 35.39 7.94 -32.80
CA GLU A 75 36.63 7.67 -32.09
C GLU A 75 36.71 6.19 -31.72
N THR A 76 37.95 5.70 -31.59
CA THR A 76 38.21 4.31 -31.24
C THR A 76 39.49 4.25 -30.44
N ARG A 77 39.44 3.60 -29.28
CA ARG A 77 40.61 3.43 -28.43
C ARG A 77 40.75 1.97 -28.04
N ASN A 78 41.93 1.40 -28.29
CA ASN A 78 42.26 0.05 -27.87
C ASN A 78 43.10 0.16 -26.60
N VAL A 79 42.47 -0.06 -25.46
CA VAL A 79 43.12 0.11 -24.16
C VAL A 79 42.53 -0.91 -23.21
N GLY A 80 43.36 -1.38 -22.27
CA GLY A 80 42.90 -2.32 -21.26
C GLY A 80 42.31 -3.59 -21.84
N SER A 81 42.89 -4.10 -22.92
CA SER A 81 42.41 -5.30 -23.60
C SER A 81 40.95 -5.17 -24.02
N GLN A 82 40.50 -3.93 -24.24
CA GLN A 82 39.16 -3.63 -24.72
C GLN A 82 39.25 -2.64 -25.87
N THR A 83 38.11 -2.41 -26.52
CA THR A 83 38.01 -1.46 -27.62
C THR A 83 36.84 -0.52 -27.33
N LEU A 84 37.15 0.76 -27.09
CA LEU A 84 36.13 1.76 -26.86
C LEU A 84 35.76 2.44 -28.17
N GLN A 85 34.47 2.70 -28.35
CA GLN A 85 33.96 3.25 -29.61
C GLN A 85 32.89 4.28 -29.34
N THR A 86 33.01 5.43 -29.99
CA THR A 86 31.97 6.45 -30.02
C THR A 86 31.40 6.56 -31.44
N PHE A 87 30.09 6.81 -31.52
CA PHE A 87 29.39 6.87 -32.79
C PHE A 87 28.57 8.16 -32.83
N LYS A 88 28.97 9.08 -33.70
CA LYS A 88 28.37 10.40 -33.77
C LYS A 88 27.33 10.52 -34.88
N ALA A 89 27.09 9.46 -35.64
CA ALA A 89 26.04 9.48 -36.65
C ALA A 89 24.68 9.62 -35.99
N ARG A 90 23.93 10.65 -36.41
CA ARG A 90 22.58 10.93 -35.90
C ARG A 90 22.58 11.16 -34.40
N GLN A 91 23.70 11.68 -33.87
CA GLN A 91 23.80 11.94 -32.44
C GLN A 91 22.93 13.11 -32.01
N GLY A 92 22.62 14.02 -32.93
CA GLY A 92 21.80 15.16 -32.60
C GLY A 92 22.52 16.26 -31.83
N LEU A 93 23.75 16.58 -32.22
CA LEU A 93 24.47 17.68 -31.60
C LEU A 93 23.69 18.98 -31.78
N GLY A 94 23.48 19.69 -30.68
CA GLY A 94 22.63 20.86 -30.69
C GLY A 94 21.19 20.61 -30.34
N ALA A 95 20.85 19.41 -29.85
CA ALA A 95 19.51 19.15 -29.37
C ALA A 95 19.23 19.88 -28.06
N SER A 96 20.26 20.34 -27.38
CA SER A 96 20.14 21.29 -26.27
C SER A 96 21.41 22.11 -26.23
N VAL A 97 21.26 23.42 -26.02
CA VAL A 97 22.41 24.31 -25.87
C VAL A 97 22.13 25.25 -24.71
N VAL A 98 23.18 25.62 -24.00
CA VAL A 98 23.05 26.50 -22.84
C VAL A 98 24.38 27.24 -22.68
N SER A 99 24.29 28.51 -22.30
CA SER A 99 25.46 29.36 -22.16
C SER A 99 25.63 29.74 -20.68
N TRP A 100 26.88 29.72 -20.23
CA TRP A 100 27.22 30.19 -18.89
C TRP A 100 28.59 30.83 -18.94
N SER A 101 28.69 32.06 -18.42
CA SER A 101 29.91 32.86 -18.51
C SER A 101 30.26 32.99 -19.99
N ASP A 102 31.50 32.80 -20.39
CA ASP A 102 31.88 32.80 -21.79
C ASP A 102 32.01 31.39 -22.36
N VAL A 103 31.32 30.42 -21.75
CA VAL A 103 31.38 29.02 -22.16
C VAL A 103 30.03 28.62 -22.75
N ILE A 104 30.07 27.82 -23.82
CA ILE A 104 28.88 27.27 -24.45
C ILE A 104 28.87 25.76 -24.23
N VAL A 105 27.71 25.23 -23.86
CA VAL A 105 27.53 23.80 -23.66
C VAL A 105 26.48 23.31 -24.65
N ALA A 106 26.91 22.48 -25.60
CA ALA A 106 26.04 21.88 -26.60
C ALA A 106 26.13 20.37 -26.49
N CYS A 107 24.99 19.70 -26.52
CA CYS A 107 24.92 18.29 -26.21
C CYS A 107 24.32 17.50 -27.37
N ALA A 108 24.75 16.24 -27.49
CA ALA A 108 24.24 15.29 -28.47
C ALA A 108 23.64 14.13 -27.67
N PRO A 109 22.33 14.19 -27.38
CA PRO A 109 21.75 13.18 -26.48
C PRO A 109 21.79 11.77 -27.03
N TRP A 110 21.86 11.61 -28.35
CA TRP A 110 21.78 10.28 -28.95
C TRP A 110 23.12 9.83 -29.54
N GLN A 111 24.22 10.38 -29.05
CA GLN A 111 25.52 9.83 -29.39
C GLN A 111 25.62 8.42 -28.83
N HIS A 112 26.05 7.48 -29.66
CA HIS A 112 26.11 6.09 -29.27
C HIS A 112 27.51 5.69 -28.84
N TRP A 113 27.58 4.59 -28.10
CA TRP A 113 28.79 4.19 -27.40
C TRP A 113 28.77 2.67 -27.27
N ASN A 114 29.95 2.06 -27.39
CA ASN A 114 30.04 0.61 -27.24
C ASN A 114 31.47 0.27 -26.83
N VAL A 115 31.60 -0.87 -26.16
CA VAL A 115 32.89 -1.39 -25.71
C VAL A 115 32.97 -2.86 -26.12
N LEU A 116 34.04 -3.22 -26.80
CA LEU A 116 34.24 -4.59 -27.26
C LEU A 116 35.36 -5.24 -26.46
N GLU A 117 35.12 -6.45 -25.98
CA GLU A 117 36.13 -7.26 -25.30
C GLU A 117 35.99 -8.68 -25.83
N LYS A 118 36.82 -9.02 -26.81
CA LYS A 118 36.81 -10.33 -27.48
C LYS A 118 35.46 -10.50 -28.15
N THR A 119 34.70 -11.56 -27.83
CA THR A 119 33.38 -11.78 -28.43
C THR A 119 32.27 -11.03 -27.71
N GLU A 120 32.52 -10.50 -26.52
CA GLU A 120 31.51 -9.80 -25.75
C GLU A 120 31.53 -8.31 -26.07
N GLU A 121 30.43 -7.64 -25.70
CA GLU A 121 30.30 -6.21 -25.92
C GLU A 121 29.48 -5.61 -24.79
N ALA A 122 29.55 -4.28 -24.69
CA ALA A 122 28.70 -3.55 -23.76
C ALA A 122 27.32 -3.26 -24.33
N GLU A 123 27.17 -3.39 -25.65
CA GLU A 123 26.01 -3.03 -26.46
C GLU A 123 26.08 -1.58 -26.93
N LYS A 124 25.87 -1.37 -28.23
CA LYS A 124 25.85 -0.03 -28.82
C LYS A 124 24.59 0.70 -28.36
N THR A 125 24.77 1.71 -27.52
CA THR A 125 23.65 2.36 -26.84
C THR A 125 23.87 3.87 -26.81
N PRO A 126 22.79 4.66 -26.71
CA PRO A 126 22.93 6.14 -26.65
C PRO A 126 23.19 6.69 -25.26
N VAL A 127 24.48 6.69 -24.86
CA VAL A 127 24.85 7.28 -23.59
C VAL A 127 24.74 8.80 -23.63
N GLY A 128 24.70 9.40 -24.81
CA GLY A 128 24.72 10.84 -24.94
C GLY A 128 26.09 11.42 -24.67
N SER A 129 26.22 12.71 -24.94
CA SER A 129 27.47 13.42 -24.72
C SER A 129 27.23 14.91 -24.86
N CYS A 130 28.04 15.69 -24.16
CA CYS A 130 28.01 17.14 -24.27
C CYS A 130 29.38 17.65 -24.67
N PHE A 131 29.39 18.66 -25.54
CA PHE A 131 30.60 19.34 -25.98
C PHE A 131 30.61 20.74 -25.39
N LEU A 132 31.76 21.16 -24.88
CA LEU A 132 31.90 22.47 -24.26
C LEU A 132 32.94 23.28 -25.02
N ALA A 133 32.65 24.56 -25.22
CA ALA A 133 33.51 25.44 -26.00
C ALA A 133 33.68 26.76 -25.29
N GLN A 134 34.90 27.32 -25.37
CA GLN A 134 35.20 28.70 -24.99
C GLN A 134 35.51 29.44 -26.28
N PRO A 135 34.51 30.01 -26.96
CA PRO A 135 34.72 30.49 -28.34
C PRO A 135 35.85 31.48 -28.50
N GLU A 136 36.09 32.33 -27.52
CA GLU A 136 37.11 33.37 -27.67
C GLU A 136 38.51 32.79 -27.64
N SER A 137 38.73 31.75 -26.82
CA SER A 137 40.05 31.12 -26.72
C SER A 137 40.17 29.86 -27.56
N GLY A 138 39.06 29.30 -28.03
CA GLY A 138 39.10 28.07 -28.79
C GLY A 138 39.21 26.82 -27.96
N ARG A 139 39.22 26.93 -26.63
CA ARG A 139 39.26 25.75 -25.78
C ARG A 139 38.05 24.85 -26.06
N ARG A 140 38.31 23.54 -26.07
CA ARG A 140 37.26 22.54 -26.26
C ARG A 140 37.36 21.50 -25.15
N ALA A 141 36.21 20.92 -24.81
CA ALA A 141 36.16 19.85 -23.82
C ALA A 141 34.89 19.06 -24.05
N GLU A 142 34.87 17.85 -23.50
CA GLU A 142 33.71 16.97 -23.60
C GLU A 142 33.37 16.44 -22.22
N TYR A 143 32.13 16.00 -22.07
CA TYR A 143 31.66 15.40 -20.83
C TYR A 143 30.59 14.38 -21.17
N SER A 144 30.82 13.12 -20.78
CA SER A 144 29.91 12.02 -21.11
C SER A 144 29.87 11.08 -19.92
N PRO A 145 29.12 11.44 -18.88
CA PRO A 145 29.22 10.71 -17.61
C PRO A 145 28.61 9.32 -17.62
N CYS A 146 27.94 8.91 -18.70
CA CYS A 146 27.27 7.62 -18.71
C CYS A 146 28.05 6.54 -19.45
N ARG A 147 29.12 6.91 -20.16
CA ARG A 147 30.00 5.92 -20.74
C ARG A 147 30.54 4.99 -19.68
N GLY A 148 30.38 3.68 -19.90
CA GLY A 148 30.94 2.67 -19.04
C GLY A 148 31.64 1.60 -19.85
N ASN A 149 32.38 0.75 -19.15
CA ASN A 149 33.11 -0.34 -19.80
C ASN A 149 32.70 -1.69 -19.23
N THR A 150 31.48 -1.79 -18.73
CA THR A 150 30.94 -3.06 -18.25
C THR A 150 30.29 -3.82 -19.40
N LEU A 151 30.53 -5.12 -19.43
CA LEU A 151 30.03 -5.96 -20.52
C LEU A 151 28.57 -6.32 -20.31
N SER A 152 27.90 -6.68 -21.42
CA SER A 152 26.46 -6.87 -21.41
C SER A 152 26.03 -7.98 -20.45
N ARG A 153 26.82 -9.05 -20.37
CA ARG A 153 26.46 -10.18 -19.51
C ARG A 153 26.33 -9.76 -18.05
N ILE A 154 27.14 -8.81 -17.61
CA ILE A 154 27.14 -8.41 -16.20
C ILE A 154 25.81 -7.77 -15.83
N TYR A 155 25.34 -6.83 -16.64
CA TYR A 155 24.07 -6.15 -16.35
C TYR A 155 22.93 -7.16 -16.22
N VAL A 156 22.96 -8.22 -17.03
CA VAL A 156 21.90 -9.22 -16.98
C VAL A 156 21.91 -9.95 -15.65
N GLU A 157 23.11 -10.26 -15.14
CA GLU A 157 23.21 -10.97 -13.87
C GLU A 157 22.66 -10.15 -12.72
N ASN A 158 22.98 -8.86 -12.68
CA ASN A 158 22.56 -7.97 -11.61
C ASN A 158 21.22 -7.31 -11.87
N ASP A 159 20.45 -7.82 -12.84
CA ASP A 159 19.10 -7.33 -13.13
C ASP A 159 19.12 -5.84 -13.51
N PHE A 160 20.09 -5.47 -14.33
CA PHE A 160 20.16 -4.13 -14.94
C PHE A 160 20.19 -3.01 -13.91
N SER A 161 20.70 -3.29 -12.72
CA SER A 161 20.87 -2.24 -11.73
C SER A 161 22.00 -1.30 -12.17
N TRP A 162 21.78 0.00 -11.99
CA TRP A 162 22.77 1.02 -12.34
C TRP A 162 23.20 0.88 -13.80
N ASP A 163 22.21 0.79 -14.69
CA ASP A 163 22.44 0.65 -16.12
C ASP A 163 22.32 2.03 -16.75
N LYS A 164 23.47 2.67 -16.98
CA LYS A 164 23.52 4.00 -17.57
C LYS A 164 23.79 3.96 -19.08
N ARG A 165 23.46 2.84 -19.74
CA ARG A 165 23.84 2.70 -21.14
C ARG A 165 22.96 3.54 -22.05
N TYR A 166 21.72 3.82 -21.66
CA TYR A 166 20.77 4.54 -22.50
C TYR A 166 20.45 5.92 -21.95
N CYS A 167 21.42 6.52 -21.22
CA CYS A 167 21.20 7.79 -20.54
C CYS A 167 20.59 8.84 -21.45
N GLU A 168 21.22 9.07 -22.59
CA GLU A 168 20.98 10.25 -23.41
C GLU A 168 21.24 11.52 -22.59
N ALA A 169 22.39 11.54 -21.92
CA ALA A 169 22.82 12.72 -21.19
C ALA A 169 22.88 13.94 -22.11
N GLY A 170 22.48 15.09 -21.59
CA GLY A 170 22.37 16.30 -22.36
C GLY A 170 21.02 16.49 -23.04
N PHE A 171 20.12 15.52 -22.93
CA PHE A 171 18.73 15.68 -23.36
C PHE A 171 18.18 17.02 -22.89
N SER A 172 18.42 17.35 -21.63
CA SER A 172 18.13 18.67 -21.07
C SER A 172 19.36 19.11 -20.28
N SER A 173 19.48 20.44 -20.12
CA SER A 173 20.67 20.97 -19.48
C SER A 173 20.37 22.30 -18.81
N VAL A 174 21.28 22.71 -17.93
CA VAL A 174 21.20 23.94 -17.15
C VAL A 174 22.53 24.09 -16.41
N VAL A 175 22.93 25.32 -16.12
CA VAL A 175 24.16 25.60 -15.38
C VAL A 175 23.83 26.51 -14.22
N THR A 176 24.26 26.14 -13.02
CA THR A 176 24.09 27.00 -11.87
C THR A 176 24.95 28.25 -11.99
N GLN A 177 24.57 29.28 -11.25
N GLN A 177 24.58 29.29 -11.24
CA GLN A 177 25.35 30.52 -11.23
CA GLN A 177 25.36 30.51 -11.25
C GLN A 177 26.79 30.25 -10.81
C GLN A 177 26.79 30.25 -10.81
N ALA A 178 26.99 29.31 -9.89
CA ALA A 178 28.33 28.94 -9.46
C ALA A 178 29.12 28.20 -10.53
N GLY A 179 28.48 27.80 -11.63
CA GLY A 179 29.18 27.16 -12.71
C GLY A 179 29.17 25.65 -12.70
N GLU A 180 28.15 25.04 -12.13
CA GLU A 180 28.00 23.59 -12.14
C GLU A 180 27.05 23.20 -13.25
N LEU A 181 27.52 22.40 -14.20
CA LEU A 181 26.68 21.87 -15.25
C LEU A 181 25.82 20.74 -14.69
N VAL A 182 24.55 20.73 -15.06
CA VAL A 182 23.59 19.72 -14.60
C VAL A 182 22.88 19.18 -15.83
N LEU A 183 23.15 17.92 -16.15
CA LEU A 183 22.59 17.28 -17.33
C LEU A 183 21.41 16.40 -16.94
N GLY A 184 20.30 16.54 -17.67
CA GLY A 184 19.20 15.61 -17.56
C GLY A 184 19.41 14.45 -18.53
N ALA A 185 19.26 13.23 -18.01
CA ALA A 185 19.42 12.01 -18.79
C ALA A 185 18.20 11.14 -18.56
N PRO A 186 17.15 11.30 -19.37
CA PRO A 186 15.87 10.63 -19.07
C PRO A 186 15.88 9.13 -19.32
N GLY A 187 16.93 8.60 -19.94
CA GLY A 187 17.05 7.18 -20.14
C GLY A 187 17.93 6.46 -19.15
N GLY A 188 18.43 7.16 -18.14
CA GLY A 188 19.35 6.54 -17.21
C GLY A 188 18.66 5.50 -16.33
N TYR A 189 19.45 4.52 -15.90
CA TYR A 189 18.99 3.44 -15.03
C TYR A 189 17.82 2.69 -15.66
N TYR A 190 18.01 2.29 -16.93
CA TYR A 190 16.99 1.57 -17.70
C TYR A 190 15.68 2.36 -17.75
N PHE A 191 15.80 3.63 -18.15
CA PHE A 191 14.69 4.52 -18.47
C PHE A 191 13.94 5.01 -17.23
N LEU A 192 14.57 4.97 -16.06
CA LEU A 192 14.03 5.72 -14.92
C LEU A 192 14.39 7.20 -15.03
N GLY A 193 15.62 7.49 -15.41
CA GLY A 193 16.11 8.85 -15.53
C GLY A 193 17.07 9.17 -14.41
N LEU A 194 18.14 9.89 -14.74
CA LEU A 194 19.11 10.34 -13.77
C LEU A 194 19.57 11.74 -14.13
N LEU A 195 20.22 12.39 -13.16
CA LEU A 195 20.88 13.66 -13.36
C LEU A 195 22.38 13.49 -13.16
N ALA A 196 23.17 14.17 -13.98
CA ALA A 196 24.61 14.23 -13.82
C ALA A 196 25.04 15.68 -13.67
N GLN A 197 25.89 15.94 -12.68
CA GLN A 197 26.37 17.28 -12.39
C GLN A 197 27.88 17.24 -12.23
N ALA A 198 28.54 18.31 -12.68
CA ALA A 198 29.97 18.48 -12.49
C ALA A 198 30.33 19.93 -12.78
N PRO A 199 31.28 20.50 -12.07
CA PRO A 199 31.70 21.88 -12.35
C PRO A 199 32.33 22.01 -13.73
N VAL A 200 31.95 23.07 -14.45
CA VAL A 200 32.50 23.31 -15.78
C VAL A 200 34.02 23.39 -15.74
N ALA A 201 34.56 24.04 -14.70
CA ALA A 201 36.00 24.18 -14.58
C ALA A 201 36.69 22.82 -14.49
N ASP A 202 36.06 21.85 -13.81
CA ASP A 202 36.66 20.53 -13.67
C ASP A 202 36.44 19.67 -14.91
N ILE A 203 35.37 19.93 -15.67
CA ILE A 203 35.20 19.25 -16.95
C ILE A 203 36.34 19.58 -17.89
N PHE A 204 36.72 20.86 -17.94
CA PHE A 204 37.80 21.29 -18.83
C PHE A 204 39.14 20.73 -18.38
N SER A 205 39.45 20.83 -17.08
CA SER A 205 40.76 20.45 -16.59
C SER A 205 41.00 18.95 -16.55
N SER A 206 39.94 18.14 -16.50
CA SER A 206 40.07 16.69 -16.45
C SER A 206 39.93 16.03 -17.82
N TYR A 207 39.65 16.81 -18.87
CA TYR A 207 39.44 16.26 -20.20
C TYR A 207 40.72 16.31 -21.02
N ARG A 208 40.99 15.21 -21.72
CA ARG A 208 42.04 15.12 -22.73
C ARG A 208 41.46 14.34 -23.91
N PRO A 209 41.74 14.77 -25.14
CA PRO A 209 41.12 14.10 -26.29
C PRO A 209 41.71 12.72 -26.51
N GLY A 210 40.85 11.78 -26.92
CA GLY A 210 41.28 10.43 -27.17
C GLY A 210 41.22 9.48 -25.98
N ILE A 211 40.93 9.98 -24.80
CA ILE A 211 40.84 9.12 -23.62
C ILE A 211 39.50 8.39 -23.59
N LEU A 212 38.42 9.09 -23.94
CA LEU A 212 37.07 8.53 -24.07
C LEU A 212 36.47 8.13 -22.73
N LEU A 213 37.24 7.47 -21.88
CA LEU A 213 36.81 7.07 -20.54
C LEU A 213 37.74 7.72 -19.53
N TRP A 214 37.28 8.78 -18.87
CA TRP A 214 38.08 9.47 -17.88
C TRP A 214 37.21 9.84 -16.68
N HIS A 215 37.86 10.04 -15.54
CA HIS A 215 37.18 10.35 -14.30
C HIS A 215 37.07 11.86 -14.12
N VAL A 216 35.88 12.32 -13.74
CA VAL A 216 35.67 13.69 -13.28
C VAL A 216 35.30 13.59 -11.80
N SER A 217 36.30 13.72 -10.92
CA SER A 217 36.12 13.34 -9.52
C SER A 217 35.05 14.19 -8.83
N SER A 218 34.92 15.45 -9.22
CA SER A 218 33.96 16.34 -8.59
C SER A 218 32.54 16.16 -9.10
N GLN A 219 32.29 15.15 -9.94
CA GLN A 219 30.96 14.97 -10.50
C GLN A 219 30.04 14.27 -9.50
N SER A 220 28.74 14.33 -9.79
CA SER A 220 27.72 13.81 -8.89
C SER A 220 26.54 13.34 -9.71
N LEU A 221 26.19 12.06 -9.59
CA LEU A 221 25.06 11.47 -10.28
C LEU A 221 23.97 11.08 -9.28
N SER A 222 22.74 11.04 -9.77
CA SER A 222 21.61 10.65 -8.93
C SER A 222 21.58 9.13 -8.79
N PHE A 223 20.51 8.59 -8.21
CA PHE A 223 20.51 7.21 -7.74
C PHE A 223 19.45 6.37 -8.43
N ASP A 224 19.77 5.09 -8.60
CA ASP A 224 18.84 4.11 -9.13
C ASP A 224 17.77 3.81 -8.09
N SER A 225 16.76 3.03 -8.50
CA SER A 225 15.64 2.73 -7.62
C SER A 225 14.99 1.43 -8.03
N SER A 226 14.41 0.74 -7.05
CA SER A 226 13.60 -0.44 -7.28
C SER A 226 12.11 -0.14 -7.18
N ASN A 227 11.74 1.13 -7.04
CA ASN A 227 10.33 1.51 -6.90
C ASN A 227 9.69 1.61 -8.28
N PRO A 228 8.67 0.81 -8.58
CA PRO A 228 8.06 0.86 -9.93
C PRO A 228 7.46 2.21 -10.30
N GLU A 229 7.12 3.05 -9.31
CA GLU A 229 6.61 4.39 -9.61
C GLU A 229 7.58 5.20 -10.47
N TYR A 230 8.87 4.89 -10.41
CA TYR A 230 9.87 5.60 -11.20
C TYR A 230 10.17 4.93 -12.53
N PHE A 231 9.65 3.73 -12.76
CA PHE A 231 9.96 3.01 -14.00
C PHE A 231 9.38 3.75 -15.19
N ASP A 232 10.20 3.95 -16.22
CA ASP A 232 9.78 4.62 -17.46
C ASP A 232 9.23 6.02 -17.20
N GLY A 233 9.80 6.71 -16.22
CA GLY A 233 9.35 8.04 -15.86
C GLY A 233 10.10 9.14 -16.58
N TYR A 234 11.25 8.81 -17.17
CA TYR A 234 12.07 9.77 -17.91
C TYR A 234 12.43 10.97 -17.04
N TRP A 235 12.76 10.68 -15.78
CA TRP A 235 13.27 11.66 -14.82
C TRP A 235 14.46 12.41 -15.41
N GLY A 236 14.31 13.72 -15.60
CA GLY A 236 15.32 14.50 -16.30
C GLY A 236 14.97 14.88 -17.72
N TYR A 237 13.73 14.63 -18.15
CA TYR A 237 13.25 15.12 -19.43
C TYR A 237 13.43 16.63 -19.53
N SER A 238 13.27 17.32 -18.40
CA SER A 238 13.52 18.75 -18.29
C SER A 238 14.17 19.02 -16.95
N VAL A 239 14.98 20.08 -16.88
CA VAL A 239 15.70 20.41 -15.67
CA VAL A 239 15.72 20.42 -15.68
C VAL A 239 15.78 21.93 -15.54
N ALA A 240 15.85 22.40 -14.30
CA ALA A 240 15.99 23.81 -13.97
C ALA A 240 16.57 23.91 -12.56
N VAL A 241 17.07 25.09 -12.22
CA VAL A 241 17.66 25.35 -10.92
C VAL A 241 16.99 26.57 -10.30
N GLY A 242 17.01 26.64 -8.97
CA GLY A 242 16.41 27.75 -8.26
C GLY A 242 16.72 27.65 -6.78
N GLU A 243 16.13 28.57 -6.03
CA GLU A 243 16.30 28.64 -4.58
C GLU A 243 14.96 28.34 -3.91
N PHE A 244 14.86 27.17 -3.27
CA PHE A 244 13.61 26.72 -2.70
C PHE A 244 13.68 26.27 -1.24
N ASP A 245 14.87 26.19 -0.65
CA ASP A 245 15.00 25.73 0.73
C ASP A 245 15.33 26.86 1.71
N GLY A 246 15.40 28.11 1.24
CA GLY A 246 15.70 29.23 2.11
C GLY A 246 17.16 29.42 2.46
N ASP A 247 18.03 28.46 2.13
CA ASP A 247 19.46 28.56 2.37
C ASP A 247 20.13 29.00 1.07
N LEU A 248 20.52 30.28 1.02
CA LEU A 248 21.08 30.86 -0.19
C LEU A 248 22.41 30.21 -0.59
N ASN A 249 23.08 29.53 0.34
CA ASN A 249 24.33 28.85 0.01
C ASN A 249 24.12 27.59 -0.80
N THR A 250 22.94 26.99 -0.75
CA THR A 250 22.63 25.78 -1.50
C THR A 250 21.84 26.12 -2.75
N THR A 251 22.05 25.33 -3.80
CA THR A 251 21.30 25.45 -5.04
C THR A 251 20.42 24.22 -5.20
N GLU A 252 19.12 24.45 -5.37
CA GLU A 252 18.17 23.36 -5.50
C GLU A 252 17.88 23.08 -6.97
N TYR A 253 17.61 21.81 -7.27
CA TYR A 253 17.35 21.36 -8.63
C TYR A 253 15.86 21.07 -8.81
N VAL A 254 15.34 21.47 -9.96
CA VAL A 254 13.97 21.13 -10.36
C VAL A 254 14.05 20.17 -11.54
N VAL A 255 13.40 19.01 -11.39
CA VAL A 255 13.52 17.91 -12.34
C VAL A 255 12.13 17.52 -12.82
N GLY A 256 11.96 17.43 -14.14
CA GLY A 256 10.71 17.00 -14.73
C GLY A 256 10.75 15.51 -15.04
N ALA A 257 9.66 14.82 -14.69
CA ALA A 257 9.51 13.39 -14.97
C ALA A 257 8.12 13.17 -15.56
N PRO A 258 7.95 13.38 -16.87
CA PRO A 258 6.60 13.52 -17.43
C PRO A 258 5.85 12.22 -17.62
N THR A 259 6.47 11.06 -17.38
CA THR A 259 5.75 9.79 -17.37
C THR A 259 5.92 9.07 -16.04
N TRP A 260 6.20 9.82 -14.98
CA TRP A 260 6.37 9.24 -13.66
C TRP A 260 5.08 8.59 -13.16
N SER A 261 5.22 7.40 -12.57
CA SER A 261 4.11 6.66 -11.97
C SER A 261 3.01 6.37 -12.99
N TRP A 262 3.37 5.55 -13.98
CA TRP A 262 2.43 5.08 -15.00
C TRP A 262 1.81 6.26 -15.75
N THR A 263 2.67 7.15 -16.23
CA THR A 263 2.31 8.30 -17.08
C THR A 263 1.41 9.30 -16.35
N LEU A 264 1.46 9.33 -15.02
CA LEU A 264 0.84 10.43 -14.30
C LEU A 264 1.66 11.71 -14.39
N GLY A 265 2.98 11.58 -14.43
CA GLY A 265 3.87 12.72 -14.49
C GLY A 265 4.13 13.32 -13.13
N ALA A 266 5.32 13.89 -12.98
CA ALA A 266 5.71 14.50 -11.72
C ALA A 266 6.81 15.52 -11.98
N VAL A 267 6.98 16.42 -11.01
CA VAL A 267 8.11 17.34 -10.94
C VAL A 267 8.62 17.31 -9.51
N GLU A 268 9.93 17.16 -9.35
CA GLU A 268 10.54 17.08 -8.02
C GLU A 268 11.56 18.19 -7.85
N ILE A 269 11.57 18.75 -6.64
CA ILE A 269 12.59 19.71 -6.22
C ILE A 269 13.52 19.01 -5.25
N LEU A 270 14.82 19.04 -5.55
CA LEU A 270 15.82 18.35 -4.75
C LEU A 270 16.91 19.32 -4.34
N ASP A 271 17.72 18.92 -3.37
CA ASP A 271 18.95 19.64 -3.08
C ASP A 271 20.07 19.09 -3.95
N SER A 272 21.25 19.68 -3.86
CA SER A 272 22.36 19.27 -4.71
C SER A 272 22.83 17.85 -4.43
N TYR A 273 22.32 17.20 -3.39
CA TYR A 273 22.62 15.80 -3.10
C TYR A 273 21.48 14.88 -3.52
N TYR A 274 20.57 15.37 -4.37
CA TYR A 274 19.48 14.57 -4.94
C TYR A 274 18.56 14.00 -3.86
N GLN A 275 18.48 14.65 -2.71
CA GLN A 275 17.48 14.31 -1.72
C GLN A 275 16.23 15.13 -2.01
N ARG A 276 15.08 14.45 -2.01
CA ARG A 276 13.84 15.06 -2.50
C ARG A 276 13.24 15.97 -1.45
N LEU A 277 13.02 17.24 -1.82
CA LEU A 277 12.38 18.22 -0.95
C LEU A 277 10.88 18.33 -1.18
N HIS A 278 10.44 18.34 -2.44
CA HIS A 278 9.01 18.33 -2.73
CA HIS A 278 9.03 18.42 -2.80
C HIS A 278 8.77 17.52 -4.00
N ARG A 279 7.50 17.19 -4.21
CA ARG A 279 7.07 16.49 -5.42
C ARG A 279 5.70 17.00 -5.82
N LEU A 280 5.61 17.57 -7.01
CA LEU A 280 4.34 17.95 -7.62
C LEU A 280 3.91 16.82 -8.54
N ARG A 281 2.74 16.26 -8.29
CA ARG A 281 2.22 15.19 -9.10
C ARG A 281 1.35 15.74 -10.22
N GLY A 282 1.37 15.04 -11.36
CA GLY A 282 0.52 15.42 -12.46
C GLY A 282 -0.95 15.30 -12.12
N GLU A 283 -1.77 16.05 -12.87
CA GLU A 283 -3.20 16.07 -12.66
C GLU A 283 -3.94 15.03 -13.49
N GLN A 284 -3.37 14.65 -14.64
CA GLN A 284 -4.07 13.82 -15.60
C GLN A 284 -3.06 12.96 -16.35
N MET A 285 -3.33 11.66 -16.43
CA MET A 285 -2.40 10.74 -17.07
C MET A 285 -2.20 11.08 -18.54
N ALA A 286 -0.96 10.95 -19.00
CA ALA A 286 -0.53 11.17 -20.38
C ALA A 286 -0.60 12.64 -20.80
N SER A 287 -0.86 13.56 -19.87
CA SER A 287 -0.79 14.98 -20.21
C SER A 287 0.64 15.47 -20.34
N TYR A 288 1.62 14.62 -20.00
CA TYR A 288 3.05 14.97 -20.02
C TYR A 288 3.34 16.16 -19.10
N PHE A 289 2.80 16.08 -17.89
CA PHE A 289 3.11 17.04 -16.84
C PHE A 289 4.57 16.92 -16.45
N GLY A 290 5.32 18.01 -16.56
CA GLY A 290 6.75 17.99 -16.38
C GLY A 290 7.54 18.06 -17.67
N HIS A 291 6.85 18.22 -18.81
CA HIS A 291 7.54 18.35 -20.09
C HIS A 291 8.47 19.56 -20.10
N SER A 292 8.02 20.67 -19.52
CA SER A 292 8.82 21.87 -19.38
C SER A 292 8.66 22.42 -17.96
N VAL A 293 9.76 22.88 -17.39
CA VAL A 293 9.76 23.53 -16.08
C VAL A 293 10.47 24.87 -16.20
N ALA A 294 10.01 25.83 -15.41
CA ALA A 294 10.58 27.18 -15.42
C ALA A 294 10.59 27.72 -13.99
N VAL A 295 11.64 28.46 -13.66
CA VAL A 295 11.84 28.99 -12.31
C VAL A 295 12.06 30.50 -12.43
N THR A 296 11.19 31.27 -11.79
CA THR A 296 11.32 32.72 -11.74
C THR A 296 10.36 33.27 -10.69
N ASP A 297 10.80 34.31 -9.99
CA ASP A 297 9.91 35.01 -9.05
C ASP A 297 8.94 35.87 -9.84
N VAL A 298 7.66 35.48 -9.85
CA VAL A 298 6.67 36.19 -10.65
C VAL A 298 5.89 37.24 -9.85
N ASN A 299 5.89 37.16 -8.53
CA ASN A 299 5.09 38.07 -7.71
C ASN A 299 5.93 39.04 -6.88
N GLY A 300 7.22 39.16 -7.17
CA GLY A 300 8.03 40.20 -6.57
C GLY A 300 8.16 40.16 -5.06
N ASP A 301 8.27 38.96 -4.49
CA ASP A 301 8.56 38.81 -3.07
C ASP A 301 9.96 38.27 -2.81
N GLY A 302 10.75 38.03 -3.86
CA GLY A 302 12.09 37.51 -3.73
C GLY A 302 12.20 36.00 -3.62
N ARG A 303 11.09 35.28 -3.69
CA ARG A 303 11.09 33.83 -3.62
C ARG A 303 10.77 33.28 -5.00
N HIS A 304 11.71 32.50 -5.55
CA HIS A 304 11.49 31.85 -6.84
C HIS A 304 10.19 31.08 -6.84
N ASP A 305 9.46 31.18 -7.93
CA ASP A 305 8.24 30.42 -8.14
C ASP A 305 8.46 29.41 -9.25
N LEU A 306 7.53 28.45 -9.34
CA LEU A 306 7.68 27.30 -10.22
C LEU A 306 6.53 27.24 -11.20
N LEU A 307 6.87 27.08 -12.48
CA LEU A 307 5.90 26.84 -13.53
C LEU A 307 6.18 25.49 -14.18
N VAL A 308 5.13 24.70 -14.38
CA VAL A 308 5.23 23.37 -14.97
C VAL A 308 4.26 23.31 -16.14
N GLY A 309 4.73 22.82 -17.28
CA GLY A 309 3.91 22.67 -18.47
C GLY A 309 3.46 21.23 -18.66
N ALA A 310 2.20 21.08 -19.06
CA ALA A 310 1.61 19.79 -19.42
C ALA A 310 0.93 19.97 -20.77
N PRO A 311 1.70 19.88 -21.87
CA PRO A 311 1.17 20.28 -23.18
C PRO A 311 0.08 19.38 -23.73
N LEU A 312 -0.12 18.19 -23.15
CA LEU A 312 -1.13 17.27 -23.65
C LEU A 312 -2.36 17.21 -22.77
N TYR A 313 -2.52 18.16 -21.84
CA TYR A 313 -3.67 18.13 -20.94
C TYR A 313 -4.97 18.26 -21.73
N MET A 314 -5.94 17.43 -21.39
CA MET A 314 -7.23 17.39 -22.08
C MET A 314 -8.26 18.07 -21.19
N GLU A 315 -8.70 19.26 -21.61
CA GLU A 315 -9.63 20.06 -20.82
C GLU A 315 -11.06 19.53 -20.97
N SER A 316 -11.77 19.49 -19.84
CA SER A 316 -13.15 19.02 -19.86
CA SER A 316 -13.15 19.01 -19.85
C SER A 316 -14.06 20.05 -20.51
N ARG A 317 -15.02 19.56 -21.30
CA ARG A 317 -15.93 20.42 -22.02
C ARG A 317 -17.33 19.82 -21.97
N ALA A 318 -18.29 20.54 -22.54
CA ALA A 318 -19.68 20.11 -22.50
C ALA A 318 -19.84 18.74 -23.16
N ASP A 319 -20.88 18.02 -22.72
CA ASP A 319 -21.23 16.71 -23.25
C ASP A 319 -20.17 15.66 -22.94
N ARG A 320 -19.50 15.80 -21.78
CA ARG A 320 -18.53 14.82 -21.29
C ARG A 320 -17.37 14.60 -22.26
N LYS A 321 -17.04 15.60 -23.06
CA LYS A 321 -16.01 15.49 -24.08
C LYS A 321 -14.75 16.23 -23.66
N LEU A 322 -13.60 15.61 -23.88
CA LEU A 322 -12.30 16.19 -23.59
C LEU A 322 -11.69 16.80 -24.85
N ALA A 323 -10.70 17.66 -24.65
CA ALA A 323 -10.03 18.33 -25.76
C ALA A 323 -8.59 18.61 -25.37
N GLU A 324 -7.66 17.92 -26.03
CA GLU A 324 -6.24 18.15 -25.79
C GLU A 324 -5.84 19.56 -26.18
N VAL A 325 -5.41 20.36 -25.20
CA VAL A 325 -5.11 21.76 -25.45
C VAL A 325 -3.83 22.17 -24.73
N GLY A 326 -3.49 21.48 -23.66
CA GLY A 326 -2.31 21.84 -22.88
C GLY A 326 -2.66 22.73 -21.69
N ARG A 327 -1.78 22.70 -20.69
CA ARG A 327 -2.01 23.44 -19.47
C ARG A 327 -0.69 23.77 -18.80
N VAL A 328 -0.65 24.93 -18.14
CA VAL A 328 0.50 25.40 -17.37
C VAL A 328 0.07 25.62 -15.93
N TYR A 329 0.92 25.21 -14.99
CA TYR A 329 0.65 25.28 -13.56
C TYR A 329 1.65 26.23 -12.91
N LEU A 330 1.15 27.17 -12.11
CA LEU A 330 1.98 28.11 -11.37
C LEU A 330 1.95 27.75 -9.89
N PHE A 331 3.12 27.53 -9.30
CA PHE A 331 3.27 27.26 -7.87
C PHE A 331 4.09 28.39 -7.26
N LEU A 332 3.48 29.11 -6.32
CA LEU A 332 4.17 30.20 -5.63
C LEU A 332 4.85 29.65 -4.38
N GLN A 333 6.10 30.05 -4.16
CA GLN A 333 6.84 29.54 -3.01
C GLN A 333 6.34 30.23 -1.74
N PRO A 334 5.95 29.47 -0.71
CA PRO A 334 5.46 30.09 0.53
C PRO A 334 6.60 30.66 1.36
N ARG A 335 6.21 31.52 2.30
CA ARG A 335 7.18 32.20 3.16
C ARG A 335 7.82 31.20 4.13
N GLY A 336 9.14 31.08 4.07
CA GLY A 336 9.86 30.24 4.99
C GLY A 336 9.77 28.76 4.66
N PRO A 337 10.12 27.92 5.63
CA PRO A 337 10.16 26.47 5.38
C PRO A 337 8.80 25.82 5.34
N HIS A 338 8.18 25.79 4.16
CA HIS A 338 6.86 25.18 4.01
C HIS A 338 6.75 24.57 2.62
N ALA A 339 5.89 23.57 2.51
CA ALA A 339 5.71 22.87 1.25
C ALA A 339 4.95 23.73 0.25
N LEU A 340 5.31 23.62 -1.01
CA LEU A 340 4.54 24.23 -2.08
C LEU A 340 3.13 23.65 -2.09
N GLY A 341 2.13 24.50 -2.10
CA GLY A 341 0.75 24.06 -2.00
C GLY A 341 0.16 23.64 -3.32
N ALA A 342 -1.17 23.68 -3.38
CA ALA A 342 -1.86 23.51 -4.65
C ALA A 342 -1.49 24.65 -5.59
N PRO A 343 -1.68 24.46 -6.91
CA PRO A 343 -1.30 25.52 -7.85
C PRO A 343 -2.03 26.82 -7.56
N SER A 344 -1.31 27.94 -7.71
CA SER A 344 -1.92 29.25 -7.53
C SER A 344 -2.75 29.67 -8.74
N LEU A 345 -2.44 29.12 -9.91
CA LEU A 345 -3.09 29.52 -11.15
C LEU A 345 -2.91 28.42 -12.18
N LEU A 346 -3.98 28.14 -12.92
CA LEU A 346 -3.95 27.19 -14.02
C LEU A 346 -4.23 27.96 -15.31
N LEU A 347 -3.29 27.90 -16.25
CA LEU A 347 -3.47 28.45 -17.58
C LEU A 347 -3.69 27.30 -18.55
N THR A 348 -4.76 27.38 -19.32
CA THR A 348 -5.17 26.28 -20.18
C THR A 348 -5.29 26.76 -21.61
N GLY A 349 -4.81 25.94 -22.54
CA GLY A 349 -4.82 26.30 -23.94
C GLY A 349 -6.22 26.35 -24.53
N THR A 350 -6.28 26.89 -25.74
CA THR A 350 -7.53 27.07 -26.48
C THR A 350 -7.60 26.24 -27.75
N GLN A 351 -6.53 26.19 -28.53
CA GLN A 351 -6.54 25.51 -29.81
C GLN A 351 -6.33 24.01 -29.61
N LEU A 352 -7.20 23.20 -30.19
CA LEU A 352 -7.07 21.75 -30.14
C LEU A 352 -5.72 21.32 -30.72
N TYR A 353 -5.00 20.48 -29.97
CA TYR A 353 -3.68 19.98 -30.34
C TYR A 353 -2.63 21.08 -30.40
N GLY A 354 -2.90 22.24 -29.79
CA GLY A 354 -1.96 23.35 -29.82
C GLY A 354 -0.73 23.14 -28.97
N ARG A 355 -0.82 22.27 -27.95
CA ARG A 355 0.28 21.98 -27.03
C ARG A 355 0.74 23.23 -26.28
N PHE A 356 -0.24 24.01 -25.83
CA PHE A 356 0.02 25.09 -24.88
C PHE A 356 0.79 24.55 -23.68
N GLY A 357 1.90 25.19 -23.35
CA GLY A 357 2.77 24.72 -22.29
C GLY A 357 3.94 23.87 -22.73
N SER A 358 4.19 23.75 -24.04
CA SER A 358 5.34 22.96 -24.51
C SER A 358 6.66 23.60 -24.11
N ALA A 359 6.71 24.93 -24.02
CA ALA A 359 7.89 25.65 -23.57
C ALA A 359 7.45 26.84 -22.74
N ILE A 360 8.18 27.12 -21.67
CA ILE A 360 7.87 28.22 -20.75
C ILE A 360 9.16 28.99 -20.49
N ALA A 361 9.20 30.26 -20.91
CA ALA A 361 10.41 31.05 -20.79
C ALA A 361 10.19 32.19 -19.80
N PRO A 362 11.01 32.29 -18.76
CA PRO A 362 11.05 33.53 -17.98
C PRO A 362 11.51 34.69 -18.86
N LEU A 363 10.80 35.81 -18.78
CA LEU A 363 11.10 36.98 -19.59
C LEU A 363 11.84 38.06 -18.80
N GLY A 364 12.03 37.89 -17.50
CA GLY A 364 12.43 39.05 -16.73
C GLY A 364 11.21 39.94 -16.57
N ASP A 365 11.46 41.20 -16.25
CA ASP A 365 10.39 42.20 -16.17
C ASP A 365 10.30 42.89 -17.52
N LEU A 366 9.29 42.51 -18.31
CA LEU A 366 9.21 42.98 -19.69
C LEU A 366 8.73 44.42 -19.77
N ASP A 367 7.69 44.76 -19.00
CA ASP A 367 7.13 46.09 -19.01
C ASP A 367 7.70 46.99 -17.92
N ARG A 368 8.65 46.48 -17.13
CA ARG A 368 9.40 47.29 -16.16
C ARG A 368 8.48 47.83 -15.05
N ASP A 369 7.58 46.99 -14.55
CA ASP A 369 6.68 47.38 -13.48
C ASP A 369 7.06 46.81 -12.12
N GLY A 370 8.14 46.01 -12.05
CA GLY A 370 8.58 45.41 -10.81
C GLY A 370 8.22 43.96 -10.65
N TYR A 371 7.49 43.37 -11.60
CA TYR A 371 7.09 41.97 -11.54
C TYR A 371 7.60 41.25 -12.78
N ASN A 372 8.22 40.09 -12.57
CA ASN A 372 8.73 39.30 -13.68
C ASN A 372 7.58 38.62 -14.41
N ASP A 373 7.75 38.43 -15.71
CA ASP A 373 6.73 37.92 -16.60
C ASP A 373 7.24 36.68 -17.32
N ILE A 374 6.36 36.00 -18.04
CA ILE A 374 6.72 34.76 -18.72
C ILE A 374 6.11 34.74 -20.12
N ALA A 375 6.65 33.85 -20.95
CA ALA A 375 6.10 33.51 -22.25
C ALA A 375 5.81 32.01 -22.30
N VAL A 376 4.64 31.66 -22.81
CA VAL A 376 4.22 30.26 -22.93
C VAL A 376 4.01 29.96 -24.41
N ALA A 377 4.60 28.86 -24.86
CA ALA A 377 4.51 28.45 -26.25
C ALA A 377 3.32 27.52 -26.47
N ALA A 378 2.69 27.66 -27.62
CA ALA A 378 1.71 26.71 -28.15
C ALA A 378 2.14 26.47 -29.58
N PRO A 379 3.10 25.56 -29.81
CA PRO A 379 3.76 25.48 -31.12
C PRO A 379 2.86 25.06 -32.26
N TYR A 380 1.64 24.59 -31.96
CA TYR A 380 0.66 24.30 -32.99
C TYR A 380 -0.66 24.99 -32.65
N GLY A 381 -0.59 26.08 -31.90
CA GLY A 381 -1.77 26.84 -31.53
C GLY A 381 -2.07 27.95 -32.51
N GLY A 382 -2.98 28.83 -32.10
CA GLY A 382 -3.47 29.88 -32.97
C GLY A 382 -4.62 29.38 -33.83
N PRO A 383 -5.41 30.31 -34.37
CA PRO A 383 -6.58 29.90 -35.16
C PRO A 383 -6.22 29.15 -36.44
N SER A 384 -4.98 29.30 -36.93
CA SER A 384 -4.52 28.57 -38.11
C SER A 384 -3.72 27.32 -37.76
N GLY A 385 -3.34 27.13 -36.50
CA GLY A 385 -2.50 26.02 -36.13
C GLY A 385 -1.02 26.19 -36.45
N ARG A 386 -0.58 27.40 -36.80
CA ARG A 386 0.82 27.63 -37.13
C ARG A 386 1.70 27.81 -35.90
N GLY A 387 1.11 28.08 -34.75
CA GLY A 387 1.89 28.28 -33.54
C GLY A 387 1.69 29.66 -32.95
N GLN A 388 1.73 29.75 -31.62
CA GLN A 388 1.54 31.00 -30.91
C GLN A 388 2.41 31.03 -29.67
N VAL A 389 2.86 32.23 -29.29
CA VAL A 389 3.57 32.47 -28.05
C VAL A 389 2.79 33.53 -27.29
N LEU A 390 2.40 33.20 -26.05
CA LEU A 390 1.55 34.05 -25.23
C LEU A 390 2.34 34.58 -24.05
N VAL A 391 2.25 35.90 -23.83
CA VAL A 391 2.95 36.58 -22.74
C VAL A 391 1.96 36.79 -21.60
N PHE A 392 2.34 36.34 -20.40
CA PHE A 392 1.57 36.57 -19.18
C PHE A 392 2.42 37.39 -18.22
N LEU A 393 1.83 38.43 -17.65
CA LEU A 393 2.55 39.38 -16.83
C LEU A 393 2.43 39.03 -15.35
N GLY A 394 3.53 39.18 -14.62
CA GLY A 394 3.49 39.01 -13.18
C GLY A 394 2.70 40.11 -12.50
N GLN A 395 2.29 39.82 -11.28
CA GLN A 395 1.55 40.77 -10.45
C GLN A 395 1.78 40.39 -8.99
N SER A 396 1.18 41.16 -8.09
CA SER A 396 1.40 40.93 -6.66
C SER A 396 0.91 39.56 -6.22
N GLU A 397 -0.12 39.03 -6.89
CA GLU A 397 -0.73 37.77 -6.48
C GLU A 397 -0.36 36.60 -7.40
N GLY A 398 0.69 36.75 -8.21
CA GLY A 398 1.11 35.68 -9.10
C GLY A 398 1.23 36.12 -10.54
N LEU A 399 0.35 35.62 -11.40
CA LEU A 399 0.33 35.99 -12.80
C LEU A 399 -1.07 36.44 -13.18
N ARG A 400 -1.15 37.20 -14.27
CA ARG A 400 -2.43 37.50 -14.88
C ARG A 400 -2.99 36.24 -15.55
N SER A 401 -4.31 36.07 -15.47
CA SER A 401 -4.94 34.92 -16.08
C SER A 401 -5.10 35.05 -17.59
N ARG A 402 -5.09 36.27 -18.10
CA ARG A 402 -5.20 36.48 -19.53
C ARG A 402 -3.90 37.02 -20.10
N PRO A 403 -3.54 36.65 -21.33
CA PRO A 403 -2.27 37.11 -21.89
C PRO A 403 -2.30 38.60 -22.21
N SER A 404 -1.14 39.24 -22.06
CA SER A 404 -0.99 40.64 -22.39
C SER A 404 -0.62 40.88 -23.85
N GLN A 405 -0.15 39.84 -24.54
CA GLN A 405 0.29 39.94 -25.92
C GLN A 405 0.41 38.54 -26.48
N VAL A 406 0.05 38.37 -27.75
CA VAL A 406 0.08 37.06 -28.40
C VAL A 406 0.86 37.21 -29.70
N LEU A 407 1.94 36.44 -29.83
CA LEU A 407 2.77 36.47 -31.03
C LEU A 407 2.36 35.32 -31.94
N ASP A 408 1.84 35.66 -33.12
CA ASP A 408 1.49 34.66 -34.12
C ASP A 408 2.70 34.34 -34.98
N SER A 409 2.88 33.06 -35.28
CA SER A 409 4.05 32.61 -36.01
C SER A 409 4.15 33.32 -37.37
N PRO A 410 5.32 33.85 -37.72
CA PRO A 410 5.51 34.38 -39.08
C PRO A 410 5.88 33.31 -40.10
N PHE A 411 6.10 32.07 -39.66
CA PHE A 411 6.58 31.01 -40.52
C PHE A 411 5.42 30.21 -41.08
N PRO A 412 5.66 29.31 -42.03
CA PRO A 412 4.57 28.49 -42.59
C PRO A 412 4.17 27.38 -41.61
N THR A 413 3.18 26.59 -42.04
CA THR A 413 2.67 25.49 -41.23
C THR A 413 3.78 24.48 -40.95
N GLY A 414 3.78 23.94 -39.74
CA GLY A 414 4.72 22.91 -39.37
C GLY A 414 6.06 23.42 -38.87
N SER A 415 6.22 24.73 -38.71
CA SER A 415 7.49 25.26 -38.24
C SER A 415 7.76 24.94 -36.78
N ALA A 416 6.73 24.53 -36.03
CA ALA A 416 6.84 24.32 -34.59
C ALA A 416 7.32 25.58 -33.88
N PHE A 417 6.80 26.72 -34.33
CA PHE A 417 7.14 28.03 -33.77
C PHE A 417 6.90 28.07 -32.26
N GLY A 418 7.95 28.35 -31.50
CA GLY A 418 7.87 28.38 -30.05
C GLY A 418 8.33 27.11 -29.36
N PHE A 419 8.65 26.05 -30.11
CA PHE A 419 9.13 24.82 -29.50
C PHE A 419 10.31 25.07 -28.57
N SER A 420 11.11 26.10 -28.86
CA SER A 420 12.18 26.54 -27.97
C SER A 420 12.04 28.04 -27.75
N LEU A 421 12.26 28.47 -26.51
CA LEU A 421 12.14 29.88 -26.15
C LEU A 421 13.31 30.26 -25.27
N ARG A 422 13.59 31.56 -25.22
CA ARG A 422 14.55 32.11 -24.26
C ARG A 422 14.33 33.60 -24.16
N GLY A 423 14.28 34.12 -22.93
CA GLY A 423 14.11 35.54 -22.72
C GLY A 423 14.96 36.09 -21.60
N ALA A 424 14.57 37.24 -21.05
CA ALA A 424 15.22 37.86 -19.90
C ALA A 424 16.65 38.32 -20.20
N VAL A 425 16.95 38.63 -21.45
CA VAL A 425 18.25 39.18 -21.83
C VAL A 425 18.02 40.32 -22.81
N ASP A 426 18.76 41.42 -22.61
CA ASP A 426 18.64 42.63 -23.43
C ASP A 426 19.72 42.57 -24.52
N ILE A 427 19.30 42.23 -25.74
CA ILE A 427 20.27 41.95 -26.80
C ILE A 427 20.70 43.20 -27.57
N ASP A 428 19.81 44.18 -27.75
CA ASP A 428 20.16 45.42 -28.42
C ASP A 428 20.56 46.52 -27.45
N ASP A 429 20.54 46.23 -26.15
CA ASP A 429 20.99 47.16 -25.12
C ASP A 429 20.15 48.44 -25.10
N ASN A 430 18.83 48.27 -25.08
CA ASN A 430 17.90 49.39 -25.01
C ASN A 430 17.23 49.49 -23.64
N GLY A 431 17.66 48.69 -22.67
CA GLY A 431 17.08 48.71 -21.35
C GLY A 431 15.93 47.76 -21.12
N TYR A 432 15.50 47.03 -22.15
CA TYR A 432 14.36 46.14 -22.07
C TYR A 432 14.75 44.72 -22.48
N PRO A 433 14.29 43.70 -21.75
CA PRO A 433 14.69 42.33 -22.08
C PRO A 433 13.89 41.78 -23.26
N ASP A 434 14.56 41.00 -24.08
CA ASP A 434 14.04 40.57 -25.37
C ASP A 434 13.81 39.06 -25.38
N LEU A 435 13.20 38.59 -26.47
CA LEU A 435 12.73 37.20 -26.59
C LEU A 435 13.17 36.63 -27.92
N ILE A 436 13.87 35.49 -27.87
CA ILE A 436 14.23 34.72 -29.06
C ILE A 436 13.35 33.48 -29.10
N VAL A 437 12.83 33.16 -30.28
CA VAL A 437 11.89 32.06 -30.47
C VAL A 437 12.43 31.15 -31.57
N GLY A 438 12.47 29.85 -31.29
CA GLY A 438 12.94 28.89 -32.27
C GLY A 438 11.78 28.28 -33.06
N ALA A 439 12.03 28.02 -34.35
CA ALA A 439 11.08 27.36 -35.23
C ALA A 439 11.88 26.36 -36.07
N TYR A 440 12.22 25.23 -35.46
CA TYR A 440 13.10 24.26 -36.10
C TYR A 440 12.46 23.65 -37.35
N GLY A 441 11.13 23.67 -37.45
CA GLY A 441 10.49 23.19 -38.66
C GLY A 441 10.83 24.05 -39.87
N ALA A 442 10.91 25.36 -39.67
CA ALA A 442 11.33 26.29 -40.71
C ALA A 442 12.82 26.58 -40.68
N ASN A 443 13.57 25.95 -39.78
CA ASN A 443 15.03 26.12 -39.68
C ASN A 443 15.40 27.58 -39.44
N GLN A 444 14.63 28.28 -38.59
CA GLN A 444 14.84 29.69 -38.37
C GLN A 444 14.60 30.05 -36.91
N VAL A 445 15.13 31.21 -36.53
CA VAL A 445 14.93 31.80 -35.20
C VAL A 445 14.45 33.23 -35.39
N ALA A 446 13.38 33.59 -34.71
CA ALA A 446 12.86 34.96 -34.73
C ALA A 446 13.21 35.65 -33.42
N VAL A 447 13.70 36.88 -33.52
CA VAL A 447 14.06 37.68 -32.35
C VAL A 447 13.02 38.79 -32.21
N TYR A 448 12.36 38.85 -31.06
CA TYR A 448 11.41 39.89 -30.72
C TYR A 448 12.07 40.87 -29.77
N ARG A 449 12.17 42.13 -30.19
CA ARG A 449 12.76 43.16 -29.35
C ARG A 449 11.68 43.87 -28.56
N ALA A 450 11.93 44.07 -27.27
CA ALA A 450 11.00 44.81 -26.42
C ALA A 450 11.23 46.30 -26.55
N GLN A 451 10.15 47.06 -26.45
CA GLN A 451 10.15 48.50 -26.66
C GLN A 451 9.46 49.18 -25.49
N PRO A 452 9.65 50.50 -25.35
CA PRO A 452 8.94 51.23 -24.29
C PRO A 452 7.43 51.01 -24.37
N VAL A 453 6.79 51.00 -23.21
CA VAL A 453 5.40 50.60 -23.12
C VAL A 453 4.50 51.69 -23.71
N VAL A 454 3.62 51.29 -24.62
CA VAL A 454 2.67 52.21 -25.24
C VAL A 454 1.32 52.11 -24.56
N GLY B 1 -61.53 40.19 -22.14
CA GLY B 1 -60.78 41.33 -21.64
C GLY B 1 -59.41 41.48 -22.28
N PRO B 2 -58.70 42.55 -21.94
CA PRO B 2 -57.37 42.77 -22.52
C PRO B 2 -56.39 41.69 -22.08
N ASN B 3 -55.34 41.52 -22.88
CA ASN B 3 -54.32 40.52 -22.63
C ASN B 3 -52.98 41.06 -23.10
N ILE B 4 -51.95 40.21 -23.00
CA ILE B 4 -50.62 40.60 -23.46
C ILE B 4 -50.60 40.89 -24.96
N CYS B 5 -51.57 40.36 -25.71
CA CYS B 5 -51.61 40.60 -27.15
C CYS B 5 -52.05 42.04 -27.44
N THR B 6 -53.10 42.52 -26.76
CA THR B 6 -53.59 43.87 -27.00
C THR B 6 -52.82 44.92 -26.20
N THR B 7 -52.55 44.64 -24.92
CA THR B 7 -51.91 45.62 -24.06
C THR B 7 -50.53 46.01 -24.57
N ARG B 8 -49.86 45.11 -25.29
CA ARG B 8 -48.57 45.46 -25.88
C ARG B 8 -48.69 46.55 -26.95
N GLY B 9 -49.88 46.68 -27.56
CA GLY B 9 -50.08 47.71 -28.57
C GLY B 9 -49.15 47.56 -29.77
N VAL B 10 -49.22 46.41 -30.43
CA VAL B 10 -48.31 46.09 -31.52
C VAL B 10 -48.62 46.97 -32.72
N SER B 11 -47.72 46.95 -33.72
CA SER B 11 -47.86 47.79 -34.90
C SER B 11 -48.14 47.01 -36.18
N SER B 12 -47.77 45.74 -36.26
CA SER B 12 -47.92 44.97 -37.48
C SER B 12 -48.29 43.53 -37.15
N CYS B 13 -48.53 42.75 -38.21
CA CYS B 13 -48.85 41.33 -38.03
C CYS B 13 -47.65 40.58 -37.46
N GLN B 14 -46.46 40.85 -37.99
CA GLN B 14 -45.25 40.17 -37.53
C GLN B 14 -45.01 40.44 -36.05
N GLN B 15 -45.12 41.71 -35.64
CA GLN B 15 -44.93 42.05 -34.23
C GLN B 15 -45.99 41.39 -33.36
N CYS B 16 -47.19 41.16 -33.90
CA CYS B 16 -48.26 40.54 -33.12
C CYS B 16 -47.92 39.09 -32.78
N LEU B 17 -47.45 38.33 -33.78
CA LEU B 17 -47.10 36.94 -33.54
C LEU B 17 -45.89 36.79 -32.62
N ALA B 18 -45.04 37.81 -32.54
CA ALA B 18 -43.85 37.75 -31.70
C ALA B 18 -44.14 38.00 -30.22
N VAL B 19 -45.33 38.49 -29.88
CA VAL B 19 -45.66 38.75 -28.48
C VAL B 19 -45.72 37.45 -27.70
N SER B 20 -46.54 36.51 -28.17
CA SER B 20 -46.77 35.26 -27.45
C SER B 20 -47.30 34.23 -28.44
N PRO B 21 -47.03 32.94 -28.23
CA PRO B 21 -47.55 31.92 -29.15
C PRO B 21 -49.07 31.86 -29.22
N MET B 22 -49.78 32.50 -28.30
CA MET B 22 -51.23 32.48 -28.28
C MET B 22 -51.86 33.62 -29.06
N CYS B 23 -51.08 34.59 -29.52
CA CYS B 23 -51.65 35.76 -30.18
C CYS B 23 -51.92 35.49 -31.66
N ALA B 24 -52.97 36.12 -32.17
CA ALA B 24 -53.37 36.03 -33.56
C ALA B 24 -53.65 37.43 -34.10
N TRP B 25 -53.68 37.55 -35.42
CA TRP B 25 -53.83 38.82 -36.09
C TRP B 25 -54.99 38.75 -37.09
N CYS B 26 -55.75 39.83 -37.17
CA CYS B 26 -56.89 39.95 -38.08
C CYS B 26 -56.53 40.92 -39.20
N SER B 27 -56.52 40.44 -40.44
CA SER B 27 -56.18 41.23 -41.61
C SER B 27 -57.41 41.79 -42.32
N ASP B 28 -58.57 41.74 -41.67
CA ASP B 28 -59.81 42.19 -42.30
C ASP B 28 -59.86 43.72 -42.39
N GLU B 29 -60.54 44.21 -43.42
CA GLU B 29 -60.74 45.65 -43.56
C GLU B 29 -61.83 46.16 -42.63
N ALA B 30 -62.99 45.49 -42.61
CA ALA B 30 -64.13 45.91 -41.80
C ALA B 30 -63.88 45.54 -40.34
N LEU B 31 -63.08 46.36 -39.67
CA LEU B 31 -62.76 46.18 -38.27
C LEU B 31 -62.87 47.53 -37.60
N PRO B 32 -63.53 47.63 -36.45
CA PRO B 32 -63.69 48.93 -35.79
C PRO B 32 -62.36 49.58 -35.46
N LEU B 33 -62.38 50.91 -35.36
CA LEU B 33 -61.16 51.65 -35.08
C LEU B 33 -60.59 51.32 -33.71
N GLY B 34 -61.44 51.26 -32.68
CA GLY B 34 -60.96 50.98 -31.34
C GLY B 34 -60.63 49.53 -31.10
N SER B 35 -61.24 48.61 -31.85
CA SER B 35 -60.99 47.20 -31.65
C SER B 35 -59.57 46.85 -32.09
N PRO B 36 -58.80 46.15 -31.25
CA PRO B 36 -57.45 45.75 -31.65
C PRO B 36 -57.46 44.60 -32.63
N ARG B 37 -56.45 44.58 -33.49
CA ARG B 37 -56.28 43.52 -34.48
C ARG B 37 -55.45 42.35 -33.96
N CYS B 38 -54.83 42.50 -32.79
CA CYS B 38 -53.94 41.49 -32.23
C CYS B 38 -54.55 40.99 -30.93
N ASP B 39 -55.22 39.85 -30.98
CA ASP B 39 -55.90 39.30 -29.82
C ASP B 39 -55.91 37.78 -29.93
N LEU B 40 -56.52 37.12 -28.95
CA LEU B 40 -56.75 35.69 -29.05
C LEU B 40 -57.62 35.38 -30.26
N LYS B 41 -57.39 34.22 -30.86
CA LYS B 41 -58.19 33.83 -32.03
C LYS B 41 -59.68 33.74 -31.68
N GLU B 42 -60.00 33.40 -30.43
CA GLU B 42 -61.39 33.41 -30.00
C GLU B 42 -61.97 34.83 -30.00
N ASN B 43 -61.20 35.78 -29.46
CA ASN B 43 -61.71 37.15 -29.34
C ASN B 43 -61.88 37.81 -30.71
N LEU B 44 -61.06 37.45 -31.69
CA LEU B 44 -61.20 38.04 -33.02
C LEU B 44 -62.46 37.56 -33.71
N LEU B 45 -62.70 36.24 -33.71
CA LEU B 45 -63.96 35.71 -34.21
C LEU B 45 -65.15 36.29 -33.46
N LYS B 46 -64.98 36.56 -32.16
CA LYS B 46 -66.03 37.20 -31.39
C LYS B 46 -66.32 38.62 -31.89
N ASP B 47 -65.30 39.30 -32.44
CA ASP B 47 -65.46 40.63 -33.01
C ASP B 47 -65.72 40.60 -34.51
N ASN B 48 -66.37 39.54 -35.00
CA ASN B 48 -66.80 39.45 -36.39
C ASN B 48 -65.64 39.56 -37.39
N CYS B 49 -64.46 39.04 -37.02
CA CYS B 49 -63.34 39.03 -37.95
C CYS B 49 -63.50 37.90 -38.95
N ALA B 50 -63.21 38.20 -40.21
CA ALA B 50 -63.32 37.20 -41.27
C ALA B 50 -62.36 36.05 -41.00
N PRO B 51 -62.85 34.80 -40.94
CA PRO B 51 -61.95 33.69 -40.60
C PRO B 51 -60.77 33.52 -41.55
N GLU B 52 -60.92 33.94 -42.81
CA GLU B 52 -59.81 33.81 -43.75
C GLU B 52 -58.70 34.82 -43.48
N SER B 53 -59.04 35.97 -42.90
CA SER B 53 -58.08 37.02 -42.59
C SER B 53 -57.38 36.81 -41.27
N ILE B 54 -57.58 35.68 -40.61
CA ILE B 54 -56.99 35.40 -39.31
C ILE B 54 -55.66 34.71 -39.51
N GLU B 55 -54.58 35.37 -39.10
CA GLU B 55 -53.23 34.79 -39.12
C GLU B 55 -52.94 34.23 -37.74
N PHE B 56 -52.92 32.90 -37.63
CA PHE B 56 -52.65 32.24 -36.36
C PHE B 56 -51.92 30.93 -36.63
N PRO B 57 -50.60 30.98 -36.77
CA PRO B 57 -49.83 29.74 -36.94
C PRO B 57 -49.80 28.92 -35.66
N VAL B 58 -49.82 27.60 -35.81
CA VAL B 58 -49.76 26.66 -34.70
C VAL B 58 -48.51 25.81 -34.85
N SER B 59 -47.72 25.73 -33.79
CA SER B 59 -46.52 24.90 -33.82
C SER B 59 -46.91 23.43 -33.86
N GLU B 60 -46.37 22.71 -34.84
CA GLU B 60 -46.71 21.31 -35.06
C GLU B 60 -45.43 20.49 -35.24
N ALA B 61 -45.61 19.19 -35.47
CA ALA B 61 -44.49 18.28 -35.70
C ALA B 61 -45.05 17.04 -36.39
N ARG B 62 -44.73 16.87 -37.67
CA ARG B 62 -45.22 15.74 -38.44
C ARG B 62 -44.06 14.94 -39.00
N VAL B 63 -44.22 13.62 -39.01
CA VAL B 63 -43.18 12.73 -39.50
C VAL B 63 -43.18 12.73 -41.02
N LEU B 64 -41.99 12.53 -41.59
CA LEU B 64 -41.82 12.35 -43.03
C LEU B 64 -41.34 10.96 -43.40
N GLU B 65 -40.46 10.39 -42.59
CA GLU B 65 -39.98 9.02 -42.76
C GLU B 65 -40.19 8.28 -41.44
N ASP B 66 -40.96 7.20 -41.48
CA ASP B 66 -41.29 6.43 -40.29
C ASP B 66 -41.20 4.93 -40.60
N ARG B 67 -40.02 4.51 -41.06
CA ARG B 67 -39.78 3.09 -41.30
C ARG B 67 -39.90 2.32 -39.99
N PRO B 68 -40.48 1.13 -40.01
CA PRO B 68 -40.54 0.32 -38.78
C PRO B 68 -39.17 -0.16 -38.37
N LEU B 69 -38.99 -0.32 -37.07
CA LEU B 69 -37.74 -0.88 -36.56
C LEU B 69 -37.60 -2.33 -37.00
N SER B 70 -36.40 -2.70 -37.40
CA SER B 70 -36.14 -4.04 -37.92
C SER B 70 -36.12 -5.05 -36.78
N ASP B 71 -36.67 -6.25 -37.06
CA ASP B 71 -36.58 -7.34 -36.10
C ASP B 71 -35.21 -8.03 -36.17
N LYS B 72 -34.56 -7.99 -37.34
CA LYS B 72 -33.29 -8.66 -37.54
C LYS B 72 -32.38 -7.78 -38.36
N GLY B 73 -31.13 -7.65 -37.91
CA GLY B 73 -30.09 -7.01 -38.69
C GLY B 73 -29.43 -7.92 -39.69
N SER B 74 -29.83 -9.19 -39.71
CA SER B 74 -29.29 -10.14 -40.66
C SER B 74 -29.74 -9.79 -42.09
N GLY B 75 -28.87 -10.08 -43.05
CA GLY B 75 -29.19 -9.89 -44.45
C GLY B 75 -29.42 -8.43 -44.79
N ASP B 76 -30.23 -8.23 -45.84
CA ASP B 76 -30.58 -6.90 -46.36
C ASP B 76 -29.37 -6.16 -46.91
N SER B 77 -29.62 -5.21 -47.81
CA SER B 77 -28.58 -4.34 -48.35
C SER B 77 -28.33 -3.19 -47.38
N SER B 78 -28.04 -3.58 -46.14
CA SER B 78 -27.88 -2.65 -45.02
C SER B 78 -29.12 -1.77 -44.87
N GLN B 79 -30.28 -2.34 -45.20
CA GLN B 79 -31.57 -1.67 -45.09
C GLN B 79 -32.14 -1.76 -43.68
N VAL B 80 -31.30 -2.07 -42.69
CA VAL B 80 -31.78 -2.22 -41.32
C VAL B 80 -32.16 -0.87 -40.76
N THR B 81 -33.26 -0.83 -40.01
CA THR B 81 -33.74 0.38 -39.35
C THR B 81 -33.55 0.21 -37.85
N GLN B 82 -32.67 1.03 -37.27
CA GLN B 82 -32.45 1.04 -35.83
C GLN B 82 -33.07 2.23 -35.12
N VAL B 83 -33.40 3.29 -35.84
CA VAL B 83 -33.98 4.51 -35.28
C VAL B 83 -35.29 4.80 -36.02
N SER B 84 -36.32 5.16 -35.26
CA SER B 84 -37.61 5.51 -35.85
C SER B 84 -38.26 6.61 -35.01
N PRO B 85 -38.79 7.67 -35.62
CA PRO B 85 -38.77 7.89 -37.07
C PRO B 85 -37.41 8.37 -37.55
N GLN B 86 -37.18 8.31 -38.87
CA GLN B 86 -35.90 8.71 -39.43
C GLN B 86 -35.85 10.17 -39.86
N ARG B 87 -37.02 10.81 -39.98
CA ARG B 87 -37.07 12.20 -40.41
C ARG B 87 -38.43 12.77 -40.05
N ILE B 88 -38.43 13.98 -39.49
CA ILE B 88 -39.66 14.69 -39.14
C ILE B 88 -39.54 16.14 -39.59
N ALA B 89 -40.68 16.78 -39.77
CA ALA B 89 -40.77 18.21 -40.03
C ALA B 89 -41.25 18.91 -38.79
N LEU B 90 -40.53 19.95 -38.36
CA LEU B 90 -40.84 20.68 -37.15
C LEU B 90 -41.13 22.13 -37.50
N ARG B 91 -42.23 22.67 -36.97
CA ARG B 91 -42.63 24.04 -37.18
C ARG B 91 -42.78 24.74 -35.85
N LEU B 92 -42.18 25.92 -35.71
CA LEU B 92 -42.16 26.64 -34.45
C LEU B 92 -42.36 28.13 -34.71
N ARG B 93 -43.26 28.74 -33.94
CA ARG B 93 -43.42 30.19 -33.94
C ARG B 93 -42.62 30.78 -32.78
N PRO B 94 -42.33 32.10 -32.81
CA PRO B 94 -41.36 32.67 -31.86
C PRO B 94 -41.66 32.33 -30.41
N ASP B 95 -40.60 31.99 -29.68
CA ASP B 95 -40.63 31.71 -28.24
C ASP B 95 -41.59 30.57 -27.88
N ASP B 96 -41.88 29.69 -28.83
CA ASP B 96 -42.77 28.56 -28.62
C ASP B 96 -41.97 27.27 -28.58
N SER B 97 -42.66 26.17 -28.25
CA SER B 97 -42.00 24.88 -28.15
C SER B 97 -42.98 23.77 -28.50
N LYS B 98 -42.48 22.80 -29.28
CA LYS B 98 -43.22 21.60 -29.64
C LYS B 98 -42.39 20.39 -29.26
N ASN B 99 -43.04 19.24 -29.11
CA ASN B 99 -42.36 18.02 -28.68
C ASN B 99 -42.63 16.87 -29.63
N PHE B 100 -41.66 15.97 -29.71
CA PHE B 100 -41.72 14.78 -30.54
C PHE B 100 -41.00 13.65 -29.80
N SER B 101 -40.95 12.49 -30.43
CA SER B 101 -40.34 11.31 -29.81
C SER B 101 -39.39 10.63 -30.78
N ILE B 102 -38.64 9.67 -30.26
CA ILE B 102 -37.70 8.88 -31.05
C ILE B 102 -37.56 7.51 -30.40
N GLN B 103 -37.49 6.48 -31.24
CA GLN B 103 -37.31 5.11 -30.78
C GLN B 103 -35.96 4.59 -31.23
N VAL B 104 -35.25 3.92 -30.32
CA VAL B 104 -33.95 3.32 -30.60
C VAL B 104 -34.01 1.85 -30.21
N ARG B 105 -33.50 0.98 -31.08
CA ARG B 105 -33.46 -0.45 -30.82
C ARG B 105 -32.05 -0.97 -31.06
N GLN B 106 -31.59 -1.81 -30.13
CA GLN B 106 -30.37 -2.59 -30.33
C GLN B 106 -30.77 -3.82 -31.13
N VAL B 107 -30.65 -3.71 -32.45
CA VAL B 107 -31.23 -4.71 -33.35
C VAL B 107 -30.51 -6.05 -33.18
N GLU B 108 -31.28 -7.13 -33.29
CA GLU B 108 -30.74 -8.48 -33.12
C GLU B 108 -30.12 -8.98 -34.41
N ASP B 109 -29.01 -9.71 -34.28
CA ASP B 109 -28.32 -10.35 -35.40
C ASP B 109 -27.69 -9.32 -36.35
N TYR B 110 -26.97 -8.36 -35.77
CA TYR B 110 -26.27 -7.32 -36.51
C TYR B 110 -24.83 -7.75 -36.80
N PRO B 111 -24.33 -7.48 -38.01
CA PRO B 111 -22.98 -7.93 -38.37
C PRO B 111 -21.91 -7.34 -37.47
N VAL B 112 -20.81 -8.07 -37.33
CA VAL B 112 -19.74 -7.73 -36.40
C VAL B 112 -18.40 -7.90 -37.09
N ASP B 113 -17.54 -6.88 -37.00
CA ASP B 113 -16.14 -6.97 -37.34
C ASP B 113 -15.32 -7.05 -36.06
N ILE B 114 -14.35 -7.96 -36.02
CA ILE B 114 -13.43 -8.08 -34.90
C ILE B 114 -12.01 -8.15 -35.45
N TYR B 115 -11.23 -7.10 -35.25
CA TYR B 115 -9.83 -7.08 -35.61
C TYR B 115 -8.99 -7.31 -34.37
N TYR B 116 -8.16 -8.34 -34.39
CA TYR B 116 -7.34 -8.75 -33.25
C TYR B 116 -5.97 -8.11 -33.39
N LEU B 117 -5.67 -7.16 -32.50
CA LEU B 117 -4.40 -6.42 -32.51
C LEU B 117 -3.58 -6.88 -31.33
N MET B 118 -2.48 -7.59 -31.62
CA MET B 118 -1.79 -8.38 -30.60
C MET B 118 -0.36 -7.89 -30.38
N ASP B 119 -0.04 -7.63 -29.11
CA ASP B 119 1.35 -7.50 -28.68
C ASP B 119 2.11 -8.78 -29.01
N LEU B 120 3.21 -8.65 -29.75
CA LEU B 120 4.05 -9.79 -30.09
C LEU B 120 5.49 -9.58 -29.64
N SER B 121 5.69 -8.88 -28.52
CA SER B 121 7.00 -8.91 -27.88
C SER B 121 7.16 -10.24 -27.13
N TYR B 122 8.36 -10.48 -26.62
CA TYR B 122 8.80 -11.84 -26.28
C TYR B 122 7.89 -12.50 -25.24
N SER B 123 7.28 -11.72 -24.35
CA SER B 123 6.45 -12.31 -23.30
C SER B 123 5.13 -12.84 -23.81
N MET B 124 4.81 -12.64 -25.08
CA MET B 124 3.56 -13.12 -25.68
C MET B 124 3.76 -14.40 -26.46
N LYS B 125 4.93 -15.04 -26.32
CA LYS B 125 5.20 -16.28 -27.04
C LYS B 125 4.19 -17.36 -26.65
N ASP B 126 3.97 -17.55 -25.34
N ASP B 126 3.97 -17.55 -25.35
CA ASP B 126 2.98 -18.51 -24.89
CA ASP B 126 2.98 -18.52 -24.90
C ASP B 126 1.56 -18.08 -25.25
C ASP B 126 1.56 -18.08 -25.25
N ASP B 127 1.32 -16.77 -25.40
CA ASP B 127 0.01 -16.30 -25.80
C ASP B 127 -0.33 -16.72 -27.23
N LEU B 128 0.66 -16.64 -28.12
CA LEU B 128 0.46 -17.05 -29.51
C LEU B 128 -0.02 -18.49 -29.60
N TRP B 129 0.49 -19.36 -28.73
CA TRP B 129 0.17 -20.78 -28.81
C TRP B 129 -1.26 -21.05 -28.41
N SER B 130 -1.81 -20.26 -27.48
N SER B 130 -1.81 -20.27 -27.47
CA SER B 130 -3.15 -20.54 -26.95
CA SER B 130 -3.15 -20.54 -26.95
C SER B 130 -4.27 -20.05 -27.86
C SER B 130 -4.26 -20.06 -27.86
N ILE B 131 -3.98 -19.15 -28.80
CA ILE B 131 -4.99 -18.60 -29.68
C ILE B 131 -4.95 -19.22 -31.08
N GLN B 132 -4.26 -20.35 -31.25
CA GLN B 132 -4.11 -20.94 -32.58
C GLN B 132 -5.42 -21.47 -33.14
N ASN B 133 -6.42 -21.73 -32.28
CA ASN B 133 -7.74 -22.13 -32.71
C ASN B 133 -8.79 -21.09 -32.37
N LEU B 134 -8.37 -19.86 -32.05
CA LEU B 134 -9.31 -18.83 -31.63
C LEU B 134 -10.30 -18.49 -32.73
N GLY B 135 -9.85 -18.45 -33.99
CA GLY B 135 -10.74 -18.10 -35.08
C GLY B 135 -11.95 -19.02 -35.18
N THR B 136 -11.75 -20.31 -34.98
CA THR B 136 -12.88 -21.25 -35.04
C THR B 136 -13.66 -21.26 -33.74
N LYS B 137 -12.97 -21.22 -32.59
CA LYS B 137 -13.67 -21.14 -31.31
C LYS B 137 -14.51 -19.88 -31.23
N LEU B 138 -13.96 -18.75 -31.69
CA LEU B 138 -14.69 -17.48 -31.63
C LEU B 138 -15.88 -17.49 -32.59
N ALA B 139 -15.74 -18.13 -33.76
CA ALA B 139 -16.84 -18.21 -34.69
C ALA B 139 -17.98 -19.07 -34.15
N THR B 140 -17.64 -20.12 -33.40
CA THR B 140 -18.67 -20.96 -32.81
C THR B 140 -19.53 -20.18 -31.81
N GLN B 141 -18.90 -19.35 -30.99
CA GLN B 141 -19.64 -18.62 -29.96
C GLN B 141 -20.35 -17.40 -30.54
N MET B 142 -19.70 -16.67 -31.45
CA MET B 142 -20.33 -15.51 -32.06
C MET B 142 -21.48 -15.89 -32.98
N ARG B 143 -21.51 -17.12 -33.47
CA ARG B 143 -22.63 -17.61 -34.26
C ARG B 143 -23.94 -17.52 -33.48
N LYS B 144 -23.88 -17.58 -32.15
CA LYS B 144 -25.07 -17.46 -31.33
C LYS B 144 -25.64 -16.05 -31.31
N LEU B 145 -24.84 -15.05 -31.71
CA LEU B 145 -25.25 -13.65 -31.67
C LEU B 145 -25.38 -13.01 -33.03
N THR B 146 -24.60 -13.44 -34.03
CA THR B 146 -24.64 -12.84 -35.35
C THR B 146 -24.39 -13.91 -36.41
N SER B 147 -24.90 -13.66 -37.60
CA SER B 147 -24.67 -14.54 -38.74
C SER B 147 -23.77 -13.90 -39.79
N ASN B 148 -23.18 -12.74 -39.47
CA ASN B 148 -22.24 -12.04 -40.36
C ASN B 148 -21.02 -11.65 -39.52
N LEU B 149 -20.11 -12.59 -39.31
CA LEU B 149 -18.89 -12.35 -38.56
C LEU B 149 -17.71 -12.23 -39.51
N ARG B 150 -16.83 -11.26 -39.24
CA ARG B 150 -15.57 -11.12 -39.93
C ARG B 150 -14.48 -10.84 -38.91
N ILE B 151 -13.34 -11.50 -39.07
CA ILE B 151 -12.22 -11.34 -38.15
C ILE B 151 -10.93 -11.14 -38.93
N GLY B 152 -10.03 -10.36 -38.34
CA GLY B 152 -8.71 -10.14 -38.88
C GLY B 152 -7.68 -10.05 -37.77
N PHE B 153 -6.41 -9.92 -38.16
CA PHE B 153 -5.31 -10.00 -37.21
C PHE B 153 -4.20 -9.04 -37.60
N GLY B 154 -3.68 -8.34 -36.59
CA GLY B 154 -2.50 -7.53 -36.76
C GLY B 154 -1.63 -7.63 -35.51
N ALA B 155 -0.38 -7.23 -35.66
CA ALA B 155 0.59 -7.40 -34.58
C ALA B 155 1.50 -6.18 -34.50
N PHE B 156 1.94 -5.89 -33.27
CA PHE B 156 2.86 -4.79 -33.02
C PHE B 156 3.90 -5.24 -32.01
N VAL B 157 5.02 -4.52 -32.00
CA VAL B 157 6.00 -4.60 -30.91
C VAL B 157 6.31 -3.19 -30.43
N ASP B 158 7.21 -2.51 -31.13
CA ASP B 158 7.61 -1.15 -30.78
C ASP B 158 8.35 -0.56 -31.97
N LYS B 159 8.68 0.72 -31.86
CA LYS B 159 9.38 1.41 -32.94
C LYS B 159 10.75 0.76 -33.18
N PRO B 160 10.99 0.20 -34.37
CA PRO B 160 12.29 -0.44 -34.62
C PRO B 160 13.43 0.56 -34.75
N VAL B 161 13.86 1.12 -33.63
CA VAL B 161 14.92 2.14 -33.63
C VAL B 161 15.53 2.18 -32.24
N SER B 162 16.83 2.41 -32.18
CA SER B 162 17.49 2.62 -30.90
C SER B 162 16.84 3.81 -30.19
N PRO B 163 16.61 3.72 -28.87
CA PRO B 163 17.06 2.65 -27.98
C PRO B 163 16.08 1.50 -27.79
N TYR B 164 14.90 1.55 -28.42
CA TYR B 164 13.95 0.46 -28.26
C TYR B 164 14.44 -0.83 -28.91
N MET B 165 15.30 -0.71 -29.91
CA MET B 165 15.77 -1.85 -30.69
C MET B 165 17.23 -2.13 -30.37
N TYR B 166 17.55 -3.40 -30.18
CA TYR B 166 18.94 -3.81 -30.07
C TYR B 166 19.62 -3.67 -31.43
N ILE B 167 20.74 -2.95 -31.47
CA ILE B 167 21.38 -2.59 -32.72
C ILE B 167 22.82 -3.12 -32.80
N SER B 168 23.21 -4.03 -31.90
CA SER B 168 24.54 -4.59 -31.97
C SER B 168 24.54 -5.94 -31.27
N PRO B 169 25.27 -6.94 -31.77
CA PRO B 169 26.06 -6.98 -33.01
C PRO B 169 25.16 -7.02 -34.25
N PRO B 170 25.74 -6.98 -35.45
CA PRO B 170 24.89 -7.09 -36.66
C PRO B 170 23.94 -8.27 -36.64
N GLU B 171 24.34 -9.37 -36.00
CA GLU B 171 23.44 -10.51 -35.84
C GLU B 171 22.17 -10.13 -35.12
N ALA B 172 22.25 -9.21 -34.16
CA ALA B 172 21.09 -8.83 -33.37
C ALA B 172 19.99 -8.18 -34.20
N LEU B 173 20.35 -7.57 -35.34
CA LEU B 173 19.33 -6.95 -36.17
C LEU B 173 18.49 -8.01 -36.89
N GLU B 174 19.13 -9.06 -37.38
CA GLU B 174 18.39 -10.16 -37.99
C GLU B 174 17.73 -11.05 -36.95
N ASN B 175 18.34 -11.20 -35.77
CA ASN B 175 17.82 -12.06 -34.72
C ASN B 175 18.04 -11.37 -33.38
N PRO B 176 17.03 -10.66 -32.87
CA PRO B 176 17.21 -9.96 -31.59
C PRO B 176 17.49 -10.89 -30.43
N CYS B 177 17.02 -12.15 -30.51
CA CYS B 177 17.22 -13.13 -29.46
C CYS B 177 18.55 -13.87 -29.58
N TYR B 178 19.55 -13.26 -30.22
CA TYR B 178 20.79 -13.96 -30.49
C TYR B 178 21.52 -14.33 -29.21
N ASP B 179 21.57 -13.40 -28.24
CA ASP B 179 22.33 -13.63 -27.01
C ASP B 179 21.62 -14.56 -26.06
N MET B 180 20.43 -15.02 -26.43
CA MET B 180 19.74 -16.10 -25.77
C MET B 180 20.01 -17.38 -26.56
N LYS B 181 19.19 -18.41 -26.36
CA LYS B 181 19.39 -19.66 -27.07
C LYS B 181 18.19 -19.97 -27.96
N THR B 182 17.62 -18.93 -28.57
CA THR B 182 16.51 -19.09 -29.50
C THR B 182 16.67 -18.10 -30.65
N THR B 183 15.70 -18.14 -31.55
CA THR B 183 15.58 -17.21 -32.66
C THR B 183 14.24 -16.48 -32.55
N CYS B 184 14.24 -15.20 -32.93
CA CYS B 184 12.99 -14.46 -33.04
C CYS B 184 13.05 -13.55 -34.26
N LEU B 185 11.89 -13.01 -34.62
CA LEU B 185 11.79 -12.16 -35.78
C LEU B 185 12.55 -10.85 -35.56
N PRO B 186 13.06 -10.24 -36.62
CA PRO B 186 13.57 -8.87 -36.50
C PRO B 186 12.46 -7.96 -36.00
N MET B 187 12.85 -6.89 -35.33
N MET B 187 12.86 -6.89 -35.33
CA MET B 187 11.88 -6.01 -34.69
CA MET B 187 11.92 -5.95 -34.74
C MET B 187 11.04 -5.27 -35.74
C MET B 187 11.00 -5.35 -35.82
N PHE B 188 9.76 -5.11 -35.44
CA PHE B 188 8.81 -4.45 -36.34
C PHE B 188 7.84 -3.62 -35.52
N GLY B 189 7.49 -2.45 -36.04
CA GLY B 189 6.57 -1.55 -35.38
C GLY B 189 5.16 -2.10 -35.34
N TYR B 190 4.45 -2.00 -36.46
CA TYR B 190 3.12 -2.59 -36.61
C TYR B 190 3.03 -3.22 -37.99
N LYS B 191 2.48 -4.43 -38.04
CA LYS B 191 2.26 -5.10 -39.31
C LYS B 191 0.83 -5.63 -39.36
N HIS B 192 0.14 -5.34 -40.46
CA HIS B 192 -1.15 -5.94 -40.75
C HIS B 192 -0.94 -7.33 -41.32
N VAL B 193 -1.72 -8.29 -40.85
CA VAL B 193 -1.57 -9.69 -41.21
C VAL B 193 -2.77 -10.21 -41.99
N LEU B 194 -3.98 -9.98 -41.49
CA LEU B 194 -5.18 -10.56 -42.08
C LEU B 194 -6.28 -9.52 -42.15
N THR B 195 -6.71 -9.21 -43.37
CA THR B 195 -7.87 -8.35 -43.57
C THR B 195 -9.13 -9.06 -43.05
N LEU B 196 -10.06 -8.27 -42.51
CA LEU B 196 -11.33 -8.79 -42.01
C LEU B 196 -11.99 -9.70 -43.05
N THR B 197 -12.19 -10.96 -42.67
CA THR B 197 -12.78 -11.96 -43.55
C THR B 197 -13.70 -12.86 -42.75
N ASP B 198 -14.68 -13.44 -43.43
CA ASP B 198 -15.57 -14.42 -42.82
C ASP B 198 -15.01 -15.84 -42.86
N GLN B 199 -13.85 -16.03 -43.49
CA GLN B 199 -13.21 -17.36 -43.57
C GLN B 199 -12.30 -17.52 -42.35
N VAL B 200 -12.91 -17.93 -41.24
CA VAL B 200 -12.25 -17.87 -39.94
C VAL B 200 -11.04 -18.78 -39.84
N THR B 201 -10.93 -19.80 -40.69
CA THR B 201 -9.75 -20.65 -40.65
C THR B 201 -8.52 -19.94 -41.21
N ARG B 202 -8.72 -18.85 -41.96
CA ARG B 202 -7.60 -18.01 -42.35
C ARG B 202 -6.96 -17.38 -41.12
N PHE B 203 -7.76 -17.01 -40.12
CA PHE B 203 -7.23 -16.49 -38.86
C PHE B 203 -6.33 -17.53 -38.19
N ASN B 204 -6.83 -18.76 -38.06
CA ASN B 204 -6.05 -19.82 -37.42
C ASN B 204 -4.72 -20.03 -38.12
N GLU B 205 -4.74 -20.19 -39.44
CA GLU B 205 -3.53 -20.54 -40.16
C GLU B 205 -2.54 -19.39 -40.21
N GLU B 206 -3.03 -18.15 -40.25
CA GLU B 206 -2.12 -17.00 -40.16
C GLU B 206 -1.49 -16.92 -38.78
N VAL B 207 -2.27 -17.18 -37.73
CA VAL B 207 -1.76 -17.11 -36.36
C VAL B 207 -0.69 -18.17 -36.15
N LYS B 208 -0.87 -19.35 -36.74
CA LYS B 208 0.09 -20.42 -36.56
C LYS B 208 1.44 -20.08 -37.19
N LYS B 209 1.46 -19.21 -38.19
CA LYS B 209 2.71 -18.80 -38.82
C LYS B 209 3.35 -17.58 -38.16
N GLN B 210 2.65 -16.93 -37.23
CA GLN B 210 3.22 -15.78 -36.54
C GLN B 210 4.24 -16.22 -35.49
N SER B 211 5.14 -15.29 -35.15
CA SER B 211 6.09 -15.49 -34.07
C SER B 211 6.43 -14.14 -33.46
N VAL B 212 7.06 -14.18 -32.29
CA VAL B 212 7.31 -12.98 -31.51
C VAL B 212 8.66 -12.36 -31.87
N SER B 213 8.87 -11.12 -31.45
CA SER B 213 10.17 -10.45 -31.53
C SER B 213 10.58 -10.03 -30.12
N ARG B 214 11.58 -9.16 -30.04
CA ARG B 214 12.16 -8.79 -28.75
C ARG B 214 12.67 -7.36 -28.85
N ASN B 215 12.30 -6.52 -27.89
CA ASN B 215 12.78 -5.15 -27.81
C ASN B 215 13.27 -4.88 -26.39
N ARG B 216 13.79 -3.67 -26.17
CA ARG B 216 14.54 -3.40 -24.95
C ARG B 216 13.66 -2.90 -23.80
N ASP B 217 12.77 -1.95 -24.05
CA ASP B 217 12.04 -1.30 -22.96
C ASP B 217 10.62 -1.83 -22.84
N ALA B 218 10.18 -1.99 -21.59
CA ALA B 218 8.90 -2.62 -21.28
C ALA B 218 7.71 -1.96 -21.97
N PRO B 219 7.56 -0.64 -22.00
CA PRO B 219 6.43 -0.07 -22.74
C PRO B 219 6.54 -0.39 -24.22
N GLU B 220 5.40 -0.62 -24.86
CA GLU B 220 5.38 -1.02 -26.26
C GLU B 220 4.60 -0.01 -27.09
N GLY B 221 4.72 -0.15 -28.41
CA GLY B 221 4.15 0.82 -29.33
C GLY B 221 2.78 0.47 -29.85
N GLY B 222 1.90 0.00 -28.96
CA GLY B 222 0.60 -0.45 -29.40
C GLY B 222 -0.33 0.67 -29.85
N PHE B 223 -0.11 1.88 -29.32
CA PHE B 223 -0.97 3.00 -29.70
C PHE B 223 -0.74 3.40 -31.15
N ASP B 224 0.51 3.32 -31.62
CA ASP B 224 0.78 3.38 -33.05
C ASP B 224 -0.12 2.41 -33.81
N ALA B 225 -0.20 1.16 -33.32
CA ALA B 225 -0.97 0.13 -34.01
C ALA B 225 -2.46 0.42 -33.95
N ILE B 226 -2.95 0.93 -32.82
CA ILE B 226 -4.37 1.27 -32.72
C ILE B 226 -4.73 2.35 -33.73
N MET B 227 -3.82 3.32 -33.94
CA MET B 227 -4.08 4.39 -34.89
C MET B 227 -4.22 3.86 -36.30
N GLN B 228 -3.25 3.04 -36.75
CA GLN B 228 -3.28 2.54 -38.12
C GLN B 228 -4.45 1.59 -38.35
N ALA B 229 -4.74 0.73 -37.37
CA ALA B 229 -5.89 -0.16 -37.49
C ALA B 229 -7.20 0.61 -37.56
N THR B 230 -7.22 1.85 -37.08
CA THR B 230 -8.42 2.68 -37.13
C THR B 230 -8.53 3.46 -38.43
N VAL B 231 -7.43 4.07 -38.87
CA VAL B 231 -7.50 4.99 -40.01
C VAL B 231 -7.23 4.32 -41.35
N CYS B 232 -6.67 3.10 -41.37
CA CYS B 232 -6.47 2.38 -42.62
C CYS B 232 -7.72 1.54 -42.92
N ASP B 233 -8.77 2.25 -43.33
CA ASP B 233 -10.08 1.64 -43.54
C ASP B 233 -10.01 0.48 -44.52
N GLU B 234 -9.53 0.76 -45.73
CA GLU B 234 -9.57 -0.22 -46.81
C GLU B 234 -8.67 -1.41 -46.54
N LYS B 235 -7.56 -1.20 -45.83
CA LYS B 235 -6.63 -2.29 -45.60
C LYS B 235 -7.14 -3.24 -44.52
N ILE B 236 -7.61 -2.69 -43.40
CA ILE B 236 -8.16 -3.55 -42.35
C ILE B 236 -9.48 -4.16 -42.81
N GLY B 237 -10.31 -3.39 -43.50
CA GLY B 237 -11.52 -3.90 -44.10
C GLY B 237 -12.80 -3.72 -43.30
N TRP B 238 -12.88 -2.71 -42.44
CA TRP B 238 -14.11 -2.46 -41.69
C TRP B 238 -15.28 -2.30 -42.65
N ARG B 239 -16.42 -2.89 -42.27
CA ARG B 239 -17.64 -2.75 -43.06
C ARG B 239 -18.42 -1.52 -42.61
N ASN B 240 -19.19 -0.96 -43.54
CA ASN B 240 -19.94 0.26 -43.25
C ASN B 240 -21.02 0.01 -42.20
N ASP B 241 -21.82 -1.03 -42.39
CA ASP B 241 -22.94 -1.34 -41.50
C ASP B 241 -22.58 -2.59 -40.69
N ALA B 242 -21.79 -2.38 -39.65
CA ALA B 242 -21.35 -3.46 -38.78
C ALA B 242 -20.75 -2.87 -37.52
N SER B 243 -20.85 -3.62 -36.42
CA SER B 243 -20.15 -3.24 -35.20
C SER B 243 -18.66 -3.49 -35.37
N HIS B 244 -17.84 -2.52 -34.98
CA HIS B 244 -16.39 -2.58 -35.14
C HIS B 244 -15.75 -2.78 -33.77
N LEU B 245 -15.16 -3.95 -33.57
CA LEU B 245 -14.46 -4.28 -32.33
C LEU B 245 -12.97 -4.36 -32.61
N LEU B 246 -12.19 -3.52 -31.92
CA LEU B 246 -10.74 -3.54 -31.99
C LEU B 246 -10.22 -4.09 -30.68
N VAL B 247 -9.73 -5.32 -30.71
CA VAL B 247 -9.31 -6.03 -29.51
C VAL B 247 -7.79 -5.88 -29.37
N PHE B 248 -7.37 -5.19 -28.32
CA PHE B 248 -5.97 -4.82 -28.09
C PHE B 248 -5.48 -5.63 -26.89
N THR B 249 -4.60 -6.59 -27.14
CA THR B 249 -4.06 -7.46 -26.11
C THR B 249 -2.60 -7.15 -25.85
N THR B 250 -2.26 -6.88 -24.59
CA THR B 250 -0.89 -6.66 -24.18
C THR B 250 -0.75 -7.01 -22.71
N ASP B 251 0.50 -7.17 -22.27
CA ASP B 251 0.80 -7.42 -20.86
C ASP B 251 1.77 -6.39 -20.30
N ALA B 252 1.82 -5.20 -20.89
CA ALA B 252 2.84 -4.22 -20.55
C ALA B 252 2.28 -2.81 -20.65
N LYS B 253 3.04 -1.86 -20.11
CA LYS B 253 2.76 -0.45 -20.28
C LYS B 253 2.81 -0.09 -21.77
N THR B 254 2.42 1.13 -22.09
CA THR B 254 2.38 1.58 -23.46
C THR B 254 3.06 2.94 -23.59
N HIS B 255 3.63 3.17 -24.77
CA HIS B 255 4.19 4.47 -25.09
C HIS B 255 3.07 5.42 -25.49
N ILE B 256 3.26 6.69 -25.15
CA ILE B 256 2.29 7.74 -25.41
C ILE B 256 2.99 8.84 -26.18
N ALA B 257 2.20 9.80 -26.66
CA ALA B 257 2.74 10.92 -27.41
C ALA B 257 3.79 11.65 -26.57
N LEU B 258 4.88 12.05 -27.24
CA LEU B 258 6.07 12.75 -26.76
C LEU B 258 7.10 11.79 -26.16
N ASP B 259 6.79 10.50 -26.03
CA ASP B 259 7.82 9.53 -25.69
C ASP B 259 8.82 9.35 -26.82
N GLY B 260 8.40 9.61 -28.07
CA GLY B 260 9.25 9.36 -29.22
C GLY B 260 10.53 10.18 -29.24
N ARG B 261 10.59 11.25 -28.44
CA ARG B 261 11.78 12.09 -28.45
C ARG B 261 13.00 11.35 -27.91
N LEU B 262 12.82 10.28 -27.14
CA LEU B 262 13.97 9.49 -26.73
C LEU B 262 14.55 8.67 -27.87
N ALA B 263 13.91 8.65 -29.04
CA ALA B 263 14.51 8.08 -30.24
C ALA B 263 14.85 9.14 -31.27
N GLY B 264 14.82 10.42 -30.87
CA GLY B 264 15.05 11.51 -31.80
C GLY B 264 13.86 11.84 -32.67
N ILE B 265 12.67 11.34 -32.35
CA ILE B 265 11.47 11.55 -33.13
C ILE B 265 10.65 12.66 -32.47
N VAL B 266 10.38 13.72 -33.22
CA VAL B 266 9.62 14.84 -32.70
C VAL B 266 8.39 15.17 -33.53
N GLN B 267 8.27 14.62 -34.74
CA GLN B 267 7.15 14.96 -35.61
C GLN B 267 5.84 14.44 -35.03
N PRO B 268 4.84 15.30 -34.83
CA PRO B 268 3.56 14.82 -34.26
C PRO B 268 2.92 13.76 -35.14
N ASN B 269 2.13 12.90 -34.51
CA ASN B 269 1.37 11.90 -35.24
C ASN B 269 0.29 12.60 -36.06
N ASP B 270 0.20 12.28 -37.36
CA ASP B 270 -0.69 12.99 -38.26
C ASP B 270 -2.06 12.33 -38.39
N GLY B 271 -2.30 11.22 -37.70
CA GLY B 271 -3.59 10.56 -37.78
C GLY B 271 -3.95 10.02 -39.15
N GLN B 272 -2.99 9.93 -40.05
CA GLN B 272 -3.20 9.41 -41.40
C GLN B 272 -2.75 7.96 -41.48
N CYS B 273 -3.14 7.30 -42.57
CA CYS B 273 -2.76 5.91 -42.81
C CYS B 273 -1.41 5.87 -43.51
N HIS B 274 -0.51 5.05 -42.99
CA HIS B 274 0.84 4.87 -43.54
C HIS B 274 1.21 3.40 -43.63
N VAL B 275 0.23 2.53 -43.91
CA VAL B 275 0.46 1.12 -44.11
C VAL B 275 0.23 0.83 -45.59
N GLY B 276 1.29 0.49 -46.30
CA GLY B 276 1.26 0.30 -47.73
C GLY B 276 1.12 -1.16 -48.13
N SER B 277 1.64 -1.49 -49.32
CA SER B 277 1.53 -2.83 -49.85
C SER B 277 2.30 -3.86 -49.01
N ASP B 278 3.38 -3.43 -48.36
CA ASP B 278 4.19 -4.32 -47.54
C ASP B 278 3.53 -4.64 -46.20
N ASN B 279 2.39 -4.02 -45.89
CA ASN B 279 1.60 -4.28 -44.68
C ASN B 279 2.34 -3.92 -43.40
N HIS B 280 3.38 -3.10 -43.50
CA HIS B 280 4.10 -2.58 -42.34
C HIS B 280 3.88 -1.08 -42.23
N TYR B 281 3.88 -0.60 -40.98
CA TYR B 281 3.72 0.84 -40.70
C TYR B 281 5.04 1.53 -41.03
N SER B 282 5.02 2.38 -42.06
CA SER B 282 6.24 2.96 -42.60
C SER B 282 6.71 4.21 -41.86
N ALA B 283 5.83 4.90 -41.14
CA ALA B 283 6.20 6.08 -40.38
C ALA B 283 6.65 5.75 -38.95
N SER B 284 6.91 4.47 -38.67
CA SER B 284 7.20 4.06 -37.30
C SER B 284 8.44 4.75 -36.76
N THR B 285 9.49 4.87 -37.57
CA THR B 285 10.75 5.44 -37.13
C THR B 285 10.85 6.94 -37.38
N THR B 286 9.79 7.57 -37.91
CA THR B 286 9.83 8.99 -38.23
C THR B 286 8.71 9.81 -37.61
N MET B 287 7.69 9.17 -37.04
CA MET B 287 6.51 9.88 -36.57
C MET B 287 6.20 9.44 -35.13
N ASP B 288 5.86 10.41 -34.28
CA ASP B 288 5.71 10.17 -32.86
C ASP B 288 4.47 9.31 -32.58
N TYR B 289 4.43 8.75 -31.37
CA TYR B 289 3.26 8.02 -30.93
C TYR B 289 2.05 8.95 -30.87
N PRO B 290 0.86 8.44 -31.12
CA PRO B 290 -0.33 9.30 -31.10
C PRO B 290 -0.73 9.66 -29.68
N SER B 291 -1.41 10.79 -29.55
CA SER B 291 -1.96 11.22 -28.27
C SER B 291 -3.34 10.63 -28.07
N LEU B 292 -3.76 10.60 -26.80
CA LEU B 292 -5.07 10.04 -26.47
C LEU B 292 -6.19 10.82 -27.15
N GLY B 293 -6.06 12.14 -27.22
CA GLY B 293 -7.08 12.93 -27.89
C GLY B 293 -7.19 12.63 -29.36
N LEU B 294 -6.04 12.41 -30.02
CA LEU B 294 -6.06 12.07 -31.44
C LEU B 294 -6.63 10.67 -31.65
N MET B 295 -6.30 9.72 -30.78
CA MET B 295 -6.88 8.39 -30.86
C MET B 295 -8.40 8.44 -30.70
N THR B 296 -8.86 9.22 -29.72
CA THR B 296 -10.30 9.37 -29.51
C THR B 296 -10.99 9.92 -30.75
N GLU B 297 -10.36 10.89 -31.42
CA GLU B 297 -10.97 11.49 -32.60
C GLU B 297 -11.14 10.47 -33.72
N LYS B 298 -10.13 9.62 -33.93
CA LYS B 298 -10.19 8.69 -35.05
C LYS B 298 -11.08 7.48 -34.74
N LEU B 299 -11.03 6.98 -33.50
CA LEU B 299 -11.93 5.91 -33.10
C LEU B 299 -13.39 6.34 -33.25
N SER B 300 -13.70 7.57 -32.85
CA SER B 300 -15.06 8.07 -32.98
C SER B 300 -15.41 8.33 -34.44
N GLN B 301 -14.43 8.78 -35.24
CA GLN B 301 -14.68 9.06 -36.64
C GLN B 301 -15.05 7.80 -37.40
N LYS B 302 -14.42 6.67 -37.05
CA LYS B 302 -14.61 5.41 -37.76
C LYS B 302 -15.51 4.43 -37.01
N ASN B 303 -16.12 4.86 -35.90
CA ASN B 303 -17.04 4.01 -35.13
C ASN B 303 -16.36 2.73 -34.64
N ILE B 304 -15.14 2.86 -34.14
CA ILE B 304 -14.39 1.71 -33.64
C ILE B 304 -14.58 1.61 -32.13
N ASN B 305 -14.98 0.43 -31.67
CA ASN B 305 -15.09 0.13 -30.24
C ASN B 305 -13.79 -0.56 -29.82
N LEU B 306 -12.93 0.18 -29.14
CA LEU B 306 -11.65 -0.35 -28.69
C LEU B 306 -11.82 -1.11 -27.38
N ILE B 307 -11.17 -2.28 -27.29
CA ILE B 307 -11.28 -3.16 -26.14
C ILE B 307 -9.86 -3.41 -25.61
N PHE B 308 -9.59 -2.91 -24.40
CA PHE B 308 -8.31 -3.13 -23.74
C PHE B 308 -8.35 -4.48 -23.02
N ALA B 309 -7.76 -5.51 -23.64
CA ALA B 309 -7.67 -6.84 -23.03
C ALA B 309 -6.25 -7.02 -22.54
N VAL B 310 -6.01 -6.67 -21.27
CA VAL B 310 -4.67 -6.62 -20.72
C VAL B 310 -4.60 -7.46 -19.45
N THR B 311 -3.37 -7.83 -19.08
CA THR B 311 -3.15 -8.67 -17.91
C THR B 311 -3.33 -7.86 -16.64
N GLU B 312 -3.49 -8.58 -15.53
CA GLU B 312 -3.88 -7.95 -14.26
C GLU B 312 -2.84 -6.95 -13.78
N ASN B 313 -1.57 -7.14 -14.13
CA ASN B 313 -0.53 -6.23 -13.69
C ASN B 313 -0.67 -4.83 -14.30
N VAL B 314 -1.50 -4.66 -15.34
CA VAL B 314 -1.67 -3.35 -15.96
C VAL B 314 -3.15 -3.04 -16.17
N VAL B 315 -4.03 -3.78 -15.48
CA VAL B 315 -5.46 -3.52 -15.63
C VAL B 315 -5.80 -2.11 -15.14
N ASN B 316 -5.26 -1.73 -13.98
CA ASN B 316 -5.52 -0.39 -13.46
C ASN B 316 -5.04 0.69 -14.42
N LEU B 317 -3.86 0.49 -15.01
CA LEU B 317 -3.34 1.45 -15.99
C LEU B 317 -4.32 1.67 -17.12
N TYR B 318 -4.76 0.59 -17.76
CA TYR B 318 -5.63 0.71 -18.91
C TYR B 318 -7.07 1.04 -18.54
N GLN B 319 -7.50 0.73 -17.32
CA GLN B 319 -8.79 1.21 -16.84
CA GLN B 319 -8.80 1.21 -16.86
C GLN B 319 -8.81 2.72 -16.75
N ASN B 320 -7.68 3.32 -16.39
CA ASN B 320 -7.56 4.76 -16.24
C ASN B 320 -7.44 5.45 -17.60
N TYR B 321 -6.72 4.85 -18.54
CA TYR B 321 -6.76 5.33 -19.92
C TYR B 321 -8.18 5.23 -20.47
N SER B 322 -8.86 4.12 -20.19
CA SER B 322 -10.21 3.90 -20.69
C SER B 322 -11.16 5.01 -20.28
N GLU B 323 -10.92 5.66 -19.14
CA GLU B 323 -11.75 6.76 -18.70
C GLU B 323 -11.48 8.03 -19.49
N LEU B 324 -10.25 8.21 -20.00
CA LEU B 324 -9.93 9.34 -20.86
C LEU B 324 -10.30 9.09 -22.32
N ILE B 325 -10.72 7.87 -22.66
CA ILE B 325 -11.20 7.54 -24.01
C ILE B 325 -12.60 6.97 -23.87
N PRO B 326 -13.65 7.79 -23.86
CA PRO B 326 -15.01 7.27 -23.66
C PRO B 326 -15.37 6.24 -24.72
N GLY B 327 -16.22 5.29 -24.33
CA GLY B 327 -16.61 4.22 -25.20
C GLY B 327 -15.63 3.05 -25.26
N THR B 328 -14.67 3.01 -24.35
CA THR B 328 -13.65 1.95 -24.34
C THR B 328 -13.98 0.93 -23.25
N THR B 329 -13.71 -0.34 -23.55
CA THR B 329 -13.98 -1.44 -22.66
C THR B 329 -12.66 -2.08 -22.21
N VAL B 330 -12.64 -2.59 -20.99
CA VAL B 330 -11.45 -3.24 -20.42
C VAL B 330 -11.83 -4.64 -19.97
N GLY B 331 -10.97 -5.60 -20.26
CA GLY B 331 -11.14 -6.95 -19.76
C GLY B 331 -9.81 -7.49 -19.26
N VAL B 332 -9.89 -8.39 -18.28
CA VAL B 332 -8.71 -8.97 -17.66
C VAL B 332 -8.28 -10.19 -18.47
N LEU B 333 -7.05 -10.12 -19.00
CA LEU B 333 -6.50 -11.15 -19.86
C LEU B 333 -5.54 -12.02 -19.08
N SER B 334 -5.65 -13.34 -19.25
N SER B 334 -5.65 -13.34 -19.25
CA SER B 334 -4.75 -14.25 -18.57
CA SER B 334 -4.75 -14.26 -18.58
C SER B 334 -3.34 -14.14 -19.13
C SER B 334 -3.34 -14.15 -19.14
N MET B 335 -2.38 -14.67 -18.38
CA MET B 335 -0.96 -14.54 -18.76
C MET B 335 -0.61 -15.28 -20.04
N ASP B 336 -1.56 -16.04 -20.62
CA ASP B 336 -1.34 -16.70 -21.90
C ASP B 336 -2.53 -16.51 -22.84
N SER B 337 -3.40 -15.53 -22.55
CA SER B 337 -4.55 -15.19 -23.38
C SER B 337 -5.55 -16.34 -23.50
N SER B 338 -5.47 -17.32 -22.59
CA SER B 338 -6.36 -18.48 -22.68
C SER B 338 -7.82 -18.14 -22.46
N ASN B 339 -8.13 -16.95 -21.94
CA ASN B 339 -9.49 -16.53 -21.67
C ASN B 339 -9.97 -15.43 -22.60
N VAL B 340 -9.20 -15.12 -23.65
CA VAL B 340 -9.53 -13.99 -24.52
C VAL B 340 -10.85 -14.21 -25.26
N LEU B 341 -11.28 -15.46 -25.42
CA LEU B 341 -12.54 -15.73 -26.12
C LEU B 341 -13.73 -15.22 -25.32
N GLN B 342 -13.88 -15.69 -24.07
CA GLN B 342 -14.97 -15.19 -23.23
C GLN B 342 -14.85 -13.69 -23.01
N LEU B 343 -13.62 -13.17 -22.97
CA LEU B 343 -13.41 -11.74 -22.79
C LEU B 343 -14.05 -10.94 -23.92
N ILE B 344 -13.91 -11.42 -25.16
CA ILE B 344 -14.47 -10.71 -26.30
C ILE B 344 -16.00 -10.78 -26.30
N VAL B 345 -16.56 -11.94 -25.95
CA VAL B 345 -18.01 -12.09 -25.90
C VAL B 345 -18.61 -11.16 -24.85
N ASP B 346 -17.95 -11.06 -23.68
CA ASP B 346 -18.44 -10.17 -22.64
C ASP B 346 -18.33 -8.71 -23.05
N ALA B 347 -17.26 -8.36 -23.77
CA ALA B 347 -17.10 -6.98 -24.22
C ALA B 347 -18.15 -6.61 -25.25
N TYR B 348 -18.43 -7.53 -26.19
CA TYR B 348 -19.48 -7.27 -27.18
C TYR B 348 -20.82 -7.07 -26.51
N GLY B 349 -21.11 -7.85 -25.46
CA GLY B 349 -22.35 -7.64 -24.72
C GLY B 349 -22.39 -6.30 -24.03
N LYS B 350 -21.28 -5.92 -23.38
CA LYS B 350 -21.22 -4.64 -22.70
C LYS B 350 -21.33 -3.49 -23.69
N ILE B 351 -20.75 -3.65 -24.89
CA ILE B 351 -20.77 -2.59 -25.88
C ILE B 351 -22.19 -2.32 -26.37
N ARG B 352 -22.98 -3.37 -26.59
CA ARG B 352 -24.34 -3.23 -27.09
C ARG B 352 -25.37 -3.19 -25.97
N SER B 353 -24.97 -2.75 -24.78
CA SER B 353 -25.87 -2.61 -23.63
C SER B 353 -26.27 -1.17 -23.37
N LYS B 354 -25.79 -0.22 -24.19
CA LYS B 354 -26.02 1.19 -23.95
C LYS B 354 -26.57 1.86 -25.19
N VAL B 355 -27.44 2.83 -24.97
CA VAL B 355 -27.94 3.73 -26.01
C VAL B 355 -27.79 5.15 -25.47
N GLU B 356 -26.99 5.96 -26.15
CA GLU B 356 -26.71 7.33 -25.72
C GLU B 356 -27.00 8.28 -26.87
N LEU B 357 -27.96 9.17 -26.69
CA LEU B 357 -28.33 10.09 -27.75
C LEU B 357 -27.28 11.20 -27.88
N GLU B 358 -27.14 11.69 -29.11
CA GLU B 358 -26.20 12.75 -29.44
C GLU B 358 -26.87 13.67 -30.45
N VAL B 359 -26.49 14.95 -30.42
CA VAL B 359 -27.08 15.96 -31.29
C VAL B 359 -25.98 16.57 -32.13
N ARG B 360 -26.25 16.78 -33.42
CA ARG B 360 -25.33 17.42 -34.34
C ARG B 360 -26.02 18.56 -35.06
N ASP B 361 -25.31 19.68 -35.17
CA ASP B 361 -25.75 20.84 -35.95
C ASP B 361 -27.03 21.46 -35.40
N LEU B 362 -27.14 21.49 -34.06
CA LEU B 362 -28.28 22.15 -33.43
C LEU B 362 -28.09 23.66 -33.47
N PRO B 363 -29.08 24.41 -33.96
CA PRO B 363 -28.93 25.88 -34.02
C PRO B 363 -28.75 26.49 -32.64
N GLU B 364 -28.24 27.72 -32.63
CA GLU B 364 -27.98 28.41 -31.37
C GLU B 364 -29.27 28.72 -30.63
N GLU B 365 -30.29 29.16 -31.34
CA GLU B 365 -31.54 29.57 -30.70
C GLU B 365 -32.40 28.41 -30.26
N LEU B 366 -32.08 27.17 -30.65
CA LEU B 366 -32.82 26.01 -30.21
C LEU B 366 -32.18 25.38 -28.99
N SER B 367 -33.00 24.89 -28.07
CA SER B 367 -32.56 24.13 -26.92
C SER B 367 -33.44 22.90 -26.77
N LEU B 368 -32.85 21.77 -26.41
CA LEU B 368 -33.56 20.51 -26.33
C LEU B 368 -33.59 20.00 -24.88
N SER B 369 -34.53 19.10 -24.64
CA SER B 369 -34.71 18.47 -23.33
C SER B 369 -35.24 17.05 -23.55
N PHE B 370 -34.85 16.14 -22.68
CA PHE B 370 -35.03 14.72 -22.93
C PHE B 370 -35.62 14.01 -21.72
N ASN B 371 -36.62 13.17 -21.96
CA ASN B 371 -37.11 12.21 -20.99
C ASN B 371 -36.88 10.81 -21.53
N ALA B 372 -36.18 9.99 -20.75
CA ALA B 372 -35.81 8.65 -21.18
C ALA B 372 -36.78 7.62 -20.63
N THR B 373 -36.94 6.54 -21.38
CA THR B 373 -37.79 5.42 -20.99
C THR B 373 -37.03 4.13 -21.27
N CYS B 374 -36.24 3.69 -20.29
CA CYS B 374 -35.58 2.40 -20.37
C CYS B 374 -36.34 1.38 -19.52
N LEU B 375 -35.85 0.15 -19.50
CA LEU B 375 -36.42 -0.95 -18.69
C LEU B 375 -37.87 -1.15 -19.13
N ASN B 376 -38.84 -1.16 -18.21
CA ASN B 376 -40.25 -1.43 -18.52
C ASN B 376 -41.04 -0.13 -18.31
N ASN B 377 -41.02 0.72 -19.33
CA ASN B 377 -41.86 1.92 -19.40
C ASN B 377 -41.62 2.88 -18.23
N GLU B 378 -40.43 2.83 -17.63
CA GLU B 378 -40.09 3.71 -16.51
C GLU B 378 -39.50 5.00 -17.05
N VAL B 379 -40.25 6.10 -16.93
CA VAL B 379 -39.77 7.39 -17.42
C VAL B 379 -38.69 7.91 -16.49
N ILE B 380 -37.65 8.51 -17.08
CA ILE B 380 -36.55 9.10 -16.33
C ILE B 380 -36.29 10.50 -16.87
N PRO B 381 -36.76 11.55 -16.20
CA PRO B 381 -36.63 12.90 -16.77
C PRO B 381 -35.19 13.40 -16.76
N GLY B 382 -34.91 14.32 -17.69
CA GLY B 382 -33.58 14.91 -17.77
C GLY B 382 -32.48 13.92 -18.10
N LEU B 383 -32.76 12.97 -18.98
CA LEU B 383 -31.80 11.92 -19.30
C LEU B 383 -31.92 11.56 -20.77
N LYS B 384 -30.76 11.34 -21.41
CA LYS B 384 -30.71 11.02 -22.83
C LYS B 384 -29.85 9.78 -23.08
N SER B 385 -29.74 8.88 -22.09
CA SER B 385 -28.89 7.71 -22.22
C SER B 385 -29.46 6.56 -21.40
N CYS B 386 -29.55 5.39 -22.01
CA CYS B 386 -29.99 4.17 -21.34
C CYS B 386 -28.82 3.20 -21.23
N MET B 387 -28.83 2.40 -20.16
CA MET B 387 -27.80 1.41 -19.91
C MET B 387 -28.44 0.12 -19.45
N GLY B 388 -27.63 -0.93 -19.35
CA GLY B 388 -28.10 -2.23 -18.92
C GLY B 388 -28.95 -2.97 -19.92
N LEU B 389 -28.87 -2.60 -21.20
CA LEU B 389 -29.72 -3.18 -22.23
C LEU B 389 -29.21 -4.54 -22.67
N LYS B 390 -30.06 -5.26 -23.41
CA LYS B 390 -29.70 -6.51 -24.05
C LYS B 390 -30.03 -6.41 -25.53
N ILE B 391 -29.46 -7.32 -26.32
CA ILE B 391 -29.74 -7.35 -27.75
C ILE B 391 -31.22 -7.57 -27.97
N GLY B 392 -31.82 -6.77 -28.85
CA GLY B 392 -33.24 -6.86 -29.12
C GLY B 392 -34.11 -5.92 -28.30
N ASP B 393 -33.56 -5.29 -27.27
CA ASP B 393 -34.34 -4.36 -26.46
C ASP B 393 -34.55 -3.05 -27.22
N THR B 394 -35.58 -2.31 -26.81
CA THR B 394 -35.93 -1.05 -27.43
C THR B 394 -36.24 -0.02 -26.37
N VAL B 395 -35.65 1.17 -26.50
CA VAL B 395 -35.92 2.30 -25.61
C VAL B 395 -36.48 3.43 -26.47
N SER B 396 -37.04 4.44 -25.78
CA SER B 396 -37.62 5.59 -26.45
C SER B 396 -37.36 6.84 -25.62
N PHE B 397 -37.36 7.99 -26.30
CA PHE B 397 -37.09 9.27 -25.68
C PHE B 397 -38.13 10.28 -26.14
N SER B 398 -38.59 11.10 -25.19
CA SER B 398 -39.44 12.24 -25.49
C SER B 398 -38.58 13.49 -25.53
N ILE B 399 -38.70 14.26 -26.61
CA ILE B 399 -37.86 15.43 -26.87
C ILE B 399 -38.76 16.64 -27.04
N GLU B 400 -38.33 17.77 -26.45
CA GLU B 400 -39.02 19.05 -26.60
C GLU B 400 -38.02 20.10 -27.03
N ALA B 401 -38.32 20.79 -28.13
CA ALA B 401 -37.47 21.83 -28.69
C ALA B 401 -38.06 23.20 -28.37
N LYS B 402 -37.24 24.07 -27.79
CA LYS B 402 -37.66 25.41 -27.39
C LYS B 402 -36.82 26.43 -28.14
N VAL B 403 -37.48 27.29 -28.93
CA VAL B 403 -36.82 28.31 -29.73
C VAL B 403 -36.89 29.65 -28.99
N ARG B 404 -35.78 30.39 -29.02
CA ARG B 404 -35.69 31.69 -28.37
C ARG B 404 -35.83 32.77 -29.43
N GLY B 405 -36.92 33.53 -29.38
CA GLY B 405 -37.13 34.58 -30.36
C GLY B 405 -37.41 34.01 -31.74
N CYS B 406 -36.89 34.69 -32.76
CA CYS B 406 -37.00 34.23 -34.13
C CYS B 406 -35.65 34.46 -34.81
N PRO B 407 -35.09 33.44 -35.45
CA PRO B 407 -33.80 33.60 -36.11
C PRO B 407 -33.92 34.15 -37.52
N GLN B 408 -32.79 34.64 -38.04
CA GLN B 408 -32.77 35.23 -39.37
C GLN B 408 -33.07 34.18 -40.45
N GLU B 409 -32.36 33.06 -40.41
CA GLU B 409 -32.63 31.98 -41.35
C GLU B 409 -33.85 31.19 -40.89
N LYS B 410 -34.82 31.03 -41.79
CA LYS B 410 -36.12 30.49 -41.43
C LYS B 410 -36.22 28.97 -41.58
N GLU B 411 -35.22 28.31 -42.17
CA GLU B 411 -35.25 26.87 -42.34
C GLU B 411 -33.87 26.29 -42.06
N LYS B 412 -33.77 25.49 -41.01
CA LYS B 412 -32.55 24.79 -40.64
C LYS B 412 -32.90 23.33 -40.36
N SER B 413 -31.87 22.52 -40.09
CA SER B 413 -32.09 21.11 -39.80
C SER B 413 -30.93 20.58 -38.98
N PHE B 414 -31.24 19.67 -38.07
CA PHE B 414 -30.25 19.05 -37.19
C PHE B 414 -30.52 17.56 -37.10
N THR B 415 -29.66 16.85 -36.36
CA THR B 415 -29.68 15.41 -36.31
C THR B 415 -29.65 14.91 -34.87
N ILE B 416 -30.47 13.90 -34.59
CA ILE B 416 -30.39 13.10 -33.38
C ILE B 416 -29.89 11.72 -33.79
N LYS B 417 -28.79 11.28 -33.18
CA LYS B 417 -28.18 10.01 -33.56
C LYS B 417 -27.58 9.35 -32.33
N PRO B 418 -27.90 8.10 -32.05
CA PRO B 418 -27.23 7.39 -30.97
C PRO B 418 -25.76 7.17 -31.32
N VAL B 419 -24.93 7.12 -30.28
CA VAL B 419 -23.49 6.94 -30.49
C VAL B 419 -23.22 5.54 -31.04
N GLY B 420 -22.35 5.47 -32.05
CA GLY B 420 -22.01 4.22 -32.69
C GLY B 420 -23.00 3.72 -33.71
N PHE B 421 -24.21 4.25 -33.73
CA PHE B 421 -25.26 3.77 -34.62
C PHE B 421 -25.10 4.34 -36.02
N LYS B 422 -25.68 3.64 -36.99
CA LYS B 422 -25.69 4.10 -38.38
C LYS B 422 -26.89 5.02 -38.66
N ASP B 423 -28.09 4.58 -38.28
CA ASP B 423 -29.30 5.35 -38.53
C ASP B 423 -29.38 6.55 -37.59
N SER B 424 -30.32 7.44 -37.88
CA SER B 424 -30.46 8.67 -37.12
C SER B 424 -31.82 9.28 -37.40
N LEU B 425 -32.17 10.29 -36.60
CA LEU B 425 -33.37 11.10 -36.81
C LEU B 425 -32.95 12.48 -37.30
N ILE B 426 -33.51 12.90 -38.44
CA ILE B 426 -33.24 14.20 -39.01
C ILE B 426 -34.45 15.09 -38.75
N VAL B 427 -34.24 16.19 -38.03
CA VAL B 427 -35.31 17.12 -37.70
C VAL B 427 -35.16 18.34 -38.59
N GLN B 428 -36.07 18.50 -39.55
CA GLN B 428 -36.11 19.67 -40.43
C GLN B 428 -36.96 20.73 -39.74
N VAL B 429 -36.33 21.81 -39.30
CA VAL B 429 -37.02 22.87 -38.58
C VAL B 429 -37.42 23.97 -39.56
N THR B 430 -38.58 24.56 -39.33
CA THR B 430 -39.05 25.73 -40.07
C THR B 430 -39.58 26.73 -39.07
N PHE B 431 -39.04 27.95 -39.09
CA PHE B 431 -39.42 28.99 -38.14
C PHE B 431 -40.49 29.88 -38.79
N ASP B 432 -41.75 29.63 -38.44
CA ASP B 432 -42.88 30.37 -38.98
C ASP B 432 -43.06 31.64 -38.16
N CYS B 433 -42.38 32.71 -38.57
CA CYS B 433 -42.47 33.99 -37.87
C CYS B 433 -43.27 35.04 -38.63
N ASP B 434 -43.43 34.89 -39.94
CA ASP B 434 -44.11 35.88 -40.76
C ASP B 434 -45.57 35.49 -40.96
N CYS B 435 -46.31 36.40 -41.58
CA CYS B 435 -47.71 36.20 -41.91
C CYS B 435 -47.87 36.00 -43.41
N ALA B 436 -48.94 35.30 -43.80
CA ALA B 436 -49.20 35.08 -45.22
C ALA B 436 -49.63 36.37 -45.93
N CYS B 437 -50.30 37.27 -45.21
CA CYS B 437 -50.71 38.55 -45.79
C CYS B 437 -49.53 39.43 -46.22
N GLN B 438 -48.34 39.21 -45.65
CA GLN B 438 -47.19 40.03 -46.02
C GLN B 438 -46.76 39.78 -47.46
N ALA B 439 -47.07 38.60 -48.02
CA ALA B 439 -46.68 38.30 -49.39
C ALA B 439 -47.43 39.14 -50.41
N GLN B 440 -48.53 39.77 -50.02
CA GLN B 440 -49.36 40.57 -50.92
C GLN B 440 -49.47 42.01 -50.43
N ALA B 441 -48.35 42.57 -49.97
CA ALA B 441 -48.34 43.93 -49.48
C ALA B 441 -48.40 44.93 -50.64
N GLU B 442 -48.70 46.18 -50.30
CA GLU B 442 -48.86 47.25 -51.28
C GLU B 442 -47.84 48.34 -51.00
N PRO B 443 -46.69 48.31 -51.66
CA PRO B 443 -45.71 49.39 -51.49
C PRO B 443 -46.17 50.66 -52.14
N ASN B 444 -45.89 51.80 -51.48
CA ASN B 444 -46.31 53.11 -51.94
C ASN B 444 -47.83 53.17 -52.09
N SER B 445 -48.53 52.68 -51.07
CA SER B 445 -49.99 52.69 -51.09
C SER B 445 -50.52 54.10 -51.00
N HIS B 446 -51.57 54.39 -51.77
CA HIS B 446 -52.28 55.64 -51.65
C HIS B 446 -53.27 55.65 -50.48
N ARG B 447 -53.18 54.65 -49.60
CA ARG B 447 -53.91 54.64 -48.34
C ARG B 447 -53.08 55.12 -47.16
N CYS B 448 -51.75 55.21 -47.33
CA CYS B 448 -50.83 55.43 -46.22
C CYS B 448 -50.03 56.70 -46.46
N ASN B 449 -50.63 57.85 -46.12
CA ASN B 449 -49.91 59.13 -46.03
C ASN B 449 -49.39 59.58 -47.40
N ASN B 450 -50.25 59.49 -48.41
CA ASN B 450 -49.97 59.97 -49.76
C ASN B 450 -48.75 59.26 -50.37
N GLY B 451 -48.75 57.93 -50.28
CA GLY B 451 -47.71 57.13 -50.86
C GLY B 451 -46.41 57.05 -50.08
N ASN B 452 -46.34 57.66 -48.89
CA ASN B 452 -45.15 57.62 -48.06
C ASN B 452 -45.05 56.35 -47.23
N GLY B 453 -45.93 55.36 -47.46
CA GLY B 453 -45.92 54.16 -46.65
C GLY B 453 -46.43 52.96 -47.41
N THR B 454 -46.29 51.80 -46.78
CA THR B 454 -46.70 50.52 -47.33
C THR B 454 -47.92 50.00 -46.57
N PHE B 455 -48.86 49.40 -47.30
CA PHE B 455 -50.09 48.85 -46.74
C PHE B 455 -49.99 47.32 -46.78
N GLU B 456 -49.92 46.70 -45.61
CA GLU B 456 -49.89 45.25 -45.52
C GLU B 456 -50.73 44.80 -44.34
N CYS B 457 -51.44 43.69 -44.54
CA CYS B 457 -52.21 43.00 -43.50
C CYS B 457 -53.25 43.90 -42.83
N GLY B 458 -53.74 44.92 -43.55
CA GLY B 458 -54.77 45.79 -43.02
C GLY B 458 -54.29 46.98 -42.22
N VAL B 459 -53.00 47.30 -42.28
CA VAL B 459 -52.44 48.44 -41.54
C VAL B 459 -51.39 49.13 -42.42
N CYS B 460 -51.04 50.34 -42.01
CA CYS B 460 -50.06 51.16 -42.72
C CYS B 460 -48.71 51.09 -42.04
N ARG B 461 -47.68 50.74 -42.80
CA ARG B 461 -46.32 50.64 -42.30
C ARG B 461 -45.43 51.65 -43.01
N CYS B 462 -44.50 52.25 -42.27
CA CYS B 462 -43.57 53.21 -42.86
C CYS B 462 -42.58 52.48 -43.75
N GLY B 463 -42.48 52.93 -45.01
CA GLY B 463 -41.69 52.25 -46.01
C GLY B 463 -40.20 52.34 -45.79
N PRO B 464 -39.43 51.87 -46.77
CA PRO B 464 -37.97 51.91 -46.65
C PRO B 464 -37.43 53.33 -46.71
N GLY B 465 -36.42 53.58 -45.89
CA GLY B 465 -35.76 54.87 -45.84
C GLY B 465 -36.29 55.82 -44.78
N TRP B 466 -37.40 55.48 -44.14
CA TRP B 466 -37.97 56.34 -43.10
C TRP B 466 -37.57 55.85 -41.71
N LEU C 1 -6.87 -24.36 57.50
CA LEU C 1 -7.03 -23.86 56.13
C LEU C 1 -8.50 -23.56 55.85
N ASN C 2 -8.75 -22.88 54.74
CA ASN C 2 -10.09 -22.40 54.40
C ASN C 2 -10.84 -23.37 53.48
N LEU C 3 -10.33 -23.57 52.26
CA LEU C 3 -10.91 -24.53 51.34
C LEU C 3 -10.28 -25.90 51.58
N ASP C 4 -11.11 -26.90 51.80
CA ASP C 4 -10.64 -28.25 52.09
C ASP C 4 -10.11 -28.90 50.82
N PRO C 5 -8.81 -29.16 50.73
CA PRO C 5 -8.24 -29.83 49.56
C PRO C 5 -8.24 -31.35 49.65
N VAL C 6 -8.80 -31.92 50.73
CA VAL C 6 -8.73 -33.35 50.97
C VAL C 6 -9.99 -34.04 50.47
N GLN C 7 -11.15 -33.59 50.97
N GLN C 7 -11.15 -33.61 50.97
CA GLN C 7 -12.45 -34.17 50.65
CA GLN C 7 -12.42 -34.24 50.62
C GLN C 7 -13.14 -33.27 49.62
C GLN C 7 -13.16 -33.34 49.64
N LEU C 8 -12.88 -33.54 48.35
CA LEU C 8 -13.52 -32.77 47.29
C LEU C 8 -14.77 -33.48 46.80
N THR C 9 -15.52 -32.78 45.94
CA THR C 9 -16.67 -33.34 45.24
C THR C 9 -16.45 -33.15 43.75
N PHE C 10 -16.57 -34.24 43.00
CA PHE C 10 -16.34 -34.22 41.55
C PHE C 10 -17.66 -34.46 40.82
N TYR C 11 -17.95 -33.59 39.86
CA TYR C 11 -19.03 -33.79 38.89
C TYR C 11 -18.40 -34.01 37.51
N ALA C 12 -18.95 -34.96 36.75
CA ALA C 12 -18.37 -35.34 35.48
C ALA C 12 -19.44 -35.34 34.39
N GLY C 13 -19.06 -34.86 33.21
CA GLY C 13 -19.90 -34.92 32.04
C GLY C 13 -19.39 -35.95 31.04
N PRO C 14 -19.96 -35.96 29.84
CA PRO C 14 -19.51 -36.92 28.83
C PRO C 14 -18.14 -36.56 28.29
N ASN C 15 -17.57 -37.48 27.53
CA ASN C 15 -16.24 -37.28 26.97
C ASN C 15 -16.28 -36.30 25.80
N GLY C 16 -15.23 -35.50 25.68
CA GLY C 16 -15.16 -34.55 24.58
C GLY C 16 -16.25 -33.51 24.56
N SER C 17 -17.01 -33.38 25.65
CA SER C 17 -18.07 -32.38 25.74
C SER C 17 -17.59 -31.04 26.27
N GLN C 18 -16.35 -30.98 26.78
CA GLN C 18 -15.81 -29.80 27.44
C GLN C 18 -16.71 -29.36 28.60
N PHE C 19 -17.30 -30.34 29.27
CA PHE C 19 -18.07 -30.12 30.49
C PHE C 19 -17.22 -29.40 31.52
N GLY C 20 -17.67 -28.23 31.94
CA GLY C 20 -16.92 -27.39 32.87
C GLY C 20 -16.28 -26.18 32.24
N PHE C 21 -16.47 -25.98 30.94
CA PHE C 21 -15.95 -24.79 30.27
C PHE C 21 -16.50 -23.52 30.92
N SER C 22 -17.76 -23.58 31.36
CA SER C 22 -18.38 -22.49 32.10
C SER C 22 -19.26 -23.09 33.18
N LEU C 23 -19.53 -22.32 34.22
CA LEU C 23 -20.33 -22.81 35.34
C LEU C 23 -20.78 -21.63 36.18
N ASP C 24 -21.81 -21.88 37.00
CA ASP C 24 -22.32 -20.86 37.91
C ASP C 24 -23.15 -21.54 39.00
N PHE C 25 -23.47 -20.76 40.03
CA PHE C 25 -24.36 -21.22 41.08
C PHE C 25 -25.79 -20.80 40.76
N HIS C 26 -26.73 -21.73 40.90
CA HIS C 26 -28.14 -21.49 40.60
C HIS C 26 -28.98 -21.76 41.83
N LYS C 27 -29.73 -20.76 42.27
CA LYS C 27 -30.72 -20.89 43.33
C LYS C 27 -32.10 -20.99 42.71
N ASP C 28 -32.84 -22.03 43.06
CA ASP C 28 -34.21 -22.17 42.60
C ASP C 28 -35.10 -21.21 43.41
N SER C 29 -36.41 -21.32 43.22
CA SER C 29 -37.35 -20.44 43.93
C SER C 29 -37.47 -20.79 45.41
N HIS C 30 -36.84 -21.87 45.87
CA HIS C 30 -36.84 -22.23 47.28
C HIS C 30 -35.51 -21.91 47.97
N GLY C 31 -34.53 -21.36 47.25
CA GLY C 31 -33.23 -21.05 47.81
C GLY C 31 -32.22 -22.16 47.73
N ARG C 32 -32.59 -23.34 47.24
CA ARG C 32 -31.68 -24.46 47.18
C ARG C 32 -30.62 -24.24 46.11
N VAL C 33 -29.35 -24.35 46.49
CA VAL C 33 -28.26 -24.06 45.57
C VAL C 33 -27.93 -25.30 44.76
N ALA C 34 -27.85 -25.14 43.44
CA ALA C 34 -27.35 -26.16 42.52
C ALA C 34 -26.27 -25.53 41.65
N ILE C 35 -25.69 -26.35 40.77
CA ILE C 35 -24.62 -25.89 39.87
C ILE C 35 -25.08 -26.10 38.43
N VAL C 36 -24.98 -25.05 37.63
CA VAL C 36 -25.20 -25.14 36.19
C VAL C 36 -23.83 -25.25 35.52
N VAL C 37 -23.71 -26.18 34.58
CA VAL C 37 -22.44 -26.44 33.91
C VAL C 37 -22.66 -26.36 32.41
N GLY C 38 -21.78 -25.64 31.71
CA GLY C 38 -21.82 -25.56 30.27
C GLY C 38 -20.83 -26.54 29.65
N ALA C 39 -21.27 -27.23 28.61
CA ALA C 39 -20.46 -28.22 27.90
C ALA C 39 -20.57 -27.93 26.41
N PRO C 40 -19.77 -26.99 25.89
CA PRO C 40 -20.01 -26.46 24.53
C PRO C 40 -19.65 -27.39 23.39
N ARG C 41 -19.30 -28.65 23.67
CA ARG C 41 -19.06 -29.62 22.61
C ARG C 41 -19.86 -30.90 22.80
N THR C 42 -20.96 -30.83 23.55
CA THR C 42 -21.85 -31.96 23.68
C THR C 42 -22.49 -32.29 22.33
N LEU C 43 -22.59 -33.58 22.04
CA LEU C 43 -23.21 -34.01 20.79
C LEU C 43 -24.70 -33.68 20.80
N GLY C 44 -25.20 -33.26 19.65
CA GLY C 44 -26.61 -32.96 19.50
C GLY C 44 -27.37 -34.13 18.92
N PRO C 45 -28.62 -33.90 18.51
CA PRO C 45 -29.41 -35.00 17.95
C PRO C 45 -28.92 -35.42 16.57
N SER C 46 -28.38 -34.50 15.79
N SER C 46 -28.39 -34.49 15.78
CA SER C 46 -27.82 -34.80 14.48
CA SER C 46 -27.83 -34.83 14.48
C SER C 46 -26.43 -35.43 14.56
C SER C 46 -26.43 -35.43 14.56
N GLN C 47 -26.01 -35.87 15.75
CA GLN C 47 -24.71 -36.51 15.97
C GLN C 47 -23.55 -35.57 15.63
N GLU C 48 -23.79 -34.27 15.72
CA GLU C 48 -22.75 -33.26 15.60
C GLU C 48 -22.71 -32.41 16.86
N GLU C 49 -21.55 -31.81 17.10
CA GLU C 49 -21.37 -30.98 18.28
C GLU C 49 -22.29 -29.77 18.23
N THR C 50 -23.05 -29.57 19.30
CA THR C 50 -23.88 -28.38 19.45
C THR C 50 -23.73 -27.72 20.81
N GLY C 51 -23.04 -28.35 21.76
CA GLY C 51 -23.01 -27.86 23.11
C GLY C 51 -24.28 -28.21 23.87
N GLY C 52 -24.16 -28.18 25.19
CA GLY C 52 -25.28 -28.49 26.05
C GLY C 52 -25.08 -27.88 27.42
N VAL C 53 -26.12 -27.97 28.24
CA VAL C 53 -26.12 -27.42 29.59
C VAL C 53 -26.58 -28.51 30.55
N PHE C 54 -25.98 -28.52 31.75
CA PHE C 54 -26.30 -29.49 32.79
C PHE C 54 -26.58 -28.75 34.09
N LEU C 55 -27.63 -29.17 34.79
CA LEU C 55 -28.04 -28.59 36.06
C LEU C 55 -27.74 -29.60 37.16
N CYS C 56 -26.58 -29.45 37.79
CA CYS C 56 -26.11 -30.41 38.79
C CYS C 56 -26.70 -30.08 40.15
N PRO C 57 -27.49 -30.96 40.76
CA PRO C 57 -27.91 -30.73 42.14
C PRO C 57 -26.79 -31.05 43.11
N TRP C 58 -26.82 -30.36 44.25
CA TRP C 58 -25.72 -30.48 45.21
C TRP C 58 -25.77 -31.84 45.90
N ARG C 59 -24.72 -32.63 45.74
CA ARG C 59 -24.55 -33.91 46.40
C ARG C 59 -23.09 -34.04 46.80
N ALA C 60 -22.84 -34.30 48.10
CA ALA C 60 -21.47 -34.38 48.58
C ALA C 60 -20.64 -35.43 47.84
N GLU C 61 -21.27 -36.41 47.22
CA GLU C 61 -20.57 -37.40 46.41
C GLU C 61 -20.53 -37.05 44.93
N GLY C 62 -21.30 -36.04 44.50
CA GLY C 62 -21.21 -35.62 43.11
C GLY C 62 -21.79 -36.67 42.18
N GLY C 63 -21.20 -36.76 40.99
CA GLY C 63 -21.56 -37.78 40.02
C GLY C 63 -22.03 -37.16 38.70
N GLN C 64 -23.00 -37.81 38.08
CA GLN C 64 -23.57 -37.32 36.83
C GLN C 64 -24.62 -36.24 37.11
N CYS C 65 -25.04 -35.55 36.04
CA CYS C 65 -26.01 -34.47 36.17
C CYS C 65 -27.04 -34.54 35.05
N PRO C 66 -28.29 -34.20 35.34
CA PRO C 66 -29.30 -34.18 34.29
C PRO C 66 -29.06 -33.02 33.31
N SER C 67 -29.52 -33.22 32.09
CA SER C 67 -29.40 -32.18 31.07
C SER C 67 -30.48 -31.12 31.25
N LEU C 68 -30.10 -29.88 30.98
CA LEU C 68 -31.07 -28.78 30.82
C LEU C 68 -31.35 -28.64 29.34
N LEU C 69 -32.52 -29.09 28.91
CA LEU C 69 -32.79 -29.29 27.50
C LEU C 69 -33.17 -27.99 26.82
N PHE C 70 -32.55 -27.73 25.67
CA PHE C 70 -32.89 -26.61 24.79
C PHE C 70 -33.21 -27.14 23.40
N ASP C 71 -33.80 -26.27 22.59
CA ASP C 71 -34.09 -26.61 21.19
C ASP C 71 -32.83 -26.50 20.35
N LEU C 72 -32.51 -27.56 19.62
CA LEU C 72 -31.30 -27.63 18.81
C LEU C 72 -31.60 -27.81 17.32
N ARG C 73 -32.79 -27.45 16.87
CA ARG C 73 -33.19 -27.60 15.48
C ARG C 73 -32.81 -26.37 14.67
N ASP C 74 -32.26 -26.60 13.48
CA ASP C 74 -32.00 -25.52 12.54
C ASP C 74 -33.33 -25.01 11.98
N GLU C 75 -33.62 -23.74 12.25
CA GLU C 75 -34.90 -23.15 11.88
C GLU C 75 -34.79 -22.41 10.55
N THR C 76 -35.90 -22.38 9.83
CA THR C 76 -36.01 -21.68 8.54
C THR C 76 -37.35 -20.98 8.49
N ARG C 77 -37.34 -19.74 8.01
CA ARG C 77 -38.56 -18.95 7.90
C ARG C 77 -38.55 -18.15 6.61
N ASN C 78 -39.50 -18.46 5.72
CA ASN C 78 -39.69 -17.71 4.48
C ASN C 78 -40.70 -16.59 4.77
N VAL C 79 -40.20 -15.36 4.90
CA VAL C 79 -41.05 -14.23 5.23
C VAL C 79 -40.51 -13.00 4.52
N GLY C 80 -41.41 -12.12 4.11
CA GLY C 80 -41.02 -10.85 3.51
C GLY C 80 -40.19 -11.01 2.25
N SER C 81 -40.46 -12.06 1.47
CA SER C 81 -39.68 -12.39 0.28
C SER C 81 -38.21 -12.64 0.62
N GLN C 82 -37.95 -13.10 1.84
CA GLN C 82 -36.62 -13.47 2.30
C GLN C 82 -36.69 -14.83 2.98
N THR C 83 -35.52 -15.43 3.20
CA THR C 83 -35.41 -16.74 3.82
C THR C 83 -34.43 -16.64 4.99
N LEU C 84 -34.96 -16.68 6.21
CA LEU C 84 -34.15 -16.64 7.42
C LEU C 84 -33.72 -18.04 7.79
N GLN C 85 -32.46 -18.18 8.19
CA GLN C 85 -31.88 -19.48 8.53
C GLN C 85 -31.03 -19.37 9.79
N THR C 86 -31.21 -20.31 10.70
CA THR C 86 -30.31 -20.48 11.84
C THR C 86 -29.56 -21.79 11.69
N PHE C 87 -28.31 -21.81 12.17
CA PHE C 87 -27.45 -22.98 12.08
C PHE C 87 -26.81 -23.20 13.44
N LYS C 88 -27.15 -24.32 14.07
CA LYS C 88 -26.72 -24.61 15.43
C LYS C 88 -25.60 -25.64 15.49
N ALA C 89 -25.05 -26.03 14.34
CA ALA C 89 -23.89 -26.92 14.33
C ALA C 89 -22.66 -26.18 14.82
N ARG C 90 -21.97 -26.78 15.80
CA ARG C 90 -20.75 -26.21 16.39
C ARG C 90 -20.99 -24.83 16.97
N GLN C 91 -22.20 -24.58 17.49
CA GLN C 91 -22.53 -23.28 18.06
C GLN C 91 -21.89 -23.07 19.43
N GLY C 92 -21.53 -24.14 20.12
CA GLY C 92 -20.92 -24.01 21.43
C GLY C 92 -21.88 -23.56 22.52
N LEU C 93 -23.10 -24.08 22.51
CA LEU C 93 -24.04 -23.79 23.58
C LEU C 93 -23.45 -24.20 24.92
N GLY C 94 -23.46 -23.27 25.87
CA GLY C 94 -22.79 -23.49 27.13
C GLY C 94 -21.36 -23.02 27.19
N ALA C 95 -20.88 -22.30 26.18
CA ALA C 95 -19.58 -21.64 26.27
C ALA C 95 -19.60 -20.55 27.35
N SER C 96 -20.78 -20.10 27.75
CA SER C 96 -20.94 -19.22 28.89
C SER C 96 -22.31 -19.46 29.49
N VAL C 97 -22.38 -19.55 30.82
CA VAL C 97 -23.64 -19.67 31.53
C VAL C 97 -23.63 -18.69 32.69
N VAL C 98 -24.81 -18.14 32.98
CA VAL C 98 -25.00 -17.26 34.12
C VAL C 98 -26.39 -17.51 34.68
N SER C 99 -26.50 -17.43 36.00
CA SER C 99 -27.77 -17.61 36.69
C SER C 99 -28.17 -16.32 37.38
N TRP C 100 -29.48 -16.02 37.34
CA TRP C 100 -30.03 -14.88 38.04
C TRP C 100 -31.46 -15.20 38.42
N SER C 101 -31.78 -15.05 39.70
CA SER C 101 -33.10 -15.42 40.25
C SER C 101 -33.33 -16.88 39.91
N ASP C 102 -34.49 -17.26 39.35
CA ASP C 102 -34.76 -18.64 38.96
C ASP C 102 -34.57 -18.85 37.46
N VAL C 103 -33.69 -18.08 36.84
CA VAL C 103 -33.50 -18.09 35.39
C VAL C 103 -32.05 -18.44 35.09
N ILE C 104 -31.83 -19.22 34.03
CA ILE C 104 -30.51 -19.59 33.55
C ILE C 104 -30.36 -19.07 32.13
N VAL C 105 -29.18 -18.50 31.82
CA VAL C 105 -28.90 -17.92 30.52
C VAL C 105 -27.66 -18.63 29.97
N ALA C 106 -27.86 -19.58 29.07
CA ALA C 106 -26.77 -20.29 28.40
C ALA C 106 -26.66 -19.76 26.97
N CYS C 107 -25.44 -19.49 26.55
CA CYS C 107 -25.21 -18.81 25.29
C CYS C 107 -24.37 -19.67 24.35
N ALA C 108 -24.68 -19.56 23.06
CA ALA C 108 -23.98 -20.25 21.97
C ALA C 108 -23.31 -19.19 21.11
N PRO C 109 -22.11 -18.74 21.46
CA PRO C 109 -21.51 -17.59 20.76
C PRO C 109 -21.23 -17.84 19.28
N TRP C 110 -21.14 -19.09 18.83
CA TRP C 110 -20.81 -19.37 17.44
C TRP C 110 -22.00 -19.92 16.66
N GLN C 111 -23.22 -19.64 17.11
CA GLN C 111 -24.40 -19.94 16.30
C GLN C 111 -24.38 -19.07 15.05
N HIS C 112 -24.59 -19.69 13.89
CA HIS C 112 -24.53 -18.98 12.62
C HIS C 112 -25.92 -18.59 12.16
N TRP C 113 -25.95 -17.69 11.18
CA TRP C 113 -27.18 -17.04 10.76
C TRP C 113 -27.00 -16.50 9.36
N ASN C 114 -28.08 -16.52 8.58
CA ASN C 114 -28.02 -16.06 7.19
C ASN C 114 -29.42 -15.66 6.75
N VAL C 115 -29.48 -14.78 5.75
CA VAL C 115 -30.73 -14.31 5.17
C VAL C 115 -30.57 -14.36 3.65
N LEU C 116 -31.41 -15.13 2.99
CA LEU C 116 -31.36 -15.28 1.54
C LEU C 116 -32.46 -14.45 0.88
N GLU C 117 -32.12 -13.85 -0.25
CA GLU C 117 -33.11 -13.13 -1.06
C GLU C 117 -32.71 -13.31 -2.53
N LYS C 118 -33.40 -14.20 -3.22
CA LYS C 118 -33.11 -14.55 -4.61
C LYS C 118 -31.68 -15.06 -4.76
N THR C 119 -30.79 -14.25 -5.34
CA THR C 119 -29.39 -14.62 -5.49
C THR C 119 -28.46 -13.89 -4.53
N GLU C 120 -28.97 -12.94 -3.76
CA GLU C 120 -28.17 -12.23 -2.78
C GLU C 120 -28.32 -12.89 -1.40
N GLU C 121 -27.52 -12.41 -0.45
CA GLU C 121 -27.56 -12.95 0.90
C GLU C 121 -26.89 -11.95 1.84
N ALA C 122 -27.12 -12.16 3.14
CA ALA C 122 -26.45 -11.39 4.19
C ALA C 122 -25.12 -11.98 4.59
N GLU C 123 -24.78 -13.17 4.07
CA GLU C 123 -23.61 -13.98 4.41
C GLU C 123 -23.83 -14.78 5.69
N LYS C 124 -23.44 -16.05 5.68
CA LYS C 124 -23.57 -16.95 6.82
C LYS C 124 -22.47 -16.63 7.81
N THR C 125 -22.82 -16.01 8.94
CA THR C 125 -21.85 -15.48 9.88
C THR C 125 -22.26 -15.85 11.30
N PRO C 126 -21.32 -15.84 12.25
CA PRO C 126 -21.66 -16.20 13.63
C PRO C 126 -22.18 -15.01 14.44
N VAL C 127 -23.50 -14.78 14.41
CA VAL C 127 -24.06 -13.72 15.22
C VAL C 127 -24.14 -14.12 16.68
N GLY C 128 -24.11 -15.41 16.98
CA GLY C 128 -24.29 -15.88 18.34
C GLY C 128 -25.72 -15.79 18.81
N SER C 129 -26.03 -16.46 19.90
CA SER C 129 -27.37 -16.40 20.49
C SER C 129 -27.25 -16.86 21.93
N CYS C 130 -28.24 -16.48 22.73
CA CYS C 130 -28.33 -16.94 24.12
C CYS C 130 -29.68 -17.59 24.33
N PHE C 131 -29.67 -18.75 24.97
CA PHE C 131 -30.87 -19.48 25.34
C PHE C 131 -31.17 -19.22 26.82
N LEU C 132 -32.42 -18.89 27.12
CA LEU C 132 -32.84 -18.62 28.48
C LEU C 132 -33.85 -19.67 28.93
N ALA C 133 -33.75 -20.07 30.20
CA ALA C 133 -34.61 -21.11 30.74
C ALA C 133 -34.96 -20.80 32.19
N GLN C 134 -36.23 -21.05 32.53
CA GLN C 134 -36.68 -21.08 33.92
C GLN C 134 -36.95 -22.54 34.25
N PRO C 135 -35.99 -23.27 34.83
CA PRO C 135 -36.10 -24.74 34.90
C PRO C 135 -37.35 -25.24 35.61
N GLU C 136 -37.78 -24.58 36.69
CA GLU C 136 -38.92 -25.07 37.44
C GLU C 136 -40.21 -25.00 36.63
N SER C 137 -40.38 -23.92 35.87
CA SER C 137 -41.59 -23.73 35.07
C SER C 137 -41.46 -24.28 33.65
N GLY C 138 -40.26 -24.71 33.25
CA GLY C 138 -40.04 -25.21 31.91
C GLY C 138 -40.08 -24.16 30.81
N ARG C 139 -40.27 -22.88 31.17
CA ARG C 139 -40.34 -21.84 30.15
C ARG C 139 -38.98 -21.64 29.49
N ARG C 140 -39.03 -21.20 28.23
CA ARG C 140 -37.83 -21.02 27.43
C ARG C 140 -37.96 -19.73 26.62
N ALA C 141 -36.81 -19.14 26.31
CA ALA C 141 -36.76 -17.96 25.45
C ALA C 141 -35.37 -17.87 24.86
N GLU C 142 -35.25 -17.07 23.80
CA GLU C 142 -33.98 -16.85 23.13
C GLU C 142 -33.76 -15.36 22.95
N TYR C 143 -32.49 -14.99 22.76
CA TYR C 143 -32.13 -13.59 22.58
C TYR C 143 -30.91 -13.54 21.67
N SER C 144 -31.06 -12.92 20.51
CA SER C 144 -30.02 -12.87 19.48
C SER C 144 -30.02 -11.48 18.87
N PRO C 145 -29.47 -10.49 19.59
CA PRO C 145 -29.63 -9.09 19.17
C PRO C 145 -28.81 -8.71 17.94
N CYS C 146 -27.97 -9.60 17.42
CA CYS C 146 -27.12 -9.26 16.29
C CYS C 146 -27.60 -9.84 14.98
N ARG C 147 -28.77 -10.47 14.97
CA ARG C 147 -29.35 -10.91 13.72
C ARG C 147 -29.82 -9.72 12.91
N GLY C 148 -29.65 -9.79 11.59
CA GLY C 148 -30.11 -8.74 10.71
C GLY C 148 -30.64 -9.33 9.42
N ASN C 149 -31.26 -8.46 8.62
CA ASN C 149 -31.77 -8.84 7.30
C ASN C 149 -31.21 -7.95 6.19
N THR C 150 -30.05 -7.34 6.42
CA THR C 150 -29.41 -6.49 5.42
C THR C 150 -28.47 -7.32 4.56
N LEU C 151 -28.50 -7.07 3.26
CA LEU C 151 -27.77 -7.91 2.31
C LEU C 151 -26.30 -7.48 2.22
N SER C 152 -25.48 -8.42 1.73
CA SER C 152 -24.03 -8.22 1.69
C SER C 152 -23.67 -6.94 0.95
N ARG C 153 -24.31 -6.70 -0.19
CA ARG C 153 -24.01 -5.53 -1.01
C ARG C 153 -24.12 -4.23 -0.21
N ILE C 154 -25.03 -4.17 0.75
CA ILE C 154 -25.27 -2.92 1.46
C ILE C 154 -24.09 -2.58 2.37
N TYR C 155 -23.56 -3.57 3.08
CA TYR C 155 -22.44 -3.30 3.98
C TYR C 155 -21.20 -2.81 3.23
N VAL C 156 -21.03 -3.24 1.99
CA VAL C 156 -19.87 -2.80 1.21
C VAL C 156 -20.01 -1.34 0.82
N GLU C 157 -21.23 -0.92 0.44
CA GLU C 157 -21.44 0.48 0.06
C GLU C 157 -21.20 1.43 1.24
N ASN C 158 -21.40 0.94 2.47
CA ASN C 158 -21.31 1.77 3.66
C ASN C 158 -20.01 1.56 4.43
N ASP C 159 -18.99 0.99 3.79
CA ASP C 159 -17.68 0.78 4.42
C ASP C 159 -17.79 -0.05 5.70
N PHE C 160 -18.72 -1.01 5.69
CA PHE C 160 -18.89 -1.97 6.79
C PHE C 160 -19.14 -1.27 8.12
N SER C 161 -19.99 -0.25 8.10
CA SER C 161 -20.38 0.43 9.32
C SER C 161 -21.63 -0.23 9.88
N TRP C 162 -21.68 -0.35 11.21
CA TRP C 162 -22.79 -1.01 11.91
C TRP C 162 -22.97 -2.44 11.40
N ASP C 163 -21.86 -3.15 11.24
CA ASP C 163 -21.85 -4.52 10.76
C ASP C 163 -21.86 -5.45 11.96
N LYS C 164 -23.04 -5.98 12.32
CA LYS C 164 -23.20 -6.83 13.49
C LYS C 164 -23.24 -8.31 13.14
N ARG C 165 -22.76 -8.69 11.95
CA ARG C 165 -22.94 -10.06 11.48
C ARG C 165 -22.05 -11.07 12.19
N TYR C 166 -20.92 -10.64 12.75
CA TYR C 166 -19.97 -11.55 13.40
C TYR C 166 -19.87 -11.32 14.90
N CYS C 167 -20.92 -10.73 15.51
CA CYS C 167 -20.92 -10.41 16.93
C CYS C 167 -20.36 -11.51 17.81
N GLU C 168 -20.90 -12.72 17.65
CA GLU C 168 -20.74 -13.79 18.63
C GLU C 168 -21.27 -13.37 19.99
N ALA C 169 -22.52 -12.89 20.00
CA ALA C 169 -23.16 -12.47 21.23
C ALA C 169 -23.23 -13.64 22.22
N GLY C 170 -23.00 -13.34 23.49
CA GLY C 170 -22.90 -14.36 24.51
C GLY C 170 -21.52 -14.92 24.71
N PHE C 171 -20.51 -14.42 23.98
CA PHE C 171 -19.13 -14.79 24.24
C PHE C 171 -18.77 -14.56 25.71
N SER C 172 -19.32 -13.52 26.32
CA SER C 172 -19.27 -13.33 27.76
C SER C 172 -20.62 -12.78 28.20
N SER C 173 -20.91 -12.87 29.50
CA SER C 173 -22.25 -12.53 29.96
C SER C 173 -22.22 -12.15 31.44
N VAL C 174 -23.28 -11.46 31.84
CA VAL C 174 -23.48 -11.05 33.23
C VAL C 174 -24.90 -10.52 33.33
N VAL C 175 -25.47 -10.56 34.54
CA VAL C 175 -26.81 -10.05 34.80
C VAL C 175 -26.76 -9.15 36.02
N THR C 176 -27.29 -7.93 35.88
CA THR C 176 -27.36 -7.00 36.99
C THR C 176 -28.32 -7.51 38.06
N GLN C 177 -28.20 -6.94 39.26
N GLN C 177 -28.20 -6.94 39.26
CA GLN C 177 -29.10 -7.31 40.36
CA GLN C 177 -29.10 -7.29 40.35
C GLN C 177 -30.55 -7.00 40.01
C GLN C 177 -30.54 -7.00 39.99
N ALA C 178 -30.78 -5.99 39.16
CA ALA C 178 -32.12 -5.66 38.69
C ALA C 178 -32.63 -6.63 37.63
N GLY C 179 -31.76 -7.44 37.04
CA GLY C 179 -32.15 -8.40 36.05
C GLY C 179 -31.96 -7.98 34.61
N GLU C 180 -30.91 -7.20 34.32
CA GLU C 180 -30.61 -6.75 32.98
C GLU C 180 -29.50 -7.63 32.41
N LEU C 181 -29.85 -8.45 31.42
CA LEU C 181 -28.85 -9.28 30.76
C LEU C 181 -27.93 -8.41 29.93
N VAL C 182 -26.62 -8.61 30.09
CA VAL C 182 -25.61 -7.87 29.33
C VAL C 182 -24.71 -8.89 28.65
N LEU C 183 -24.64 -8.82 27.33
CA LEU C 183 -23.86 -9.77 26.54
C LEU C 183 -22.65 -9.07 25.94
N GLY C 184 -21.49 -9.71 26.05
CA GLY C 184 -20.31 -9.26 25.35
C GLY C 184 -20.24 -9.92 23.98
N ALA C 185 -20.06 -9.10 22.94
CA ALA C 185 -19.98 -9.57 21.57
C ALA C 185 -18.68 -9.06 20.97
N PRO C 186 -17.58 -9.82 21.12
CA PRO C 186 -16.26 -9.30 20.73
C PRO C 186 -16.10 -9.14 19.23
N GLY C 187 -16.85 -9.90 18.42
CA GLY C 187 -16.77 -9.73 16.99
C GLY C 187 -17.68 -8.68 16.42
N GLY C 188 -18.28 -7.84 17.26
CA GLY C 188 -19.24 -6.88 16.78
C GLY C 188 -18.60 -5.72 16.05
N TYR C 189 -19.37 -5.14 15.12
CA TYR C 189 -18.92 -4.03 14.28
C TYR C 189 -17.60 -4.36 13.60
N TYR C 190 -17.56 -5.54 12.97
CA TYR C 190 -16.38 -6.02 12.25
C TYR C 190 -15.19 -6.13 13.20
N PHE C 191 -15.39 -6.88 14.28
CA PHE C 191 -14.36 -7.26 15.26
C PHE C 191 -13.85 -6.07 16.06
N LEU C 192 -14.61 -4.98 16.16
CA LEU C 192 -14.36 -4.00 17.19
C LEU C 192 -14.91 -4.46 18.53
N GLY C 193 -16.04 -5.17 18.52
CA GLY C 193 -16.68 -5.61 19.73
C GLY C 193 -17.79 -4.68 20.17
N LEU C 194 -18.86 -5.24 20.73
CA LEU C 194 -19.96 -4.42 21.22
C LEU C 194 -20.59 -5.12 22.42
N LEU C 195 -21.50 -4.40 23.08
CA LEU C 195 -22.27 -4.91 24.20
C LEU C 195 -23.75 -4.87 23.85
N ALA C 196 -24.48 -5.90 24.25
CA ALA C 196 -25.93 -5.93 24.13
C ALA C 196 -26.53 -6.02 25.53
N GLN C 197 -27.60 -5.25 25.75
CA GLN C 197 -28.27 -5.21 27.04
C GLN C 197 -29.77 -5.32 26.81
N ALA C 198 -30.45 -6.11 27.65
CA ALA C 198 -31.90 -6.23 27.56
C ALA C 198 -32.43 -6.84 28.85
N PRO C 199 -33.54 -6.36 29.38
CA PRO C 199 -34.11 -6.97 30.59
C PRO C 199 -34.55 -8.40 30.32
N VAL C 200 -34.30 -9.27 31.31
CA VAL C 200 -34.68 -10.67 31.19
C VAL C 200 -36.19 -10.80 30.98
N ALA C 201 -36.97 -10.15 31.86
CA ALA C 201 -38.42 -10.23 31.75
C ALA C 201 -38.90 -9.78 30.37
N ASP C 202 -38.25 -8.79 29.78
CA ASP C 202 -38.62 -8.33 28.45
C ASP C 202 -38.16 -9.29 27.35
N ILE C 203 -37.17 -10.14 27.63
CA ILE C 203 -36.80 -11.16 26.66
C ILE C 203 -37.85 -12.25 26.60
N PHE C 204 -38.38 -12.65 27.76
CA PHE C 204 -39.38 -13.71 27.79
C PHE C 204 -40.71 -13.24 27.22
N SER C 205 -41.12 -12.02 27.55
CA SER C 205 -42.42 -11.52 27.12
C SER C 205 -42.47 -11.18 25.64
N SER C 206 -41.32 -10.87 25.02
CA SER C 206 -41.26 -10.48 23.63
C SER C 206 -40.84 -11.63 22.70
N TYR C 207 -40.54 -12.81 23.26
CA TYR C 207 -40.10 -13.94 22.45
C TYR C 207 -41.27 -14.84 22.10
N ARG C 208 -41.31 -15.28 20.84
CA ARG C 208 -42.20 -16.32 20.37
C ARG C 208 -41.39 -17.21 19.44
N PRO C 209 -41.64 -18.51 19.44
CA PRO C 209 -40.85 -19.41 18.59
C PRO C 209 -41.17 -19.19 17.11
N GLY C 210 -40.15 -19.42 16.28
CA GLY C 210 -40.35 -19.36 14.85
C GLY C 210 -40.42 -17.98 14.24
N ILE C 211 -40.09 -16.93 15.00
CA ILE C 211 -40.06 -15.58 14.44
C ILE C 211 -38.65 -15.22 13.97
N LEU C 212 -37.63 -15.61 14.74
CA LEU C 212 -36.22 -15.45 14.40
C LEU C 212 -35.77 -13.99 14.44
N LEU C 213 -36.56 -13.08 13.88
CA LEU C 213 -36.27 -11.65 13.89
C LEU C 213 -37.41 -10.93 14.61
N TRP C 214 -37.15 -10.43 15.81
CA TRP C 214 -38.16 -9.69 16.56
C TRP C 214 -37.52 -8.53 17.30
N HIS C 215 -38.34 -7.53 17.60
CA HIS C 215 -37.89 -6.30 18.24
C HIS C 215 -38.00 -6.43 19.75
N VAL C 216 -36.93 -6.06 20.45
CA VAL C 216 -36.94 -5.91 21.90
C VAL C 216 -36.63 -4.44 22.15
N SER C 217 -37.67 -3.62 22.30
CA SER C 217 -37.51 -2.17 22.31
C SER C 217 -36.72 -1.70 23.54
N SER C 218 -36.82 -2.43 24.65
CA SER C 218 -36.07 -2.06 25.85
C SER C 218 -34.61 -2.45 25.79
N GLN C 219 -34.14 -3.02 24.68
CA GLN C 219 -32.74 -3.39 24.57
C GLN C 219 -31.89 -2.17 24.20
N SER C 220 -30.59 -2.29 24.44
CA SER C 220 -29.67 -1.18 24.25
C SER C 220 -28.30 -1.73 23.88
N LEU C 221 -27.78 -1.32 22.73
CA LEU C 221 -26.50 -1.79 22.24
C LEU C 221 -25.49 -0.66 22.22
N SER C 222 -24.21 -1.03 22.38
CA SER C 222 -23.13 -0.05 22.32
C SER C 222 -22.95 0.40 20.87
N PHE C 223 -21.93 1.22 20.65
CA PHE C 223 -21.82 1.99 19.41
C PHE C 223 -20.56 1.63 18.64
N ASP C 224 -20.65 1.79 17.32
CA ASP C 224 -19.53 1.58 16.42
C ASP C 224 -18.55 2.74 16.56
N SER C 225 -17.43 2.63 15.83
CA SER C 225 -16.40 3.66 15.91
C SER C 225 -15.53 3.59 14.67
N SER C 226 -15.04 4.75 14.25
N SER C 226 -15.03 4.75 14.25
CA SER C 226 -14.07 4.86 13.16
CA SER C 226 -14.07 4.85 13.16
C SER C 226 -12.63 4.96 13.67
C SER C 226 -12.63 4.99 13.67
N ASN C 227 -12.44 5.03 14.97
CA ASN C 227 -11.11 5.18 15.55
C ASN C 227 -10.32 3.89 15.41
N PRO C 228 -9.17 3.89 14.72
CA PRO C 228 -8.42 2.64 14.53
C PRO C 228 -7.95 2.01 15.83
N GLU C 229 -7.85 2.78 16.91
CA GLU C 229 -7.51 2.21 18.21
C GLU C 229 -8.43 1.05 18.57
N TYR C 230 -9.70 1.14 18.19
CA TYR C 230 -10.69 0.13 18.55
C TYR C 230 -10.74 -1.04 17.58
N PHE C 231 -9.99 -0.99 16.48
CA PHE C 231 -10.04 -2.07 15.50
C PHE C 231 -9.42 -3.34 16.07
N ASP C 232 -10.14 -4.45 15.95
CA ASP C 232 -9.66 -5.77 16.38
C ASP C 232 -9.34 -5.81 17.87
N GLY C 233 -10.09 -5.04 18.66
CA GLY C 233 -9.92 -5.02 20.10
C GLY C 233 -10.71 -6.06 20.86
N TYR C 234 -11.68 -6.70 20.23
CA TYR C 234 -12.51 -7.74 20.86
C TYR C 234 -13.17 -7.21 22.14
N TRP C 235 -13.58 -5.94 22.08
CA TRP C 235 -14.35 -5.27 23.12
C TRP C 235 -15.55 -6.12 23.52
N GLY C 236 -15.55 -6.63 24.75
CA GLY C 236 -16.57 -7.57 25.18
C GLY C 236 -16.11 -9.00 25.28
N TYR C 237 -14.82 -9.26 25.07
CA TYR C 237 -14.25 -10.58 25.35
C TYR C 237 -14.54 -11.01 26.78
N SER C 238 -14.68 -10.06 27.69
CA SER C 238 -15.07 -10.31 29.07
C SER C 238 -15.94 -9.15 29.53
N VAL C 239 -16.74 -9.39 30.57
CA VAL C 239 -17.67 -8.37 31.04
C VAL C 239 -18.03 -8.66 32.49
N ALA C 240 -18.27 -7.58 33.25
CA ALA C 240 -18.76 -7.65 34.62
C ALA C 240 -19.54 -6.38 34.90
N VAL C 241 -20.05 -6.25 36.14
CA VAL C 241 -20.79 -5.08 36.57
C VAL C 241 -20.29 -4.67 37.95
N GLY C 242 -20.73 -3.49 38.39
CA GLY C 242 -20.34 -2.98 39.68
C GLY C 242 -20.85 -1.57 39.86
N GLU C 243 -20.41 -0.96 40.96
CA GLU C 243 -20.76 0.43 41.28
C GLU C 243 -19.48 1.24 41.35
N PHE C 244 -19.34 2.21 40.43
CA PHE C 244 -18.11 2.99 40.33
C PHE C 244 -18.32 4.49 40.19
N ASP C 245 -19.55 4.99 40.07
CA ASP C 245 -19.78 6.40 39.83
C ASP C 245 -20.38 7.12 41.03
N GLY C 246 -20.56 6.43 42.16
CA GLY C 246 -21.17 6.98 43.36
C GLY C 246 -22.68 6.94 43.40
N ASP C 247 -23.32 7.08 42.24
CA ASP C 247 -24.78 7.01 42.16
C ASP C 247 -25.21 5.55 42.29
N LEU C 248 -26.01 5.26 43.32
CA LEU C 248 -26.46 3.88 43.55
C LEU C 248 -27.65 3.51 42.67
N ASN C 249 -28.42 4.48 42.19
CA ASN C 249 -29.50 4.17 41.25
C ASN C 249 -28.97 3.58 39.95
N THR C 250 -27.78 4.00 39.53
CA THR C 250 -27.20 3.57 38.27
C THR C 250 -26.28 2.38 38.48
N THR C 251 -26.12 1.60 37.42
CA THR C 251 -25.19 0.47 37.38
C THR C 251 -24.13 0.75 36.32
N GLU C 252 -22.89 0.38 36.62
CA GLU C 252 -21.78 0.60 35.71
C GLU C 252 -21.30 -0.75 35.15
N TYR C 253 -20.85 -0.72 33.90
CA TYR C 253 -20.41 -1.91 33.19
C TYR C 253 -18.89 -1.92 33.07
N VAL C 254 -18.31 -3.11 33.18
CA VAL C 254 -16.87 -3.31 33.05
C VAL C 254 -16.65 -4.22 31.85
N VAL C 255 -15.85 -3.76 30.89
CA VAL C 255 -15.68 -4.43 29.61
C VAL C 255 -14.19 -4.61 29.32
N GLY C 256 -13.78 -5.85 29.05
CA GLY C 256 -12.42 -6.12 28.64
C GLY C 256 -12.29 -6.12 27.12
N ALA C 257 -11.21 -5.48 26.65
CA ALA C 257 -10.86 -5.45 25.23
C ALA C 257 -9.40 -5.87 25.12
N PRO C 258 -9.13 -7.18 25.13
CA PRO C 258 -7.76 -7.65 25.35
C PRO C 258 -6.80 -7.42 24.20
N THR C 259 -7.28 -6.97 23.03
CA THR C 259 -6.40 -6.60 21.93
C THR C 259 -6.60 -5.15 21.50
N TRP C 260 -7.15 -4.33 22.38
CA TRP C 260 -7.39 -2.93 22.07
C TRP C 260 -6.09 -2.21 21.73
N SER C 261 -6.17 -1.30 20.77
CA SER C 261 -5.05 -0.46 20.34
C SER C 261 -3.82 -1.31 20.03
N TRP C 262 -3.96 -2.12 18.98
CA TRP C 262 -2.87 -2.94 18.45
C TRP C 262 -2.34 -3.90 19.53
N THR C 263 -3.24 -4.75 20.03
CA THR C 263 -2.96 -5.80 21.00
C THR C 263 -2.35 -5.27 22.30
N LEU C 264 -2.37 -3.95 22.52
CA LEU C 264 -1.98 -3.43 23.82
C LEU C 264 -2.95 -3.87 24.91
N GLY C 265 -4.24 -3.95 24.58
CA GLY C 265 -5.23 -4.38 25.55
C GLY C 265 -5.71 -3.25 26.43
N ALA C 266 -6.97 -3.31 26.86
CA ALA C 266 -7.50 -2.29 27.75
C ALA C 266 -8.80 -2.79 28.38
N VAL C 267 -9.18 -2.14 29.47
CA VAL C 267 -10.46 -2.37 30.14
C VAL C 267 -11.10 -1.01 30.35
N GLU C 268 -12.43 -0.94 30.17
CA GLU C 268 -13.15 0.31 30.28
C GLU C 268 -14.31 0.17 31.25
N ILE C 269 -14.58 1.25 31.98
CA ILE C 269 -15.75 1.35 32.85
C ILE C 269 -16.73 2.31 32.21
N LEU C 270 -17.99 1.90 32.11
CA LEU C 270 -19.01 2.65 31.41
C LEU C 270 -20.24 2.81 32.29
N ASP C 271 -21.07 3.79 31.96
CA ASP C 271 -22.40 3.86 32.54
C ASP C 271 -23.33 2.94 31.75
N SER C 272 -24.58 2.82 32.19
CA SER C 272 -25.53 1.96 31.49
C SER C 272 -25.84 2.46 30.09
N TYR C 273 -25.43 3.67 29.73
CA TYR C 273 -25.61 4.21 28.38
C TYR C 273 -24.33 4.15 27.55
N TYR C 274 -23.36 3.34 27.97
CA TYR C 274 -22.14 3.03 27.22
C TYR C 274 -21.22 4.24 27.03
N GLN C 275 -21.31 5.24 27.90
CA GLN C 275 -20.35 6.34 27.90
C GLN C 275 -19.18 5.97 28.79
N ARG C 276 -17.97 6.24 28.30
CA ARG C 276 -16.76 5.79 28.97
C ARG C 276 -16.46 6.68 30.17
N LEU C 277 -16.32 6.06 31.35
CA LEU C 277 -15.97 6.75 32.58
C LEU C 277 -14.49 6.67 32.89
N HIS C 278 -13.88 5.50 32.71
CA HIS C 278 -12.44 5.34 32.88
CA HIS C 278 -12.44 5.30 32.93
C HIS C 278 -11.94 4.25 31.94
N ARG C 279 -10.69 4.39 31.50
CA ARG C 279 -10.07 3.40 30.65
C ARG C 279 -8.74 2.99 31.26
N LEU C 280 -8.57 1.69 31.48
CA LEU C 280 -7.32 1.13 31.96
C LEU C 280 -6.59 0.49 30.79
N ARG C 281 -5.42 1.04 30.47
CA ARG C 281 -4.64 0.55 29.35
C ARG C 281 -3.79 -0.64 29.76
N GLY C 282 -3.44 -1.48 28.78
CA GLY C 282 -2.56 -2.59 29.03
C GLY C 282 -1.13 -2.14 29.26
N GLU C 283 -0.38 -2.99 29.96
CA GLU C 283 1.01 -2.71 30.26
C GLU C 283 1.97 -3.28 29.23
N GLN C 284 1.62 -4.41 28.64
CA GLN C 284 2.49 -5.11 27.70
C GLN C 284 1.65 -5.63 26.55
N MET C 285 2.15 -5.45 25.33
CA MET C 285 1.45 -5.94 24.16
C MET C 285 1.40 -7.46 24.16
N ALA C 286 0.29 -7.99 23.64
CA ALA C 286 0.01 -9.42 23.53
C ALA C 286 -0.09 -10.13 24.88
N SER C 287 -0.14 -9.37 25.98
CA SER C 287 -0.37 -9.98 27.29
C SER C 287 -1.83 -10.34 27.52
N TYR C 288 -2.71 -9.97 26.58
CA TYR C 288 -4.15 -10.17 26.70
C TYR C 288 -4.70 -9.55 27.99
N PHE C 289 -4.20 -8.34 28.30
CA PHE C 289 -4.72 -7.55 29.40
C PHE C 289 -6.21 -7.33 29.19
N GLY C 290 -7.03 -7.88 30.07
CA GLY C 290 -8.46 -7.82 29.93
C GLY C 290 -9.10 -9.15 29.54
N HIS C 291 -8.30 -10.22 29.47
CA HIS C 291 -8.86 -11.55 29.20
C HIS C 291 -9.93 -11.91 30.22
N SER C 292 -9.78 -11.42 31.44
CA SER C 292 -10.75 -11.65 32.50
C SER C 292 -10.82 -10.40 33.39
N VAL C 293 -12.01 -10.14 33.90
CA VAL C 293 -12.25 -9.03 34.81
C VAL C 293 -13.04 -9.54 36.01
N ALA C 294 -12.94 -8.83 37.12
CA ALA C 294 -13.61 -9.22 38.35
C ALA C 294 -13.89 -7.98 39.18
N VAL C 295 -15.05 -7.96 39.83
CA VAL C 295 -15.49 -6.82 40.63
C VAL C 295 -15.83 -7.33 42.03
N THR C 296 -15.11 -6.83 43.03
CA THR C 296 -15.39 -7.14 44.43
C THR C 296 -14.65 -6.14 45.31
N ASP C 297 -15.24 -5.87 46.47
CA ASP C 297 -14.62 -4.98 47.45
C ASP C 297 -13.73 -5.83 48.34
N VAL C 298 -12.41 -5.73 48.13
CA VAL C 298 -11.47 -6.59 48.85
C VAL C 298 -10.98 -5.96 50.16
N ASN C 299 -11.05 -4.64 50.30
CA ASN C 299 -10.48 -3.97 51.47
C ASN C 299 -11.55 -3.45 52.44
N GLY C 300 -12.80 -3.87 52.28
CA GLY C 300 -13.81 -3.57 53.28
C GLY C 300 -14.11 -2.10 53.48
N ASP C 301 -13.99 -1.29 52.44
CA ASP C 301 -14.37 0.11 52.50
C ASP C 301 -15.70 0.41 51.82
N GLY C 302 -16.41 -0.62 51.34
CA GLY C 302 -17.70 -0.44 50.72
C GLY C 302 -17.68 -0.13 49.24
N ARG C 303 -16.52 0.23 48.69
CA ARG C 303 -16.40 0.58 47.29
C ARG C 303 -15.82 -0.58 46.51
N HIS C 304 -16.53 -0.99 45.45
CA HIS C 304 -16.08 -2.10 44.61
C HIS C 304 -14.69 -1.82 44.06
N ASP C 305 -13.89 -2.88 43.95
CA ASP C 305 -12.56 -2.80 43.39
C ASP C 305 -12.50 -3.66 42.12
N LEU C 306 -11.52 -3.37 41.27
CA LEU C 306 -11.42 -3.98 39.96
C LEU C 306 -10.13 -4.79 39.85
N LEU C 307 -10.27 -6.06 39.49
CA LEU C 307 -9.15 -6.93 39.18
C LEU C 307 -9.16 -7.27 37.69
N VAL C 308 -8.01 -7.15 37.05
CA VAL C 308 -7.87 -7.42 35.63
C VAL C 308 -6.75 -8.43 35.43
N GLY C 309 -7.00 -9.44 34.61
CA GLY C 309 -6.04 -10.50 34.36
C GLY C 309 -5.40 -10.36 32.99
N ALA C 310 -4.08 -10.55 32.95
CA ALA C 310 -3.32 -10.55 31.70
C ALA C 310 -2.53 -11.85 31.64
N PRO C 311 -3.18 -12.95 31.24
CA PRO C 311 -2.55 -14.27 31.37
C PRO C 311 -1.31 -14.48 30.51
N LEU C 312 -1.08 -13.66 29.48
CA LEU C 312 0.09 -13.85 28.63
C LEU C 312 1.20 -12.85 28.92
N TYR C 313 1.17 -12.22 30.10
CA TYR C 313 2.21 -11.25 30.44
C TYR C 313 3.56 -11.95 30.60
N MET C 314 4.60 -11.37 29.98
CA MET C 314 5.95 -11.91 30.06
C MET C 314 6.74 -11.10 31.09
N GLU C 315 7.26 -11.78 32.09
CA GLU C 315 7.97 -11.17 33.20
C GLU C 315 9.45 -11.01 32.88
N SER C 316 10.05 -9.95 33.40
CA SER C 316 11.46 -9.67 33.17
C SER C 316 12.34 -10.60 34.00
N ARG C 317 13.26 -11.30 33.34
CA ARG C 317 14.21 -12.19 33.98
C ARG C 317 15.63 -11.64 33.80
N ALA C 318 16.60 -12.36 34.34
CA ALA C 318 17.99 -11.98 34.19
C ALA C 318 18.43 -12.12 32.73
N ASP C 319 19.50 -11.42 32.38
CA ASP C 319 20.07 -11.42 31.03
C ASP C 319 19.07 -10.91 29.99
N ARG C 320 18.21 -9.96 30.39
CA ARG C 320 17.20 -9.37 29.51
C ARG C 320 16.27 -10.42 28.92
N LYS C 321 15.99 -11.48 29.68
CA LYS C 321 15.10 -12.54 29.23
C LYS C 321 13.66 -12.22 29.61
N LEU C 322 12.73 -12.83 28.87
CA LEU C 322 11.31 -12.69 29.13
C LEU C 322 10.68 -14.06 29.32
N ALA C 323 9.69 -14.13 30.21
CA ALA C 323 9.06 -15.39 30.58
C ALA C 323 7.56 -15.18 30.69
N GLU C 324 6.80 -15.80 29.79
CA GLU C 324 5.35 -15.72 29.83
C GLU C 324 4.83 -16.46 31.06
N VAL C 325 4.20 -15.72 31.97
CA VAL C 325 3.73 -16.30 33.23
C VAL C 325 2.33 -15.81 33.55
N GLY C 326 1.98 -14.61 33.08
CA GLY C 326 0.70 -14.01 33.39
C GLY C 326 0.78 -13.09 34.60
N ARG C 327 -0.18 -12.17 34.66
CA ARG C 327 -0.19 -11.15 35.71
C ARG C 327 -1.62 -10.67 35.96
N VAL C 328 -1.92 -10.38 37.23
CA VAL C 328 -3.20 -9.83 37.65
C VAL C 328 -2.97 -8.47 38.28
N TYR C 329 -3.84 -7.52 37.95
CA TYR C 329 -3.74 -6.14 38.41
C TYR C 329 -4.91 -5.83 39.35
N LEU C 330 -4.60 -5.15 40.45
CA LEU C 330 -5.62 -4.75 41.42
C LEU C 330 -5.75 -3.23 41.41
N PHE C 331 -6.94 -2.75 41.06
CA PHE C 331 -7.27 -1.32 41.09
C PHE C 331 -8.29 -1.08 42.18
N LEU C 332 -7.89 -0.34 43.21
CA LEU C 332 -8.80 0.03 44.29
C LEU C 332 -9.51 1.33 43.93
N GLN C 333 -10.81 1.38 44.22
CA GLN C 333 -11.61 2.56 43.92
C GLN C 333 -11.34 3.64 44.95
N PRO C 334 -10.95 4.84 44.55
CA PRO C 334 -10.59 5.87 45.52
C PRO C 334 -11.82 6.61 46.04
N ARG C 335 -11.60 7.40 47.09
CA ARG C 335 -12.66 8.19 47.69
C ARG C 335 -13.21 9.19 46.67
N GLY C 336 -14.54 9.21 46.53
CA GLY C 336 -15.20 10.19 45.72
C GLY C 336 -15.20 9.87 44.24
N PRO C 337 -15.41 10.89 43.41
CA PRO C 337 -15.54 10.68 41.96
C PRO C 337 -14.23 10.58 41.21
N HIS C 338 -13.11 10.44 41.91
CA HIS C 338 -11.81 10.43 41.26
C HIS C 338 -11.65 9.21 40.37
N ALA C 339 -10.86 9.37 39.32
CA ALA C 339 -10.59 8.27 38.40
C ALA C 339 -9.68 7.25 39.06
N LEU C 340 -9.85 5.99 38.65
CA LEU C 340 -9.03 4.92 39.20
C LEU C 340 -7.58 5.11 38.80
N GLY C 341 -6.68 5.04 39.77
CA GLY C 341 -5.28 5.35 39.57
C GLY C 341 -4.47 4.18 39.05
N ALA C 342 -3.18 4.22 39.35
CA ALA C 342 -2.24 3.18 38.99
C ALA C 342 -2.60 1.90 39.74
N PRO C 343 -2.09 0.73 39.33
CA PRO C 343 -2.40 -0.48 40.08
C PRO C 343 -1.96 -0.38 41.54
N SER C 344 -2.85 -0.82 42.43
CA SER C 344 -2.53 -0.88 43.85
C SER C 344 -1.73 -2.12 44.22
N LEU C 345 -1.63 -3.09 43.31
CA LEU C 345 -0.89 -4.34 43.55
C LEU C 345 -0.80 -5.09 42.24
N LEU C 346 0.32 -5.79 42.04
CA LEU C 346 0.52 -6.67 40.90
C LEU C 346 0.77 -8.08 41.40
N LEU C 347 -0.06 -9.02 40.97
CA LEU C 347 0.14 -10.44 41.23
C LEU C 347 0.66 -11.08 39.95
N THR C 348 1.81 -11.74 40.05
CA THR C 348 2.50 -12.29 38.89
C THR C 348 2.68 -13.78 39.04
N GLY C 349 2.42 -14.52 37.97
CA GLY C 349 2.61 -15.96 38.01
C GLY C 349 4.07 -16.36 37.98
N THR C 350 4.32 -17.61 38.35
CA THR C 350 5.67 -18.17 38.37
C THR C 350 5.87 -19.28 37.34
N GLN C 351 4.88 -20.11 37.09
CA GLN C 351 5.05 -21.23 36.18
C GLN C 351 5.00 -20.75 34.74
N LEU C 352 5.99 -21.16 33.94
CA LEU C 352 6.04 -20.75 32.54
C LEU C 352 4.83 -21.30 31.79
N TYR C 353 4.25 -20.46 30.93
CA TYR C 353 3.06 -20.80 30.15
C TYR C 353 1.87 -21.18 31.05
N GLY C 354 1.94 -20.85 32.35
CA GLY C 354 0.87 -21.18 33.27
C GLY C 354 -0.39 -20.38 33.06
N ARG C 355 -0.28 -19.21 32.42
CA ARG C 355 -1.44 -18.35 32.14
C ARG C 355 -2.14 -17.93 33.43
N PHE C 356 -1.35 -17.63 34.45
CA PHE C 356 -1.84 -17.02 35.68
C PHE C 356 -2.67 -15.78 35.36
N GLY C 357 -3.90 -15.77 35.85
CA GLY C 357 -4.83 -14.71 35.51
C GLY C 357 -5.82 -15.05 34.42
N SER C 358 -6.00 -16.33 34.08
CA SER C 358 -6.98 -16.70 33.07
CA SER C 358 -6.98 -16.70 33.06
C SER C 358 -8.41 -16.51 33.58
N ALA C 359 -8.62 -16.65 34.88
CA ALA C 359 -9.92 -16.41 35.50
C ALA C 359 -9.67 -15.85 36.90
N ILE C 360 -10.56 -14.96 37.32
CA ILE C 360 -10.47 -14.30 38.62
C ILE C 360 -11.86 -14.31 39.23
N ALA C 361 -12.04 -15.03 40.34
CA ALA C 361 -13.35 -15.23 40.92
C ALA C 361 -13.42 -14.63 42.33
N PRO C 362 -14.37 -13.74 42.59
CA PRO C 362 -14.62 -13.32 43.97
C PRO C 362 -15.15 -14.48 44.80
N LEU C 363 -14.67 -14.57 46.04
CA LEU C 363 -15.05 -15.64 46.94
C LEU C 363 -15.92 -15.17 48.09
N GLY C 364 -16.32 -13.90 48.10
CA GLY C 364 -16.89 -13.34 49.31
C GLY C 364 -15.82 -13.35 50.39
N ASP C 365 -16.27 -13.36 51.65
CA ASP C 365 -15.35 -13.43 52.78
C ASP C 365 -15.18 -14.89 53.17
N LEU C 366 -14.01 -15.45 52.85
CA LEU C 366 -13.78 -16.87 53.02
C LEU C 366 -13.54 -17.25 54.48
N ASP C 367 -12.69 -16.48 55.16
CA ASP C 367 -12.38 -16.73 56.56
C ASP C 367 -13.23 -15.89 57.52
N ARG C 368 -14.16 -15.09 56.99
CA ARG C 368 -15.09 -14.29 57.79
C ARG C 368 -14.33 -13.37 58.75
N ASP C 369 -13.30 -12.70 58.23
CA ASP C 369 -12.52 -11.75 59.01
C ASP C 369 -12.90 -10.30 58.75
N GLY C 370 -13.73 -10.04 57.74
CA GLY C 370 -14.16 -8.70 57.40
C GLY C 370 -13.83 -8.25 55.99
N TYR C 371 -12.89 -8.94 55.33
CA TYR C 371 -12.43 -8.55 54.00
C TYR C 371 -12.71 -9.68 53.01
N ASN C 372 -13.29 -9.33 51.87
CA ASN C 372 -13.57 -10.31 50.84
C ASN C 372 -12.27 -10.81 50.23
N ASP C 373 -12.33 -12.01 49.64
CA ASP C 373 -11.15 -12.71 49.15
C ASP C 373 -11.40 -13.15 47.71
N ILE C 374 -10.32 -13.50 47.01
CA ILE C 374 -10.40 -13.83 45.59
C ILE C 374 -9.62 -15.12 45.33
N ALA C 375 -9.92 -15.72 44.17
CA ALA C 375 -9.21 -16.89 43.68
C ALA C 375 -8.75 -16.62 42.25
N VAL C 376 -7.47 -16.84 41.98
CA VAL C 376 -6.88 -16.62 40.67
C VAL C 376 -6.46 -17.97 40.10
N ALA C 377 -6.71 -18.17 38.81
CA ALA C 377 -6.45 -19.43 38.15
C ALA C 377 -5.19 -19.35 37.29
N ALA C 378 -4.42 -20.44 37.29
CA ALA C 378 -3.33 -20.65 36.34
C ALA C 378 -3.57 -22.03 35.74
N PRO C 379 -4.39 -22.11 34.68
CA PRO C 379 -4.85 -23.42 34.19
C PRO C 379 -3.75 -24.33 33.69
N TYR C 380 -2.53 -23.82 33.47
CA TYR C 380 -1.40 -24.65 33.14
C TYR C 380 -0.23 -24.39 34.08
N GLY C 381 -0.51 -23.92 35.29
CA GLY C 381 0.49 -23.62 36.29
C GLY C 381 0.64 -24.71 37.33
N GLY C 382 1.26 -24.35 38.44
CA GLY C 382 1.70 -25.32 39.41
C GLY C 382 3.03 -25.89 38.96
N PRO C 383 3.81 -26.44 39.91
CA PRO C 383 5.10 -27.02 39.53
C PRO C 383 4.97 -28.16 38.53
N SER C 384 3.81 -28.81 38.45
CA SER C 384 3.56 -29.89 37.51
C SER C 384 2.97 -29.41 36.19
N GLY C 385 2.60 -28.14 36.08
CA GLY C 385 1.93 -27.65 34.90
C GLY C 385 0.52 -28.17 34.70
N ARG C 386 -0.03 -28.90 35.68
CA ARG C 386 -1.36 -29.48 35.54
C ARG C 386 -2.48 -28.52 35.88
N GLY C 387 -2.17 -27.33 36.35
CA GLY C 387 -3.20 -26.38 36.72
C GLY C 387 -3.19 -26.12 38.21
N GLN C 388 -3.56 -24.89 38.57
CA GLN C 388 -3.43 -24.44 39.94
C GLN C 388 -4.32 -23.23 40.18
N VAL C 389 -5.02 -23.23 41.32
CA VAL C 389 -5.83 -22.11 41.76
C VAL C 389 -5.23 -21.55 43.04
N LEU C 390 -5.10 -20.23 43.11
CA LEU C 390 -4.46 -19.55 44.24
C LEU C 390 -5.47 -18.64 44.91
N VAL C 391 -5.58 -18.76 46.24
CA VAL C 391 -6.48 -17.94 47.04
C VAL C 391 -5.67 -16.78 47.61
N PHE C 392 -6.17 -15.56 47.42
CA PHE C 392 -5.59 -14.36 48.00
C PHE C 392 -6.61 -13.72 48.93
N LEU C 393 -6.18 -13.41 50.15
CA LEU C 393 -7.07 -12.87 51.16
C LEU C 393 -7.04 -11.35 51.15
N GLY C 394 -8.20 -10.74 51.32
CA GLY C 394 -8.28 -9.30 51.40
C GLY C 394 -7.75 -8.77 52.73
N GLN C 395 -7.32 -7.51 52.69
CA GLN C 395 -6.84 -6.81 53.86
C GLN C 395 -7.20 -5.34 53.72
N SER C 396 -6.94 -4.57 54.78
CA SER C 396 -7.27 -3.15 54.74
C SER C 396 -6.49 -2.43 53.64
N GLU C 397 -5.29 -2.90 53.33
CA GLU C 397 -4.46 -2.27 52.31
C GLU C 397 -4.76 -2.78 50.91
N GLY C 398 -5.53 -3.85 50.77
CA GLY C 398 -5.88 -4.38 49.47
C GLY C 398 -5.91 -5.90 49.45
N LEU C 399 -4.83 -6.51 48.98
CA LEU C 399 -4.68 -7.96 48.99
C LEU C 399 -3.31 -8.32 49.50
N ARG C 400 -3.19 -9.53 50.04
CA ARG C 400 -1.89 -10.04 50.43
C ARG C 400 -1.06 -10.35 49.20
N SER C 401 0.24 -10.04 49.27
CA SER C 401 1.13 -10.30 48.15
C SER C 401 1.24 -11.79 47.87
N ARG C 402 1.07 -12.62 48.89
CA ARG C 402 1.28 -14.05 48.79
C ARG C 402 -0.01 -14.82 49.06
N PRO C 403 -0.23 -15.93 48.36
CA PRO C 403 -1.50 -16.65 48.52
C PRO C 403 -1.57 -17.31 49.88
N SER C 404 -2.76 -17.28 50.48
CA SER C 404 -2.99 -18.02 51.71
C SER C 404 -3.06 -19.52 51.46
N GLN C 405 -3.41 -19.93 50.24
CA GLN C 405 -3.71 -21.32 49.96
C GLN C 405 -3.55 -21.55 48.46
N VAL C 406 -3.28 -22.80 48.09
CA VAL C 406 -3.03 -23.17 46.71
C VAL C 406 -3.73 -24.50 46.44
N LEU C 407 -4.58 -24.53 45.43
CA LEU C 407 -5.34 -25.72 45.05
C LEU C 407 -4.72 -26.30 43.78
N ASP C 408 -3.98 -27.39 43.93
CA ASP C 408 -3.38 -28.06 42.78
C ASP C 408 -4.40 -28.96 42.10
N SER C 409 -4.32 -29.03 40.77
CA SER C 409 -5.29 -29.77 40.00
C SER C 409 -5.32 -31.23 40.41
N PRO C 410 -6.48 -31.80 40.73
CA PRO C 410 -6.57 -33.23 40.99
C PRO C 410 -6.62 -34.09 39.74
N PHE C 411 -6.65 -33.47 38.56
CA PHE C 411 -6.87 -34.15 37.29
C PHE C 411 -5.55 -34.38 36.56
N PRO C 412 -5.54 -35.26 35.56
CA PRO C 412 -4.33 -35.45 34.76
C PRO C 412 -3.96 -34.20 33.99
N THR C 413 -2.81 -34.27 33.32
CA THR C 413 -2.31 -33.14 32.54
C THR C 413 -3.31 -32.76 31.45
N GLY C 414 -3.43 -31.47 31.21
CA GLY C 414 -4.23 -30.96 30.12
C GLY C 414 -5.69 -30.72 30.43
N SER C 415 -6.10 -30.87 31.70
CA SER C 415 -7.50 -30.65 32.05
C SER C 415 -7.94 -29.19 31.94
N ALA C 416 -6.99 -28.26 31.83
CA ALA C 416 -7.27 -26.83 31.92
C ALA C 416 -8.00 -26.50 33.22
N PHE C 417 -7.58 -27.16 34.30
CA PHE C 417 -8.14 -26.94 35.62
C PHE C 417 -8.00 -25.49 36.04
N GLY C 418 -9.13 -24.83 36.30
CA GLY C 418 -9.16 -23.43 36.67
C GLY C 418 -9.64 -22.50 35.59
N PHE C 419 -9.72 -22.96 34.32
CA PHE C 419 -10.18 -22.10 33.24
C PHE C 419 -11.50 -21.41 33.56
N SER C 420 -12.32 -22.01 34.41
CA SER C 420 -13.55 -21.40 34.89
C SER C 420 -13.62 -21.51 36.39
N LEU C 421 -13.99 -20.40 37.04
CA LEU C 421 -14.07 -20.33 38.49
C LEU C 421 -15.35 -19.62 38.90
N ARG C 422 -15.83 -19.96 40.10
CA ARG C 422 -16.98 -19.26 40.67
C ARG C 422 -17.05 -19.58 42.16
N GLY C 423 -17.19 -18.55 42.98
CA GLY C 423 -17.29 -18.73 44.42
C GLY C 423 -18.37 -17.87 45.04
N ALA C 424 -18.14 -17.45 46.28
CA ALA C 424 -19.02 -16.54 47.03
C ALA C 424 -20.42 -17.10 47.23
N VAL C 425 -20.58 -18.42 47.20
CA VAL C 425 -21.88 -19.05 47.43
C VAL C 425 -21.68 -20.25 48.35
N ASP C 426 -22.51 -20.33 49.39
CA ASP C 426 -22.48 -21.43 50.35
C ASP C 426 -23.37 -22.55 49.82
N ILE C 427 -22.77 -23.53 49.15
CA ILE C 427 -23.56 -24.56 48.49
C ILE C 427 -24.03 -25.63 49.48
N ASP C 428 -23.29 -25.87 50.55
CA ASP C 428 -23.66 -26.90 51.53
C ASP C 428 -24.32 -26.32 52.77
N ASP C 429 -24.53 -25.00 52.81
CA ASP C 429 -25.23 -24.33 53.91
C ASP C 429 -24.54 -24.57 55.26
N ASN C 430 -23.24 -24.31 55.30
CA ASN C 430 -22.48 -24.32 56.54
C ASN C 430 -22.06 -22.91 56.97
N GLY C 431 -22.61 -21.88 56.34
CA GLY C 431 -22.29 -20.51 56.66
C GLY C 431 -20.99 -19.99 56.06
N TYR C 432 -20.37 -20.74 55.15
CA TYR C 432 -19.08 -20.36 54.60
C TYR C 432 -19.11 -20.48 53.08
N PRO C 433 -18.56 -19.50 52.37
CA PRO C 433 -18.66 -19.50 50.90
C PRO C 433 -17.73 -20.51 50.25
N ASP C 434 -18.25 -21.22 49.27
CA ASP C 434 -17.55 -22.34 48.64
C ASP C 434 -17.10 -21.96 47.24
N LEU C 435 -16.33 -22.86 46.62
CA LEU C 435 -15.69 -22.60 45.34
C LEU C 435 -15.85 -23.78 44.41
N ILE C 436 -16.30 -23.51 43.18
CA ILE C 436 -16.39 -24.53 42.14
C ILE C 436 -15.38 -24.22 41.05
N VAL C 437 -14.70 -25.25 40.56
CA VAL C 437 -13.64 -25.11 39.58
C VAL C 437 -13.93 -26.05 38.42
N GLY C 438 -13.96 -25.51 37.20
CA GLY C 438 -14.13 -26.32 36.02
C GLY C 438 -12.81 -26.76 35.43
N ALA C 439 -12.84 -27.92 34.76
CA ALA C 439 -11.68 -28.47 34.05
C ALA C 439 -12.23 -29.13 32.78
N TYR C 440 -12.53 -28.30 31.77
CA TYR C 440 -13.21 -28.80 30.59
C TYR C 440 -12.37 -29.86 29.86
N GLY C 441 -11.05 -29.81 30.02
CA GLY C 441 -10.21 -30.82 29.38
C GLY C 441 -10.47 -32.22 29.90
N ALA C 442 -10.75 -32.34 31.20
CA ALA C 442 -11.12 -33.61 31.80
C ALA C 442 -12.62 -33.83 31.84
N ASN C 443 -13.41 -32.88 31.32
CA ASN C 443 -14.87 -32.96 31.30
C ASN C 443 -15.43 -33.15 32.71
N GLN C 444 -14.87 -32.41 33.68
CA GLN C 444 -15.25 -32.56 35.08
C GLN C 444 -15.24 -31.21 35.77
N VAL C 445 -15.94 -31.14 36.90
CA VAL C 445 -15.99 -29.96 37.76
C VAL C 445 -15.68 -30.42 39.19
N ALA C 446 -14.77 -29.70 39.84
CA ALA C 446 -14.43 -29.95 41.23
C ALA C 446 -15.06 -28.88 42.12
N VAL C 447 -15.48 -29.29 43.32
CA VAL C 447 -16.16 -28.40 44.25
C VAL C 447 -15.37 -28.41 45.55
N TYR C 448 -14.94 -27.23 46.00
CA TYR C 448 -14.18 -27.05 47.22
C TYR C 448 -15.08 -26.41 48.28
N ARG C 449 -15.24 -27.07 49.41
CA ARG C 449 -16.05 -26.58 50.51
C ARG C 449 -15.20 -25.82 51.50
N ALA C 450 -15.74 -24.72 52.01
CA ALA C 450 -15.05 -23.93 53.03
C ALA C 450 -15.29 -24.52 54.41
N GLN C 451 -14.23 -24.62 55.19
CA GLN C 451 -14.31 -25.20 56.52
C GLN C 451 -14.28 -24.12 57.59
N PRO C 452 -14.97 -24.35 58.71
CA PRO C 452 -15.05 -23.32 59.75
C PRO C 452 -13.67 -22.94 60.29
N VAL C 453 -13.53 -21.66 60.63
CA VAL C 453 -12.27 -21.14 61.15
C VAL C 453 -12.35 -21.00 62.67
N GLY D 1 55.45 -9.64 59.68
CA GLY D 1 55.27 -10.66 60.70
C GLY D 1 53.82 -11.06 60.92
N PRO D 2 53.04 -10.16 61.52
CA PRO D 2 51.63 -10.46 61.76
C PRO D 2 50.75 -10.14 60.56
N ASN D 3 49.78 -11.01 60.31
CA ASN D 3 48.84 -10.85 59.21
C ASN D 3 47.63 -11.73 59.46
N ILE D 4 46.67 -11.68 58.54
CA ILE D 4 45.44 -12.46 58.68
C ILE D 4 45.71 -13.95 58.63
N CYS D 5 46.84 -14.38 58.07
CA CYS D 5 47.14 -15.81 58.01
C CYS D 5 47.51 -16.36 59.39
N THR D 6 48.31 -15.62 60.15
CA THR D 6 48.73 -16.10 61.47
C THR D 6 47.68 -15.80 62.53
N THR D 7 47.11 -14.60 62.53
CA THR D 7 46.20 -14.17 63.57
C THR D 7 44.87 -14.90 63.56
N ARG D 8 44.60 -15.73 62.54
CA ARG D 8 43.36 -16.49 62.52
C ARG D 8 43.38 -17.68 63.47
N GLY D 9 44.57 -18.23 63.76
CA GLY D 9 44.66 -19.41 64.59
C GLY D 9 44.00 -20.61 63.93
N VAL D 10 44.51 -20.99 62.76
CA VAL D 10 43.92 -22.07 61.99
C VAL D 10 44.31 -23.42 62.59
N SER D 11 43.48 -24.43 62.35
CA SER D 11 43.69 -25.76 62.90
C SER D 11 44.10 -26.78 61.83
N SER D 12 44.14 -26.40 60.57
CA SER D 12 44.46 -27.35 59.51
C SER D 12 44.99 -26.61 58.29
N CYS D 13 45.66 -27.37 57.42
CA CYS D 13 46.13 -26.81 56.16
C CYS D 13 44.96 -26.37 55.29
N GLN D 14 43.91 -27.18 55.22
CA GLN D 14 42.73 -26.83 54.45
C GLN D 14 42.09 -25.54 54.96
N GLN D 15 42.04 -25.39 56.29
CA GLN D 15 41.52 -24.16 56.88
C GLN D 15 42.43 -22.97 56.58
N CYS D 16 43.73 -23.22 56.38
CA CYS D 16 44.67 -22.13 56.16
C CYS D 16 44.49 -21.51 54.78
N LEU D 17 44.39 -22.35 53.74
CA LEU D 17 44.16 -21.83 52.40
C LEU D 17 42.83 -21.09 52.31
N ALA D 18 41.85 -21.48 53.11
CA ALA D 18 40.54 -20.84 53.08
C ALA D 18 40.56 -19.42 53.63
N VAL D 19 41.61 -19.04 54.36
CA VAL D 19 41.68 -17.71 54.92
C VAL D 19 41.78 -16.66 53.82
N SER D 20 42.69 -16.88 52.87
CA SER D 20 42.94 -15.94 51.79
C SER D 20 43.77 -16.63 50.71
N PRO D 21 43.64 -16.23 49.44
CA PRO D 21 44.57 -16.72 48.41
C PRO D 21 46.02 -16.37 48.71
N MET D 22 46.27 -15.46 49.65
CA MET D 22 47.59 -14.99 50.01
C MET D 22 48.32 -15.96 50.95
N CYS D 23 47.60 -16.78 51.70
CA CYS D 23 48.19 -17.59 52.76
C CYS D 23 48.77 -18.89 52.22
N ALA D 24 49.81 -19.38 52.91
CA ALA D 24 50.44 -20.65 52.62
C ALA D 24 50.56 -21.45 53.91
N TRP D 25 50.86 -22.74 53.77
CA TRP D 25 50.95 -23.66 54.90
C TRP D 25 52.24 -24.45 54.83
N CYS D 26 52.89 -24.61 55.98
CA CYS D 26 54.10 -25.41 56.13
C CYS D 26 53.74 -26.68 56.88
N SER D 27 53.99 -27.83 56.25
CA SER D 27 53.72 -29.13 56.84
C SER D 27 54.97 -29.79 57.40
N ASP D 28 56.09 -29.08 57.42
CA ASP D 28 57.34 -29.64 57.92
C ASP D 28 57.20 -30.05 59.39
N GLU D 29 57.47 -31.32 59.68
CA GLU D 29 57.36 -31.80 61.04
C GLU D 29 58.43 -31.18 61.95
N ALA D 30 59.59 -30.86 61.40
CA ALA D 30 60.70 -30.27 62.17
C ALA D 30 60.63 -28.75 62.20
N LEU D 31 59.43 -28.18 62.31
CA LEU D 31 59.25 -26.74 62.43
C LEU D 31 59.36 -26.32 63.90
N PRO D 32 59.92 -25.14 64.17
CA PRO D 32 59.94 -24.65 65.56
C PRO D 32 58.53 -24.55 66.13
N LEU D 33 58.41 -24.88 67.41
CA LEU D 33 57.11 -24.81 68.08
C LEU D 33 56.59 -23.38 68.09
N GLY D 34 57.40 -22.44 68.54
CA GLY D 34 57.05 -21.04 68.49
C GLY D 34 57.17 -20.48 67.08
N SER D 35 56.31 -20.96 66.18
CA SER D 35 56.34 -20.55 64.79
C SER D 35 55.03 -20.94 64.10
N PRO D 36 54.40 -20.02 63.38
CA PRO D 36 53.12 -20.35 62.74
C PRO D 36 53.31 -21.23 61.52
N ARG D 37 52.39 -22.17 61.33
CA ARG D 37 52.37 -22.97 60.11
C ARG D 37 51.64 -22.27 58.98
N CYS D 38 50.81 -21.29 59.28
CA CYS D 38 50.01 -20.57 58.29
C CYS D 38 50.51 -19.14 58.20
N ASP D 39 51.10 -18.79 57.07
CA ASP D 39 51.68 -17.46 56.87
C ASP D 39 51.92 -17.26 55.38
N LEU D 40 52.52 -16.13 55.03
CA LEU D 40 52.91 -15.88 53.65
C LEU D 40 54.05 -16.81 53.26
N LYS D 41 54.14 -17.13 51.97
CA LYS D 41 55.14 -18.08 51.50
C LYS D 41 56.56 -17.61 51.85
N GLU D 42 56.79 -16.30 51.87
CA GLU D 42 58.11 -15.78 52.22
C GLU D 42 58.42 -16.01 53.69
N ASN D 43 57.48 -15.64 54.57
CA ASN D 43 57.70 -15.79 56.01
C ASN D 43 57.95 -17.24 56.39
N LEU D 44 57.32 -18.19 55.70
CA LEU D 44 57.57 -19.60 55.98
C LEU D 44 58.99 -20.00 55.62
N LEU D 45 59.46 -19.58 54.44
CA LEU D 45 60.82 -19.89 54.02
C LEU D 45 61.87 -19.27 54.93
N LYS D 46 61.52 -18.20 55.65
CA LYS D 46 62.48 -17.60 56.58
C LYS D 46 62.76 -18.52 57.76
N ASP D 47 61.77 -19.31 58.20
CA ASP D 47 61.93 -20.23 59.33
C ASP D 47 62.44 -21.59 58.89
N ASN D 48 63.28 -21.64 57.86
CA ASN D 48 63.89 -22.87 57.37
C ASN D 48 62.86 -23.94 57.03
N CYS D 49 61.61 -23.55 56.73
CA CYS D 49 60.60 -24.51 56.34
C CYS D 49 61.02 -25.17 55.02
N ALA D 50 61.00 -26.49 55.01
CA ALA D 50 61.42 -27.26 53.85
C ALA D 50 60.64 -26.82 52.61
N PRO D 51 61.30 -26.28 51.58
CA PRO D 51 60.57 -25.79 50.40
C PRO D 51 59.63 -26.80 49.79
N GLU D 52 60.01 -28.08 49.75
CA GLU D 52 59.13 -29.12 49.24
C GLU D 52 57.93 -29.35 50.16
N SER D 53 58.02 -28.96 51.42
CA SER D 53 56.95 -29.14 52.38
C SER D 53 56.03 -27.93 52.48
N ILE D 54 56.10 -27.01 51.52
CA ILE D 54 55.27 -25.81 51.50
C ILE D 54 54.09 -26.05 50.56
N GLU D 55 52.89 -25.79 51.07
CA GLU D 55 51.66 -25.88 50.27
C GLU D 55 51.21 -24.46 49.95
N PHE D 56 51.14 -24.14 48.66
CA PHE D 56 50.71 -22.81 48.25
C PHE D 56 50.15 -22.86 46.84
N PRO D 57 48.92 -23.35 46.65
CA PRO D 57 48.36 -23.44 45.30
C PRO D 57 48.11 -22.06 44.71
N VAL D 58 48.37 -21.93 43.42
CA VAL D 58 48.20 -20.69 42.68
C VAL D 58 47.08 -20.87 41.69
N SER D 59 46.13 -19.94 41.69
CA SER D 59 45.06 -19.96 40.69
C SER D 59 45.66 -19.70 39.31
N GLU D 60 45.33 -20.57 38.36
CA GLU D 60 45.92 -20.51 37.03
C GLU D 60 44.87 -20.79 35.98
N ALA D 61 45.17 -20.37 34.75
CA ALA D 61 44.32 -20.62 33.59
C ALA D 61 45.19 -21.19 32.48
N ARG D 62 44.82 -22.38 31.99
CA ARG D 62 45.61 -23.09 31.00
C ARG D 62 44.74 -23.43 29.80
N VAL D 63 45.31 -23.28 28.60
CA VAL D 63 44.59 -23.53 27.36
C VAL D 63 44.77 -24.99 26.96
N LEU D 64 43.68 -25.61 26.51
CA LEU D 64 43.67 -27.01 26.10
C LEU D 64 43.46 -27.16 24.60
N GLU D 65 42.40 -26.57 24.06
CA GLU D 65 42.10 -26.59 22.63
C GLU D 65 42.14 -25.17 22.12
N ASP D 66 43.02 -24.90 21.15
CA ASP D 66 43.29 -23.55 20.68
C ASP D 66 43.41 -23.53 19.17
N ARG D 67 42.39 -24.04 18.47
CA ARG D 67 42.41 -24.02 17.02
C ARG D 67 42.35 -22.58 16.51
N PRO D 68 43.10 -22.25 15.46
CA PRO D 68 43.04 -20.90 14.92
C PRO D 68 41.66 -20.58 14.35
N LEU D 69 41.34 -19.28 14.35
CA LEU D 69 40.08 -18.84 13.75
C LEU D 69 40.15 -18.97 12.24
N SER D 70 39.15 -19.64 11.66
CA SER D 70 39.15 -19.89 10.22
C SER D 70 38.98 -18.60 9.45
N ASP D 71 39.62 -18.55 8.27
CA ASP D 71 39.52 -17.39 7.40
C ASP D 71 38.25 -17.45 6.54
N LYS D 72 37.91 -18.63 6.06
CA LYS D 72 36.74 -18.84 5.22
C LYS D 72 35.85 -19.90 5.84
N GLY D 73 34.54 -19.70 5.75
CA GLY D 73 33.57 -20.65 6.26
C GLY D 73 33.07 -21.67 5.26
N SER D 74 33.66 -21.73 4.07
CA SER D 74 33.26 -22.70 3.06
C SER D 74 33.89 -24.05 3.37
N GLY D 75 33.87 -24.97 2.41
CA GLY D 75 34.48 -26.26 2.61
C GLY D 75 33.69 -27.11 3.59
N ASP D 76 34.41 -27.85 4.42
CA ASP D 76 33.79 -28.67 5.45
C ASP D 76 33.34 -27.79 6.61
N SER D 77 32.09 -27.98 7.04
CA SER D 77 31.59 -27.25 8.20
C SER D 77 32.25 -27.70 9.50
N SER D 78 32.81 -28.92 9.52
CA SER D 78 33.53 -29.39 10.70
C SER D 78 34.86 -28.66 10.89
N GLN D 79 35.41 -28.07 9.83
CA GLN D 79 36.67 -27.34 9.90
C GLN D 79 36.50 -25.88 10.28
N VAL D 80 35.27 -25.40 10.44
CA VAL D 80 35.03 -23.99 10.73
C VAL D 80 35.25 -23.75 12.21
N THR D 81 36.02 -22.70 12.53
CA THR D 81 36.29 -22.31 13.91
C THR D 81 35.98 -20.83 14.04
N GLN D 82 34.97 -20.50 14.86
CA GLN D 82 34.56 -19.13 15.09
C GLN D 82 34.93 -18.61 16.48
N VAL D 83 35.32 -19.48 17.39
CA VAL D 83 35.65 -19.11 18.77
C VAL D 83 37.05 -19.62 19.08
N SER D 84 37.84 -18.81 19.78
CA SER D 84 39.18 -19.20 20.18
C SER D 84 39.54 -18.52 21.49
N PRO D 85 39.98 -19.28 22.52
CA PRO D 85 40.11 -20.74 22.49
C PRO D 85 38.78 -21.48 22.64
N GLN D 86 38.81 -22.81 22.44
CA GLN D 86 37.61 -23.62 22.56
C GLN D 86 37.50 -24.34 23.89
N ARG D 87 38.62 -24.54 24.60
CA ARG D 87 38.59 -25.24 25.88
C ARG D 87 39.80 -24.81 26.69
N ILE D 88 39.55 -24.34 27.92
CA ILE D 88 40.61 -23.98 28.85
C ILE D 88 40.31 -24.64 30.20
N ALA D 89 41.37 -24.80 30.98
CA ALA D 89 41.28 -25.38 32.32
C ALA D 89 41.55 -24.29 33.34
N LEU D 90 40.55 -24.01 34.17
CA LEU D 90 40.63 -22.96 35.17
C LEU D 90 40.82 -23.59 36.55
N ARG D 91 41.77 -23.07 37.32
CA ARG D 91 42.01 -23.51 38.68
C ARG D 91 41.82 -22.33 39.62
N LEU D 92 41.01 -22.52 40.66
CA LEU D 92 40.65 -21.44 41.57
C LEU D 92 40.71 -21.94 43.00
N ARG D 93 41.54 -21.32 43.82
CA ARG D 93 41.54 -21.57 45.25
C ARG D 93 40.50 -20.67 45.92
N PRO D 94 40.10 -20.97 47.16
CA PRO D 94 38.94 -20.29 47.75
C PRO D 94 39.06 -18.77 47.71
N ASP D 95 37.95 -18.12 47.33
CA ASP D 95 37.81 -16.67 47.33
C ASP D 95 38.82 -15.96 46.43
N ASP D 96 39.40 -16.70 45.48
CA ASP D 96 40.35 -16.13 44.53
C ASP D 96 39.66 -15.87 43.20
N SER D 97 40.40 -15.29 42.27
CA SER D 97 39.86 -15.00 40.94
C SER D 97 40.99 -14.98 39.93
N LYS D 98 40.74 -15.62 38.78
CA LYS D 98 41.67 -15.64 37.67
C LYS D 98 40.97 -15.11 36.43
N ASN D 99 41.76 -14.68 35.45
CA ASN D 99 41.23 -14.09 34.23
C ASN D 99 41.76 -14.82 33.00
N PHE D 100 40.91 -14.91 31.99
CA PHE D 100 41.24 -15.53 30.72
C PHE D 100 40.61 -14.69 29.60
N SER D 101 40.73 -15.16 28.37
CA SER D 101 40.29 -14.39 27.22
C SER D 101 39.56 -15.28 26.23
N ILE D 102 38.86 -14.65 25.29
CA ILE D 102 38.14 -15.36 24.24
C ILE D 102 38.09 -14.46 23.01
N GLN D 103 38.23 -15.06 21.83
CA GLN D 103 38.12 -14.36 20.56
C GLN D 103 36.96 -14.92 19.76
N VAL D 104 36.17 -14.04 19.16
CA VAL D 104 35.03 -14.41 18.34
C VAL D 104 35.17 -13.74 16.98
N ARG D 105 34.76 -14.44 15.92
CA ARG D 105 34.86 -13.92 14.57
C ARG D 105 33.65 -14.32 13.75
N GLN D 106 32.98 -13.32 13.16
CA GLN D 106 31.96 -13.57 12.15
C GLN D 106 32.65 -14.03 10.88
N VAL D 107 32.78 -15.35 10.70
CA VAL D 107 33.61 -15.89 9.63
C VAL D 107 33.05 -15.50 8.27
N GLU D 108 33.96 -15.22 7.34
CA GLU D 108 33.59 -14.85 5.98
C GLU D 108 33.21 -16.09 5.18
N ASP D 109 32.21 -15.93 4.30
CA ASP D 109 31.75 -16.99 3.40
C ASP D 109 31.12 -18.15 4.18
N TYR D 110 30.18 -17.81 5.06
CA TYR D 110 29.48 -18.82 5.85
C TYR D 110 28.16 -19.19 5.16
N PRO D 111 27.78 -20.48 5.20
CA PRO D 111 26.54 -20.89 4.52
C PRO D 111 25.31 -20.19 5.08
N VAL D 112 24.31 -20.01 4.21
CA VAL D 112 23.10 -19.26 4.55
C VAL D 112 21.88 -20.01 4.04
N ASP D 113 20.87 -20.13 4.89
CA ASP D 113 19.54 -20.60 4.52
C ASP D 113 18.56 -19.44 4.64
N ILE D 114 17.72 -19.25 3.62
CA ILE D 114 16.71 -18.19 3.62
C ILE D 114 15.38 -18.81 3.24
N TYR D 115 14.45 -18.84 4.19
CA TYR D 115 13.08 -19.29 3.94
C TYR D 115 12.20 -18.06 3.79
N TYR D 116 11.48 -18.00 2.65
CA TYR D 116 10.64 -16.85 2.32
C TYR D 116 9.20 -17.19 2.68
N LEU D 117 8.74 -16.70 3.83
CA LEU D 117 7.38 -16.93 4.32
C LEU D 117 6.53 -15.72 3.99
N MET D 118 5.50 -15.91 3.17
CA MET D 118 4.80 -14.80 2.53
C MET D 118 3.32 -14.79 2.87
N ASP D 119 2.83 -13.62 3.25
CA ASP D 119 1.39 -13.37 3.30
C ASP D 119 0.82 -13.47 1.90
N LEU D 120 -0.23 -14.27 1.74
CA LEU D 120 -0.92 -14.40 0.47
C LEU D 120 -2.41 -14.09 0.59
N SER D 121 -2.79 -13.22 1.54
CA SER D 121 -4.11 -12.64 1.47
C SER D 121 -4.18 -11.69 0.28
N TYR D 122 -5.38 -11.12 0.06
CA TYR D 122 -5.68 -10.54 -1.25
C TYR D 122 -4.80 -9.34 -1.57
N SER D 123 -4.38 -8.57 -0.56
CA SER D 123 -3.63 -7.35 -0.82
C SER D 123 -2.17 -7.60 -1.21
N MET D 124 -1.71 -8.85 -1.17
CA MET D 124 -0.37 -9.22 -1.61
C MET D 124 -0.34 -9.67 -3.06
N LYS D 125 -1.42 -9.40 -3.81
CA LYS D 125 -1.52 -9.85 -5.19
C LYS D 125 -0.50 -9.13 -6.07
N ASP D 126 -0.32 -7.82 -5.87
CA ASP D 126 0.70 -7.09 -6.61
C ASP D 126 2.10 -7.36 -6.09
N ASP D 127 2.22 -7.92 -4.87
CA ASP D 127 3.53 -8.30 -4.35
C ASP D 127 4.10 -9.50 -5.11
N LEU D 128 3.23 -10.38 -5.62
CA LEU D 128 3.70 -11.54 -6.37
C LEU D 128 4.33 -11.13 -7.70
N TRP D 129 3.76 -10.12 -8.36
CA TRP D 129 4.31 -9.66 -9.64
C TRP D 129 5.76 -9.22 -9.50
N SER D 130 6.15 -8.76 -8.33
CA SER D 130 7.50 -8.22 -8.11
C SER D 130 8.53 -9.30 -7.78
N ILE D 131 8.10 -10.44 -7.24
CA ILE D 131 9.02 -11.48 -6.82
C ILE D 131 9.03 -12.65 -7.80
N GLN D 132 8.61 -12.42 -9.05
CA GLN D 132 8.53 -13.51 -10.03
C GLN D 132 9.89 -14.13 -10.28
N ASN D 133 10.97 -13.35 -10.14
CA ASN D 133 12.32 -13.84 -10.38
C ASN D 133 13.23 -13.54 -9.19
N LEU D 134 12.65 -13.45 -7.99
CA LEU D 134 13.44 -13.14 -6.81
C LEU D 134 14.50 -14.21 -6.54
N GLY D 135 14.23 -15.47 -6.87
CA GLY D 135 15.22 -16.51 -6.63
C GLY D 135 16.53 -16.26 -7.35
N THR D 136 16.45 -15.98 -8.66
CA THR D 136 17.67 -15.72 -9.42
C THR D 136 18.34 -14.43 -8.95
N LYS D 137 17.57 -13.37 -8.78
CA LYS D 137 18.15 -12.07 -8.43
C LYS D 137 18.76 -12.08 -7.04
N LEU D 138 18.06 -12.66 -6.05
CA LEU D 138 18.59 -12.72 -4.70
C LEU D 138 19.84 -13.58 -4.63
N ALA D 139 19.87 -14.68 -5.40
CA ALA D 139 21.06 -15.53 -5.42
C ALA D 139 22.27 -14.77 -5.96
N THR D 140 22.07 -13.96 -7.00
CA THR D 140 23.16 -13.17 -7.56
C THR D 140 23.81 -12.29 -6.51
N GLN D 141 23.00 -11.63 -5.67
CA GLN D 141 23.55 -10.74 -4.65
C GLN D 141 24.11 -11.52 -3.46
N MET D 142 23.45 -12.60 -3.06
CA MET D 142 23.91 -13.37 -1.92
C MET D 142 25.19 -14.14 -2.24
N ARG D 143 25.39 -14.54 -3.50
CA ARG D 143 26.62 -15.21 -3.86
C ARG D 143 27.84 -14.31 -3.74
N LYS D 144 27.64 -12.99 -3.69
CA LYS D 144 28.74 -12.10 -3.35
C LYS D 144 29.23 -12.33 -1.92
N LEU D 145 28.32 -12.73 -1.03
CA LEU D 145 28.66 -12.92 0.38
C LEU D 145 29.00 -14.37 0.71
N THR D 146 28.23 -15.32 0.20
CA THR D 146 28.40 -16.73 0.56
C THR D 146 28.47 -17.61 -0.68
N SER D 147 29.16 -18.73 -0.53
CA SER D 147 29.23 -19.75 -1.58
C SER D 147 28.13 -20.80 -1.46
N ASN D 148 27.63 -21.04 -0.25
CA ASN D 148 26.66 -22.09 0.03
C ASN D 148 25.33 -21.45 0.40
N LEU D 149 24.50 -21.19 -0.61
CA LEU D 149 23.19 -20.58 -0.43
C LEU D 149 22.10 -21.60 -0.68
N ARG D 150 21.03 -21.53 0.13
CA ARG D 150 19.84 -22.35 -0.06
C ARG D 150 18.61 -21.50 0.27
N ILE D 151 17.59 -21.59 -0.58
CA ILE D 151 16.37 -20.82 -0.41
C ILE D 151 15.15 -21.72 -0.57
N GLY D 152 14.05 -21.30 0.04
CA GLY D 152 12.79 -22.03 -0.01
C GLY D 152 11.64 -21.06 0.15
N PHE D 153 10.43 -21.61 0.10
CA PHE D 153 9.24 -20.77 0.05
C PHE D 153 8.08 -21.41 0.80
N GLY D 154 7.30 -20.58 1.48
CA GLY D 154 6.05 -20.96 2.10
C GLY D 154 5.13 -19.76 2.16
N ALA D 155 3.85 -20.02 2.41
CA ALA D 155 2.87 -18.95 2.36
C ALA D 155 1.76 -19.22 3.37
N PHE D 156 1.05 -18.14 3.74
CA PHE D 156 0.01 -18.22 4.75
C PHE D 156 -1.09 -17.22 4.44
N VAL D 157 -2.25 -17.44 5.04
CA VAL D 157 -3.35 -16.47 5.04
C VAL D 157 -3.86 -16.32 6.46
N ASP D 158 -4.70 -17.27 6.89
CA ASP D 158 -5.33 -17.25 8.21
C ASP D 158 -6.01 -18.60 8.40
N LYS D 159 -6.51 -18.83 9.59
CA LYS D 159 -7.16 -20.10 9.91
C LYS D 159 -8.39 -20.30 9.02
N PRO D 160 -8.44 -21.38 8.22
CA PRO D 160 -9.58 -21.62 7.30
C PRO D 160 -10.84 -22.08 8.03
N VAL D 161 -11.46 -21.15 8.75
CA VAL D 161 -12.65 -21.45 9.55
C VAL D 161 -13.40 -20.15 9.79
N SER D 162 -14.72 -20.25 9.83
CA SER D 162 -15.54 -19.10 10.20
C SER D 162 -15.16 -18.61 11.59
N PRO D 163 -15.09 -17.29 11.83
CA PRO D 163 -15.44 -16.17 10.94
C PRO D 163 -14.31 -15.67 10.05
N TYR D 164 -13.10 -16.18 10.23
CA TYR D 164 -11.99 -15.75 9.37
C TYR D 164 -12.27 -16.05 7.91
N MET D 165 -13.00 -17.12 7.63
CA MET D 165 -13.21 -17.63 6.29
C MET D 165 -14.64 -17.40 5.85
N TYR D 166 -14.81 -17.03 4.58
CA TYR D 166 -16.15 -16.95 4.01
C TYR D 166 -16.68 -18.35 3.75
N ILE D 167 -17.86 -18.65 4.29
CA ILE D 167 -18.41 -20.00 4.23
C ILE D 167 -19.75 -20.05 3.49
N SER D 168 -20.07 -19.01 2.71
CA SER D 168 -21.34 -19.02 1.99
C SER D 168 -21.22 -18.09 0.79
N PRO D 169 -21.79 -18.45 -0.37
CA PRO D 169 -22.44 -19.72 -0.76
C PRO D 169 -21.42 -20.85 -0.89
N PRO D 170 -21.83 -22.06 -1.28
CA PRO D 170 -20.84 -23.11 -1.52
C PRO D 170 -19.78 -22.72 -2.53
N GLU D 171 -20.11 -21.79 -3.43
CA GLU D 171 -19.12 -21.29 -4.40
C GLU D 171 -17.95 -20.62 -3.69
N ALA D 172 -18.21 -19.93 -2.57
CA ALA D 172 -17.18 -19.16 -1.90
C ALA D 172 -16.12 -20.05 -1.24
N LEU D 173 -16.45 -21.29 -0.92
CA LEU D 173 -15.45 -22.19 -0.35
C LEU D 173 -14.41 -22.60 -1.40
N GLU D 174 -14.82 -22.70 -2.66
CA GLU D 174 -13.89 -23.00 -3.75
C GLU D 174 -13.29 -21.74 -4.36
N ASN D 175 -13.97 -20.60 -4.24
CA ASN D 175 -13.50 -19.36 -4.83
C ASN D 175 -13.95 -18.21 -3.93
N PRO D 176 -13.16 -17.88 -2.91
CA PRO D 176 -13.55 -16.79 -2.00
C PRO D 176 -13.76 -15.46 -2.69
N CYS D 177 -13.34 -15.34 -3.95
CA CYS D 177 -13.50 -14.13 -4.73
C CYS D 177 -14.70 -14.20 -5.68
N TYR D 178 -15.73 -14.96 -5.30
CA TYR D 178 -16.87 -15.18 -6.19
C TYR D 178 -17.69 -13.90 -6.39
N ASP D 179 -17.89 -13.12 -5.32
CA ASP D 179 -18.72 -11.92 -5.40
C ASP D 179 -18.00 -10.77 -6.08
N MET D 180 -16.70 -10.92 -6.32
CA MET D 180 -15.95 -10.05 -7.22
C MET D 180 -15.78 -10.76 -8.56
N LYS D 181 -15.52 -9.98 -9.60
CA LYS D 181 -15.45 -10.54 -10.94
C LYS D 181 -14.11 -11.22 -11.20
N THR D 182 -13.62 -11.99 -10.23
CA THR D 182 -12.31 -12.64 -10.34
C THR D 182 -12.37 -14.01 -9.68
N THR D 183 -11.19 -14.64 -9.61
CA THR D 183 -11.01 -15.96 -9.02
C THR D 183 -9.74 -15.95 -8.19
N CYS D 184 -9.80 -16.56 -7.01
CA CYS D 184 -8.64 -16.73 -6.16
C CYS D 184 -8.66 -18.12 -5.56
N LEU D 185 -7.53 -18.52 -4.98
CA LEU D 185 -7.42 -19.85 -4.38
C LEU D 185 -8.39 -19.98 -3.20
N PRO D 186 -8.82 -21.20 -2.90
CA PRO D 186 -9.48 -21.44 -1.61
C PRO D 186 -8.55 -21.07 -0.47
N MET D 187 -9.14 -20.72 0.66
CA MET D 187 -8.35 -20.26 1.79
C MET D 187 -7.53 -21.39 2.38
N PHE D 188 -6.35 -21.04 2.91
CA PHE D 188 -5.45 -22.00 3.52
C PHE D 188 -4.73 -21.33 4.68
N GLY D 189 -4.49 -22.09 5.74
CA GLY D 189 -3.78 -21.57 6.89
C GLY D 189 -2.31 -21.34 6.58
N TYR D 190 -1.56 -22.43 6.40
CA TYR D 190 -0.16 -22.37 6.05
C TYR D 190 0.17 -23.55 5.15
N LYS D 191 0.96 -23.30 4.11
CA LYS D 191 1.40 -24.38 3.24
C LYS D 191 2.88 -24.22 2.91
N HIS D 192 3.63 -25.30 3.08
CA HIS D 192 5.00 -25.38 2.61
C HIS D 192 5.01 -25.61 1.10
N VAL D 193 5.86 -24.88 0.40
CA VAL D 193 5.93 -24.93 -1.05
C VAL D 193 7.24 -25.53 -1.54
N LEU D 194 8.36 -24.97 -1.11
CA LEU D 194 9.67 -25.40 -1.61
C LEU D 194 10.63 -25.54 -0.45
N THR D 195 11.18 -26.74 -0.27
CA THR D 195 12.24 -26.95 0.69
C THR D 195 13.50 -26.19 0.28
N LEU D 196 14.24 -25.71 1.27
CA LEU D 196 15.51 -25.03 1.04
C LEU D 196 16.40 -25.85 0.12
N THR D 197 16.82 -25.25 -0.98
CA THR D 197 17.59 -25.95 -2.00
C THR D 197 18.59 -24.98 -2.63
N ASP D 198 19.63 -25.55 -3.22
CA ASP D 198 20.67 -24.77 -3.89
C ASP D 198 20.34 -24.48 -5.35
N GLN D 199 19.23 -25.01 -5.87
N GLN D 199 19.22 -25.00 -5.86
CA GLN D 199 18.80 -24.75 -7.25
CA GLN D 199 18.77 -24.76 -7.23
C GLN D 199 17.78 -23.61 -7.20
C GLN D 199 17.77 -23.61 -7.19
N VAL D 200 18.28 -22.38 -7.31
CA VAL D 200 17.44 -21.20 -7.15
C VAL D 200 16.39 -21.08 -8.23
N THR D 201 16.56 -21.77 -9.37
CA THR D 201 15.51 -21.76 -10.39
C THR D 201 14.23 -22.40 -9.88
N ARG D 202 14.35 -23.41 -9.00
CA ARG D 202 13.18 -24.01 -8.38
C ARG D 202 12.34 -22.97 -7.65
N PHE D 203 12.98 -21.93 -7.13
CA PHE D 203 12.24 -20.86 -6.45
C PHE D 203 11.34 -20.11 -7.41
N ASN D 204 11.91 -19.63 -8.54
CA ASN D 204 11.13 -18.87 -9.50
C ASN D 204 10.03 -19.73 -10.12
N GLU D 205 10.31 -21.03 -10.32
CA GLU D 205 9.28 -21.92 -10.85
C GLU D 205 8.09 -22.02 -9.91
N GLU D 206 8.35 -22.27 -8.61
CA GLU D 206 7.26 -22.44 -7.67
C GLU D 206 6.54 -21.14 -7.38
N VAL D 207 7.28 -20.02 -7.36
CA VAL D 207 6.66 -18.73 -7.07
C VAL D 207 5.66 -18.35 -8.16
N LYS D 208 6.04 -18.52 -9.42
CA LYS D 208 5.14 -18.21 -10.52
C LYS D 208 3.84 -19.01 -10.46
N LYS D 209 3.86 -20.20 -9.85
CA LYS D 209 2.67 -21.02 -9.70
C LYS D 209 1.76 -20.58 -8.56
N GLN D 210 2.16 -19.57 -7.80
CA GLN D 210 1.41 -19.13 -6.62
C GLN D 210 0.36 -18.09 -6.99
N SER D 211 -0.62 -17.95 -6.12
CA SER D 211 -1.69 -16.96 -6.27
C SER D 211 -2.32 -16.74 -4.91
N VAL D 212 -2.98 -15.59 -4.76
CA VAL D 212 -3.48 -15.16 -3.46
C VAL D 212 -4.82 -15.80 -3.14
N SER D 213 -5.21 -15.73 -1.86
CA SER D 213 -6.56 -16.08 -1.44
C SER D 213 -7.22 -14.87 -0.80
N ARG D 214 -8.29 -15.07 -0.05
CA ARG D 214 -9.06 -13.96 0.49
C ARG D 214 -9.75 -14.41 1.77
N ASN D 215 -9.51 -13.69 2.87
CA ASN D 215 -10.19 -13.93 4.13
C ASN D 215 -10.87 -12.65 4.60
N ARG D 216 -11.58 -12.73 5.72
CA ARG D 216 -12.48 -11.66 6.11
C ARG D 216 -11.81 -10.59 6.97
N ASP D 217 -11.05 -10.99 7.99
CA ASP D 217 -10.56 -10.03 8.97
C ASP D 217 -9.11 -9.64 8.68
N ALA D 218 -8.81 -8.36 8.91
CA ALA D 218 -7.49 -7.80 8.58
C ALA D 218 -6.33 -8.55 9.21
N PRO D 219 -6.28 -8.78 10.53
CA PRO D 219 -5.13 -9.49 11.10
C PRO D 219 -5.07 -10.90 10.55
N GLU D 220 -3.86 -11.37 10.26
CA GLU D 220 -3.68 -12.63 9.56
C GLU D 220 -3.01 -13.66 10.46
N GLY D 221 -2.84 -14.86 9.93
CA GLY D 221 -2.34 -15.98 10.70
C GLY D 221 -0.87 -16.26 10.49
N GLY D 222 -0.05 -15.21 10.47
CA GLY D 222 1.37 -15.39 10.16
C GLY D 222 2.15 -16.07 11.26
N PHE D 223 1.75 -15.86 12.52
CA PHE D 223 2.50 -16.46 13.63
C PHE D 223 2.32 -17.97 13.64
N ASP D 224 1.16 -18.46 13.25
CA ASP D 224 0.96 -19.89 13.05
C ASP D 224 2.01 -20.46 12.09
N ALA D 225 2.29 -19.73 11.01
CA ALA D 225 3.23 -20.21 10.01
C ALA D 225 4.67 -20.09 10.50
N ILE D 226 5.00 -19.00 11.19
CA ILE D 226 6.34 -18.82 11.74
C ILE D 226 6.68 -19.99 12.65
N MET D 227 5.71 -20.43 13.46
CA MET D 227 5.93 -21.59 14.32
C MET D 227 6.24 -22.83 13.49
N GLN D 228 5.40 -23.13 12.49
CA GLN D 228 5.60 -24.33 11.69
C GLN D 228 6.86 -24.25 10.84
N ALA D 229 7.14 -23.08 10.29
CA ALA D 229 8.39 -22.90 9.56
C ALA D 229 9.60 -23.06 10.47
N THR D 230 9.42 -22.92 11.77
CA THR D 230 10.54 -23.04 12.71
C THR D 230 10.77 -24.49 13.11
N VAL D 231 9.70 -25.17 13.58
CA VAL D 231 9.86 -26.46 14.23
C VAL D 231 9.74 -27.65 13.27
N CYS D 232 9.38 -27.42 12.01
CA CYS D 232 9.35 -28.51 11.02
C CYS D 232 10.71 -28.58 10.32
N ASP D 233 11.67 -29.13 11.06
CA ASP D 233 13.07 -29.12 10.63
C ASP D 233 13.24 -29.84 9.29
N GLU D 234 12.74 -31.07 9.20
CA GLU D 234 13.01 -31.89 8.03
C GLU D 234 12.33 -31.34 6.78
N LYS D 235 11.14 -30.77 6.93
CA LYS D 235 10.42 -30.27 5.77
C LYS D 235 11.00 -28.97 5.25
N ILE D 236 11.13 -27.97 6.13
CA ILE D 236 11.76 -26.71 5.72
C ILE D 236 13.18 -26.95 5.26
N GLY D 237 13.88 -27.86 5.92
CA GLY D 237 15.22 -28.23 5.50
C GLY D 237 16.33 -27.34 6.00
N TRP D 238 16.21 -26.80 7.21
CA TRP D 238 17.29 -26.01 7.77
C TRP D 238 18.55 -26.85 7.88
N ARG D 239 19.70 -26.24 7.58
CA ARG D 239 20.98 -26.91 7.71
C ARG D 239 21.56 -26.66 9.10
N ASN D 240 22.46 -27.57 9.51
CA ASN D 240 23.03 -27.48 10.85
C ASN D 240 24.01 -26.32 10.97
N ASP D 241 24.97 -26.24 10.06
CA ASP D 241 26.03 -25.24 10.12
C ASP D 241 25.77 -24.16 9.08
N ALA D 242 24.75 -23.33 9.34
CA ALA D 242 24.37 -22.28 8.41
C ALA D 242 23.52 -21.26 9.15
N SER D 243 23.61 -20.01 8.69
CA SER D 243 22.72 -18.97 9.19
C SER D 243 21.32 -19.19 8.68
N HIS D 244 20.33 -19.11 9.57
CA HIS D 244 18.94 -19.39 9.25
C HIS D 244 18.16 -18.07 9.25
N LEU D 245 17.73 -17.63 8.08
CA LEU D 245 16.92 -16.44 7.93
C LEU D 245 15.49 -16.84 7.58
N LEU D 246 14.52 -16.32 8.34
CA LEU D 246 13.10 -16.54 8.09
C LEU D 246 12.49 -15.19 7.72
N VAL D 247 12.28 -14.96 6.43
CA VAL D 247 11.78 -13.68 5.95
C VAL D 247 10.26 -13.70 6.00
N PHE D 248 9.69 -12.89 6.88
CA PHE D 248 8.26 -12.84 7.13
C PHE D 248 7.72 -11.54 6.52
N THR D 249 6.91 -11.66 5.47
CA THR D 249 6.38 -10.52 4.75
C THR D 249 4.87 -10.42 4.95
N THR D 250 4.40 -9.24 5.33
CA THR D 250 2.97 -8.99 5.44
C THR D 250 2.74 -7.49 5.43
N ASP D 251 1.47 -7.10 5.23
CA ASP D 251 1.08 -5.69 5.28
C ASP D 251 -0.07 -5.45 6.24
N ALA D 252 -0.25 -6.33 7.23
CA ALA D 252 -1.40 -6.27 8.12
C ALA D 252 -0.98 -6.64 9.53
N LYS D 253 -1.93 -6.52 10.45
CA LYS D 253 -1.75 -6.96 11.83
C LYS D 253 -1.59 -8.47 11.87
N THR D 254 -1.36 -9.02 13.05
CA THR D 254 -1.17 -10.46 13.19
C THR D 254 -2.02 -10.99 14.33
N HIS D 255 -2.57 -12.18 14.15
CA HIS D 255 -3.26 -12.85 15.24
C HIS D 255 -2.25 -13.38 16.25
N ILE D 256 -2.66 -13.36 17.53
CA ILE D 256 -1.81 -13.77 18.63
C ILE D 256 -2.57 -14.78 19.48
N ALA D 257 -1.85 -15.44 20.37
CA ALA D 257 -2.46 -16.45 21.22
C ALA D 257 -3.66 -15.89 21.98
N LEU D 258 -4.71 -16.70 22.07
CA LEU D 258 -6.02 -16.45 22.65
C LEU D 258 -6.96 -15.72 21.68
N ASP D 259 -6.48 -15.29 20.51
CA ASP D 259 -7.40 -14.79 19.49
C ASP D 259 -8.27 -15.90 18.92
N GLY D 260 -7.78 -17.14 18.97
CA GLY D 260 -8.47 -18.26 18.36
C GLY D 260 -9.80 -18.60 18.97
N ARG D 261 -10.11 -18.07 20.16
CA ARG D 261 -11.38 -18.36 20.79
C ARG D 261 -12.55 -17.80 20.00
N LEU D 262 -12.32 -16.81 19.12
CA LEU D 262 -13.36 -16.32 18.24
C LEU D 262 -13.69 -17.30 17.11
N ALA D 263 -12.94 -18.39 16.98
CA ALA D 263 -13.30 -19.46 16.06
C ALA D 263 -13.63 -20.76 16.79
N GLY D 264 -13.80 -20.72 18.10
CA GLY D 264 -13.99 -21.92 18.88
C GLY D 264 -12.73 -22.69 19.18
N ILE D 265 -11.56 -22.09 18.97
CA ILE D 265 -10.27 -22.74 19.20
C ILE D 265 -9.78 -22.32 20.59
N VAL D 266 -9.64 -23.28 21.50
CA VAL D 266 -9.15 -23.00 22.84
C VAL D 266 -7.92 -23.82 23.21
N GLN D 267 -7.60 -24.87 22.48
CA GLN D 267 -6.40 -25.65 22.79
C GLN D 267 -5.15 -24.81 22.57
N PRO D 268 -4.25 -24.73 23.54
CA PRO D 268 -3.04 -23.93 23.36
C PRO D 268 -2.12 -24.53 22.30
N ASN D 269 -1.30 -23.68 21.70
CA ASN D 269 -0.33 -24.14 20.72
C ASN D 269 0.73 -24.99 21.41
N ASP D 270 0.97 -26.19 20.87
CA ASP D 270 1.90 -27.12 21.49
C ASP D 270 3.33 -26.98 20.97
N GLY D 271 3.56 -26.10 19.99
CA GLY D 271 4.91 -25.89 19.50
C GLY D 271 5.53 -27.09 18.83
N GLN D 272 4.72 -27.99 18.28
CA GLN D 272 5.20 -29.14 17.54
C GLN D 272 4.83 -29.02 16.07
N CYS D 273 5.51 -29.80 15.24
CA CYS D 273 5.27 -29.77 13.81
C CYS D 273 3.98 -30.50 13.47
N HIS D 274 3.18 -29.91 12.59
CA HIS D 274 1.91 -30.49 12.16
C HIS D 274 1.70 -30.26 10.67
N VAL D 275 2.77 -30.42 9.89
CA VAL D 275 2.72 -30.29 8.44
C VAL D 275 3.02 -31.67 7.86
N GLY D 276 2.00 -32.32 7.33
CA GLY D 276 2.11 -33.66 6.80
C GLY D 276 2.43 -33.68 5.33
N SER D 277 2.24 -34.85 4.72
CA SER D 277 2.61 -35.05 3.31
C SER D 277 1.91 -34.06 2.39
N ASP D 278 0.69 -33.64 2.74
CA ASP D 278 -0.01 -32.65 1.93
C ASP D 278 0.59 -31.25 2.02
N ASN D 279 1.60 -31.05 2.86
CA ASN D 279 2.37 -29.83 3.01
C ASN D 279 1.56 -28.67 3.58
N HIS D 280 0.35 -28.91 4.07
CA HIS D 280 -0.44 -27.90 4.73
C HIS D 280 -0.38 -28.09 6.25
N TYR D 281 -0.66 -27.01 6.97
CA TYR D 281 -0.68 -27.02 8.43
C TYR D 281 -1.99 -27.66 8.88
N SER D 282 -1.92 -28.89 9.39
CA SER D 282 -3.12 -29.64 9.69
C SER D 282 -3.82 -29.16 10.96
N ALA D 283 -3.08 -28.62 11.91
CA ALA D 283 -3.64 -28.17 13.19
C ALA D 283 -4.16 -26.74 13.14
N SER D 284 -4.40 -26.20 11.93
CA SER D 284 -4.79 -24.81 11.82
C SER D 284 -6.16 -24.56 12.44
N THR D 285 -7.09 -25.49 12.28
CA THR D 285 -8.46 -25.31 12.71
C THR D 285 -8.76 -25.98 14.05
N THR D 286 -7.73 -26.45 14.76
CA THR D 286 -7.92 -27.16 16.01
C THR D 286 -6.98 -26.70 17.12
N MET D 287 -6.11 -25.74 16.86
CA MET D 287 -5.06 -25.36 17.79
C MET D 287 -4.80 -23.86 17.66
N ASP D 288 -4.67 -23.19 18.81
CA ASP D 288 -4.65 -21.74 18.84
C ASP D 288 -3.35 -21.18 18.26
N TYR D 289 -3.37 -19.89 17.96
CA TYR D 289 -2.17 -19.20 17.54
C TYR D 289 -1.12 -19.27 18.66
N PRO D 290 0.16 -19.33 18.31
CA PRO D 290 1.20 -19.39 19.33
C PRO D 290 1.32 -18.07 20.08
N SER D 291 1.97 -18.14 21.23
CA SER D 291 2.25 -16.94 22.01
C SER D 291 3.66 -16.45 21.71
N LEU D 292 3.91 -15.19 22.08
CA LEU D 292 5.24 -14.60 21.85
C LEU D 292 6.33 -15.39 22.56
N GLY D 293 6.07 -15.81 23.81
CA GLY D 293 7.07 -16.57 24.53
C GLY D 293 7.38 -17.91 23.90
N LEU D 294 6.33 -18.60 23.42
CA LEU D 294 6.55 -19.89 22.77
C LEU D 294 7.35 -19.72 21.48
N MET D 295 7.02 -18.70 20.68
CA MET D 295 7.77 -18.43 19.46
C MET D 295 9.24 -18.18 19.78
N THR D 296 9.51 -17.35 20.78
CA THR D 296 10.89 -17.06 21.18
C THR D 296 11.64 -18.33 21.55
N GLU D 297 10.98 -19.22 22.30
CA GLU D 297 11.61 -20.48 22.69
C GLU D 297 12.02 -21.31 21.48
N LYS D 298 11.14 -21.41 20.49
CA LYS D 298 11.42 -22.26 19.33
C LYS D 298 12.40 -21.59 18.35
N LEU D 299 12.26 -20.28 18.12
CA LEU D 299 13.23 -19.57 17.30
C LEU D 299 14.64 -19.68 17.87
N SER D 300 14.75 -19.63 19.21
CA SER D 300 16.05 -19.75 19.86
C SER D 300 16.54 -21.20 19.84
N GLN D 301 15.64 -22.16 20.04
CA GLN D 301 16.04 -23.56 20.03
C GLN D 301 16.57 -23.97 18.67
N LYS D 302 15.93 -23.51 17.59
CA LYS D 302 16.30 -23.86 16.23
C LYS D 302 17.27 -22.87 15.59
N ASN D 303 17.65 -21.80 16.31
CA ASN D 303 18.59 -20.80 15.81
C ASN D 303 18.06 -20.13 14.54
N ILE D 304 16.83 -19.64 14.61
CA ILE D 304 16.20 -18.95 13.49
C ILE D 304 16.25 -17.45 13.74
N ASN D 305 16.71 -16.70 12.74
CA ASN D 305 16.66 -15.24 12.78
C ASN D 305 15.39 -14.81 12.07
N LEU D 306 14.38 -14.42 12.85
CA LEU D 306 13.11 -13.98 12.28
C LEU D 306 13.21 -12.53 11.85
N ILE D 307 12.85 -12.27 10.59
CA ILE D 307 12.94 -10.93 10.01
C ILE D 307 11.53 -10.48 9.67
N PHE D 308 11.07 -9.41 10.33
CA PHE D 308 9.75 -8.84 10.07
C PHE D 308 9.88 -7.85 8.91
N ALA D 309 9.48 -8.29 7.71
CA ALA D 309 9.49 -7.44 6.52
C ALA D 309 8.06 -6.98 6.29
N VAL D 310 7.72 -5.85 6.92
CA VAL D 310 6.34 -5.38 6.96
C VAL D 310 6.27 -3.99 6.34
N THR D 311 5.04 -3.58 6.02
CA THR D 311 4.81 -2.32 5.33
C THR D 311 4.69 -1.16 6.31
N GLU D 312 4.77 0.06 5.76
CA GLU D 312 4.86 1.28 6.55
C GLU D 312 3.77 1.39 7.60
N ASN D 313 2.59 0.83 7.33
CA ASN D 313 1.46 1.01 8.23
C ASN D 313 1.52 0.12 9.47
N VAL D 314 2.45 -0.83 9.53
CA VAL D 314 2.52 -1.74 10.68
C VAL D 314 3.95 -1.90 11.17
N VAL D 315 4.84 -0.98 10.76
CA VAL D 315 6.23 -1.05 11.20
C VAL D 315 6.31 -0.88 12.73
N ASN D 316 5.63 0.13 13.26
CA ASN D 316 5.64 0.35 14.70
C ASN D 316 5.10 -0.86 15.46
N LEU D 317 4.11 -1.54 14.88
CA LEU D 317 3.54 -2.71 15.54
C LEU D 317 4.57 -3.83 15.66
N TYR D 318 5.23 -4.16 14.55
CA TYR D 318 6.20 -5.25 14.56
C TYR D 318 7.55 -4.83 15.13
N GLN D 319 7.89 -3.54 15.11
CA GLN D 319 9.05 -3.08 15.87
C GLN D 319 8.85 -3.32 17.35
N ASN D 320 7.59 -3.25 17.81
CA ASN D 320 7.29 -3.45 19.22
C ASN D 320 7.22 -4.93 19.59
N TYR D 321 6.79 -5.79 18.66
CA TYR D 321 6.95 -7.22 18.87
C TYR D 321 8.42 -7.60 18.85
N SER D 322 9.21 -6.95 17.99
CA SER D 322 10.64 -7.22 17.92
C SER D 322 11.33 -6.99 19.26
N GLU D 323 10.85 -6.02 20.03
CA GLU D 323 11.41 -5.76 21.35
C GLU D 323 10.98 -6.80 22.39
N LEU D 324 9.91 -7.55 22.12
CA LEU D 324 9.50 -8.65 22.98
C LEU D 324 10.06 -10.00 22.51
N ILE D 325 10.56 -10.09 21.29
CA ILE D 325 11.23 -11.29 20.80
C ILE D 325 12.67 -10.93 20.48
N PRO D 326 13.56 -10.94 21.47
CA PRO D 326 14.95 -10.49 21.23
C PRO D 326 15.61 -11.29 20.12
N GLY D 327 16.34 -10.58 19.27
CA GLY D 327 17.05 -11.18 18.16
C GLY D 327 16.36 -11.04 16.82
N THR D 328 15.14 -10.50 16.79
CA THR D 328 14.40 -10.34 15.55
C THR D 328 14.71 -8.99 14.91
N THR D 329 14.53 -8.94 13.60
CA THR D 329 14.86 -7.77 12.79
C THR D 329 13.62 -7.28 12.06
N VAL D 330 13.50 -5.96 11.92
CA VAL D 330 12.36 -5.33 11.25
C VAL D 330 12.87 -4.52 10.07
N GLY D 331 12.24 -4.72 8.91
CA GLY D 331 12.55 -3.96 7.71
C GLY D 331 11.30 -3.43 7.01
N VAL D 332 11.38 -2.23 6.45
CA VAL D 332 10.22 -1.59 5.86
C VAL D 332 9.99 -2.15 4.46
N LEU D 333 8.91 -2.89 4.28
CA LEU D 333 8.56 -3.48 3.00
C LEU D 333 7.67 -2.52 2.22
N SER D 334 7.86 -2.49 0.89
CA SER D 334 7.00 -1.71 0.04
C SER D 334 5.61 -2.36 -0.04
N MET D 335 4.63 -1.59 -0.51
CA MET D 335 3.29 -2.14 -0.70
C MET D 335 3.24 -3.14 -1.84
N ASP D 336 4.34 -3.32 -2.59
CA ASP D 336 4.42 -4.33 -3.64
C ASP D 336 5.67 -5.20 -3.51
N SER D 337 6.37 -5.12 -2.38
CA SER D 337 7.59 -5.89 -2.12
C SER D 337 8.67 -5.66 -3.17
N SER D 338 8.64 -4.51 -3.85
CA SER D 338 9.65 -4.21 -4.84
C SER D 338 11.05 -4.05 -4.25
N ASN D 339 11.14 -3.80 -2.94
CA ASN D 339 12.41 -3.58 -2.27
C ASN D 339 12.81 -4.75 -1.37
N VAL D 340 12.23 -5.93 -1.58
CA VAL D 340 12.42 -7.02 -0.64
C VAL D 340 13.85 -7.58 -0.72
N LEU D 341 14.48 -7.52 -1.90
CA LEU D 341 15.82 -8.06 -2.03
C LEU D 341 16.82 -7.28 -1.19
N GLN D 342 16.85 -5.95 -1.37
CA GLN D 342 17.76 -5.13 -0.57
C GLN D 342 17.42 -5.20 0.92
N LEU D 343 16.13 -5.39 1.24
CA LEU D 343 15.74 -5.54 2.64
C LEU D 343 16.36 -6.78 3.26
N ILE D 344 16.45 -7.87 2.49
CA ILE D 344 17.02 -9.11 3.00
C ILE D 344 18.53 -8.98 3.16
N VAL D 345 19.20 -8.42 2.14
CA VAL D 345 20.64 -8.26 2.19
C VAL D 345 21.03 -7.37 3.38
N ASP D 346 20.25 -6.33 3.64
CA ASP D 346 20.52 -5.47 4.79
C ASP D 346 20.30 -6.22 6.10
N ALA D 347 19.18 -6.95 6.21
CA ALA D 347 18.91 -7.70 7.42
C ALA D 347 20.00 -8.74 7.70
N TYR D 348 20.45 -9.44 6.66
CA TYR D 348 21.56 -10.37 6.83
C TYR D 348 22.79 -9.67 7.37
N GLY D 349 23.10 -8.48 6.83
CA GLY D 349 24.24 -7.73 7.33
C GLY D 349 24.05 -7.28 8.77
N LYS D 350 22.84 -6.81 9.11
CA LYS D 350 22.57 -6.40 10.48
C LYS D 350 22.56 -7.59 11.43
N ILE D 351 22.15 -8.76 10.96
CA ILE D 351 22.12 -9.95 11.80
C ILE D 351 23.53 -10.36 12.22
N ARG D 352 24.49 -10.22 11.31
CA ARG D 352 25.87 -10.61 11.57
C ARG D 352 26.73 -9.43 12.01
N SER D 353 26.13 -8.30 12.36
CA SER D 353 26.84 -7.15 12.89
C SER D 353 27.00 -7.19 14.40
N LYS D 354 26.46 -8.22 15.05
CA LYS D 354 26.44 -8.29 16.50
C LYS D 354 27.08 -9.60 16.97
N VAL D 355 27.74 -9.52 18.13
CA VAL D 355 28.29 -10.69 18.81
C VAL D 355 27.97 -10.50 20.29
N GLU D 356 27.14 -11.38 20.84
CA GLU D 356 26.71 -11.28 22.23
C GLU D 356 26.99 -12.59 22.93
N LEU D 357 27.75 -12.53 24.02
CA LEU D 357 28.11 -13.72 24.78
C LEU D 357 26.97 -14.11 25.72
N GLU D 358 26.64 -15.40 25.75
CA GLU D 358 25.78 -15.96 26.77
C GLU D 358 26.51 -17.11 27.45
N VAL D 359 26.25 -17.28 28.74
CA VAL D 359 26.91 -18.29 29.56
C VAL D 359 25.89 -19.34 29.96
N ARG D 360 26.29 -20.61 29.87
CA ARG D 360 25.43 -21.73 30.19
C ARG D 360 26.10 -22.62 31.23
N ASP D 361 25.31 -23.07 32.21
CA ASP D 361 25.74 -24.02 33.23
C ASP D 361 26.80 -23.44 34.16
N LEU D 362 26.75 -22.14 34.41
CA LEU D 362 27.66 -21.53 35.37
C LEU D 362 27.27 -21.96 36.78
N PRO D 363 28.22 -22.44 37.59
CA PRO D 363 27.88 -22.85 38.96
C PRO D 363 27.45 -21.67 39.81
N GLU D 364 26.78 -21.99 40.92
CA GLU D 364 26.21 -20.97 41.78
C GLU D 364 27.28 -20.02 42.32
N GLU D 365 28.43 -20.56 42.70
CA GLU D 365 29.46 -19.81 43.40
C GLU D 365 30.43 -19.09 42.48
N LEU D 366 30.29 -19.24 41.17
CA LEU D 366 31.11 -18.49 40.23
C LEU D 366 30.37 -17.24 39.78
N SER D 367 31.11 -16.15 39.61
CA SER D 367 30.60 -14.90 39.08
C SER D 367 31.58 -14.37 38.05
N LEU D 368 31.07 -13.99 36.88
CA LEU D 368 31.91 -13.55 35.77
C LEU D 368 31.75 -12.06 35.55
N SER D 369 32.79 -11.46 34.98
CA SER D 369 32.78 -10.07 34.55
C SER D 369 33.50 -9.98 33.21
N PHE D 370 33.00 -9.15 32.32
CA PHE D 370 33.45 -9.12 30.93
C PHE D 370 33.96 -7.75 30.55
N ASN D 371 35.00 -7.73 29.74
CA ASN D 371 35.50 -6.51 29.11
C ASN D 371 35.58 -6.72 27.61
N ALA D 372 34.79 -5.97 26.87
CA ALA D 372 34.73 -6.11 25.43
C ALA D 372 35.72 -5.17 24.75
N THR D 373 36.30 -5.64 23.65
CA THR D 373 37.09 -4.82 22.74
C THR D 373 36.46 -4.96 21.37
N CYS D 374 35.62 -3.99 21.00
CA CYS D 374 34.90 -4.08 19.72
C CYS D 374 35.63 -3.32 18.63
N LEU D 375 35.11 -2.16 18.24
CA LEU D 375 35.69 -1.39 17.15
C LEU D 375 37.12 -0.96 17.50
N ASN D 376 38.04 -1.13 16.55
CA ASN D 376 39.47 -0.82 16.73
C ASN D 376 39.94 -1.62 17.94
N ASN D 377 40.61 -0.99 18.92
CA ASN D 377 41.00 -1.61 20.17
C ASN D 377 40.35 -0.89 21.35
N GLU D 378 39.12 -0.41 21.16
CA GLU D 378 38.42 0.35 22.18
C GLU D 378 37.86 -0.62 23.21
N VAL D 379 38.45 -0.63 24.39
CA VAL D 379 38.00 -1.52 25.47
C VAL D 379 36.80 -0.89 26.16
N ILE D 380 35.76 -1.69 26.38
CA ILE D 380 34.52 -1.22 26.99
C ILE D 380 34.26 -2.06 28.24
N PRO D 381 34.38 -1.48 29.44
CA PRO D 381 34.26 -2.30 30.65
C PRO D 381 32.82 -2.69 30.96
N GLY D 382 32.68 -3.84 31.61
CA GLY D 382 31.38 -4.31 32.02
C GLY D 382 30.42 -4.69 30.91
N LEU D 383 30.95 -5.04 29.73
CA LEU D 383 30.14 -5.32 28.56
C LEU D 383 30.54 -6.65 27.95
N LYS D 384 29.54 -7.46 27.59
CA LYS D 384 29.75 -8.78 27.01
C LYS D 384 29.14 -8.87 25.62
N SER D 385 29.02 -7.74 24.93
CA SER D 385 28.37 -7.71 23.62
C SER D 385 29.02 -6.63 22.75
N CYS D 386 29.05 -6.88 21.44
CA CYS D 386 29.57 -5.93 20.48
C CYS D 386 28.54 -5.67 19.39
N MET D 387 28.60 -4.47 18.82
CA MET D 387 27.69 -4.06 17.76
C MET D 387 28.47 -3.27 16.72
N GLY D 388 27.80 -2.94 15.62
CA GLY D 388 28.43 -2.20 14.54
C GLY D 388 29.54 -2.95 13.84
N LEU D 389 29.47 -4.27 13.80
CA LEU D 389 30.52 -5.10 13.22
C LEU D 389 30.20 -5.43 11.77
N LYS D 390 31.25 -5.70 10.99
CA LYS D 390 31.11 -6.17 9.62
C LYS D 390 31.60 -7.61 9.53
N ILE D 391 31.20 -8.28 8.46
CA ILE D 391 31.58 -9.69 8.28
C ILE D 391 33.09 -9.78 8.12
N GLY D 392 33.69 -10.74 8.82
CA GLY D 392 35.12 -10.92 8.84
C GLY D 392 35.81 -10.32 10.04
N ASP D 393 35.12 -9.47 10.80
CA ASP D 393 35.73 -8.80 11.94
C ASP D 393 35.87 -9.75 13.12
N THR D 394 36.91 -9.52 13.91
CA THR D 394 37.19 -10.30 15.11
C THR D 394 37.14 -9.37 16.32
N VAL D 395 36.48 -9.84 17.38
CA VAL D 395 36.42 -9.12 18.64
C VAL D 395 36.94 -10.03 19.75
N SER D 396 37.23 -9.43 20.89
CA SER D 396 37.82 -10.14 22.02
C SER D 396 37.19 -9.69 23.31
N PHE D 397 37.16 -10.59 24.29
CA PHE D 397 36.63 -10.31 25.62
C PHE D 397 37.62 -10.79 26.67
N SER D 398 37.89 -9.95 27.66
CA SER D 398 38.62 -10.36 28.84
C SER D 398 37.61 -10.76 29.91
N ILE D 399 37.78 -11.96 30.47
CA ILE D 399 36.83 -12.55 31.40
C ILE D 399 37.56 -12.87 32.70
N GLU D 400 36.99 -12.43 33.82
CA GLU D 400 37.53 -12.73 35.14
C GLU D 400 36.51 -13.57 35.91
N ALA D 401 36.93 -14.74 36.36
CA ALA D 401 36.09 -15.64 37.15
C ALA D 401 36.47 -15.55 38.61
N LYS D 402 35.49 -15.24 39.46
CA LYS D 402 35.71 -15.07 40.89
C LYS D 402 34.81 -16.05 41.64
N VAL D 403 35.42 -17.04 42.28
CA VAL D 403 34.70 -18.03 43.08
C VAL D 403 34.56 -17.50 44.49
N ARG D 404 33.39 -17.75 45.10
CA ARG D 404 33.11 -17.38 46.47
C ARG D 404 33.14 -18.65 47.32
N GLY D 405 34.15 -18.76 48.19
CA GLY D 405 34.28 -19.91 49.06
C GLY D 405 34.76 -21.13 48.32
N CYS D 406 34.63 -22.28 48.97
CA CYS D 406 34.98 -23.56 48.39
C CYS D 406 33.73 -24.39 48.19
N PRO D 407 33.33 -24.69 46.95
CA PRO D 407 32.14 -25.51 46.72
C PRO D 407 32.41 -26.98 47.01
N GLN D 408 31.30 -27.71 47.18
CA GLN D 408 31.37 -29.12 47.55
C GLN D 408 31.99 -29.96 46.44
N GLU D 409 31.53 -29.75 45.21
CA GLU D 409 32.12 -30.44 44.06
C GLU D 409 33.39 -29.71 43.63
N LYS D 410 34.49 -30.45 43.51
CA LYS D 410 35.77 -29.84 43.21
C LYS D 410 35.99 -29.60 41.73
N GLU D 411 35.29 -30.30 40.86
CA GLU D 411 35.44 -30.15 39.42
C GLU D 411 34.10 -29.91 38.77
N LYS D 412 34.00 -28.82 38.01
CA LYS D 412 32.83 -28.49 37.22
C LYS D 412 33.29 -27.85 35.92
N SER D 413 32.33 -27.52 35.06
CA SER D 413 32.65 -26.91 33.77
C SER D 413 31.41 -26.26 33.19
N PHE D 414 31.57 -25.04 32.69
CA PHE D 414 30.50 -24.30 32.04
C PHE D 414 30.93 -23.93 30.62
N THR D 415 30.01 -23.29 29.89
CA THR D 415 30.20 -22.97 28.49
C THR D 415 29.97 -21.49 28.25
N ILE D 416 30.82 -20.86 27.46
CA ILE D 416 30.64 -19.49 26.99
C ILE D 416 30.47 -19.56 25.48
N LYS D 417 29.28 -19.21 25.00
CA LYS D 417 28.97 -19.29 23.58
C LYS D 417 28.32 -18.01 23.10
N PRO D 418 28.72 -17.50 21.93
CA PRO D 418 28.02 -16.34 21.37
C PRO D 418 26.64 -16.74 20.86
N VAL D 419 25.67 -15.83 21.01
CA VAL D 419 24.31 -16.11 20.60
C VAL D 419 24.28 -16.40 19.10
N GLY D 420 23.66 -17.53 18.74
CA GLY D 420 23.54 -17.93 17.35
C GLY D 420 24.73 -18.71 16.80
N PHE D 421 25.84 -18.75 17.51
CA PHE D 421 27.05 -19.39 17.02
C PHE D 421 27.04 -20.88 17.34
N LYS D 422 27.79 -21.64 16.54
CA LYS D 422 27.96 -23.07 16.80
C LYS D 422 29.06 -23.31 17.83
N ASP D 423 30.27 -22.81 17.54
CA ASP D 423 31.41 -23.04 18.40
C ASP D 423 31.21 -22.34 19.74
N SER D 424 31.97 -22.80 20.74
CA SER D 424 31.84 -22.27 22.10
C SER D 424 33.16 -22.49 22.82
N LEU D 425 33.25 -21.91 24.01
CA LEU D 425 34.40 -22.05 24.90
C LEU D 425 33.97 -22.87 26.11
N ILE D 426 34.53 -24.07 26.24
CA ILE D 426 34.24 -24.94 27.37
C ILE D 426 35.28 -24.69 28.45
N VAL D 427 34.87 -24.06 29.54
CA VAL D 427 35.75 -23.71 30.64
C VAL D 427 35.65 -24.81 31.69
N GLN D 428 36.71 -25.59 31.85
CA GLN D 428 36.76 -26.65 32.84
C GLN D 428 37.39 -26.12 34.12
N VAL D 429 36.59 -26.01 35.17
CA VAL D 429 37.01 -25.42 36.44
C VAL D 429 37.44 -26.52 37.39
N THR D 430 38.49 -26.25 38.16
CA THR D 430 38.94 -27.13 39.23
C THR D 430 39.18 -26.28 40.47
N PHE D 431 38.45 -26.53 41.53
CA PHE D 431 38.56 -25.75 42.77
C PHE D 431 39.67 -26.34 43.63
N ASP D 432 40.72 -25.55 43.83
CA ASP D 432 41.90 -25.99 44.58
C ASP D 432 41.69 -25.63 46.05
N CYS D 433 40.94 -26.50 46.75
CA CYS D 433 40.64 -26.31 48.16
C CYS D 433 41.53 -27.11 49.09
N ASP D 434 41.95 -28.30 48.67
CA ASP D 434 42.68 -29.20 49.53
C ASP D 434 44.18 -29.05 49.31
N CYS D 435 44.95 -29.48 50.31
CA CYS D 435 46.39 -29.52 50.23
C CYS D 435 46.85 -30.90 49.75
N ALA D 436 48.00 -30.93 49.08
CA ALA D 436 48.53 -32.19 48.61
C ALA D 436 48.99 -33.09 49.75
N CYS D 437 49.33 -32.52 50.91
CA CYS D 437 49.75 -33.30 52.07
C CYS D 437 48.61 -34.11 52.68
N GLN D 438 47.37 -33.91 52.24
CA GLN D 438 46.24 -34.65 52.77
C GLN D 438 46.19 -36.10 52.28
N ALA D 439 46.85 -36.40 51.15
CA ALA D 439 46.90 -37.78 50.69
C ALA D 439 47.72 -38.66 51.63
N GLN D 440 48.78 -38.10 52.22
CA GLN D 440 49.63 -38.80 53.17
C GLN D 440 49.06 -38.77 54.59
N ALA D 441 47.79 -38.43 54.75
CA ALA D 441 47.18 -38.38 56.07
C ALA D 441 47.19 -39.76 56.71
N GLU D 442 47.49 -39.81 58.00
CA GLU D 442 47.60 -41.05 58.74
C GLU D 442 46.41 -41.19 59.69
N PRO D 443 45.41 -41.98 59.36
CA PRO D 443 44.29 -42.17 60.30
C PRO D 443 44.71 -42.99 61.51
N ASN D 444 44.12 -42.64 62.65
CA ASN D 444 44.39 -43.32 63.92
C ASN D 444 45.89 -43.37 64.22
N SER D 445 46.50 -42.19 64.22
CA SER D 445 47.94 -42.09 64.38
C SER D 445 48.35 -42.24 65.83
N HIS D 446 49.45 -42.97 66.05
CA HIS D 446 50.04 -43.06 67.38
C HIS D 446 50.45 -41.69 67.90
N ARG D 447 50.76 -40.76 67.00
CA ARG D 447 51.25 -39.43 67.36
C ARG D 447 50.15 -38.52 67.87
N CYS D 448 48.89 -38.92 67.77
CA CYS D 448 47.75 -38.08 68.17
C CYS D 448 46.89 -38.85 69.16
N ASN D 449 47.10 -38.60 70.46
CA ASN D 449 46.25 -39.14 71.53
C ASN D 449 46.26 -40.66 71.58
N ASN D 450 47.44 -41.25 71.31
CA ASN D 450 47.67 -42.69 71.39
C ASN D 450 46.93 -43.45 70.30
N GLY D 451 46.11 -42.77 69.51
CA GLY D 451 45.42 -43.42 68.42
C GLY D 451 43.98 -42.98 68.24
N ASN D 452 43.66 -41.76 68.68
CA ASN D 452 42.31 -41.24 68.60
C ASN D 452 42.13 -40.17 67.53
N GLY D 453 43.21 -39.68 66.91
CA GLY D 453 43.12 -38.62 65.94
C GLY D 453 43.95 -38.91 64.70
N THR D 454 43.77 -38.05 63.70
CA THR D 454 44.42 -38.19 62.41
C THR D 454 45.57 -37.20 62.28
N PHE D 455 46.69 -37.66 61.73
CA PHE D 455 47.89 -36.85 61.55
C PHE D 455 48.04 -36.53 60.06
N GLU D 456 47.96 -35.24 59.74
CA GLU D 456 48.09 -34.80 58.35
C GLU D 456 48.71 -33.41 58.33
N CYS D 457 49.62 -33.21 57.37
CA CYS D 457 50.26 -31.90 57.14
C CYS D 457 50.95 -31.39 58.40
N GLY D 458 51.46 -32.29 59.23
CA GLY D 458 52.26 -31.93 60.39
C GLY D 458 51.50 -31.53 61.63
N VAL D 459 50.18 -31.79 61.69
CA VAL D 459 49.37 -31.44 62.85
C VAL D 459 48.37 -32.57 63.10
N CYS D 460 47.75 -32.54 64.28
CA CYS D 460 46.79 -33.54 64.71
C CYS D 460 45.38 -33.00 64.58
N ARG D 461 44.56 -33.65 63.77
CA ARG D 461 43.14 -33.34 63.64
C ARG D 461 42.33 -34.38 64.38
N CYS D 462 41.23 -33.94 64.99
CA CYS D 462 40.31 -34.89 65.61
C CYS D 462 39.61 -35.70 64.53
N GLY D 463 39.60 -37.03 64.71
CA GLY D 463 39.10 -37.90 63.69
C GLY D 463 37.58 -37.87 63.60
N PRO D 464 37.04 -38.72 62.72
CA PRO D 464 35.59 -38.74 62.53
C PRO D 464 34.87 -39.34 63.74
N GLY D 465 33.70 -38.78 64.04
CA GLY D 465 32.90 -39.21 65.17
C GLY D 465 33.15 -38.46 66.46
N TRP D 466 34.17 -37.61 66.50
CA TRP D 466 34.49 -36.83 67.68
C TRP D 466 33.95 -35.42 67.53
N LEU D 467 33.47 -34.85 68.63
CA LEU D 467 32.93 -33.50 68.66
C LEU D 467 33.90 -32.57 69.39
N GLY D 468 34.06 -31.36 68.86
CA GLY D 468 34.97 -30.39 69.41
C GLY D 468 36.24 -30.26 68.56
N SER D 469 36.89 -29.11 68.69
CA SER D 469 38.14 -28.88 67.99
C SER D 469 39.34 -29.48 68.71
N GLN D 470 39.20 -29.81 69.99
CA GLN D 470 40.24 -30.47 70.76
C GLN D 470 39.72 -31.71 71.47
N CYS D 471 38.50 -32.13 71.16
CA CYS D 471 37.94 -33.39 71.62
C CYS D 471 37.84 -33.42 73.15
N GLU E 1 -45.64 4.44 25.85
CA GLU E 1 -46.69 3.84 25.05
C GLU E 1 -46.51 4.16 23.57
N VAL E 2 -46.87 3.21 22.71
CA VAL E 2 -46.69 3.33 21.27
C VAL E 2 -47.95 3.93 20.65
N GLN E 3 -47.77 4.94 19.80
CA GLN E 3 -48.89 5.56 19.12
C GLN E 3 -48.38 6.32 17.90
N LEU E 4 -49.09 6.19 16.79
CA LEU E 4 -48.74 6.83 15.52
C LEU E 4 -49.73 7.96 15.27
N GLN E 5 -49.23 9.20 15.26
CA GLN E 5 -50.06 10.38 15.07
C GLN E 5 -49.80 10.93 13.67
N GLN E 6 -50.79 10.83 12.79
CA GLN E 6 -50.68 11.29 11.43
C GLN E 6 -51.18 12.72 11.30
N SER E 7 -51.18 13.24 10.07
CA SER E 7 -51.61 14.60 9.81
C SER E 7 -53.13 14.67 9.71
N GLY E 8 -53.65 15.88 9.48
CA GLY E 8 -55.07 16.09 9.35
C GLY E 8 -55.57 15.83 7.94
N ALA E 9 -56.90 15.89 7.79
CA ALA E 9 -57.53 15.63 6.51
C ALA E 9 -57.04 16.62 5.46
N GLU E 10 -56.76 16.10 4.27
CA GLU E 10 -56.22 16.89 3.17
C GLU E 10 -57.25 17.01 2.06
N LEU E 11 -57.42 18.23 1.55
CA LEU E 11 -58.31 18.50 0.43
C LEU E 11 -57.50 19.21 -0.64
N VAL E 12 -57.35 18.57 -1.80
CA VAL E 12 -56.52 19.07 -2.88
C VAL E 12 -57.23 18.83 -4.21
N LYS E 13 -56.70 19.44 -5.26
CA LYS E 13 -57.24 19.36 -6.60
C LYS E 13 -56.45 18.36 -7.43
N PRO E 14 -57.03 17.84 -8.52
CA PRO E 14 -56.30 16.87 -9.34
C PRO E 14 -55.04 17.46 -9.93
N GLY E 15 -54.03 16.60 -10.11
CA GLY E 15 -52.75 17.04 -10.62
C GLY E 15 -51.82 17.62 -9.58
N ALA E 16 -52.31 17.97 -8.40
CA ALA E 16 -51.47 18.50 -7.34
C ALA E 16 -50.63 17.38 -6.73
N SER E 17 -49.99 17.66 -5.59
CA SER E 17 -49.12 16.67 -4.95
C SER E 17 -49.08 16.98 -3.45
N VAL E 18 -49.79 16.17 -2.67
CA VAL E 18 -49.86 16.32 -1.22
C VAL E 18 -48.85 15.39 -0.58
N LYS E 19 -48.35 15.80 0.59
CA LYS E 19 -47.36 15.03 1.35
C LYS E 19 -47.93 14.75 2.73
N LEU E 20 -48.24 13.49 3.01
CA LEU E 20 -48.79 13.09 4.29
C LEU E 20 -47.69 12.82 5.31
N SER E 21 -48.06 12.89 6.59
CA SER E 21 -47.11 12.80 7.69
C SER E 21 -47.59 11.77 8.71
N CYS E 22 -46.63 11.15 9.40
CA CYS E 22 -46.92 10.18 10.44
C CYS E 22 -45.81 10.29 11.48
N THR E 23 -46.12 10.94 12.61
CA THR E 23 -45.14 11.22 13.65
C THR E 23 -45.23 10.18 14.76
N ALA E 24 -44.07 9.67 15.16
CA ALA E 24 -44.01 8.67 16.22
C ALA E 24 -44.12 9.32 17.60
N SER E 25 -44.78 8.62 18.51
CA SER E 25 -45.03 9.12 19.86
C SER E 25 -44.75 8.01 20.86
N GLY E 26 -43.78 8.24 21.74
CA GLY E 26 -43.39 7.25 22.72
C GLY E 26 -42.35 6.26 22.29
N PHE E 27 -41.72 6.48 21.13
CA PHE E 27 -40.69 5.58 20.60
C PHE E 27 -39.99 6.28 19.45
N ASN E 28 -38.71 5.97 19.28
CA ASN E 28 -37.96 6.52 18.16
C ASN E 28 -38.36 5.81 16.88
N ILE E 29 -38.64 6.59 15.83
CA ILE E 29 -39.13 6.02 14.58
C ILE E 29 -38.05 5.19 13.89
N LYS E 30 -36.79 5.33 14.28
CA LYS E 30 -35.70 4.55 13.71
C LYS E 30 -35.82 3.06 14.02
N ASP E 31 -36.73 2.67 14.92
CA ASP E 31 -36.71 1.32 15.48
C ASP E 31 -37.06 0.26 14.44
N THR E 32 -38.18 0.42 13.75
CA THR E 32 -38.75 -0.64 12.93
C THR E 32 -39.04 -0.15 11.53
N TYR E 33 -39.47 -1.08 10.68
CA TYR E 33 -40.08 -0.72 9.41
C TYR E 33 -41.35 0.09 9.66
N VAL E 34 -41.65 1.02 8.74
CA VAL E 34 -42.91 1.75 8.75
C VAL E 34 -43.56 1.56 7.38
N HIS E 35 -44.81 1.13 7.38
CA HIS E 35 -45.56 0.87 6.17
C HIS E 35 -46.62 1.94 5.94
N TRP E 36 -47.06 2.05 4.69
CA TRP E 36 -48.19 2.89 4.31
C TRP E 36 -49.26 2.02 3.64
N VAL E 37 -50.51 2.22 4.03
CA VAL E 37 -51.63 1.41 3.54
C VAL E 37 -52.75 2.34 3.10
N LYS E 38 -53.34 2.04 1.94
CA LYS E 38 -54.44 2.80 1.35
C LYS E 38 -55.74 2.02 1.53
N GLN E 39 -56.81 2.72 1.88
CA GLN E 39 -58.10 2.10 2.13
C GLN E 39 -59.20 2.86 1.40
N ARG E 40 -59.88 2.17 0.49
CA ARG E 40 -61.07 2.66 -0.20
C ARG E 40 -62.27 1.81 0.19
N PRO E 41 -63.49 2.37 0.15
CA PRO E 41 -64.66 1.58 0.53
C PRO E 41 -64.89 0.36 -0.36
N GLU E 42 -64.81 0.54 -1.68
CA GLU E 42 -65.10 -0.55 -2.60
C GLU E 42 -63.89 -1.47 -2.76
N GLN E 43 -62.75 -0.91 -3.18
CA GLN E 43 -61.58 -1.73 -3.51
C GLN E 43 -61.05 -2.44 -2.27
N GLY E 44 -61.00 -1.75 -1.13
CA GLY E 44 -60.49 -2.35 0.08
C GLY E 44 -59.13 -1.81 0.48
N LEU E 45 -58.32 -2.66 1.13
CA LEU E 45 -57.02 -2.26 1.62
C LEU E 45 -55.94 -2.59 0.59
N GLU E 46 -55.00 -1.66 0.41
CA GLU E 46 -53.92 -1.82 -0.55
C GLU E 46 -52.61 -1.35 0.07
N TRP E 47 -51.65 -2.25 0.15
CA TRP E 47 -50.33 -1.92 0.71
C TRP E 47 -49.55 -1.09 -0.29
N ILE E 48 -49.10 0.09 0.14
CA ILE E 48 -48.35 0.97 -0.75
C ILE E 48 -46.87 0.62 -0.73
N GLY E 49 -46.27 0.57 0.45
CA GLY E 49 -44.87 0.28 0.57
C GLY E 49 -44.39 0.44 2.00
N ARG E 50 -43.07 0.37 2.16
CA ARG E 50 -42.44 0.44 3.47
C ARG E 50 -41.13 1.23 3.37
N ILE E 51 -40.61 1.61 4.53
CA ILE E 51 -39.34 2.31 4.63
C ILE E 51 -38.62 1.82 5.89
N ASP E 52 -37.28 1.90 5.85
CA ASP E 52 -36.42 1.60 6.99
C ASP E 52 -35.79 2.92 7.43
N PRO E 53 -36.41 3.66 8.35
CA PRO E 53 -35.87 4.98 8.73
C PRO E 53 -34.45 4.95 9.28
N ALA E 54 -33.91 3.77 9.58
CA ALA E 54 -32.53 3.66 10.04
C ALA E 54 -31.51 3.81 8.92
N ASN E 55 -31.94 3.92 7.66
CA ASN E 55 -31.03 4.05 6.54
C ASN E 55 -31.69 4.74 5.36
N GLY E 56 -33.01 4.60 5.24
CA GLY E 56 -33.76 5.23 4.17
C GLY E 56 -34.19 4.31 3.05
N TYR E 57 -33.85 3.03 3.11
CA TYR E 57 -34.20 2.10 2.04
C TYR E 57 -35.69 1.79 2.05
N THR E 58 -36.25 1.60 0.85
CA THR E 58 -37.68 1.49 0.67
C THR E 58 -38.05 0.30 -0.21
N LYS E 59 -39.33 -0.07 -0.14
CA LYS E 59 -39.93 -1.10 -0.96
C LYS E 59 -41.35 -0.66 -1.30
N TYR E 60 -41.76 -0.85 -2.55
CA TYR E 60 -43.07 -0.40 -3.01
C TYR E 60 -43.81 -1.52 -3.73
N ASP E 61 -45.14 -1.45 -3.68
CA ASP E 61 -45.95 -2.21 -4.62
C ASP E 61 -45.80 -1.58 -6.01
N PRO E 62 -45.44 -2.36 -7.03
CA PRO E 62 -45.22 -1.78 -8.36
C PRO E 62 -46.41 -1.03 -8.94
N LYS E 63 -47.59 -1.15 -8.32
CA LYS E 63 -48.75 -0.39 -8.80
C LYS E 63 -48.62 1.09 -8.49
N PHE E 64 -47.96 1.44 -7.38
CA PHE E 64 -47.84 2.83 -6.95
C PHE E 64 -46.56 3.49 -7.41
N GLN E 65 -45.85 2.89 -8.36
CA GLN E 65 -44.61 3.48 -8.85
C GLN E 65 -44.87 4.80 -9.56
N GLY E 66 -44.04 5.79 -9.28
CA GLY E 66 -44.20 7.14 -9.79
C GLY E 66 -45.14 7.98 -8.96
N LYS E 67 -46.23 7.38 -8.48
CA LYS E 67 -47.20 8.11 -7.67
C LYS E 67 -46.73 8.24 -6.23
N ALA E 68 -46.60 7.10 -5.54
CA ALA E 68 -46.26 7.12 -4.12
C ALA E 68 -44.75 7.23 -3.91
N THR E 69 -44.37 8.04 -2.94
CA THR E 69 -42.97 8.22 -2.56
C THR E 69 -42.90 8.33 -1.04
N ILE E 70 -42.10 7.49 -0.41
CA ILE E 70 -42.00 7.42 1.04
C ILE E 70 -40.61 7.88 1.46
N THR E 71 -40.57 8.77 2.45
CA THR E 71 -39.32 9.29 3.01
C THR E 71 -39.45 9.29 4.53
N ALA E 72 -38.37 9.72 5.21
CA ALA E 72 -38.36 9.77 6.66
C ALA E 72 -37.20 10.61 7.14
N ASP E 73 -37.44 11.44 8.15
CA ASP E 73 -36.43 12.30 8.76
C ASP E 73 -36.36 11.94 10.24
N THR E 74 -35.22 11.37 10.67
CA THR E 74 -35.08 10.95 12.06
C THR E 74 -35.12 12.13 13.03
N SER E 75 -34.67 13.31 12.59
CA SER E 75 -34.70 14.49 13.45
C SER E 75 -36.13 14.86 13.82
N SER E 76 -37.02 14.91 12.83
CA SER E 76 -38.43 15.14 13.08
C SER E 76 -39.14 13.94 13.69
N ASN E 77 -38.50 12.76 13.66
CA ASN E 77 -39.09 11.52 14.17
C ASN E 77 -40.39 11.19 13.43
N THR E 78 -40.37 11.37 12.12
CA THR E 78 -41.57 11.30 11.30
C THR E 78 -41.28 10.69 9.94
N ALA E 79 -42.16 9.81 9.49
CA ALA E 79 -42.12 9.24 8.14
C ALA E 79 -43.23 9.86 7.30
N TYR E 80 -42.94 10.10 6.03
CA TYR E 80 -43.85 10.81 5.15
C TYR E 80 -44.27 9.94 3.97
N LEU E 81 -45.35 10.36 3.31
CA LEU E 81 -45.82 9.72 2.08
C LEU E 81 -46.20 10.82 1.10
N GLN E 82 -45.38 11.01 0.07
CA GLN E 82 -45.63 12.01 -0.96
C GLN E 82 -46.37 11.37 -2.13
N LEU E 83 -47.60 11.83 -2.37
CA LEU E 83 -48.40 11.38 -3.50
C LEU E 83 -48.41 12.48 -4.55
N SER E 84 -48.10 12.12 -5.79
CA SER E 84 -47.94 13.08 -6.87
C SER E 84 -48.88 12.73 -8.03
N SER E 85 -49.30 13.78 -8.74
CA SER E 85 -50.22 13.66 -9.87
C SER E 85 -51.48 12.89 -9.48
N LEU E 86 -52.31 13.58 -8.69
CA LEU E 86 -53.47 12.95 -8.07
C LEU E 86 -54.64 12.84 -9.04
N THR E 87 -55.50 11.86 -8.78
CA THR E 87 -56.73 11.66 -9.54
C THR E 87 -57.87 11.43 -8.56
N SER E 88 -59.07 11.20 -9.11
CA SER E 88 -60.20 10.84 -8.26
C SER E 88 -60.03 9.44 -7.66
N GLU E 89 -59.24 8.58 -8.32
CA GLU E 89 -58.99 7.24 -7.81
C GLU E 89 -58.07 7.23 -6.60
N ASP E 90 -57.27 8.28 -6.43
CA ASP E 90 -56.39 8.40 -5.27
C ASP E 90 -57.13 8.88 -4.03
N THR E 91 -58.42 9.20 -4.13
CA THR E 91 -59.22 9.61 -2.98
C THR E 91 -59.43 8.42 -2.06
N ALA E 92 -58.75 8.41 -0.92
CA ALA E 92 -58.81 7.30 0.02
C ALA E 92 -58.24 7.73 1.36
N VAL E 93 -58.37 6.85 2.34
CA VAL E 93 -57.75 7.03 3.66
C VAL E 93 -56.43 6.28 3.67
N TYR E 94 -55.42 6.89 4.28
CA TYR E 94 -54.06 6.37 4.28
C TYR E 94 -53.57 6.21 5.72
N TYR E 95 -53.05 5.02 6.03
CA TYR E 95 -52.60 4.69 7.38
C TYR E 95 -51.12 4.32 7.36
N CYS E 96 -50.39 4.78 8.37
CA CYS E 96 -49.04 4.30 8.62
C CYS E 96 -49.09 3.17 9.65
N VAL E 97 -48.24 2.16 9.43
CA VAL E 97 -48.28 0.92 10.21
C VAL E 97 -46.85 0.53 10.58
N ARG E 98 -46.69 -0.03 11.77
CA ARG E 98 -45.44 -0.60 12.22
C ARG E 98 -45.74 -1.85 13.03
N PRO E 99 -44.80 -2.79 13.10
CA PRO E 99 -45.04 -4.02 13.85
C PRO E 99 -44.75 -3.86 15.34
N LEU E 100 -45.31 -4.78 16.12
CA LEU E 100 -45.01 -4.83 17.55
C LEU E 100 -43.70 -5.57 17.81
N TYR E 101 -43.68 -6.87 17.52
CA TYR E 101 -42.50 -7.71 17.74
C TYR E 101 -41.94 -8.24 16.43
N ASP E 102 -42.70 -9.08 15.72
CA ASP E 102 -42.27 -9.64 14.45
C ASP E 102 -41.83 -8.54 13.49
N TYR E 103 -40.60 -8.66 12.97
CA TYR E 103 -40.04 -7.64 12.09
C TYR E 103 -40.96 -7.33 10.91
N TYR E 104 -41.77 -8.29 10.48
CA TYR E 104 -42.51 -8.18 9.24
C TYR E 104 -44.02 -8.03 9.44
N ALA E 105 -44.50 -7.92 10.68
CA ALA E 105 -45.92 -7.90 10.95
C ALA E 105 -46.49 -6.49 10.74
N MET E 106 -47.81 -6.36 10.92
CA MET E 106 -48.56 -5.12 10.72
C MET E 106 -49.52 -4.98 11.91
N ASP E 107 -49.03 -4.45 13.02
CA ASP E 107 -49.76 -4.50 14.29
C ASP E 107 -50.25 -3.14 14.77
N TYR E 108 -49.39 -2.12 14.79
CA TYR E 108 -49.76 -0.80 15.28
C TYR E 108 -50.16 0.10 14.11
N TRP E 109 -51.32 0.73 14.22
CA TRP E 109 -51.90 1.50 13.12
C TRP E 109 -52.23 2.91 13.58
N GLY E 110 -51.90 3.89 12.73
CA GLY E 110 -52.30 5.27 12.98
C GLY E 110 -53.79 5.46 12.75
N GLN E 111 -54.26 6.67 13.06
CA GLN E 111 -55.68 6.97 12.95
C GLN E 111 -56.12 7.26 11.51
N GLY E 112 -55.18 7.39 10.58
CA GLY E 112 -55.57 7.53 9.18
C GLY E 112 -55.78 8.98 8.77
N THR E 113 -55.50 9.25 7.50
CA THR E 113 -55.64 10.58 6.92
C THR E 113 -56.48 10.50 5.67
N SER E 114 -57.62 11.20 5.67
CA SER E 114 -58.53 11.18 4.53
C SER E 114 -58.08 12.22 3.51
N VAL E 115 -57.69 11.77 2.32
CA VAL E 115 -57.26 12.64 1.24
C VAL E 115 -58.38 12.67 0.20
N THR E 116 -58.94 13.85 -0.03
CA THR E 116 -60.01 14.04 -1.01
C THR E 116 -59.50 14.87 -2.18
N VAL E 117 -59.67 14.35 -3.39
CA VAL E 117 -59.21 15.00 -4.60
C VAL E 117 -60.45 15.40 -5.41
N SER E 118 -60.63 16.70 -5.62
CA SER E 118 -61.79 17.21 -6.33
C SER E 118 -61.50 18.61 -6.85
N SER E 119 -62.14 18.95 -7.98
CA SER E 119 -61.92 20.23 -8.62
C SER E 119 -62.86 21.32 -8.12
N ALA E 120 -64.04 20.95 -7.61
CA ALA E 120 -65.04 21.92 -7.22
C ALA E 120 -64.56 22.79 -6.07
N LYS E 121 -64.92 24.07 -6.11
CA LYS E 121 -64.56 25.01 -5.07
C LYS E 121 -65.57 24.93 -3.93
N THR E 122 -65.45 25.82 -2.95
CA THR E 122 -66.39 25.85 -1.85
C THR E 122 -67.80 26.16 -2.35
N THR E 123 -68.79 25.43 -1.82
CA THR E 123 -70.16 25.56 -2.30
C THR E 123 -71.11 25.33 -1.13
N ALA E 124 -72.08 26.23 -0.98
CA ALA E 124 -73.08 26.12 0.07
C ALA E 124 -74.24 25.22 -0.39
N PRO E 125 -74.82 24.46 0.52
CA PRO E 125 -75.86 23.50 0.13
C PRO E 125 -77.22 24.15 -0.06
N SER E 126 -78.08 23.42 -0.76
CA SER E 126 -79.50 23.77 -0.90
C SER E 126 -80.32 22.94 0.09
N VAL E 127 -81.57 23.37 0.28
CA VAL E 127 -82.49 22.69 1.19
C VAL E 127 -83.87 22.65 0.53
N TYR E 128 -84.43 21.44 0.40
CA TYR E 128 -85.72 21.24 -0.25
C TYR E 128 -86.63 20.45 0.68
N PRO E 129 -87.81 20.96 1.04
CA PRO E 129 -88.71 20.22 1.92
C PRO E 129 -89.46 19.13 1.18
N LEU E 130 -89.69 18.02 1.86
CA LEU E 130 -90.35 16.85 1.27
C LEU E 130 -91.52 16.44 2.16
N ALA E 131 -92.74 16.64 1.67
CA ALA E 131 -93.98 16.29 2.33
C ALA E 131 -94.70 15.18 1.58
N PRO E 132 -95.60 14.44 2.24
CA PRO E 132 -96.26 13.32 1.57
C PRO E 132 -97.12 13.79 0.41
N VAL E 133 -97.51 12.81 -0.42
CA VAL E 133 -98.34 13.06 -1.60
C VAL E 133 -99.78 13.30 -1.18
N CYS E 134 -100.47 14.16 -1.92
CA CYS E 134 -101.89 14.43 -1.72
C CYS E 134 -102.71 13.14 -1.68
N SER E 140 -102.10 6.86 10.94
CA SER E 140 -101.62 6.66 12.31
C SER E 140 -100.18 7.16 12.46
N SER E 141 -99.45 7.21 11.36
CA SER E 141 -98.06 7.64 11.37
C SER E 141 -97.71 8.24 10.02
N VAL E 142 -96.72 9.12 10.02
CA VAL E 142 -96.34 9.88 8.83
C VAL E 142 -94.83 10.06 8.82
N THR E 143 -94.25 10.10 7.61
CA THR E 143 -92.83 10.31 7.40
C THR E 143 -92.62 11.59 6.59
N LEU E 144 -91.64 12.39 7.00
CA LEU E 144 -91.26 13.61 6.31
C LEU E 144 -89.89 13.44 5.66
N GLY E 145 -89.39 14.52 5.08
CA GLY E 145 -88.12 14.48 4.39
C GLY E 145 -87.50 15.84 4.26
N CYS E 146 -86.18 15.85 4.04
CA CYS E 146 -85.41 17.09 4.01
C CYS E 146 -84.17 16.85 3.14
N LEU E 147 -84.29 17.17 1.85
CA LEU E 147 -83.23 16.91 0.88
C LEU E 147 -82.23 18.06 0.85
N VAL E 148 -80.95 17.73 0.94
CA VAL E 148 -79.86 18.71 0.89
C VAL E 148 -78.93 18.28 -0.24
N LYS E 149 -78.59 19.23 -1.11
CA LYS E 149 -77.81 18.88 -2.30
C LYS E 149 -76.98 20.07 -2.75
N GLY E 150 -75.83 19.76 -3.38
CA GLY E 150 -74.99 20.76 -4.01
C GLY E 150 -74.12 21.52 -3.04
N TYR E 151 -73.13 20.85 -2.46
CA TYR E 151 -72.23 21.50 -1.52
C TYR E 151 -70.87 20.81 -1.54
N PHE E 152 -69.87 21.53 -1.05
CA PHE E 152 -68.49 21.08 -0.97
C PHE E 152 -67.70 22.04 -0.10
N PRO E 153 -66.84 21.54 0.79
CA PRO E 153 -66.65 20.11 1.06
C PRO E 153 -67.51 19.57 2.18
N GLU E 154 -67.18 18.37 2.65
CA GLU E 154 -67.82 17.78 3.81
C GLU E 154 -67.26 18.41 5.09
N PRO E 155 -68.01 18.32 6.20
CA PRO E 155 -69.33 17.75 6.37
C PRO E 155 -70.44 18.78 6.57
N VAL E 156 -71.62 18.31 6.97
CA VAL E 156 -72.77 19.15 7.25
C VAL E 156 -73.50 18.60 8.47
N THR E 157 -74.32 19.46 9.08
CA THR E 157 -75.06 19.12 10.30
C THR E 157 -76.54 19.30 10.03
N LEU E 158 -77.29 18.19 10.01
CA LEU E 158 -78.73 18.21 9.81
C LEU E 158 -79.42 17.89 11.12
N THR E 159 -80.31 18.78 11.56
CA THR E 159 -81.12 18.58 12.75
C THR E 159 -82.57 18.97 12.42
N TRP E 160 -83.48 18.55 13.31
CA TRP E 160 -84.90 18.83 13.15
C TRP E 160 -85.37 19.68 14.33
N ASN E 161 -85.95 20.84 14.02
CA ASN E 161 -86.31 21.84 15.03
C ASN E 161 -85.10 22.20 15.88
N SER E 162 -83.95 22.40 15.22
CA SER E 162 -82.72 22.86 15.85
C SER E 162 -82.22 21.88 16.90
N GLY E 163 -82.24 20.58 16.56
CA GLY E 163 -81.79 19.55 17.46
C GLY E 163 -82.79 19.12 18.51
N SER E 164 -84.06 19.45 18.35
CA SER E 164 -85.07 19.09 19.34
C SER E 164 -85.31 17.58 19.34
N LEU E 165 -85.80 17.05 18.22
CA LEU E 165 -86.11 15.63 18.10
C LEU E 165 -84.96 14.92 17.41
N SER E 166 -84.42 13.91 18.07
CA SER E 166 -83.39 13.04 17.51
C SER E 166 -83.83 11.59 17.40
N SER E 167 -84.65 11.12 18.33
CA SER E 167 -85.14 9.75 18.33
C SER E 167 -85.99 9.49 17.08
N GLY E 168 -85.50 8.67 16.17
CA GLY E 168 -86.21 8.38 14.94
C GLY E 168 -85.82 9.31 13.81
N VAL E 169 -84.52 9.57 13.65
CA VAL E 169 -84.00 10.45 12.61
C VAL E 169 -82.91 9.68 11.88
N HIS E 170 -83.22 9.21 10.67
CA HIS E 170 -82.27 8.45 9.86
C HIS E 170 -81.61 9.41 8.88
N THR E 171 -80.52 10.05 9.31
CA THR E 171 -79.73 10.91 8.45
C THR E 171 -78.74 10.05 7.67
N PHE E 172 -78.94 9.96 6.36
CA PHE E 172 -78.18 9.05 5.52
C PHE E 172 -76.82 9.65 5.15
N PRO E 173 -75.81 8.81 4.91
CA PRO E 173 -74.50 9.32 4.55
C PRO E 173 -74.53 10.06 3.21
N ALA E 174 -73.72 11.11 3.11
CA ALA E 174 -73.64 11.87 1.88
C ALA E 174 -73.03 11.04 0.76
N VAL E 175 -73.46 11.31 -0.47
CA VAL E 175 -72.99 10.61 -1.65
C VAL E 175 -72.40 11.63 -2.62
N LEU E 176 -71.34 11.24 -3.32
CA LEU E 176 -70.69 12.12 -4.28
C LEU E 176 -71.48 12.14 -5.58
N GLN E 177 -71.66 13.36 -6.13
CA GLN E 177 -72.40 13.55 -7.39
C GLN E 177 -71.70 14.67 -8.16
N SER E 178 -70.75 14.27 -9.01
CA SER E 178 -70.01 15.16 -9.89
C SER E 178 -69.39 16.32 -9.10
N ASP E 179 -68.42 15.94 -8.26
CA ASP E 179 -67.64 16.86 -7.43
C ASP E 179 -68.52 17.64 -6.45
N LEU E 180 -69.73 17.15 -6.16
CA LEU E 180 -70.64 17.80 -5.23
C LEU E 180 -71.44 16.73 -4.50
N TYR E 181 -71.73 16.98 -3.23
CA TYR E 181 -72.36 15.98 -2.37
C TYR E 181 -73.86 16.18 -2.28
N THR E 182 -74.54 15.11 -1.87
CA THR E 182 -76.00 15.10 -1.72
C THR E 182 -76.34 14.26 -0.49
N LEU E 183 -76.84 14.92 0.56
CA LEU E 183 -77.20 14.25 1.81
C LEU E 183 -78.71 14.32 2.01
N SER E 184 -79.28 13.26 2.57
CA SER E 184 -80.71 13.17 2.79
C SER E 184 -80.99 12.58 4.17
N SER E 185 -82.04 13.09 4.82
CA SER E 185 -82.46 12.61 6.13
C SER E 185 -83.97 12.47 6.16
N SER E 186 -84.47 11.78 7.18
CA SER E 186 -85.88 11.53 7.33
C SER E 186 -86.23 11.45 8.80
N VAL E 187 -87.53 11.58 9.10
CA VAL E 187 -88.03 11.55 10.47
C VAL E 187 -89.48 11.09 10.43
N THR E 188 -89.89 10.37 11.47
CA THR E 188 -91.21 9.77 11.54
C THR E 188 -91.90 10.14 12.85
N VAL E 189 -93.18 10.51 12.77
CA VAL E 189 -93.99 10.86 13.92
C VAL E 189 -95.41 10.34 13.69
N THR E 190 -96.24 10.48 14.72
CA THR E 190 -97.63 10.07 14.62
C THR E 190 -98.45 11.10 13.86
N SER E 191 -99.67 10.72 13.49
CA SER E 191 -100.57 11.63 12.79
C SER E 191 -101.02 12.80 13.67
N SER E 192 -100.88 12.67 15.00
CA SER E 192 -101.21 13.75 15.92
C SER E 192 -100.00 14.62 16.26
N THR E 193 -99.06 14.76 15.33
CA THR E 193 -97.88 15.59 15.53
C THR E 193 -97.69 16.55 14.38
N TRP E 194 -98.14 16.16 13.18
CA TRP E 194 -98.00 16.96 11.98
C TRP E 194 -99.18 16.65 11.06
N PRO E 195 -99.82 17.68 10.47
CA PRO E 195 -99.49 19.11 10.60
C PRO E 195 -100.21 19.79 11.76
N SER E 196 -100.20 19.18 12.94
CA SER E 196 -100.74 19.81 14.14
C SER E 196 -99.70 20.66 14.87
N GLN E 197 -98.42 20.49 14.56
CA GLN E 197 -97.35 21.24 15.20
C GLN E 197 -96.32 21.62 14.15
N SER E 198 -95.83 22.85 14.23
CA SER E 198 -94.86 23.34 13.26
C SER E 198 -93.57 22.52 13.30
N ILE E 199 -93.05 22.20 12.11
CA ILE E 199 -91.85 21.39 11.97
C ILE E 199 -90.99 21.97 10.85
N THR E 200 -89.72 22.23 11.16
CA THR E 200 -88.75 22.76 10.21
C THR E 200 -87.48 21.92 10.27
N CYS E 201 -86.83 21.75 9.12
CA CYS E 201 -85.59 20.99 9.03
C CYS E 201 -84.40 21.96 9.00
N ASN E 202 -83.51 21.82 9.98
CA ASN E 202 -82.32 22.66 10.07
C ASN E 202 -81.13 22.02 9.40
N VAL E 203 -80.29 22.86 8.79
CA VAL E 203 -79.08 22.43 8.08
C VAL E 203 -77.98 23.44 8.37
N ALA E 204 -76.74 22.96 8.40
CA ALA E 204 -75.59 23.82 8.64
C ALA E 204 -74.38 23.29 7.89
N HIS E 205 -73.64 24.20 7.27
CA HIS E 205 -72.44 23.85 6.50
C HIS E 205 -71.27 24.71 6.97
N PRO E 206 -70.42 24.19 7.85
CA PRO E 206 -69.34 25.03 8.41
C PRO E 206 -68.37 25.60 7.38
N ALA E 207 -68.19 24.92 6.25
CA ALA E 207 -67.19 25.35 5.27
C ALA E 207 -67.54 26.74 4.72
N SER E 208 -68.78 26.94 4.33
CA SER E 208 -69.24 28.23 3.84
C SER E 208 -69.93 29.07 4.92
N SER E 209 -70.01 28.56 6.15
CA SER E 209 -70.57 29.30 7.29
C SER E 209 -72.02 29.71 7.03
N THR E 210 -72.85 28.74 6.68
CA THR E 210 -74.26 28.96 6.39
C THR E 210 -75.13 28.08 7.27
N LYS E 211 -76.32 28.59 7.61
CA LYS E 211 -77.22 27.96 8.57
C LYS E 211 -78.68 28.16 8.15
N VAL E 212 -79.04 27.67 6.96
CA VAL E 212 -80.39 27.86 6.41
C VAL E 212 -81.25 26.66 6.78
N ASP E 213 -82.55 26.90 6.91
CA ASP E 213 -83.52 25.86 7.22
C ASP E 213 -84.82 26.13 6.47
N LYS E 214 -85.55 25.06 6.15
CA LYS E 214 -86.78 25.12 5.38
C LYS E 214 -87.90 24.43 6.16
N LYS E 215 -89.05 25.10 6.24
CA LYS E 215 -90.20 24.58 6.98
C LYS E 215 -91.03 23.65 6.10
N ILE E 216 -91.31 22.45 6.61
CA ILE E 216 -92.08 21.47 5.86
C ILE E 216 -93.54 21.91 5.79
N GLU E 217 -94.10 21.96 4.58
CA GLU E 217 -95.47 22.37 4.37
C GLU E 217 -96.30 21.22 3.79
N PRO E 218 -97.54 21.06 4.22
CA PRO E 218 -98.40 20.03 3.62
C PRO E 218 -98.73 20.35 2.17
N ARG E 219 -98.90 19.31 1.37
CA ARG E 219 -99.22 19.46 -0.03
C ARG E 219 -100.73 19.50 -0.26
N ASP F 1 -48.67 -11.56 -7.28
CA ASP F 1 -49.02 -11.33 -5.88
C ASP F 1 -49.85 -12.48 -5.32
N ILE F 2 -49.89 -12.57 -4.00
CA ILE F 2 -50.69 -13.58 -3.32
C ILE F 2 -52.10 -13.04 -3.13
N LEU F 3 -53.10 -13.85 -3.45
CA LEU F 3 -54.49 -13.49 -3.29
C LEU F 3 -55.02 -14.06 -1.98
N MET F 4 -55.61 -13.19 -1.16
CA MET F 4 -56.20 -13.58 0.11
C MET F 4 -57.72 -13.56 -0.04
N THR F 5 -58.34 -14.72 0.14
CA THR F 5 -59.79 -14.88 0.02
C THR F 5 -60.37 -15.03 1.41
N GLN F 6 -61.10 -14.01 1.86
CA GLN F 6 -61.69 -13.97 3.19
C GLN F 6 -63.19 -14.19 3.08
N SER F 7 -63.70 -15.20 3.79
CA SER F 7 -65.11 -15.55 3.77
C SER F 7 -65.56 -15.84 5.20
N PRO F 8 -66.84 -15.52 5.52
CA PRO F 8 -67.82 -14.90 4.64
C PRO F 8 -67.64 -13.39 4.51
N SER F 9 -68.24 -12.79 3.49
CA SER F 9 -68.20 -11.33 3.37
C SER F 9 -68.88 -10.67 4.56
N SER F 10 -69.90 -11.30 5.12
CA SER F 10 -70.63 -10.77 6.26
C SER F 10 -71.43 -11.90 6.88
N MET F 11 -71.66 -11.79 8.19
CA MET F 11 -72.41 -12.79 8.93
C MET F 11 -73.31 -12.11 9.95
N SER F 12 -74.53 -12.61 10.08
CA SER F 12 -75.49 -12.12 11.06
C SER F 12 -75.44 -13.04 12.27
N VAL F 13 -74.96 -12.51 13.40
CA VAL F 13 -74.75 -13.28 14.62
C VAL F 13 -75.26 -12.47 15.80
N SER F 14 -75.13 -13.05 17.00
CA SER F 14 -75.62 -12.43 18.23
C SER F 14 -74.56 -12.51 19.31
N LEU F 15 -74.88 -11.94 20.46
CA LEU F 15 -73.95 -11.92 21.58
C LEU F 15 -73.81 -13.30 22.21
N GLY F 16 -72.63 -13.56 22.77
CA GLY F 16 -72.33 -14.84 23.37
C GLY F 16 -72.03 -15.95 22.40
N ASP F 17 -72.16 -15.70 21.09
CA ASP F 17 -71.90 -16.72 20.10
C ASP F 17 -70.40 -16.94 19.91
N THR F 18 -70.06 -18.08 19.32
CA THR F 18 -68.68 -18.46 19.01
C THR F 18 -68.57 -18.59 17.50
N VAL F 19 -67.93 -17.61 16.86
CA VAL F 19 -67.88 -17.53 15.41
C VAL F 19 -66.43 -17.72 14.95
N SER F 20 -66.28 -17.94 13.65
CA SER F 20 -64.97 -18.12 13.03
C SER F 20 -64.95 -17.46 11.67
N ILE F 21 -63.80 -16.90 11.30
CA ILE F 21 -63.60 -16.26 10.01
C ILE F 21 -62.42 -16.95 9.33
N THR F 22 -62.66 -17.48 8.14
CA THR F 22 -61.63 -18.17 7.37
C THR F 22 -60.95 -17.21 6.41
N CYS F 23 -59.74 -17.58 5.98
CA CYS F 23 -58.94 -16.77 5.07
C CYS F 23 -58.06 -17.71 4.27
N HIS F 24 -58.31 -17.80 2.97
CA HIS F 24 -57.58 -18.71 2.08
C HIS F 24 -56.60 -17.90 1.24
N ALA F 25 -55.34 -18.33 1.23
CA ALA F 25 -54.31 -17.74 0.39
C ALA F 25 -54.12 -18.58 -0.86
N SER F 26 -53.72 -17.91 -1.95
CA SER F 26 -53.51 -18.61 -3.22
C SER F 26 -52.37 -19.62 -3.15
N GLN F 27 -51.46 -19.47 -2.19
CA GLN F 27 -50.37 -20.42 -1.99
C GLN F 27 -50.08 -20.48 -0.49
N GLY F 28 -49.29 -21.48 -0.11
CA GLY F 28 -48.90 -21.58 1.29
C GLY F 28 -48.13 -20.35 1.73
N ILE F 29 -48.44 -19.85 2.92
CA ILE F 29 -47.75 -18.70 3.50
C ILE F 29 -47.07 -19.04 4.82
N SER F 30 -47.22 -20.27 5.32
CA SER F 30 -46.46 -20.77 6.47
C SER F 30 -46.65 -19.89 7.70
N SER F 31 -47.92 -19.64 8.03
CA SER F 31 -48.33 -18.92 9.24
C SER F 31 -47.87 -17.47 9.23
N ASN F 32 -47.47 -16.92 8.08
CA ASN F 32 -47.09 -15.51 7.98
C ASN F 32 -48.34 -14.67 7.69
N ILE F 33 -49.23 -14.63 8.68
CA ILE F 33 -50.51 -13.97 8.53
C ILE F 33 -50.84 -13.19 9.79
N GLY F 34 -51.54 -12.07 9.62
CA GLY F 34 -52.03 -11.29 10.74
C GLY F 34 -53.51 -11.00 10.58
N TRP F 35 -54.14 -10.62 11.69
CA TRP F 35 -55.56 -10.34 11.73
C TRP F 35 -55.80 -8.97 12.33
N LEU F 36 -56.73 -8.23 11.73
CA LEU F 36 -56.96 -6.83 12.06
C LEU F 36 -58.43 -6.60 12.38
N GLN F 37 -58.69 -5.66 13.29
CA GLN F 37 -60.03 -5.24 13.65
C GLN F 37 -60.19 -3.76 13.37
N GLN F 38 -61.36 -3.38 12.85
CA GLN F 38 -61.69 -1.99 12.57
C GLN F 38 -63.10 -1.72 13.09
N LYS F 39 -63.18 -1.04 14.24
CA LYS F 39 -64.47 -0.72 14.82
C LYS F 39 -65.15 0.39 14.01
N PRO F 40 -66.49 0.52 14.12
CA PRO F 40 -67.21 1.51 13.32
C PRO F 40 -66.66 2.93 13.44
N GLY F 41 -66.11 3.44 12.35
CA GLY F 41 -65.58 4.79 12.29
C GLY F 41 -64.18 4.96 12.83
N LYS F 42 -63.68 4.01 13.61
CA LYS F 42 -62.37 4.11 14.21
C LYS F 42 -61.32 3.52 13.27
N SER F 43 -60.07 3.49 13.73
CA SER F 43 -58.98 2.99 12.89
C SER F 43 -58.78 1.50 13.17
N PHE F 44 -57.59 0.98 12.90
CA PHE F 44 -57.31 -0.45 13.00
C PHE F 44 -56.62 -0.79 14.31
N MET F 45 -56.89 -2.00 14.79
CA MET F 45 -56.24 -2.56 15.96
C MET F 45 -55.75 -3.95 15.62
N GLY F 46 -54.49 -4.24 15.97
CA GLY F 46 -53.93 -5.55 15.68
C GLY F 46 -54.50 -6.60 16.61
N LEU F 47 -54.79 -7.76 16.04
CA LEU F 47 -55.31 -8.89 16.81
C LEU F 47 -54.30 -10.03 16.89
N ILE F 48 -53.84 -10.53 15.76
CA ILE F 48 -52.94 -11.69 15.70
C ILE F 48 -51.74 -11.32 14.84
N TYR F 49 -50.59 -11.91 15.19
CA TYR F 49 -49.43 -11.89 14.32
C TYR F 49 -48.82 -13.28 14.30
N TYR F 50 -48.29 -13.64 13.12
CA TYR F 50 -47.74 -14.98 12.88
C TYR F 50 -48.75 -16.07 13.19
N GLY F 51 -49.99 -15.87 12.72
CA GLY F 51 -50.99 -16.92 12.74
C GLY F 51 -51.73 -17.16 14.04
N THR F 52 -51.00 -17.22 15.16
CA THR F 52 -51.60 -17.62 16.42
C THR F 52 -51.28 -16.71 17.61
N ASN F 53 -50.36 -15.77 17.48
CA ASN F 53 -49.89 -14.98 18.61
C ASN F 53 -50.75 -13.73 18.78
N LEU F 54 -51.40 -13.62 19.92
CA LEU F 54 -52.20 -12.43 20.24
C LEU F 54 -51.29 -11.23 20.42
N VAL F 55 -51.71 -10.08 19.88
CA VAL F 55 -51.02 -8.83 20.17
C VAL F 55 -51.27 -8.44 21.61
N ASP F 56 -50.30 -7.77 22.23
CA ASP F 56 -50.44 -7.31 23.60
C ASP F 56 -51.67 -6.42 23.74
N GLY F 57 -52.56 -6.79 24.67
CA GLY F 57 -53.78 -6.06 24.93
C GLY F 57 -55.03 -6.71 24.40
N VAL F 58 -54.90 -7.62 23.44
CA VAL F 58 -56.09 -8.28 22.88
C VAL F 58 -56.67 -9.23 23.91
N PRO F 59 -57.99 -9.27 24.09
CA PRO F 59 -58.59 -10.22 25.04
C PRO F 59 -58.31 -11.66 24.61
N SER F 60 -58.33 -12.56 25.60
CA SER F 60 -58.03 -13.96 25.35
C SER F 60 -59.16 -14.68 24.59
N ARG F 61 -60.32 -14.06 24.42
CA ARG F 61 -61.40 -14.69 23.68
C ARG F 61 -61.13 -14.74 22.17
N PHE F 62 -60.16 -14.00 21.68
CA PHE F 62 -59.70 -14.12 20.31
C PHE F 62 -58.64 -15.22 20.22
N SER F 63 -58.56 -15.87 19.06
CA SER F 63 -57.61 -16.95 18.88
C SER F 63 -57.45 -17.22 17.38
N GLY F 64 -56.21 -17.38 16.94
CA GLY F 64 -55.92 -17.74 15.57
C GLY F 64 -55.44 -19.16 15.41
N SER F 65 -55.60 -19.71 14.21
CA SER F 65 -55.23 -21.10 13.96
C SER F 65 -55.15 -21.33 12.45
N GLY F 66 -54.60 -22.47 12.08
CA GLY F 66 -54.46 -22.86 10.69
C GLY F 66 -53.00 -23.08 10.30
N SER F 67 -52.82 -23.48 9.05
CA SER F 67 -51.50 -23.72 8.49
C SER F 67 -51.60 -23.78 6.98
N GLY F 68 -50.44 -23.80 6.33
CA GLY F 68 -50.37 -23.86 4.88
C GLY F 68 -50.96 -22.65 4.19
N ALA F 69 -52.15 -22.81 3.61
CA ALA F 69 -52.82 -21.72 2.91
C ALA F 69 -54.26 -21.52 3.40
N ASP F 70 -54.56 -21.97 4.62
CA ASP F 70 -55.91 -21.88 5.17
C ASP F 70 -55.82 -21.58 6.65
N TYR F 71 -56.36 -20.44 7.07
CA TYR F 71 -56.22 -19.96 8.44
C TYR F 71 -57.57 -19.43 8.91
N SER F 72 -57.78 -19.46 10.23
CA SER F 72 -59.06 -19.10 10.81
C SER F 72 -58.87 -18.27 12.07
N LEU F 73 -59.59 -17.15 12.15
CA LEU F 73 -59.75 -16.39 13.37
C LEU F 73 -60.99 -16.87 14.10
N THR F 74 -60.98 -16.76 15.43
CA THR F 74 -62.08 -17.27 16.23
C THR F 74 -62.32 -16.37 17.44
N ILE F 75 -63.57 -16.01 17.66
CA ILE F 75 -63.98 -15.18 18.80
C ILE F 75 -64.99 -15.98 19.61
N SER F 76 -64.61 -16.38 20.81
CA SER F 76 -65.50 -17.11 21.71
C SER F 76 -66.28 -16.11 22.57
N SER F 77 -67.61 -16.26 22.57
CA SER F 77 -68.51 -15.39 23.29
C SER F 77 -68.35 -13.95 22.84
N LEU F 78 -69.04 -13.58 21.77
CA LEU F 78 -68.92 -12.23 21.21
C LEU F 78 -69.38 -11.18 22.21
N ASP F 79 -68.62 -10.09 22.30
CA ASP F 79 -68.99 -8.93 23.10
C ASP F 79 -69.55 -7.84 22.19
N SER F 80 -70.28 -6.90 22.81
CA SER F 80 -70.84 -5.78 22.06
C SER F 80 -69.77 -5.03 21.29
N GLU F 81 -68.54 -4.96 21.83
CA GLU F 81 -67.47 -4.27 21.13
C GLU F 81 -67.04 -5.02 19.86
N ASP F 82 -67.24 -6.34 19.82
CA ASP F 82 -66.65 -7.14 18.75
C ASP F 82 -67.35 -6.96 17.42
N PHE F 83 -68.55 -6.38 17.39
CA PHE F 83 -69.26 -6.16 16.13
C PHE F 83 -68.51 -5.10 15.33
N ALA F 84 -67.65 -5.54 14.43
CA ALA F 84 -66.80 -4.64 13.66
C ALA F 84 -66.35 -5.36 12.40
N ASP F 85 -65.49 -4.69 11.63
CA ASP F 85 -64.88 -5.27 10.44
C ASP F 85 -63.57 -5.95 10.79
N TYR F 86 -63.26 -7.03 10.07
CA TYR F 86 -62.06 -7.82 10.29
C TYR F 86 -61.38 -8.13 8.96
N TYR F 87 -60.05 -8.10 8.97
CA TYR F 87 -59.26 -8.33 7.76
C TYR F 87 -58.07 -9.21 8.07
N CYS F 88 -57.77 -10.15 7.17
CA CYS F 88 -56.54 -10.91 7.23
C CYS F 88 -55.50 -10.31 6.28
N VAL F 89 -54.24 -10.38 6.68
CA VAL F 89 -53.13 -9.83 5.91
C VAL F 89 -51.99 -10.85 5.91
N GLN F 90 -51.38 -11.04 4.74
CA GLN F 90 -50.22 -11.91 4.61
C GLN F 90 -48.97 -11.06 4.40
N TYR F 91 -47.86 -11.51 4.99
CA TYR F 91 -46.57 -10.90 4.77
C TYR F 91 -45.50 -11.96 4.50
N ALA F 92 -45.91 -13.07 3.89
CA ALA F 92 -44.96 -14.08 3.42
C ALA F 92 -44.21 -13.62 2.18
N GLN F 93 -44.80 -12.73 1.39
CA GLN F 93 -44.17 -12.21 0.18
C GLN F 93 -44.53 -10.75 0.01
N LEU F 94 -43.62 -10.01 -0.62
CA LEU F 94 -43.96 -8.67 -1.05
C LEU F 94 -44.55 -8.70 -2.46
N PRO F 95 -45.59 -7.91 -2.76
CA PRO F 95 -46.24 -6.95 -1.86
C PRO F 95 -47.15 -7.60 -0.83
N TYR F 96 -47.31 -6.95 0.33
CA TYR F 96 -48.32 -7.41 1.29
C TYR F 96 -49.70 -7.29 0.67
N THR F 97 -50.58 -8.24 1.00
CA THR F 97 -51.92 -8.26 0.46
C THR F 97 -52.93 -8.57 1.56
N PHE F 98 -54.09 -7.95 1.47
CA PHE F 98 -55.13 -8.06 2.49
C PHE F 98 -56.31 -8.86 1.97
N GLY F 99 -57.15 -9.31 2.91
CA GLY F 99 -58.37 -9.99 2.55
C GLY F 99 -59.49 -9.05 2.20
N GLY F 100 -60.56 -9.62 1.62
CA GLY F 100 -61.70 -8.81 1.23
C GLY F 100 -62.40 -8.17 2.42
N GLY F 101 -62.28 -8.75 3.60
CA GLY F 101 -62.91 -8.21 4.78
C GLY F 101 -64.17 -8.96 5.16
N THR F 102 -64.43 -9.00 6.47
CA THR F 102 -65.64 -9.63 7.01
C THR F 102 -66.32 -8.63 7.94
N LYS F 103 -67.65 -8.56 7.87
CA LYS F 103 -68.43 -7.64 8.68
C LYS F 103 -69.39 -8.44 9.54
N LEU F 104 -69.31 -8.25 10.85
CA LEU F 104 -70.20 -8.92 11.80
C LEU F 104 -71.38 -8.01 12.12
N GLU F 105 -72.59 -8.51 11.91
CA GLU F 105 -73.81 -7.76 12.11
C GLU F 105 -74.71 -8.47 13.11
N ILE F 106 -75.53 -7.69 13.82
CA ILE F 106 -76.38 -8.23 14.87
C ILE F 106 -77.57 -8.93 14.23
N LYS F 107 -77.79 -10.19 14.63
CA LYS F 107 -78.93 -10.95 14.17
C LYS F 107 -80.19 -10.52 14.90
N ARG F 108 -81.32 -10.57 14.21
CA ARG F 108 -82.60 -10.15 14.78
C ARG F 108 -83.73 -10.68 13.91
N ALA F 109 -84.96 -10.40 14.33
CA ALA F 109 -86.13 -10.80 13.56
C ALA F 109 -86.23 -9.98 12.28
N ASP F 110 -86.74 -10.62 11.23
CA ASP F 110 -86.88 -9.95 9.95
C ASP F 110 -87.97 -8.90 9.99
N ALA F 111 -87.69 -7.74 9.41
CA ALA F 111 -88.61 -6.61 9.41
C ALA F 111 -88.73 -6.04 8.00
N ALA F 112 -89.97 -5.75 7.60
CA ALA F 112 -90.26 -5.20 6.28
C ALA F 112 -89.99 -3.69 6.26
N PRO F 113 -89.60 -3.15 5.10
CA PRO F 113 -89.25 -1.73 5.02
C PRO F 113 -90.47 -0.83 4.94
N THR F 114 -90.31 0.38 5.47
CA THR F 114 -91.35 1.41 5.45
C THR F 114 -91.08 2.33 4.26
N VAL F 115 -91.76 2.05 3.15
CA VAL F 115 -91.54 2.81 1.92
C VAL F 115 -92.30 4.13 2.01
N SER F 116 -91.70 5.20 1.48
CA SER F 116 -92.31 6.52 1.54
C SER F 116 -91.75 7.34 0.38
N ILE F 117 -92.60 7.66 -0.60
CA ILE F 117 -92.18 8.41 -1.78
C ILE F 117 -92.49 9.89 -1.56
N PHE F 118 -91.63 10.76 -2.12
CA PHE F 118 -91.79 12.20 -1.97
C PHE F 118 -91.46 12.92 -3.27
N PRO F 119 -92.41 13.64 -3.86
CA PRO F 119 -92.18 14.32 -5.13
C PRO F 119 -91.32 15.56 -4.93
N PRO F 120 -90.90 16.24 -6.01
CA PRO F 120 -90.02 17.40 -5.86
C PRO F 120 -90.71 18.54 -5.12
N SER F 121 -89.91 19.32 -4.39
CA SER F 121 -90.42 20.49 -3.71
C SER F 121 -90.68 21.61 -4.71
N SER F 122 -91.37 22.65 -4.24
CA SER F 122 -91.57 23.84 -5.07
C SER F 122 -90.29 24.68 -5.16
N GLU F 123 -89.50 24.70 -4.08
CA GLU F 123 -88.21 25.40 -4.09
C GLU F 123 -87.21 24.73 -5.03
N GLN F 124 -87.41 23.46 -5.36
CA GLN F 124 -86.56 22.72 -6.28
C GLN F 124 -86.97 22.89 -7.74
N LEU F 125 -88.27 22.81 -8.04
CA LEU F 125 -88.77 23.03 -9.39
C LEU F 125 -88.58 24.47 -9.88
N THR F 126 -88.27 25.41 -8.99
CA THR F 126 -87.99 26.78 -9.42
C THR F 126 -86.56 26.94 -9.93
N SER F 127 -85.64 26.11 -9.46
CA SER F 127 -84.24 26.16 -9.90
C SER F 127 -84.00 25.33 -11.16
N GLY F 128 -85.05 24.92 -11.86
CA GLY F 128 -84.90 24.13 -13.07
C GLY F 128 -84.37 22.73 -12.82
N GLY F 129 -84.96 22.03 -11.85
CA GLY F 129 -84.54 20.68 -11.53
C GLY F 129 -85.65 19.96 -10.79
N ALA F 130 -85.38 18.70 -10.46
CA ALA F 130 -86.36 17.85 -9.80
C ALA F 130 -85.68 16.61 -9.25
N SER F 131 -86.12 16.16 -8.08
CA SER F 131 -85.59 14.95 -7.47
C SER F 131 -86.70 14.27 -6.68
N VAL F 132 -86.99 13.01 -7.04
CA VAL F 132 -88.02 12.22 -6.37
C VAL F 132 -87.31 11.30 -5.38
N VAL F 133 -87.57 11.51 -4.09
CA VAL F 133 -86.94 10.75 -3.03
C VAL F 133 -87.88 9.63 -2.59
N CYS F 134 -87.29 8.53 -2.09
CA CYS F 134 -88.07 7.36 -1.69
C CYS F 134 -87.31 6.68 -0.55
N PHE F 135 -87.82 6.85 0.68
CA PHE F 135 -87.16 6.33 1.87
C PHE F 135 -87.65 4.92 2.21
N LEU F 136 -86.71 4.06 2.61
CA LEU F 136 -87.00 2.68 3.03
C LEU F 136 -86.36 2.50 4.41
N ASN F 137 -87.04 2.98 5.44
CA ASN F 137 -86.47 3.06 6.78
C ASN F 137 -86.78 1.80 7.59
N ASN F 138 -85.80 1.37 8.37
CA ASN F 138 -85.95 0.31 9.36
C ASN F 138 -86.41 -1.01 8.74
N PHE F 139 -85.47 -1.82 8.25
CA PHE F 139 -85.76 -3.14 7.72
C PHE F 139 -84.61 -4.08 8.04
N TYR F 140 -84.86 -5.38 7.87
CA TYR F 140 -83.85 -6.39 8.16
C TYR F 140 -84.22 -7.64 7.39
N PRO F 141 -83.25 -8.31 6.73
CA PRO F 141 -81.82 -7.98 6.66
C PRO F 141 -81.49 -6.80 5.77
N LYS F 142 -80.19 -6.52 5.64
CA LYS F 142 -79.75 -5.33 4.89
C LYS F 142 -80.05 -5.47 3.41
N ASP F 143 -80.17 -6.70 2.91
CA ASP F 143 -80.34 -6.93 1.48
C ASP F 143 -81.66 -6.37 1.00
N ILE F 144 -81.61 -5.48 0.00
CA ILE F 144 -82.81 -4.83 -0.52
C ILE F 144 -82.48 -4.27 -1.89
N ASN F 145 -83.48 -4.27 -2.78
CA ASN F 145 -83.32 -3.80 -4.14
C ASN F 145 -84.44 -2.82 -4.47
N VAL F 146 -84.08 -1.59 -4.81
CA VAL F 146 -85.04 -0.57 -5.22
C VAL F 146 -85.07 -0.53 -6.75
N LYS F 147 -86.24 -0.26 -7.29
CA LYS F 147 -86.44 -0.19 -8.73
C LYS F 147 -87.34 1.01 -9.04
N TRP F 148 -87.02 1.71 -10.13
CA TRP F 148 -87.75 2.91 -10.54
C TRP F 148 -88.41 2.67 -11.89
N LYS F 149 -89.68 3.05 -12.00
CA LYS F 149 -90.46 2.87 -13.22
C LYS F 149 -91.22 4.17 -13.52
N ILE F 150 -90.80 4.87 -14.57
CA ILE F 150 -91.54 6.02 -15.07
C ILE F 150 -92.56 5.50 -16.08
N ASP F 151 -93.84 5.51 -15.69
CA ASP F 151 -94.94 5.01 -16.52
C ASP F 151 -94.69 3.55 -16.92
N GLY F 152 -94.38 2.72 -15.93
CA GLY F 152 -94.17 1.30 -16.16
C GLY F 152 -92.80 0.95 -16.69
N SER F 153 -92.21 1.83 -17.50
CA SER F 153 -90.90 1.57 -18.08
C SER F 153 -89.81 1.77 -17.02
N GLU F 154 -88.93 0.79 -16.90
CA GLU F 154 -87.91 0.81 -15.86
C GLU F 154 -86.94 1.98 -16.07
N ARG F 155 -86.39 2.48 -14.96
CA ARG F 155 -85.44 3.57 -14.98
C ARG F 155 -84.16 3.13 -14.26
N GLN F 156 -83.02 3.36 -14.90
CA GLN F 156 -81.73 3.10 -14.29
C GLN F 156 -80.79 4.29 -14.38
N ASN F 157 -81.24 5.42 -14.91
CA ASN F 157 -80.40 6.57 -15.18
C ASN F 157 -80.56 7.62 -14.09
N GLY F 158 -79.43 8.07 -13.54
CA GLY F 158 -79.43 9.17 -12.60
C GLY F 158 -80.04 8.84 -11.24
N VAL F 159 -79.62 7.73 -10.65
CA VAL F 159 -80.12 7.29 -9.35
C VAL F 159 -79.01 7.46 -8.31
N LEU F 160 -79.38 7.97 -7.14
CA LEU F 160 -78.44 8.23 -6.05
C LEU F 160 -78.96 7.56 -4.79
N ASN F 161 -78.41 6.40 -4.45
CA ASN F 161 -78.81 5.64 -3.28
C ASN F 161 -77.78 5.79 -2.16
N SER F 162 -78.27 5.72 -0.92
CA SER F 162 -77.43 5.82 0.26
C SER F 162 -77.96 4.91 1.34
N TRP F 163 -77.07 4.18 1.98
CA TRP F 163 -77.41 3.22 3.03
C TRP F 163 -76.85 3.68 4.37
N THR F 164 -77.66 3.57 5.41
CA THR F 164 -77.19 3.76 6.77
C THR F 164 -76.71 2.43 7.35
N ASP F 165 -75.75 2.52 8.26
CA ASP F 165 -75.29 1.33 8.97
C ASP F 165 -76.40 0.75 9.82
N GLN F 166 -76.13 -0.41 10.42
CA GLN F 166 -77.10 -1.04 11.30
C GLN F 166 -77.38 -0.12 12.49
N ASP F 167 -78.64 0.27 12.65
CA ASP F 167 -79.00 1.25 13.65
C ASP F 167 -78.73 0.72 15.06
N SER F 168 -77.91 1.43 15.83
CA SER F 168 -77.64 1.06 17.21
C SER F 168 -78.90 1.08 18.08
N LYS F 169 -79.97 1.71 17.61
CA LYS F 169 -81.21 1.77 18.39
C LYS F 169 -81.93 0.43 18.37
N ASP F 170 -82.24 -0.08 17.17
CA ASP F 170 -83.05 -1.28 17.03
C ASP F 170 -82.46 -2.30 16.05
N SER F 171 -81.21 -2.11 15.62
CA SER F 171 -80.51 -3.06 14.75
C SER F 171 -81.20 -3.21 13.39
N THR F 172 -81.75 -2.11 12.88
CA THR F 172 -82.39 -2.09 11.58
C THR F 172 -81.59 -1.23 10.61
N TYR F 173 -81.79 -1.50 9.32
CA TYR F 173 -81.13 -0.77 8.24
C TYR F 173 -82.15 0.14 7.56
N SER F 174 -81.64 1.24 7.00
CA SER F 174 -82.46 2.19 6.26
C SER F 174 -81.78 2.50 4.94
N MET F 175 -82.59 2.93 3.96
CA MET F 175 -82.09 3.17 2.61
C MET F 175 -82.75 4.40 2.02
N SER F 176 -81.94 5.23 1.36
CA SER F 176 -82.40 6.41 0.65
C SER F 176 -82.18 6.23 -0.85
N SER F 177 -83.00 6.91 -1.65
CA SER F 177 -82.94 6.76 -3.10
C SER F 177 -83.47 8.03 -3.74
N THR F 178 -82.64 8.68 -4.56
CA THR F 178 -82.96 9.96 -5.18
C THR F 178 -82.80 9.84 -6.69
N LEU F 179 -83.92 9.91 -7.42
CA LEU F 179 -83.92 9.91 -8.88
C LEU F 179 -83.97 11.36 -9.35
N THR F 180 -82.87 11.83 -9.93
CA THR F 180 -82.70 13.24 -10.29
C THR F 180 -82.76 13.42 -11.81
N LEU F 181 -83.40 14.50 -12.24
CA LEU F 181 -83.42 14.90 -13.64
C LEU F 181 -83.83 16.36 -13.74
N THR F 182 -83.91 16.86 -14.98
CA THR F 182 -84.23 18.25 -15.22
C THR F 182 -85.73 18.49 -15.08
N LYS F 183 -86.08 19.75 -14.79
CA LYS F 183 -87.49 20.14 -14.70
C LYS F 183 -88.21 19.91 -16.02
N ASP F 184 -87.51 20.15 -17.14
CA ASP F 184 -88.12 19.94 -18.46
C ASP F 184 -88.44 18.47 -18.68
N GLU F 185 -87.55 17.57 -18.25
CA GLU F 185 -87.79 16.14 -18.40
C GLU F 185 -88.84 15.64 -17.41
N TYR F 186 -88.90 16.23 -16.21
CA TYR F 186 -89.90 15.82 -15.24
C TYR F 186 -91.30 16.07 -15.75
N GLU F 187 -91.52 17.24 -16.36
CA GLU F 187 -92.85 17.61 -16.85
C GLU F 187 -93.13 16.95 -18.20
N ARG F 188 -92.80 15.67 -18.31
CA ARG F 188 -93.12 14.86 -19.48
C ARG F 188 -94.05 13.70 -19.18
N HIS F 189 -94.11 13.24 -17.94
CA HIS F 189 -94.86 12.05 -17.55
C HIS F 189 -95.74 12.39 -16.35
N ASN F 190 -96.46 11.39 -15.85
CA ASN F 190 -97.37 11.60 -14.73
C ASN F 190 -97.08 10.62 -13.59
N SER F 191 -97.11 9.33 -13.88
CA SER F 191 -96.94 8.30 -12.86
C SER F 191 -95.46 7.99 -12.66
N TYR F 192 -95.03 7.99 -11.41
CA TYR F 192 -93.64 7.68 -11.05
C TYR F 192 -93.66 6.66 -9.92
N THR F 193 -93.32 5.41 -10.26
CA THR F 193 -93.35 4.28 -9.35
C THR F 193 -92.04 4.15 -8.59
N CYS F 194 -92.11 3.55 -7.38
CA CYS F 194 -90.93 3.27 -6.55
C CYS F 194 -91.09 1.88 -5.92
N GLU F 195 -90.57 0.87 -6.62
CA GLU F 195 -90.65 -0.51 -6.15
C GLU F 195 -89.52 -0.83 -5.16
N ALA F 196 -89.63 -1.99 -4.53
CA ALA F 196 -88.66 -2.43 -3.53
C ALA F 196 -88.82 -3.92 -3.29
N THR F 197 -87.71 -4.65 -3.41
CA THR F 197 -87.70 -6.10 -3.23
C THR F 197 -87.04 -6.46 -1.90
N HIS F 198 -87.68 -7.33 -1.13
CA HIS F 198 -87.20 -7.71 0.19
C HIS F 198 -87.63 -9.13 0.50
N LYS F 199 -86.89 -9.79 1.38
CA LYS F 199 -87.19 -11.19 1.70
C LYS F 199 -88.45 -11.33 2.56
N THR F 200 -88.82 -10.28 3.30
CA THR F 200 -90.02 -10.35 4.12
C THR F 200 -91.29 -10.26 3.30
N SER F 201 -91.20 -9.82 2.05
CA SER F 201 -92.36 -9.63 1.18
C SER F 201 -92.15 -10.44 -0.09
N THR F 202 -93.02 -11.43 -0.30
CA THR F 202 -92.99 -12.19 -1.54
C THR F 202 -93.21 -11.29 -2.75
N SER F 203 -93.98 -10.22 -2.58
CA SER F 203 -94.29 -9.26 -3.63
C SER F 203 -93.57 -7.93 -3.38
N PRO F 204 -93.29 -7.16 -4.43
CA PRO F 204 -92.60 -5.88 -4.24
C PRO F 204 -93.54 -4.80 -3.72
N ILE F 205 -93.08 -4.05 -2.73
CA ILE F 205 -93.84 -2.92 -2.20
C ILE F 205 -93.73 -1.75 -3.16
N VAL F 206 -94.82 -0.98 -3.29
CA VAL F 206 -94.96 0.02 -4.35
C VAL F 206 -95.47 1.33 -3.75
N LYS F 207 -94.98 2.45 -4.29
CA LYS F 207 -95.48 3.78 -3.96
C LYS F 207 -95.40 4.65 -5.20
N SER F 208 -96.54 5.22 -5.63
CA SER F 208 -96.61 6.01 -6.84
C SER F 208 -97.32 7.33 -6.58
N PHE F 209 -97.35 8.20 -7.60
CA PHE F 209 -98.02 9.48 -7.53
C PHE F 209 -98.15 10.07 -8.93
N ASN F 210 -99.17 10.90 -9.11
CA ASN F 210 -99.37 11.62 -10.37
C ASN F 210 -98.70 12.98 -10.30
N ARG F 211 -98.14 13.41 -11.44
CA ARG F 211 -97.37 14.65 -11.48
C ARG F 211 -98.27 15.86 -11.26
N ASN F 212 -98.02 16.61 -10.18
CA ASN F 212 -98.77 17.80 -9.85
C ASN F 212 -100.27 17.51 -9.79
N GLU F 213 -100.72 16.92 -8.68
CA GLU F 213 -102.10 16.45 -8.55
C GLU F 213 -103.01 17.55 -7.99
N CYS F 214 -102.74 17.98 -6.76
CA CYS F 214 -103.58 18.96 -6.08
C CYS F 214 -103.67 20.28 -6.85
N GLU G 1 43.06 16.20 -0.94
CA GLU G 1 44.10 15.68 -1.81
C GLU G 1 44.12 14.15 -1.80
N VAL G 2 44.46 13.57 -2.94
CA VAL G 2 44.48 12.11 -3.08
C VAL G 2 45.73 11.56 -2.40
N GLN G 3 45.54 10.68 -1.43
CA GLN G 3 46.64 9.98 -0.78
C GLN G 3 46.23 8.54 -0.53
N LEU G 4 47.15 7.62 -0.80
CA LEU G 4 46.95 6.20 -0.58
C LEU G 4 47.87 5.78 0.57
N GLN G 5 47.28 5.50 1.72
CA GLN G 5 48.04 5.18 2.93
C GLN G 5 47.99 3.67 3.13
N GLN G 6 49.13 3.01 2.92
CA GLN G 6 49.22 1.57 3.05
C GLN G 6 49.57 1.18 4.47
N SER G 7 49.61 -0.13 4.72
CA SER G 7 49.87 -0.66 6.04
C SER G 7 51.38 -0.65 6.35
N GLY G 8 51.71 -0.97 7.60
CA GLY G 8 53.09 -1.06 8.01
C GLY G 8 53.78 -2.30 7.47
N ALA G 9 55.10 -2.28 7.55
CA ALA G 9 55.91 -3.40 7.05
C ALA G 9 55.55 -4.69 7.77
N GLU G 10 55.64 -5.80 7.03
CA GLU G 10 55.30 -7.12 7.56
C GLU G 10 56.55 -7.99 7.58
N LEU G 11 56.59 -8.91 8.54
CA LEU G 11 57.73 -9.80 8.75
C LEU G 11 57.16 -11.17 9.16
N VAL G 12 57.01 -12.05 8.18
CA VAL G 12 56.28 -13.29 8.35
C VAL G 12 57.16 -14.47 7.91
N LYS G 13 56.70 -15.68 8.23
CA LYS G 13 57.40 -16.92 7.95
C LYS G 13 56.88 -17.55 6.66
N PRO G 14 57.67 -18.43 6.03
CA PRO G 14 57.19 -19.09 4.81
C PRO G 14 56.04 -20.05 5.11
N GLY G 15 55.17 -20.21 4.12
CA GLY G 15 54.00 -21.03 4.24
C GLY G 15 52.79 -20.35 4.84
N ALA G 16 52.97 -19.21 5.51
CA ALA G 16 51.88 -18.48 6.13
C ALA G 16 51.28 -17.49 5.13
N SER G 17 50.36 -16.65 5.62
CA SER G 17 49.69 -15.68 4.78
C SER G 17 49.80 -14.30 5.41
N VAL G 18 49.50 -13.28 4.60
CA VAL G 18 49.54 -11.89 5.04
C VAL G 18 48.54 -11.09 4.21
N LYS G 19 47.93 -10.09 4.83
CA LYS G 19 46.89 -9.28 4.19
C LYS G 19 47.28 -7.82 4.31
N LEU G 20 47.77 -7.25 3.21
CA LEU G 20 48.11 -5.83 3.17
C LEU G 20 46.86 -4.99 2.95
N SER G 21 46.93 -3.73 3.37
CA SER G 21 45.80 -2.82 3.28
C SER G 21 46.23 -1.52 2.61
N CYS G 22 45.29 -0.91 1.89
CA CYS G 22 45.50 0.34 1.18
C CYS G 22 44.28 1.21 1.43
N THR G 23 44.40 2.18 2.33
CA THR G 23 43.29 3.02 2.73
C THR G 23 43.33 4.33 1.96
N ALA G 24 42.18 4.73 1.42
CA ALA G 24 42.06 5.96 0.65
C ALA G 24 41.96 7.17 1.56
N SER G 25 42.53 8.28 1.11
CA SER G 25 42.56 9.52 1.89
C SER G 25 42.24 10.69 0.97
N GLY G 26 41.19 11.43 1.30
CA GLY G 26 40.77 12.56 0.50
C GLY G 26 39.88 12.21 -0.68
N PHE G 27 39.42 10.97 -0.78
CA PHE G 27 38.58 10.54 -1.90
C PHE G 27 37.94 9.21 -1.51
N ASN G 28 36.94 8.82 -2.29
CA ASN G 28 36.24 7.56 -2.07
C ASN G 28 36.93 6.45 -2.88
N ILE G 29 37.28 5.36 -2.19
CA ILE G 29 37.98 4.25 -2.85
C ILE G 29 37.15 3.71 -4.01
N LYS G 30 35.83 3.87 -3.95
CA LYS G 30 34.92 3.35 -4.96
C LYS G 30 35.03 4.07 -6.30
N ASP G 31 35.76 5.17 -6.37
CA ASP G 31 35.70 6.03 -7.55
C ASP G 31 36.36 5.38 -8.76
N THR G 32 37.50 4.72 -8.58
CA THR G 32 38.31 4.26 -9.70
C THR G 32 38.71 2.80 -9.51
N TYR G 33 39.52 2.31 -10.44
CA TYR G 33 40.23 1.05 -10.25
C TYR G 33 41.30 1.21 -9.18
N VAL G 34 41.56 0.10 -8.47
CA VAL G 34 42.70 0.01 -7.55
C VAL G 34 43.55 -1.17 -8.00
N HIS G 35 44.84 -0.91 -8.20
CA HIS G 35 45.78 -1.92 -8.66
C HIS G 35 46.75 -2.28 -7.53
N TRP G 36 47.52 -3.34 -7.76
CA TRP G 36 48.60 -3.72 -6.86
C TRP G 36 49.82 -4.09 -7.69
N VAL G 37 50.97 -3.54 -7.33
CA VAL G 37 52.22 -3.71 -8.05
C VAL G 37 53.28 -4.24 -7.09
N LYS G 38 54.10 -5.16 -7.58
CA LYS G 38 55.18 -5.78 -6.80
C LYS G 38 56.53 -5.32 -7.35
N GLN G 39 57.40 -4.84 -6.46
CA GLN G 39 58.71 -4.35 -6.85
C GLN G 39 59.82 -5.14 -6.16
N ARG G 40 60.85 -5.46 -6.90
CA ARG G 40 62.05 -6.14 -6.42
C ARG G 40 63.27 -5.55 -7.10
N PRO G 41 64.42 -5.56 -6.43
CA PRO G 41 65.61 -4.92 -7.03
C PRO G 41 66.06 -5.57 -8.33
N GLU G 42 66.12 -6.90 -8.38
CA GLU G 42 66.51 -7.58 -9.61
C GLU G 42 65.35 -7.68 -10.59
N GLN G 43 64.24 -8.28 -10.16
CA GLN G 43 63.12 -8.55 -11.05
C GLN G 43 62.40 -7.28 -11.49
N GLY G 44 62.52 -6.20 -10.74
CA GLY G 44 61.85 -4.97 -11.12
C GLY G 44 60.39 -4.94 -10.71
N LEU G 45 59.58 -4.29 -11.53
CA LEU G 45 58.17 -4.04 -11.25
C LEU G 45 57.29 -5.05 -11.97
N GLU G 46 56.29 -5.57 -11.26
CA GLU G 46 55.35 -6.53 -11.80
C GLU G 46 53.94 -6.17 -11.36
N TRP G 47 53.00 -6.28 -12.29
CA TRP G 47 51.60 -5.96 -12.03
C TRP G 47 50.90 -7.18 -11.46
N ILE G 48 50.38 -7.06 -10.24
CA ILE G 48 49.66 -8.16 -9.61
C ILE G 48 48.25 -8.27 -10.18
N GLY G 49 47.45 -7.22 -9.99
CA GLY G 49 46.08 -7.23 -10.44
C GLY G 49 45.38 -5.95 -10.09
N ARG G 50 44.07 -5.93 -10.30
CA ARG G 50 43.25 -4.75 -10.06
C ARG G 50 41.91 -5.17 -9.49
N ILE G 51 41.18 -4.18 -8.99
CA ILE G 51 39.83 -4.38 -8.48
C ILE G 51 39.04 -3.09 -8.67
N ASP G 52 37.76 -3.23 -9.02
CA ASP G 52 36.83 -2.11 -9.01
C ASP G 52 36.06 -2.20 -7.69
N PRO G 53 36.40 -1.38 -6.68
CA PRO G 53 35.72 -1.50 -5.38
C PRO G 53 34.22 -1.27 -5.45
N ALA G 54 33.70 -0.70 -6.54
CA ALA G 54 32.26 -0.49 -6.65
C ALA G 54 31.49 -1.80 -6.79
N ASN G 55 32.12 -2.81 -7.39
CA ASN G 55 31.47 -4.11 -7.60
C ASN G 55 32.28 -5.30 -7.14
N GLY G 56 33.57 -5.14 -6.86
CA GLY G 56 34.41 -6.23 -6.39
C GLY G 56 34.97 -7.14 -7.47
N TYR G 57 34.75 -6.83 -8.75
CA TYR G 57 35.34 -7.63 -9.81
C TYR G 57 36.85 -7.38 -9.88
N THR G 58 37.59 -8.43 -10.19
CA THR G 58 39.05 -8.40 -10.14
C THR G 58 39.65 -8.97 -11.42
N LYS G 59 40.86 -8.52 -11.73
CA LYS G 59 41.68 -9.06 -12.80
C LYS G 59 43.06 -9.35 -12.25
N TYR G 60 43.70 -10.40 -12.78
CA TYR G 60 45.00 -10.81 -12.28
C TYR G 60 45.93 -11.18 -13.44
N ASP G 61 47.20 -10.86 -13.27
CA ASP G 61 48.23 -11.50 -14.07
C ASP G 61 48.27 -12.98 -13.71
N PRO G 62 48.19 -13.90 -14.68
CA PRO G 62 48.16 -15.34 -14.34
C PRO G 62 49.38 -15.81 -13.55
N LYS G 63 50.46 -15.01 -13.47
CA LYS G 63 51.59 -15.38 -12.63
C LYS G 63 51.22 -15.38 -11.16
N PHE G 64 50.27 -14.54 -10.76
CA PHE G 64 49.87 -14.39 -9.36
C PHE G 64 48.55 -15.08 -9.05
N GLN G 65 48.00 -15.84 -9.98
CA GLN G 65 46.76 -16.58 -9.72
C GLN G 65 47.05 -17.69 -8.73
N GLY G 66 46.52 -17.56 -7.52
CA GLY G 66 46.78 -18.53 -6.47
C GLY G 66 47.29 -17.87 -5.21
N LYS G 67 48.33 -17.04 -5.35
CA LYS G 67 48.90 -16.35 -4.21
C LYS G 67 48.18 -15.03 -3.92
N ALA G 68 47.94 -14.23 -4.96
CA ALA G 68 47.38 -12.90 -4.79
C ALA G 68 45.86 -12.98 -4.76
N THR G 69 45.25 -12.28 -3.79
CA THR G 69 43.81 -12.18 -3.68
C THR G 69 43.49 -10.74 -3.29
N ILE G 70 42.83 -10.01 -4.18
CA ILE G 70 42.54 -8.59 -3.99
C ILE G 70 41.06 -8.44 -3.64
N THR G 71 40.79 -7.75 -2.54
CA THR G 71 39.44 -7.47 -2.07
C THR G 71 39.33 -5.99 -1.76
N ALA G 72 38.12 -5.55 -1.45
CA ALA G 72 37.88 -4.13 -1.16
C ALA G 72 36.62 -3.99 -0.32
N ASP G 73 36.71 -3.17 0.72
CA ASP G 73 35.58 -2.85 1.60
C ASP G 73 35.34 -1.34 1.52
N THR G 74 34.29 -0.94 0.81
CA THR G 74 33.97 0.48 0.66
C THR G 74 33.63 1.14 1.99
N SER G 75 33.20 0.35 2.98
CA SER G 75 32.91 0.88 4.32
C SER G 75 34.14 1.57 4.89
N SER G 76 35.19 0.80 5.19
CA SER G 76 36.43 1.37 5.69
C SER G 76 37.23 2.09 4.61
N ASN G 77 36.70 2.17 3.39
CA ASN G 77 37.35 2.89 2.28
C ASN G 77 38.76 2.36 2.05
N THR G 78 38.88 1.03 1.97
CA THR G 78 40.17 0.37 1.98
C THR G 78 40.19 -0.78 0.97
N ALA G 79 41.34 -0.97 0.33
CA ALA G 79 41.57 -2.10 -0.56
C ALA G 79 42.64 -2.99 0.04
N TYR G 80 42.49 -4.31 -0.16
CA TYR G 80 43.35 -5.29 0.48
C TYR G 80 44.05 -6.16 -0.56
N LEU G 81 45.21 -6.69 -0.17
CA LEU G 81 45.97 -7.63 -0.98
C LEU G 81 46.42 -8.78 -0.08
N GLN G 82 45.82 -9.95 -0.28
CA GLN G 82 46.14 -11.14 0.50
C GLN G 82 47.11 -12.03 -0.27
N LEU G 83 48.19 -12.43 0.40
CA LEU G 83 49.20 -13.31 -0.19
C LEU G 83 49.27 -14.58 0.63
N SER G 84 49.24 -15.73 -0.03
CA SER G 84 49.17 -17.02 0.62
C SER G 84 50.36 -17.88 0.24
N SER G 85 50.65 -18.86 1.10
CA SER G 85 51.78 -19.78 0.93
C SER G 85 53.05 -19.03 0.57
N LEU G 86 53.48 -18.17 1.50
CA LEU G 86 54.54 -17.22 1.22
C LEU G 86 55.88 -17.91 1.03
N THR G 87 56.72 -17.30 0.21
CA THR G 87 58.02 -17.84 -0.16
C THR G 87 59.04 -16.71 -0.11
N SER G 88 60.32 -17.09 -0.06
CA SER G 88 61.41 -16.11 -0.09
C SER G 88 61.29 -15.19 -1.29
N GLU G 89 60.72 -15.68 -2.39
CA GLU G 89 60.50 -14.85 -3.57
C GLU G 89 59.33 -13.88 -3.41
N ASP G 90 58.48 -14.08 -2.40
CA ASP G 90 57.45 -13.11 -2.06
C ASP G 90 57.98 -11.95 -1.23
N THR G 91 59.28 -11.92 -0.97
CA THR G 91 59.91 -10.78 -0.30
C THR G 91 60.05 -9.66 -1.31
N ALA G 92 59.27 -8.59 -1.12
CA ALA G 92 59.20 -7.50 -2.08
C ALA G 92 58.47 -6.34 -1.43
N VAL G 93 58.47 -5.20 -2.13
CA VAL G 93 57.70 -4.04 -1.73
C VAL G 93 56.45 -3.99 -2.59
N TYR G 94 55.30 -3.79 -1.96
CA TYR G 94 54.01 -3.85 -2.63
C TYR G 94 53.35 -2.48 -2.58
N TYR G 95 52.89 -2.01 -3.75
CA TYR G 95 52.26 -0.71 -3.89
C TYR G 95 50.83 -0.88 -4.38
N CYS G 96 49.94 0.00 -3.91
CA CYS G 96 48.61 0.14 -4.47
C CYS G 96 48.56 1.40 -5.33
N VAL G 97 47.89 1.30 -6.47
CA VAL G 97 47.91 2.35 -7.49
C VAL G 97 46.49 2.64 -7.94
N ARG G 98 46.24 3.88 -8.31
CA ARG G 98 45.00 4.30 -8.93
C ARG G 98 45.32 5.34 -10.00
N PRO G 99 44.43 5.53 -10.96
CA PRO G 99 44.64 6.55 -11.99
C PRO G 99 44.14 7.92 -11.56
N LEU G 100 44.54 8.92 -12.35
CA LEU G 100 44.13 10.31 -12.11
C LEU G 100 42.85 10.63 -12.88
N TYR G 101 42.94 10.65 -14.20
CA TYR G 101 41.79 10.88 -15.07
C TYR G 101 41.50 9.66 -15.94
N ASP G 102 42.46 9.22 -16.74
CA ASP G 102 42.28 8.06 -17.61
C ASP G 102 41.88 6.83 -16.79
N TYR G 103 40.80 6.17 -17.22
CA TYR G 103 40.29 5.00 -16.51
C TYR G 103 41.37 3.92 -16.31
N TYR G 104 42.31 3.81 -17.25
CA TYR G 104 43.22 2.68 -17.33
C TYR G 104 44.64 3.01 -16.88
N ALA G 105 44.88 4.20 -16.33
CA ALA G 105 46.23 4.65 -16.06
C ALA G 105 46.71 4.23 -14.67
N MET G 106 47.94 4.65 -14.32
CA MET G 106 48.62 4.27 -13.08
C MET G 106 49.37 5.50 -12.58
N ASP G 107 48.65 6.43 -11.95
CA ASP G 107 49.17 7.77 -11.68
C ASP G 107 49.45 8.04 -10.21
N TYR G 108 48.53 7.69 -9.30
CA TYR G 108 48.73 7.90 -7.88
C TYR G 108 49.18 6.60 -7.21
N TRP G 109 50.18 6.71 -6.34
CA TRP G 109 50.81 5.54 -5.73
C TRP G 109 50.87 5.71 -4.22
N GLY G 110 50.64 4.60 -3.51
CA GLY G 110 50.89 4.57 -2.08
C GLY G 110 52.37 4.57 -1.77
N GLN G 111 52.69 4.71 -0.48
CA GLN G 111 54.09 4.74 -0.08
C GLN G 111 54.76 3.37 -0.25
N GLY G 112 53.97 2.30 -0.19
CA GLY G 112 54.52 0.96 -0.35
C GLY G 112 54.69 0.22 0.96
N THR G 113 54.29 -1.04 0.98
CA THR G 113 54.42 -1.90 2.16
C THR G 113 55.55 -2.90 1.93
N SER G 114 56.48 -2.95 2.88
CA SER G 114 57.60 -3.89 2.81
C SER G 114 57.18 -5.22 3.40
N VAL G 115 57.49 -6.30 2.67
CA VAL G 115 57.20 -7.66 3.12
C VAL G 115 58.50 -8.45 3.13
N THR G 116 58.72 -9.20 4.22
CA THR G 116 59.92 -10.01 4.38
C THR G 116 59.50 -11.39 4.86
N VAL G 117 59.85 -12.42 4.08
CA VAL G 117 59.54 -13.80 4.42
C VAL G 117 60.85 -14.49 4.80
N SER G 118 60.88 -15.07 6.00
CA SER G 118 62.07 -15.74 6.50
C SER G 118 61.70 -16.56 7.72
N SER G 119 62.44 -17.65 7.92
CA SER G 119 62.29 -18.48 9.11
C SER G 119 63.27 -18.08 10.22
N ALA G 120 64.09 -17.07 9.98
CA ALA G 120 65.10 -16.69 10.97
C ALA G 120 64.44 -16.16 12.25
N LYS G 121 65.02 -16.52 13.38
CA LYS G 121 64.58 -16.03 14.67
C LYS G 121 65.27 -14.70 14.99
N THR G 122 64.74 -14.01 16.01
CA THR G 122 65.30 -12.73 16.41
C THR G 122 66.71 -12.92 16.97
N THR G 123 67.71 -12.70 16.14
CA THR G 123 69.11 -12.89 16.51
C THR G 123 69.81 -11.54 16.62
N ALA G 124 70.66 -11.42 17.65
CA ALA G 124 71.41 -10.20 17.88
C ALA G 124 72.68 -10.18 17.04
N PRO G 125 73.15 -8.99 16.65
CA PRO G 125 74.33 -8.92 15.78
C PRO G 125 75.61 -9.29 16.51
N SER G 126 76.65 -9.55 15.72
CA SER G 126 78.00 -9.82 16.21
C SER G 126 78.89 -8.69 15.68
N VAL G 127 79.37 -7.83 16.59
CA VAL G 127 80.10 -6.63 16.22
C VAL G 127 81.59 -6.91 16.36
N TYR G 128 82.32 -6.74 15.27
CA TYR G 128 83.75 -7.01 15.22
C TYR G 128 84.52 -5.76 14.81
N PRO G 129 85.53 -5.35 15.58
CA PRO G 129 86.33 -4.19 15.18
C PRO G 129 87.28 -4.54 14.04
N LEU G 130 87.56 -3.54 13.21
CA LEU G 130 88.37 -3.72 12.00
C LEU G 130 89.53 -2.72 12.01
N ALA G 131 90.68 -3.14 12.57
CA ALA G 131 91.89 -2.34 12.58
C ALA G 131 92.78 -2.69 11.40
N PRO G 132 93.55 -1.73 10.87
CA PRO G 132 94.42 -2.02 9.72
C PRO G 132 95.59 -2.90 10.09
N VAL G 133 96.43 -3.22 9.11
CA VAL G 133 97.61 -4.08 9.30
C VAL G 133 98.83 -3.20 9.51
N CYS G 134 99.82 -3.75 10.21
CA CYS G 134 101.08 -3.07 10.48
C CYS G 134 101.75 -2.60 9.18
N THR G 138 100.66 4.22 7.75
CA THR G 138 101.87 4.40 6.96
C THR G 138 101.77 5.62 6.06
N GLY G 139 100.56 5.91 5.59
CA GLY G 139 100.31 7.07 4.76
C GLY G 139 99.85 8.26 5.58
N SER G 140 99.18 9.18 4.90
CA SER G 140 98.62 10.36 5.57
C SER G 140 97.16 10.17 5.96
N SER G 141 96.47 9.20 5.37
CA SER G 141 95.07 8.91 5.67
C SER G 141 94.94 7.49 6.18
N VAL G 142 94.14 7.32 7.23
CA VAL G 142 93.91 6.01 7.85
C VAL G 142 92.44 5.67 7.73
N THR G 143 92.15 4.37 7.65
CA THR G 143 90.79 3.88 7.48
C THR G 143 90.55 2.73 8.46
N LEU G 144 89.45 2.83 9.21
CA LEU G 144 89.01 1.79 10.14
C LEU G 144 87.71 1.17 9.62
N GLY G 145 87.12 0.29 10.42
CA GLY G 145 85.90 -0.38 9.99
C GLY G 145 85.22 -1.07 11.14
N CYS G 146 84.04 -1.62 10.85
CA CYS G 146 83.22 -2.29 11.84
C CYS G 146 82.29 -3.25 11.11
N LEU G 147 82.29 -4.51 11.54
CA LEU G 147 81.54 -5.57 10.87
C LEU G 147 80.40 -6.03 11.78
N VAL G 148 79.18 -5.89 11.28
CA VAL G 148 77.96 -6.28 11.98
C VAL G 148 77.40 -7.50 11.26
N LYS G 149 77.54 -8.68 11.86
CA LYS G 149 77.28 -9.94 11.16
C LYS G 149 76.27 -10.79 11.93
N GLY G 150 75.34 -11.37 11.18
CA GLY G 150 74.44 -12.39 11.69
C GLY G 150 73.33 -11.90 12.59
N TYR G 151 72.63 -10.85 12.20
CA TYR G 151 71.50 -10.33 12.97
C TYR G 151 70.21 -10.47 12.16
N PHE G 152 69.09 -10.51 12.90
CA PHE G 152 67.78 -10.59 12.26
C PHE G 152 66.74 -10.14 13.27
N PRO G 153 65.75 -9.34 12.87
CA PRO G 153 65.61 -8.79 11.52
C PRO G 153 66.32 -7.45 11.35
N GLU G 154 66.08 -6.78 10.22
CA GLU G 154 66.54 -5.42 10.02
C GLU G 154 65.69 -4.45 10.84
N PRO G 155 66.18 -3.22 11.06
CA PRO G 155 67.48 -2.65 10.70
C PRO G 155 68.42 -2.50 11.89
N VAL G 156 69.55 -1.81 11.67
CA VAL G 156 70.49 -1.49 12.73
C VAL G 156 71.01 -0.08 12.50
N THR G 157 71.20 0.68 13.58
CA THR G 157 71.77 2.01 13.52
C THR G 157 73.23 1.95 13.94
N LEU G 158 74.11 2.46 13.09
CA LEU G 158 75.55 2.42 13.32
C LEU G 158 76.10 3.83 13.27
N THR G 159 76.85 4.22 14.31
CA THR G 159 77.50 5.52 14.37
C THR G 159 78.94 5.31 14.87
N TRP G 160 79.66 6.43 15.00
CA TRP G 160 81.02 6.42 15.51
C TRP G 160 81.15 7.46 16.60
N ASN G 161 81.66 7.05 17.76
CA ASN G 161 81.78 7.91 18.94
C ASN G 161 80.43 8.51 19.34
N SER G 162 79.35 7.74 19.11
CA SER G 162 77.99 8.11 19.47
C SER G 162 77.54 9.37 18.73
N GLY G 163 77.56 9.27 17.40
CA GLY G 163 77.14 10.35 16.54
C GLY G 163 78.14 11.47 16.35
N SER G 164 79.24 11.48 17.11
CA SER G 164 80.25 12.52 17.00
C SER G 164 80.92 12.51 15.63
N LEU G 165 81.67 11.46 15.34
CA LEU G 165 82.36 11.34 14.06
C LEU G 165 81.34 10.93 13.00
N SER G 166 80.87 11.91 12.22
CA SER G 166 79.85 11.70 11.20
C SER G 166 80.38 11.84 9.79
N SER G 167 81.15 12.89 9.52
CA SER G 167 81.67 13.12 8.18
C SER G 167 82.79 12.14 7.85
N GLY G 168 82.92 11.82 6.58
CA GLY G 168 83.92 10.85 6.14
C GLY G 168 83.61 9.42 6.53
N VAL G 169 82.36 8.99 6.36
CA VAL G 169 81.90 7.68 6.80
C VAL G 169 81.08 7.05 5.68
N HIS G 170 81.24 5.74 5.51
CA HIS G 170 80.47 4.96 4.52
C HIS G 170 79.92 3.73 5.21
N THR G 171 78.63 3.73 5.49
CA THR G 171 77.93 2.57 6.06
C THR G 171 77.16 1.89 4.94
N PHE G 172 77.56 0.68 4.59
CA PHE G 172 77.06 0.00 3.42
C PHE G 172 75.74 -0.70 3.70
N PRO G 173 74.89 -0.89 2.69
CA PRO G 173 73.61 -1.56 2.90
C PRO G 173 73.78 -2.98 3.41
N ALA G 174 72.80 -3.42 4.19
CA ALA G 174 72.82 -4.78 4.70
C ALA G 174 72.64 -5.79 3.57
N VAL G 175 73.19 -6.98 3.77
CA VAL G 175 73.11 -8.07 2.80
C VAL G 175 72.66 -9.33 3.53
N LEU G 176 71.80 -10.11 2.88
CA LEU G 176 71.25 -11.32 3.47
C LEU G 176 72.24 -12.46 3.28
N GLN G 177 72.78 -12.98 4.38
CA GLN G 177 73.74 -14.09 4.36
C GLN G 177 73.10 -15.27 5.08
N SER G 178 72.44 -16.14 4.31
CA SER G 178 71.81 -17.36 4.82
C SER G 178 70.83 -17.04 5.94
N ASP G 179 69.74 -16.37 5.56
CA ASP G 179 68.62 -15.99 6.39
C ASP G 179 68.99 -14.98 7.48
N LEU G 180 70.26 -14.60 7.60
CA LEU G 180 70.70 -13.59 8.54
C LEU G 180 71.38 -12.45 7.79
N TYR G 181 71.42 -11.27 8.40
CA TYR G 181 71.91 -10.07 7.75
C TYR G 181 73.34 -9.77 8.15
N THR G 182 74.08 -9.14 7.24
CA THR G 182 75.46 -8.74 7.46
C THR G 182 75.66 -7.32 6.95
N LEU G 183 76.21 -6.46 7.80
CA LEU G 183 76.42 -5.06 7.48
C LEU G 183 77.82 -4.65 7.90
N SER G 184 78.35 -3.61 7.24
CA SER G 184 79.68 -3.10 7.54
C SER G 184 79.66 -1.58 7.40
N SER G 185 80.71 -0.95 7.93
CA SER G 185 80.83 0.50 7.90
C SER G 185 82.31 0.88 8.03
N SER G 186 82.74 1.85 7.23
CA SER G 186 84.10 2.34 7.23
C SER G 186 84.13 3.81 7.61
N VAL G 187 85.32 4.27 8.01
CA VAL G 187 85.52 5.66 8.41
C VAL G 187 86.98 6.03 8.16
N THR G 188 87.22 7.26 7.73
CA THR G 188 88.54 7.71 7.32
C THR G 188 88.87 9.05 7.98
N VAL G 189 90.05 9.12 8.61
CA VAL G 189 90.55 10.36 9.18
C VAL G 189 92.05 10.46 8.90
N THR G 190 92.71 11.45 9.53
CA THR G 190 94.15 11.59 9.39
C THR G 190 94.88 10.65 10.35
N SER G 191 96.16 10.44 10.07
CA SER G 191 96.97 9.56 10.92
C SER G 191 97.21 10.13 12.31
N SER G 192 97.16 11.45 12.46
CA SER G 192 97.32 12.06 13.78
C SER G 192 96.09 11.90 14.66
N THR G 193 94.96 11.47 14.09
CA THR G 193 93.76 11.28 14.89
C THR G 193 93.77 9.92 15.60
N TRP G 194 94.26 8.89 14.92
CA TRP G 194 94.20 7.53 15.43
C TRP G 194 95.57 6.87 15.35
N PRO G 195 95.96 6.09 16.36
CA PRO G 195 95.22 5.78 17.59
C PRO G 195 95.32 6.87 18.66
N SER G 196 95.65 8.09 18.25
CA SER G 196 95.76 9.18 19.21
C SER G 196 94.45 9.42 19.96
N GLN G 197 93.32 9.29 19.27
CA GLN G 197 92.01 9.49 19.86
C GLN G 197 91.19 8.22 19.75
N SER G 198 90.39 7.93 20.78
CA SER G 198 89.63 6.69 20.84
C SER G 198 88.45 6.73 19.87
N ILE G 199 88.36 5.72 19.01
CA ILE G 199 87.28 5.58 18.04
C ILE G 199 86.48 4.33 18.39
N THR G 200 85.16 4.49 18.53
CA THR G 200 84.26 3.43 18.95
C THR G 200 83.18 3.21 17.91
N CYS G 201 82.74 1.96 17.75
CA CYS G 201 81.69 1.58 16.82
C CYS G 201 80.44 1.23 17.62
N ASN G 202 79.45 2.13 17.59
CA ASN G 202 78.21 1.95 18.32
C ASN G 202 77.16 1.34 17.40
N VAL G 203 76.65 0.17 17.78
CA VAL G 203 75.66 -0.56 16.98
C VAL G 203 74.47 -0.87 17.87
N ALA G 204 73.27 -0.52 17.39
CA ALA G 204 72.03 -0.73 18.12
C ALA G 204 71.08 -1.57 17.26
N HIS G 205 70.52 -2.62 17.87
CA HIS G 205 69.57 -3.53 17.20
C HIS G 205 68.30 -3.56 18.02
N PRO G 206 67.39 -2.60 17.80
CA PRO G 206 66.19 -2.51 18.65
C PRO G 206 65.31 -3.76 18.64
N ALA G 207 65.44 -4.64 17.65
CA ALA G 207 64.61 -5.84 17.60
C ALA G 207 64.87 -6.73 18.81
N SER G 208 66.13 -7.10 19.03
CA SER G 208 66.53 -7.82 20.23
C SER G 208 66.88 -6.90 21.38
N SER G 209 66.80 -5.57 21.18
CA SER G 209 67.08 -4.57 22.20
C SER G 209 68.50 -4.73 22.75
N THR G 210 69.46 -4.48 21.86
CA THR G 210 70.87 -4.59 22.18
C THR G 210 71.61 -3.40 21.60
N LYS G 211 72.50 -2.80 22.39
CA LYS G 211 73.31 -1.66 21.96
C LYS G 211 74.76 -1.95 22.37
N VAL G 212 75.48 -2.66 21.51
CA VAL G 212 76.87 -3.02 21.75
C VAL G 212 77.77 -1.92 21.22
N ASP G 213 78.94 -1.74 21.84
CA ASP G 213 79.93 -0.77 21.41
C ASP G 213 81.31 -1.40 21.50
N LYS G 214 82.07 -1.33 20.40
CA LYS G 214 83.40 -1.90 20.32
C LYS G 214 84.40 -0.80 19.99
N LYS G 215 85.43 -0.68 20.82
CA LYS G 215 86.51 0.28 20.57
C LYS G 215 87.54 -0.36 19.64
N ILE G 216 87.92 0.36 18.60
CA ILE G 216 88.89 -0.14 17.62
C ILE G 216 90.29 -0.02 18.21
N GLU G 217 90.96 -1.16 18.39
CA GLU G 217 92.32 -1.17 18.89
C GLU G 217 93.30 -1.62 17.81
N PRO G 218 94.47 -0.99 17.70
CA PRO G 218 95.43 -1.39 16.67
C PRO G 218 96.00 -2.78 16.90
N ARG G 219 96.82 -3.25 15.96
CA ARG G 219 97.40 -4.59 16.07
C ARG G 219 98.88 -4.52 16.44
N ASP H 1 52.34 -11.76 -23.30
CA ASP H 1 52.29 -10.40 -22.76
C ASP H 1 53.13 -9.44 -23.60
N ILE H 2 53.08 -8.16 -23.27
CA ILE H 2 53.79 -7.13 -24.01
C ILE H 2 55.10 -6.86 -23.27
N LEU H 3 56.22 -6.97 -23.98
CA LEU H 3 57.54 -6.75 -23.42
C LEU H 3 57.93 -5.30 -23.61
N MET H 4 58.24 -4.61 -22.51
CA MET H 4 58.62 -3.19 -22.53
C MET H 4 60.12 -3.08 -22.38
N THR H 5 60.81 -2.76 -23.46
CA THR H 5 62.26 -2.64 -23.49
C THR H 5 62.63 -1.17 -23.29
N GLN H 6 63.06 -0.82 -22.08
CA GLN H 6 63.40 0.55 -21.73
C GLN H 6 64.92 0.72 -21.77
N SER H 7 65.38 1.76 -22.45
CA SER H 7 66.80 2.06 -22.59
C SER H 7 67.00 3.56 -22.46
N PRO H 8 68.16 3.99 -21.91
CA PRO H 8 69.24 3.14 -21.41
C PRO H 8 69.02 2.68 -19.98
N SER H 9 69.82 1.71 -19.51
CA SER H 9 69.71 1.28 -18.13
C SER H 9 70.11 2.38 -17.15
N SER H 10 71.02 3.27 -17.56
CA SER H 10 71.44 4.39 -16.74
C SER H 10 72.14 5.39 -17.65
N MET H 11 72.29 6.62 -17.13
CA MET H 11 72.99 7.66 -17.85
C MET H 11 73.62 8.63 -16.87
N SER H 12 74.85 9.05 -17.17
CA SER H 12 75.58 10.01 -16.36
C SER H 12 75.48 11.37 -17.03
N VAL H 13 74.81 12.31 -16.38
CA VAL H 13 74.52 13.62 -16.95
C VAL H 13 74.66 14.68 -15.86
N SER H 14 74.55 15.95 -16.27
CA SER H 14 74.76 17.08 -15.38
C SER H 14 73.54 17.98 -15.37
N LEU H 15 73.54 18.91 -14.43
CA LEU H 15 72.42 19.84 -14.27
C LEU H 15 72.29 20.73 -15.50
N GLY H 16 71.05 20.94 -15.94
CA GLY H 16 70.77 21.72 -17.12
C GLY H 16 70.81 20.94 -18.41
N ASP H 17 71.28 19.69 -18.39
CA ASP H 17 71.31 18.88 -19.60
C ASP H 17 69.90 18.51 -20.04
N THR H 18 69.73 18.34 -21.34
CA THR H 18 68.48 17.87 -21.93
C THR H 18 68.66 16.42 -22.33
N VAL H 19 67.99 15.52 -21.61
CA VAL H 19 68.17 14.09 -21.78
C VAL H 19 66.86 13.49 -22.31
N SER H 20 66.94 12.24 -22.76
CA SER H 20 65.79 11.58 -23.35
C SER H 20 65.86 10.08 -23.08
N ILE H 21 64.84 9.58 -22.37
CA ILE H 21 64.66 8.14 -22.15
C ILE H 21 63.70 7.60 -23.20
N THR H 22 63.93 6.37 -23.63
CA THR H 22 63.07 5.72 -24.63
C THR H 22 62.51 4.42 -24.06
N CYS H 23 61.47 3.91 -24.72
CA CYS H 23 60.79 2.69 -24.31
C CYS H 23 60.20 2.04 -25.55
N HIS H 24 60.54 0.78 -25.79
CA HIS H 24 60.12 0.05 -26.99
C HIS H 24 59.29 -1.15 -26.57
N ALA H 25 58.10 -1.27 -27.15
CA ALA H 25 57.19 -2.37 -26.88
C ALA H 25 57.27 -3.42 -27.98
N SER H 26 56.86 -4.64 -27.64
CA SER H 26 56.87 -5.74 -28.59
C SER H 26 55.77 -5.62 -29.65
N GLN H 27 54.83 -4.71 -29.47
CA GLN H 27 53.75 -4.49 -30.43
C GLN H 27 53.21 -3.08 -30.22
N GLY H 28 52.37 -2.66 -31.16
CA GLY H 28 51.80 -1.32 -31.08
C GLY H 28 50.88 -1.18 -29.88
N ILE H 29 51.03 -0.07 -29.16
CA ILE H 29 50.20 0.21 -28.00
C ILE H 29 49.45 1.53 -28.12
N SER H 30 49.58 2.22 -29.26
CA SER H 30 48.87 3.46 -29.56
C SER H 30 48.78 4.42 -28.37
N SER H 31 49.94 4.92 -27.90
CA SER H 31 50.02 5.97 -26.88
C SER H 31 49.40 5.56 -25.54
N ASN H 32 49.20 4.26 -25.31
CA ASN H 32 48.67 3.79 -24.02
C ASN H 32 49.81 3.46 -23.06
N ILE H 33 50.60 4.49 -22.76
CA ILE H 33 51.82 4.34 -21.96
C ILE H 33 51.88 5.45 -20.92
N GLY H 34 52.45 5.13 -19.76
CA GLY H 34 52.68 6.12 -18.73
C GLY H 34 54.13 6.07 -18.27
N TRP H 35 54.56 7.20 -17.69
CA TRP H 35 55.93 7.36 -17.20
C TRP H 35 55.91 7.67 -15.71
N LEU H 36 56.83 7.06 -14.97
CA LEU H 36 56.85 7.13 -13.51
C LEU H 36 58.21 7.55 -13.01
N GLN H 37 58.23 8.18 -11.84
CA GLN H 37 59.46 8.64 -11.20
C GLN H 37 59.48 8.16 -9.76
N GLN H 38 60.60 7.55 -9.36
CA GLN H 38 60.82 7.07 -8.00
C GLN H 38 62.10 7.70 -7.47
N LYS H 39 61.95 8.73 -6.64
CA LYS H 39 63.11 9.35 -6.02
C LYS H 39 63.77 8.38 -5.03
N PRO H 40 65.08 8.48 -4.85
CA PRO H 40 65.80 7.45 -4.07
C PRO H 40 65.18 7.20 -2.71
N GLY H 41 64.96 5.92 -2.42
CA GLY H 41 64.39 5.53 -1.13
C GLY H 41 63.01 6.08 -0.85
N LYS H 42 62.22 6.33 -1.89
CA LYS H 42 60.88 6.87 -1.73
C LYS H 42 59.94 6.17 -2.70
N SER H 43 58.66 6.55 -2.66
CA SER H 43 57.64 5.90 -3.45
C SER H 43 57.65 6.45 -4.87
N PHE H 44 56.62 6.15 -5.65
CA PHE H 44 56.51 6.56 -7.04
C PHE H 44 55.65 7.80 -7.18
N MET H 45 55.91 8.54 -8.25
CA MET H 45 55.10 9.69 -8.65
C MET H 45 54.79 9.57 -10.13
N GLY H 46 53.57 9.94 -10.51
CA GLY H 46 53.17 9.87 -11.90
C GLY H 46 53.66 11.09 -12.66
N LEU H 47 54.23 10.86 -13.84
CA LEU H 47 54.72 11.93 -14.70
C LEU H 47 53.83 12.13 -15.92
N ILE H 48 53.62 11.07 -16.71
CA ILE H 48 52.88 11.14 -17.96
C ILE H 48 51.84 10.05 -17.98
N TYR H 49 50.70 10.33 -18.60
CA TYR H 49 49.71 9.32 -18.93
C TYR H 49 49.22 9.56 -20.35
N TYR H 50 48.89 8.46 -21.02
CA TYR H 50 48.49 8.49 -22.44
C TYR H 50 49.60 9.08 -23.31
N GLY H 51 50.85 8.72 -23.00
CA GLY H 51 51.97 9.05 -23.86
C GLY H 51 52.49 10.47 -23.74
N THR H 52 51.60 11.45 -23.64
CA THR H 52 52.00 12.85 -23.69
C THR H 52 51.43 13.74 -22.58
N ASN H 53 50.35 13.33 -21.92
CA ASN H 53 49.64 14.21 -20.99
C ASN H 53 50.35 14.22 -19.64
N LEU H 54 50.70 15.41 -19.17
CA LEU H 54 51.35 15.55 -17.87
C LEU H 54 50.35 15.30 -16.73
N VAL H 55 50.82 14.59 -15.71
CA VAL H 55 50.04 14.47 -14.48
C VAL H 55 50.00 15.83 -13.78
N ASP H 56 48.88 16.12 -13.12
CA ASP H 56 48.72 17.37 -12.38
C ASP H 56 49.85 17.53 -11.37
N GLY H 57 50.48 18.71 -11.40
CA GLY H 57 51.55 19.03 -10.48
C GLY H 57 52.95 18.82 -11.02
N VAL H 58 53.09 18.09 -12.14
CA VAL H 58 54.40 17.80 -12.73
C VAL H 58 54.89 19.03 -13.49
N PRO H 59 56.14 19.43 -13.34
CA PRO H 59 56.65 20.60 -14.07
C PRO H 59 56.59 20.38 -15.58
N SER H 60 56.62 21.50 -16.32
CA SER H 60 56.50 21.46 -17.76
C SER H 60 57.79 21.05 -18.46
N ARG H 61 58.93 21.02 -17.74
CA ARG H 61 60.17 20.56 -18.35
C ARG H 61 60.10 19.09 -18.74
N PHE H 62 59.21 18.31 -18.09
CA PHE H 62 58.94 16.95 -18.53
C PHE H 62 58.02 16.95 -19.73
N SER H 63 58.23 16.01 -20.64
CA SER H 63 57.38 15.88 -21.82
C SER H 63 57.54 14.48 -22.39
N GLY H 64 56.41 13.88 -22.79
CA GLY H 64 56.41 12.57 -23.40
C GLY H 64 55.97 12.67 -24.85
N SER H 65 56.46 11.75 -25.67
CA SER H 65 56.14 11.74 -27.10
C SER H 65 56.38 10.34 -27.64
N GLY H 66 55.97 10.13 -28.87
CA GLY H 66 56.12 8.85 -29.55
C GLY H 66 54.80 8.31 -30.03
N SER H 67 54.88 7.19 -30.76
CA SER H 67 53.71 6.55 -31.32
C SER H 67 54.05 5.10 -31.62
N GLY H 68 53.03 4.33 -31.98
CA GLY H 68 53.19 2.94 -32.33
C GLY H 68 53.75 2.08 -31.21
N ALA H 69 55.04 1.74 -31.32
CA ALA H 69 55.71 0.93 -30.30
C ALA H 69 57.01 1.57 -29.82
N ASP H 70 57.15 2.89 -29.95
CA ASP H 70 58.38 3.59 -29.62
C ASP H 70 58.03 4.95 -29.03
N TYR H 71 58.37 5.16 -27.76
CA TYR H 71 57.98 6.35 -27.04
C TYR H 71 59.20 6.93 -26.32
N SER H 72 59.07 8.18 -25.90
CA SER H 72 60.20 8.90 -25.34
C SER H 72 59.76 9.82 -24.22
N LEU H 73 60.53 9.83 -23.14
CA LEU H 73 60.40 10.82 -22.07
C LEU H 73 61.60 11.76 -22.15
N THR H 74 61.34 13.06 -22.05
CA THR H 74 62.37 14.07 -22.23
C THR H 74 62.30 15.08 -21.09
N ILE H 75 63.47 15.40 -20.53
CA ILE H 75 63.58 16.37 -19.45
C ILE H 75 64.49 17.49 -19.96
N SER H 76 63.91 18.68 -20.16
CA SER H 76 64.66 19.85 -20.57
C SER H 76 65.18 20.57 -19.34
N SER H 77 66.51 20.74 -19.26
CA SER H 77 67.18 21.37 -18.13
C SER H 77 66.94 20.57 -16.85
N LEU H 78 67.86 19.66 -16.53
CA LEU H 78 67.70 18.81 -15.36
C LEU H 78 67.81 19.63 -14.08
N ASP H 79 66.95 19.31 -13.11
CA ASP H 79 67.01 19.86 -11.77
C ASP H 79 67.68 18.88 -10.83
N SER H 80 68.22 19.40 -9.73
CA SER H 80 68.92 18.55 -8.76
C SER H 80 68.02 17.48 -8.17
N GLU H 81 66.70 17.61 -8.32
CA GLU H 81 65.76 16.60 -7.86
C GLU H 81 65.44 15.56 -8.92
N ASP H 82 65.70 15.85 -10.19
CA ASP H 82 65.34 14.93 -11.27
C ASP H 82 66.22 13.68 -11.32
N PHE H 83 67.35 13.68 -10.61
CA PHE H 83 68.23 12.52 -10.58
C PHE H 83 67.56 11.41 -9.77
N ALA H 84 66.93 10.47 -10.46
CA ALA H 84 66.18 9.40 -9.80
C ALA H 84 65.93 8.28 -10.82
N ASP H 85 65.10 7.32 -10.43
CA ASP H 85 64.72 6.22 -11.30
C ASP H 85 63.46 6.58 -12.10
N TYR H 86 63.41 6.12 -13.35
CA TYR H 86 62.28 6.38 -14.24
C TYR H 86 61.87 5.08 -14.92
N TYR H 87 60.56 4.85 -14.98
CA TYR H 87 60.00 3.63 -15.54
C TYR H 87 58.86 3.95 -16.51
N CYS H 88 58.74 3.14 -17.56
CA CYS H 88 57.59 3.17 -18.44
C CYS H 88 56.66 2.01 -18.13
N VAL H 89 55.37 2.20 -18.42
CA VAL H 89 54.36 1.18 -18.20
C VAL H 89 53.31 1.28 -19.29
N GLN H 90 52.98 0.16 -19.91
CA GLN H 90 51.93 0.11 -20.92
C GLN H 90 50.66 -0.45 -20.31
N TYR H 91 49.52 0.10 -20.72
CA TYR H 91 48.22 -0.44 -20.36
C TYR H 91 47.35 -0.63 -21.59
N ALA H 92 47.96 -0.93 -22.73
CA ALA H 92 47.19 -1.29 -23.91
C ALA H 92 46.51 -2.65 -23.74
N GLN H 93 47.13 -3.54 -22.97
CA GLN H 93 46.59 -4.87 -22.76
C GLN H 93 46.88 -5.33 -21.34
N LEU H 94 45.97 -6.11 -20.81
CA LEU H 94 46.24 -6.80 -19.55
C LEU H 94 46.98 -8.10 -19.85
N PRO H 95 48.00 -8.45 -19.05
CA PRO H 95 48.43 -7.72 -17.86
C PRO H 95 49.28 -6.49 -18.17
N TYR H 96 49.16 -5.45 -17.33
CA TYR H 96 50.06 -4.31 -17.45
C TYR H 96 51.50 -4.76 -17.25
N THR H 97 52.42 -4.16 -18.01
CA THR H 97 53.82 -4.52 -17.92
C THR H 97 54.67 -3.26 -17.89
N PHE H 98 55.81 -3.35 -17.21
CA PHE H 98 56.67 -2.22 -16.95
C PHE H 98 57.98 -2.35 -17.71
N GLY H 99 58.68 -1.22 -17.83
CA GLY H 99 60.01 -1.23 -18.39
C GLY H 99 61.08 -1.55 -17.36
N GLY H 100 62.29 -1.78 -17.85
CA GLY H 100 63.39 -2.14 -16.96
C GLY H 100 63.80 -1.04 -16.02
N GLY H 101 63.61 0.21 -16.42
CA GLY H 101 63.96 1.32 -15.57
C GLY H 101 65.21 2.03 -16.05
N THR H 102 65.31 3.31 -15.69
CA THR H 102 66.44 4.15 -16.07
C THR H 102 66.82 5.02 -14.88
N LYS H 103 68.10 4.99 -14.51
CA LYS H 103 68.60 5.74 -13.37
C LYS H 103 69.47 6.90 -13.87
N LEU H 104 69.06 8.12 -13.55
CA LEU H 104 69.85 9.31 -13.88
C LEU H 104 70.84 9.57 -12.75
N GLU H 105 72.12 9.53 -13.08
CA GLU H 105 73.20 9.71 -12.12
C GLU H 105 73.98 10.97 -12.42
N ILE H 106 74.60 11.53 -11.38
CA ILE H 106 75.36 12.78 -11.52
C ILE H 106 76.70 12.47 -12.16
N LYS H 107 77.04 13.23 -13.20
CA LYS H 107 78.30 13.07 -13.90
C LYS H 107 79.39 13.91 -13.24
N ARG H 108 80.61 13.37 -13.23
CA ARG H 108 81.74 14.05 -12.63
C ARG H 108 83.03 13.51 -13.25
N ALA H 109 84.15 14.03 -12.78
CA ALA H 109 85.45 13.56 -13.22
C ALA H 109 85.75 12.18 -12.64
N ASP H 110 86.54 11.41 -13.38
CA ASP H 110 86.89 10.07 -12.94
C ASP H 110 87.73 10.13 -11.66
N ALA H 111 87.67 9.03 -10.90
CA ALA H 111 88.36 8.98 -9.61
C ALA H 111 88.65 7.53 -9.26
N ALA H 112 89.92 7.25 -8.94
CA ALA H 112 90.33 5.91 -8.55
C ALA H 112 89.92 5.63 -7.10
N PRO H 113 89.65 4.37 -6.76
CA PRO H 113 89.18 4.04 -5.42
C PRO H 113 90.33 3.97 -4.41
N THR H 114 89.98 4.20 -3.14
CA THR H 114 90.89 4.04 -2.03
C THR H 114 90.64 2.68 -1.39
N VAL H 115 91.55 1.75 -1.64
CA VAL H 115 91.40 0.36 -1.21
C VAL H 115 91.98 0.19 0.19
N SER H 116 91.35 -0.66 0.99
CA SER H 116 91.81 -0.94 2.35
C SER H 116 91.36 -2.34 2.73
N ILE H 117 92.29 -3.16 3.19
CA ILE H 117 91.99 -4.55 3.56
C ILE H 117 92.12 -4.70 5.08
N PHE H 118 91.27 -5.55 5.64
CA PHE H 118 91.17 -5.71 7.08
C PHE H 118 91.07 -7.19 7.45
N PRO H 119 92.08 -7.75 8.12
CA PRO H 119 92.06 -9.16 8.49
C PRO H 119 90.98 -9.44 9.52
N PRO H 120 90.71 -10.72 9.84
CA PRO H 120 89.70 -11.02 10.85
C PRO H 120 90.08 -10.46 12.21
N SER H 121 89.08 -9.95 12.93
CA SER H 121 89.31 -9.49 14.28
C SER H 121 89.60 -10.67 15.20
N SER H 122 90.20 -10.36 16.36
CA SER H 122 90.45 -11.40 17.35
C SER H 122 89.14 -12.00 17.85
N GLU H 123 88.12 -11.17 18.07
CA GLU H 123 86.85 -11.65 18.58
C GLU H 123 86.24 -12.70 17.65
N GLN H 124 86.28 -12.45 16.34
CA GLN H 124 85.65 -13.37 15.40
C GLN H 124 86.43 -14.70 15.32
N LEU H 125 87.76 -14.63 15.41
CA LEU H 125 88.55 -15.85 15.30
C LEU H 125 88.35 -16.77 16.49
N THR H 126 88.18 -16.21 17.69
CA THR H 126 87.93 -17.03 18.87
C THR H 126 86.54 -17.67 18.86
N SER H 127 85.66 -17.24 17.96
CA SER H 127 84.32 -17.82 17.84
C SER H 127 84.23 -18.90 16.76
N GLY H 128 85.26 -19.04 15.92
CA GLY H 128 85.27 -20.05 14.87
C GLY H 128 85.09 -19.53 13.45
N GLY H 129 85.00 -18.21 13.25
CA GLY H 129 84.87 -17.62 11.94
C GLY H 129 86.10 -16.81 11.55
N ALA H 130 86.07 -16.30 10.33
CA ALA H 130 87.21 -15.55 9.79
C ALA H 130 86.73 -14.80 8.56
N SER H 131 86.59 -13.48 8.67
CA SER H 131 86.11 -12.64 7.59
C SER H 131 87.16 -11.60 7.24
N VAL H 132 87.66 -11.65 6.01
CA VAL H 132 88.53 -10.60 5.47
C VAL H 132 87.64 -9.58 4.77
N VAL H 133 87.84 -8.30 5.11
CA VAL H 133 87.03 -7.21 4.58
C VAL H 133 87.91 -6.35 3.68
N CYS H 134 87.35 -5.88 2.57
CA CYS H 134 88.05 -5.05 1.60
C CYS H 134 87.14 -3.89 1.22
N PHE H 135 87.50 -2.69 1.65
CA PHE H 135 86.74 -1.48 1.34
C PHE H 135 87.35 -0.79 0.12
N LEU H 136 86.48 -0.37 -0.80
CA LEU H 136 86.88 0.36 -2.00
C LEU H 136 86.05 1.64 -2.04
N ASN H 137 86.62 2.73 -1.53
CA ASN H 137 85.86 3.94 -1.22
C ASN H 137 86.10 5.03 -2.26
N ASN H 138 85.03 5.76 -2.58
CA ASN H 138 85.06 7.00 -3.35
C ASN H 138 85.72 6.83 -4.71
N PHE H 139 84.96 6.40 -5.71
CA PHE H 139 85.48 6.26 -7.06
C PHE H 139 84.39 6.65 -8.06
N TYR H 140 84.82 6.85 -9.31
CA TYR H 140 83.92 7.21 -10.40
C TYR H 140 84.61 6.80 -11.70
N PRO H 141 83.89 6.15 -12.62
CA PRO H 141 82.48 5.79 -12.57
C PRO H 141 82.16 4.61 -11.64
N LYS H 142 80.90 4.15 -11.67
CA LYS H 142 80.45 3.11 -10.75
C LYS H 142 80.98 1.72 -11.13
N ASP H 143 81.44 1.54 -12.37
CA ASP H 143 81.81 0.23 -12.89
C ASP H 143 83.15 -0.19 -12.27
N ILE H 144 83.12 -1.26 -11.47
CA ILE H 144 84.30 -1.73 -10.76
C ILE H 144 84.18 -3.23 -10.54
N ASN H 145 85.33 -3.92 -10.57
CA ASN H 145 85.41 -5.36 -10.38
C ASN H 145 86.39 -5.66 -9.26
N VAL H 146 85.94 -6.43 -8.27
CA VAL H 146 86.79 -6.87 -7.17
C VAL H 146 87.08 -8.35 -7.35
N LYS H 147 88.29 -8.77 -6.97
CA LYS H 147 88.73 -10.14 -7.15
C LYS H 147 89.54 -10.55 -5.94
N TRP H 148 89.15 -11.66 -5.31
CA TRP H 148 89.82 -12.17 -4.12
C TRP H 148 90.82 -13.25 -4.51
N LYS H 149 91.99 -13.23 -3.86
CA LYS H 149 93.06 -14.17 -4.14
C LYS H 149 93.61 -14.71 -2.83
N ILE H 150 93.66 -16.04 -2.73
CA ILE H 150 94.22 -16.74 -1.58
C ILE H 150 95.50 -17.41 -2.04
N ASP H 151 96.63 -17.01 -1.46
CA ASP H 151 97.95 -17.48 -1.87
C ASP H 151 98.15 -17.29 -3.38
N GLY H 152 97.68 -16.15 -3.87
CA GLY H 152 97.80 -15.79 -5.27
C GLY H 152 96.71 -16.34 -6.17
N SER H 153 95.93 -17.32 -5.71
CA SER H 153 94.94 -17.98 -6.54
C SER H 153 93.55 -17.42 -6.25
N GLU H 154 92.78 -17.20 -7.31
CA GLU H 154 91.48 -16.56 -7.18
C GLU H 154 90.53 -17.42 -6.34
N ARG H 155 89.61 -16.75 -5.66
CA ARG H 155 88.60 -17.39 -4.83
C ARG H 155 87.26 -16.73 -5.07
N GLN H 156 86.22 -17.54 -5.30
CA GLN H 156 84.89 -17.03 -5.61
C GLN H 156 83.82 -17.47 -4.62
N ASN H 157 84.03 -18.55 -3.87
CA ASN H 157 83.03 -19.08 -2.96
C ASN H 157 83.13 -18.37 -1.62
N GLY H 158 82.04 -17.74 -1.19
CA GLY H 158 81.99 -17.04 0.07
C GLY H 158 82.21 -15.55 0.03
N VAL H 159 82.06 -14.91 -1.14
CA VAL H 159 82.24 -13.47 -1.28
C VAL H 159 80.89 -12.78 -1.11
N LEU H 160 80.89 -11.65 -0.41
CA LEU H 160 79.66 -10.91 -0.12
C LEU H 160 79.93 -9.43 -0.36
N ASN H 161 79.26 -8.87 -1.37
CA ASN H 161 79.51 -7.51 -1.82
C ASN H 161 78.32 -6.60 -1.50
N SER H 162 78.62 -5.31 -1.38
CA SER H 162 77.61 -4.30 -1.08
C SER H 162 78.07 -2.96 -1.65
N TRP H 163 77.15 -2.25 -2.27
CA TRP H 163 77.43 -0.97 -2.93
C TRP H 163 76.57 0.13 -2.36
N THR H 164 77.12 1.34 -2.36
CA THR H 164 76.39 2.53 -1.93
C THR H 164 75.87 3.29 -3.14
N ASP H 165 74.76 4.00 -2.94
CA ASP H 165 74.28 4.92 -3.96
C ASP H 165 75.27 6.06 -4.15
N GLN H 166 75.06 6.85 -5.20
CA GLN H 166 75.92 7.99 -5.44
C GLN H 166 75.89 8.93 -4.26
N ASP H 167 77.06 9.21 -3.70
CA ASP H 167 77.14 10.04 -2.50
C ASP H 167 76.59 11.43 -2.76
N SER H 168 76.01 12.03 -1.72
CA SER H 168 75.40 13.34 -1.84
C SER H 168 76.42 14.47 -1.90
N LYS H 169 77.64 14.25 -1.41
CA LYS H 169 78.65 15.30 -1.33
C LYS H 169 79.49 15.36 -2.61
N ASP H 170 80.31 14.34 -2.84
CA ASP H 170 81.23 14.32 -3.95
C ASP H 170 80.71 13.54 -5.16
N SER H 171 79.54 12.91 -5.05
CA SER H 171 78.92 12.17 -6.15
C SER H 171 79.79 11.02 -6.63
N THR H 172 80.45 10.34 -5.68
CA THR H 172 81.24 9.16 -5.96
C THR H 172 80.51 7.92 -5.45
N TYR H 173 81.11 6.76 -5.69
CA TYR H 173 80.56 5.48 -5.27
C TYR H 173 81.58 4.74 -4.41
N SER H 174 81.07 3.83 -3.58
CA SER H 174 81.92 3.05 -2.69
C SER H 174 81.41 1.62 -2.64
N MET H 175 82.32 0.68 -2.36
CA MET H 175 82.01 -0.74 -2.38
C MET H 175 82.65 -1.41 -1.18
N SER H 176 82.00 -2.46 -0.69
CA SER H 176 82.49 -3.26 0.44
C SER H 176 82.41 -4.73 0.07
N SER H 177 83.57 -5.38 -0.07
CA SER H 177 83.64 -6.81 -0.33
C SER H 177 84.09 -7.53 0.95
N THR H 178 83.47 -8.68 1.21
CA THR H 178 83.74 -9.45 2.42
C THR H 178 83.90 -10.92 2.06
N LEU H 179 85.06 -11.48 2.38
CA LEU H 179 85.35 -12.89 2.18
C LEU H 179 85.27 -13.62 3.51
N THR H 180 84.30 -14.53 3.63
CA THR H 180 84.08 -15.27 4.86
C THR H 180 84.53 -16.71 4.69
N LEU H 181 85.38 -17.16 5.61
CA LEU H 181 85.84 -18.54 5.67
C LEU H 181 85.67 -19.05 7.11
N THR H 182 85.90 -20.34 7.30
CA THR H 182 85.97 -20.86 8.66
C THR H 182 87.34 -20.54 9.26
N LYS H 183 87.45 -20.73 10.58
CA LYS H 183 88.73 -20.52 11.25
C LYS H 183 89.76 -21.53 10.77
N ASP H 184 89.38 -22.80 10.71
CA ASP H 184 90.31 -23.84 10.28
C ASP H 184 90.76 -23.62 8.84
N GLU H 185 89.84 -23.18 7.97
CA GLU H 185 90.20 -22.95 6.57
C GLU H 185 91.04 -21.70 6.41
N TYR H 186 90.79 -20.68 7.23
CA TYR H 186 91.55 -19.43 7.12
C TYR H 186 93.03 -19.61 7.41
N GLU H 187 93.38 -20.62 8.23
CA GLU H 187 94.75 -20.83 8.64
C GLU H 187 95.52 -21.77 7.73
N ARG H 188 94.85 -22.46 6.79
CA ARG H 188 95.57 -23.29 5.83
C ARG H 188 96.43 -22.47 4.89
N HIS H 189 96.18 -21.17 4.79
CA HIS H 189 96.81 -20.30 3.81
C HIS H 189 97.43 -19.11 4.52
N ASN H 190 98.24 -18.35 3.78
CA ASN H 190 99.00 -17.25 4.37
C ASN H 190 98.67 -15.89 3.77
N SER H 191 98.59 -15.79 2.44
CA SER H 191 98.41 -14.50 1.78
C SER H 191 96.94 -14.30 1.41
N TYR H 192 96.43 -13.09 1.68
CA TYR H 192 95.05 -12.74 1.38
C TYR H 192 95.04 -11.40 0.66
N THR H 193 94.40 -11.37 -0.52
CA THR H 193 94.51 -10.25 -1.45
C THR H 193 93.14 -9.95 -2.06
N CYS H 194 92.85 -8.66 -2.24
CA CYS H 194 91.73 -8.21 -3.05
C CYS H 194 92.23 -7.27 -4.13
N GLU H 195 91.94 -7.61 -5.38
CA GLU H 195 92.35 -6.82 -6.54
C GLU H 195 91.19 -5.98 -7.05
N ALA H 196 91.47 -4.73 -7.39
CA ALA H 196 90.47 -3.78 -7.86
C ALA H 196 90.78 -3.40 -9.30
N THR H 197 89.79 -3.54 -10.18
CA THR H 197 89.92 -3.21 -11.59
C THR H 197 88.96 -2.07 -11.92
N HIS H 198 89.51 -0.92 -12.29
CA HIS H 198 88.72 0.28 -12.53
C HIS H 198 89.14 0.93 -13.83
N LYS H 199 88.25 1.79 -14.35
CA LYS H 199 88.54 2.59 -15.53
C LYS H 199 89.77 3.47 -15.36
N THR H 200 90.14 3.80 -14.12
CA THR H 200 91.18 4.78 -13.83
C THR H 200 92.60 4.20 -13.86
N SER H 201 92.76 2.91 -14.12
CA SER H 201 94.10 2.32 -14.13
C SER H 201 94.05 0.98 -14.85
N THR H 202 94.94 0.83 -15.85
CA THR H 202 95.08 -0.46 -16.53
C THR H 202 95.54 -1.53 -15.55
N SER H 203 96.42 -1.18 -14.64
CA SER H 203 96.92 -2.11 -13.64
C SER H 203 95.95 -2.18 -12.46
N PRO H 204 95.64 -3.38 -11.98
CA PRO H 204 94.70 -3.50 -10.87
C PRO H 204 95.32 -3.01 -9.57
N ILE H 205 94.54 -2.25 -8.81
CA ILE H 205 94.98 -1.76 -7.51
C ILE H 205 94.90 -2.92 -6.51
N VAL H 206 96.06 -3.32 -5.99
CA VAL H 206 96.20 -4.52 -5.18
C VAL H 206 96.49 -4.11 -3.74
N LYS H 207 95.78 -4.72 -2.80
CA LYS H 207 96.07 -4.58 -1.38
C LYS H 207 95.91 -5.94 -0.71
N SER H 208 96.83 -6.27 0.18
CA SER H 208 96.90 -7.62 0.72
C SER H 208 97.64 -7.60 2.05
N PHE H 209 97.67 -8.77 2.70
CA PHE H 209 98.38 -8.96 3.95
C PHE H 209 98.74 -10.43 4.07
N ASN H 210 99.58 -10.74 5.05
CA ASN H 210 100.00 -12.09 5.34
C ASN H 210 99.59 -12.48 6.75
N ARG H 211 98.94 -13.63 6.88
CA ARG H 211 98.55 -14.14 8.19
C ARG H 211 99.79 -14.34 9.06
N ASN H 212 99.59 -14.26 10.38
CA ASN H 212 100.66 -14.28 11.38
C ASN H 212 101.54 -13.05 11.26
N GLU H 213 102.08 -12.80 10.07
CA GLU H 213 103.01 -11.70 9.85
C GLU H 213 102.33 -10.35 10.05
N CYS H 214 102.98 -9.48 10.82
CA CYS H 214 102.55 -8.08 10.97
C CYS H 214 103.73 -7.24 11.45
C1 NAG I . -5.80 4.76 -11.61
C2 NAG I . -4.44 4.71 -10.92
C3 NAG I . -4.61 4.64 -9.39
C4 NAG I . -5.54 5.75 -8.89
C5 NAG I . -6.85 5.73 -9.68
C6 NAG I . -7.77 6.88 -9.33
C7 NAG I . -2.78 3.64 -12.38
C8 NAG I . -2.06 2.37 -12.72
N2 NAG I . -3.66 3.57 -11.37
O3 NAG I . -3.34 4.78 -8.78
O4 NAG I . -5.81 5.54 -7.51
O5 NAG I . -6.58 5.83 -11.07
O6 NAG I . -7.05 8.09 -9.24
O7 NAG I . -2.58 4.68 -13.00
C1 NAG I . -5.48 6.68 -6.70
C2 NAG I . -6.31 6.57 -5.41
C3 NAG I . -6.02 7.75 -4.49
C4 NAG I . -4.53 7.88 -4.24
C5 NAG I . -3.75 7.90 -5.56
C6 NAG I . -2.25 7.88 -5.36
C7 NAG I . -8.39 5.32 -5.81
C8 NAG I . -9.86 5.42 -6.13
N2 NAG I . -7.73 6.48 -5.71
O3 NAG I . -6.72 7.55 -3.27
O4 NAG I . -4.26 9.10 -3.55
O5 NAG I . -4.09 6.75 -6.35
O6 NAG I . -1.84 6.75 -4.58
O7 NAG I . -7.83 4.24 -5.66
C1 BMA I . -4.20 8.88 -2.12
C2 BMA I . -3.19 9.84 -1.49
C3 BMA I . -2.98 9.46 -0.03
C4 BMA I . -4.32 9.18 0.74
C5 BMA I . -5.50 8.63 -0.13
C6 BMA I . -6.89 8.97 0.47
O2 BMA I . -3.67 11.17 -1.50
O3 BMA I . -2.25 10.51 0.64
O4 BMA I . -4.05 8.26 1.82
O5 BMA I . -5.45 9.13 -1.50
O6 BMA I . -7.91 8.47 -0.40
C1 MAN I . -0.90 10.12 0.95
C2 MAN I . -0.31 11.22 1.89
C3 MAN I . -0.12 12.51 1.09
C4 MAN I . 0.70 12.25 -0.18
C5 MAN I . 0.01 11.16 -1.02
C6 MAN I . 0.75 10.83 -2.30
O2 MAN I . 0.98 10.87 2.40
O3 MAN I . 0.51 13.54 1.87
O4 MAN I . 0.80 13.44 -0.94
O5 MAN I . -0.12 9.95 -0.22
O6 MAN I . -0.24 10.39 -3.24
C1 MAN I . -9.01 8.01 0.43
C2 MAN I . -8.61 6.61 1.00
C3 MAN I . -8.71 5.55 -0.10
C4 MAN I . -10.07 5.61 -0.82
C5 MAN I . -10.28 7.03 -1.40
C6 MAN I . -11.63 7.18 -2.10
O2 MAN I . -9.52 6.20 2.04
O3 MAN I . -8.51 4.22 0.43
O4 MAN I . -10.12 4.66 -1.86
O5 MAN I . -10.23 7.99 -0.32
O6 MAN I . -11.89 5.99 -2.84
C1 NAG J . -40.38 15.19 -19.04
C2 NAG J . -41.25 16.09 -19.93
C3 NAG J . -41.79 17.29 -19.14
C4 NAG J . -42.36 16.85 -17.79
C5 NAG J . -41.37 15.97 -17.06
C6 NAG J . -41.90 15.45 -15.74
C7 NAG J . -40.46 15.89 -22.24
C8 NAG J . -39.60 16.49 -23.32
N2 NAG J . -40.49 16.54 -21.08
O3 NAG J . -42.81 17.90 -19.92
O4 NAG J . -42.59 17.99 -16.98
O5 NAG J . -41.08 14.83 -17.88
O6 NAG J . -40.90 14.71 -15.04
O7 NAG J . -41.10 14.85 -22.41
C1 NAG J . -43.98 18.25 -16.83
C2 NAG J . -44.06 19.58 -16.08
C3 NAG J . -45.51 20.08 -15.98
C4 NAG J . -46.21 20.01 -17.33
C5 NAG J . -46.06 18.62 -17.92
C6 NAG J . -46.72 18.45 -19.27
C7 NAG J . -42.23 19.80 -14.43
C8 NAG J . -41.42 20.43 -15.52
N2 NAG J . -43.48 19.43 -14.75
O3 NAG J . -45.48 21.42 -15.51
O4 NAG J . -47.58 20.35 -17.20
O5 NAG J . -44.67 18.35 -18.09
O6 NAG J . -48.09 18.08 -19.13
O7 NAG J . -41.78 19.65 -13.29
C1 NAG K . 5.13 0.89 20.03
C2 NAG K . 3.73 1.49 19.96
C3 NAG K . 3.78 2.99 20.22
C4 NAG K . 4.49 3.29 21.52
C5 NAG K . 5.87 2.62 21.53
C6 NAG K . 6.57 2.75 22.87
C7 NAG K . 2.20 0.25 18.48
C8 NAG K . 1.67 0.10 17.08
N2 NAG K . 3.12 1.21 18.66
O3 NAG K . 2.45 3.50 20.27
O4 NAG K . 4.68 4.69 21.64
O5 NAG K . 5.73 1.21 21.29
O6 NAG K . 5.78 2.24 23.92
O7 NAG K . 1.83 -0.48 19.39
C1 NAG K . 4.08 5.28 22.81
C2 NAG K . 4.66 6.69 22.84
C3 NAG K . 4.05 7.51 23.99
C4 NAG K . 2.53 7.39 24.03
C5 NAG K . 2.09 5.93 23.92
C6 NAG K . 0.60 5.76 23.82
C7 NAG K . 6.96 7.10 22.07
C8 NAG K . 8.41 6.96 22.40
N2 NAG K . 6.10 6.63 22.99
O3 NAG K . 4.43 8.86 23.78
O4 NAG K . 2.04 7.89 25.26
O5 NAG K . 2.67 5.34 22.75
O6 NAG K . -0.01 6.85 23.14
O7 NAG K . 6.57 7.60 21.02
C1 BMA K . 1.83 9.31 25.25
C2 BMA K . 0.60 9.63 26.07
C3 BMA K . 0.29 11.15 26.06
C4 BMA K . 1.56 12.08 26.14
C5 BMA K . 2.90 11.42 25.60
C6 BMA K . 4.15 12.06 26.23
O2 BMA K . 0.80 9.27 27.43
O3 BMA K . -0.60 11.49 27.17
O4 BMA K . 1.33 13.30 25.40
O5 BMA K . 2.93 9.99 25.81
O6 BMA K . 5.11 12.30 25.20
C1 MAN K . -2.01 11.38 26.83
C2 MAN K . -2.86 12.08 27.95
C3 MAN K . -2.84 11.24 29.23
C4 MAN K . -3.26 9.78 28.94
C5 MAN K . -2.36 9.20 27.85
C6 MAN K . -2.74 7.80 27.44
O2 MAN K . -4.24 12.16 27.58
O3 MAN K . -3.67 11.78 30.26
O4 MAN K . -3.15 8.99 30.12
O5 MAN K . -2.42 10.03 26.65
O6 MAN K . -1.91 7.44 26.32
C1 NAG L . 37.99 -4.84 32.94
C2 NAG L . 39.08 -5.64 33.66
C3 NAG L . 39.31 -5.10 35.07
C4 NAG L . 39.53 -3.60 35.02
C5 NAG L . 38.39 -2.91 34.29
C6 NAG L . 38.57 -1.42 34.17
C7 NAG L . 39.14 -7.94 32.81
C8 NAG L . 38.66 -9.36 33.01
N2 NAG L . 38.71 -7.04 33.71
O3 NAG L . 40.46 -5.74 35.60
O4 NAG L . 39.63 -3.07 36.34
O5 NAG L . 38.31 -3.44 32.96
O6 NAG L . 39.33 -1.06 33.02
O7 NAG L . 39.88 -7.63 31.90
C1 NAG L . 40.99 -2.76 36.63
C2 NAG L . 41.00 -2.19 38.03
C3 NAG L . 42.42 -1.85 38.47
C4 NAG L . 43.33 -3.07 38.30
C5 NAG L . 43.24 -3.58 36.87
C6 NAG L . 44.05 -4.85 36.62
C7 NAG L . 38.91 -1.02 38.61
C8 NAG L . 38.42 -2.34 39.14
N2 NAG L . 40.15 -1.00 38.11
O3 NAG L . 42.40 -1.47 39.84
O4 NAG L . 44.68 -2.75 38.60
O5 NAG L . 41.87 -3.89 36.55
O6 NAG L . 44.17 -5.63 37.79
O7 NAG L . 38.22 0.00 38.66
S SO4 M . 10.68 34.78 -43.16
O1 SO4 M . 9.99 35.47 -44.25
O2 SO4 M . 12.01 35.36 -42.99
O3 SO4 M . 9.90 34.92 -41.93
O4 SO4 M . 10.80 33.34 -43.47
S SO4 N . -6.44 39.41 -15.60
O1 SO4 N . -6.22 40.83 -15.29
O2 SO4 N . -5.72 39.07 -16.83
O3 SO4 N . -7.86 39.15 -15.79
O4 SO4 N . -5.95 38.59 -14.49
CA CA O . 19.20 26.79 -1.44
CA CA P . 7.56 34.40 -5.60
CA CA Q . 6.25 42.75 -15.54
CA CA R . 16.15 44.94 -25.67
S SO4 S . 4.23 12.88 -2.44
O1 SO4 S . 3.78 12.65 -3.83
O2 SO4 S . 5.36 13.83 -2.44
O3 SO4 S . 3.13 13.46 -1.67
O4 SO4 S . 4.64 11.62 -1.82
S SO4 T . 10.78 6.89 -2.54
O1 SO4 T . 9.52 7.49 -3.00
O2 SO4 T . 11.80 7.05 -3.58
O3 SO4 T . 11.19 7.60 -1.31
O4 SO4 T . 10.58 5.46 -2.27
MN MN U . 6.98 -6.60 -24.20
MN MN V . 2.67 -14.46 -22.09
MN MN W . 9.19 -1.33 -25.80
C1 NAG X . -45.97 15.79 -26.73
C2 NAG X . -46.56 14.48 -27.30
C3 NAG X . -47.99 14.27 -26.79
C4 NAG X . -48.06 14.42 -25.28
C5 NAG X . -47.49 15.76 -24.85
C6 NAG X . -47.46 15.95 -23.35
C7 NAG X . -45.85 13.66 -29.51
C8 NAG X . -45.97 13.84 -31.00
N2 NAG X . -46.54 14.51 -28.75
O3 NAG X . -48.42 12.97 -27.17
O4 NAG X . -49.41 14.32 -24.83
O5 NAG X . -46.14 15.82 -25.30
O6 NAG X . -46.19 15.62 -22.79
O7 NAG X . -45.18 12.76 -29.02
N1 MV8 Y . 12.62 -6.53 -20.34
C2 MV8 Y . 12.15 -7.93 -20.33
O2 MV8 Y . 11.48 -1.95 -17.55
N3 MV8 Y . 13.41 -3.21 -16.96
C4 MV8 Y . 13.28 -4.67 -18.80
N4 MV8 Y . 15.13 -0.51 -11.26
C5 MV8 Y . 11.58 -6.25 -22.59
C6 MV8 Y . 12.12 -8.47 -21.77
C1 MV8 Y . 12.71 -6.09 -18.96
C10 MV8 Y . 13.94 -2.48 -15.85
C11 MV8 Y . 10.06 -7.48 -24.85
C12 MV8 Y . 13.21 -1.46 -15.22
C13 MV8 Y . 15.24 -2.78 -15.36
C14 MV8 Y . 13.74 -0.75 -14.12
C15 MV8 Y . 15.78 -2.07 -14.26
C16 MV8 Y . 15.03 -1.05 -13.64
C17 MV8 Y . 15.57 -0.29 -12.51
C3 MV8 Y . 11.65 -5.74 -21.12
C7 MV8 Y . 14.01 -4.43 -17.47
C8 MV8 Y . 11.02 -8.26 -23.97
C9 MV8 Y . 12.29 -2.86 -17.71
N2 MV8 Y . 11.18 -7.68 -22.61
N5 MV8 Y . 16.52 0.64 -12.67
O1 MV8 Y . 12.22 -3.74 -18.72
O3 MV8 Y . 9.10 -6.88 -24.30
O4 MV8 Y . 10.29 -7.49 -26.08
S SO4 Z . -20.54 -23.90 10.99
O1 SO4 Z . -21.89 -23.35 11.02
O2 SO4 Z . -20.04 -23.78 9.61
O3 SO4 Z . -19.67 -23.16 11.91
O4 SO4 Z . -20.54 -25.31 11.39
S SO4 AA . 2.13 -9.61 52.47
O1 SO4 AA . 1.28 -8.51 51.98
O2 SO4 AA . 3.54 -9.23 52.28
O3 SO4 AA . 1.86 -9.83 53.90
O4 SO4 AA . 1.85 -10.85 51.74
S SO4 BA . -12.66 7.90 21.62
O1 SO4 BA . -13.67 8.71 22.28
O2 SO4 BA . -12.77 8.04 20.16
O3 SO4 BA . -11.34 8.35 22.09
O4 SO4 BA . -12.84 6.48 21.97
CL CL CA . -10.72 -37.86 40.02
CA CA DA . -23.82 3.58 39.61
CA CA EA . -12.72 -1.36 47.88
CA CA FA . -11.38 -12.65 54.10
CA CA GA . -20.05 -23.70 52.42
S SO4 HA . -6.87 7.43 27.96
O1 SO4 HA . -6.49 8.84 28.15
O2 SO4 HA . -7.21 7.23 26.54
O3 SO4 HA . -8.03 7.11 28.80
O4 SO4 HA . -5.76 6.55 28.32
MN MN IA . -4.70 -9.44 4.29
MN MN JA . 0.26 -5.44 -2.09
MN MN KA . -7.34 -12.41 8.72
C1 NAG LA . 44.94 -11.31 33.03
C2 NAG LA . 45.50 -11.67 31.65
C3 NAG LA . 46.84 -10.98 31.42
C4 NAG LA . 46.72 -9.48 31.65
C5 NAG LA . 46.20 -9.23 33.06
C6 NAG LA . 45.99 -7.77 33.38
C7 NAG LA . 45.18 -13.80 30.46
C8 NAG LA . 45.41 -15.27 30.49
N2 NAG LA . 45.64 -13.11 31.51
O3 NAG LA . 47.28 -11.23 30.09
O4 NAG LA . 47.98 -8.85 31.47
O5 NAG LA . 44.93 -9.88 33.21
O6 NAG LA . 45.13 -7.61 34.50
O7 NAG LA . 44.59 -13.25 29.53
CL CL MA . 26.80 -16.70 12.28
N1 MV8 NA . -10.76 -6.26 4.60
C2 MV8 NA . -10.11 -5.91 3.34
O2 MV8 NA . -10.53 -4.33 9.71
N3 MV8 NA . -12.40 -3.75 8.37
C4 MV8 NA . -11.88 -5.23 6.61
N4 MV8 NA . -15.12 1.10 11.86
C5 MV8 NA . -9.60 -8.45 4.55
C6 MV8 NA . -9.88 -7.17 2.49
C1 MV8 NA . -11.06 -5.01 5.32
C10 MV8 NA . -13.15 -2.86 9.21
C11 MV8 NA . -7.64 -10.27 2.90
C12 MV8 NA . -12.55 -2.18 10.30
C13 MV8 NA . -14.52 -2.64 8.97
C14 MV8 NA . -13.29 -1.31 11.13
C15 MV8 NA . -15.28 -1.78 9.79
C16 MV8 NA . -14.67 -1.11 10.87
C17 MV8 NA . -15.45 -0.20 11.74
C3 MV8 NA . -9.86 -7.15 5.34
C7 MV8 NA . -12.77 -4.04 6.99
C8 MV8 NA . -8.78 -9.38 2.38
C9 MV8 NA . -11.25 -4.44 8.72
N2 MV8 NA . -9.03 -8.17 3.21
N5 MV8 NA . -16.51 -0.63 12.43
O1 MV8 NA . -11.02 -5.33 7.74
O3 MV8 NA . -6.82 -9.78 3.71
O4 MV8 NA . -7.60 -11.43 2.46
S SO4 OA . 49.43 4.61 -33.22
O1 SO4 OA . 50.17 5.44 -32.26
O2 SO4 OA . 49.64 5.15 -34.57
O3 SO4 OA . 48.01 4.64 -32.87
O4 SO4 OA . 49.91 3.23 -33.17
#